data_2K9F
#
_entry.id   2K9F
#
loop_
_entity.id
_entity.type
_entity.pdbx_description
1 polymer Thioredoxin
2 polymer 'Thiol:disulfide interchange protein dsbD'
#
loop_
_entity_poly.entity_id
_entity_poly.type
_entity_poly.pdbx_seq_one_letter_code
_entity_poly.pdbx_strand_id
1 'polypeptide(L)'
;MVPHTLSTLKTADNRPASVYLKKDKPTLIKFWASWCPLCLSELGQTEKWAQDAKFSSANLITVASPGFLHEKKDGDFQKW
YAGLNYPKLPVVTDNGGTIAQSLNISVYPSWALIGKDGDVQRIVKGSINEAQALALIRDPNADL
;
A
2 'polypeptide(L)'
;MALDANDLLPPEKAFVPELAVADDGVNVRFRIADGYYMYQAKIVGKTNPADLLGQPSFSKGEEKEDEFFGRQTVYHHEAQ
VAFPYAKAVGEPYKLVLTYQGSAEAGVCYPPVDTEFDIFGNGTYHPQT
;
B
#
# COMPACT_ATOMS: atom_id res chain seq x y z
N MET A 1 14.21 -16.06 16.11
CA MET A 1 13.89 -14.84 15.33
C MET A 1 14.69 -14.84 14.03
N VAL A 2 14.66 -13.73 13.31
CA VAL A 2 15.39 -13.61 12.05
C VAL A 2 16.35 -12.41 12.04
N PRO A 3 17.35 -12.38 12.94
CA PRO A 3 18.30 -11.27 13.01
C PRO A 3 19.20 -11.22 11.78
N HIS A 4 19.61 -12.40 11.30
CA HIS A 4 20.48 -12.47 10.13
C HIS A 4 19.78 -11.89 8.91
N THR A 5 18.51 -12.24 8.74
CA THR A 5 17.72 -11.78 7.61
C THR A 5 17.54 -10.26 7.67
N LEU A 6 17.26 -9.75 8.87
CA LEU A 6 17.06 -8.32 9.08
C LEU A 6 18.33 -7.55 8.73
N SER A 7 19.48 -8.20 8.92
CA SER A 7 20.76 -7.57 8.64
C SER A 7 21.13 -7.71 7.15
N THR A 8 20.34 -8.48 6.42
CA THR A 8 20.58 -8.68 5.00
C THR A 8 19.83 -7.63 4.19
N LEU A 9 18.98 -6.87 4.88
CA LEU A 9 18.19 -5.83 4.24
C LEU A 9 19.10 -4.72 3.71
N LYS A 10 19.19 -4.63 2.39
CA LYS A 10 20.03 -3.62 1.77
C LYS A 10 19.20 -2.40 1.38
N THR A 11 19.78 -1.23 1.57
CA THR A 11 19.11 0.01 1.23
C THR A 11 19.23 0.30 -0.27
N ALA A 12 18.56 1.33 -0.72
CA ALA A 12 18.60 1.73 -2.13
C ALA A 12 20.00 2.26 -2.48
N ASP A 13 20.79 2.48 -1.44
CA ASP A 13 22.16 2.96 -1.58
C ASP A 13 23.11 1.77 -1.66
N ASN A 14 22.54 0.58 -1.50
CA ASN A 14 23.28 -0.69 -1.52
C ASN A 14 24.01 -0.97 -0.21
N ARG A 15 23.70 -0.17 0.81
CA ARG A 15 24.31 -0.32 2.11
C ARG A 15 23.40 -1.17 3.01
N PRO A 16 23.98 -2.00 3.88
CA PRO A 16 23.21 -2.85 4.80
C PRO A 16 22.47 -2.02 5.84
N ALA A 17 21.31 -2.51 6.27
CA ALA A 17 20.49 -1.81 7.27
C ALA A 17 21.20 -1.72 8.62
N SER A 18 22.33 -2.41 8.75
CA SER A 18 23.11 -2.41 9.98
C SER A 18 23.53 -1.00 10.39
N VAL A 19 23.59 -0.10 9.42
CA VAL A 19 23.98 1.29 9.68
C VAL A 19 23.01 1.99 10.64
N TYR A 20 21.80 1.44 10.74
CA TYR A 20 20.78 1.98 11.61
C TYR A 20 20.16 0.87 12.46
N LEU A 21 20.92 -0.21 12.63
CA LEU A 21 20.46 -1.34 13.42
C LEU A 21 21.57 -1.82 14.35
N LYS A 22 22.07 -0.92 15.17
CA LYS A 22 23.14 -1.24 16.10
C LYS A 22 23.12 -0.28 17.28
N LYS A 23 24.06 -0.47 18.21
CA LYS A 23 24.20 0.37 19.40
C LYS A 23 23.06 0.17 20.40
N ASP A 24 22.30 -0.90 20.22
CA ASP A 24 21.17 -1.22 21.11
C ASP A 24 20.17 -0.07 21.16
N LYS A 25 19.94 0.55 20.01
CA LYS A 25 19.02 1.67 19.92
C LYS A 25 17.74 1.26 19.20
N PRO A 26 16.59 1.82 19.61
CA PRO A 26 15.29 1.53 19.00
C PRO A 26 15.25 1.95 17.53
N THR A 27 14.58 1.16 16.71
CA THR A 27 14.48 1.43 15.29
C THR A 27 13.04 1.71 14.90
N LEU A 28 12.83 2.62 13.96
CA LEU A 28 11.51 2.97 13.49
C LEU A 28 11.42 2.79 11.98
N ILE A 29 10.74 1.73 11.57
CA ILE A 29 10.60 1.43 10.15
C ILE A 29 9.29 2.02 9.61
N LYS A 30 9.41 2.93 8.66
CA LYS A 30 8.25 3.55 8.05
C LYS A 30 8.13 3.14 6.58
N PHE A 31 7.01 2.51 6.26
CA PHE A 31 6.75 2.07 4.89
C PHE A 31 6.06 3.18 4.10
N TRP A 32 6.36 3.25 2.80
CA TRP A 32 5.78 4.27 1.93
C TRP A 32 5.61 3.75 0.51
N ALA A 33 4.87 4.48 -0.31
CA ALA A 33 4.62 4.11 -1.70
C ALA A 33 5.33 5.10 -2.61
N SER A 34 5.88 4.59 -3.72
CA SER A 34 6.61 5.42 -4.67
C SER A 34 5.71 6.42 -5.40
N TRP A 35 4.77 5.91 -6.17
CA TRP A 35 3.87 6.77 -6.94
C TRP A 35 2.58 7.09 -6.19
N CYS A 36 2.72 7.81 -5.08
CA CYS A 36 1.58 8.20 -4.28
C CYS A 36 1.67 9.68 -3.94
N PRO A 37 0.54 10.41 -4.06
CA PRO A 37 0.50 11.85 -3.78
C PRO A 37 0.79 12.17 -2.31
N LEU A 38 0.10 11.48 -1.41
CA LEU A 38 0.28 11.69 0.02
C LEU A 38 1.70 11.33 0.46
N CYS A 39 2.19 10.21 -0.03
CA CYS A 39 3.54 9.75 0.31
C CYS A 39 4.61 10.70 -0.25
N LEU A 40 4.31 11.32 -1.39
CA LEU A 40 5.23 12.25 -2.03
C LEU A 40 5.50 13.45 -1.14
N SER A 41 4.44 14.03 -0.59
CA SER A 41 4.57 15.19 0.29
C SER A 41 5.23 14.79 1.61
N GLU A 42 4.87 13.61 2.11
CA GLU A 42 5.41 13.11 3.37
C GLU A 42 6.91 12.80 3.27
N LEU A 43 7.39 12.53 2.05
CA LEU A 43 8.81 12.25 1.84
C LEU A 43 9.70 13.35 2.39
N GLY A 44 9.32 14.60 2.10
CA GLY A 44 10.09 15.73 2.58
C GLY A 44 10.00 15.85 4.09
N GLN A 45 8.85 15.47 4.63
CA GLN A 45 8.60 15.52 6.06
C GLN A 45 9.45 14.48 6.78
N THR A 46 9.57 13.29 6.18
CA THR A 46 10.36 12.21 6.77
C THR A 46 11.78 12.69 7.04
N GLU A 47 12.39 13.34 6.05
CA GLU A 47 13.76 13.83 6.19
C GLU A 47 13.83 14.94 7.23
N LYS A 48 12.87 15.86 7.19
CA LYS A 48 12.83 16.97 8.13
C LYS A 48 12.71 16.47 9.57
N TRP A 49 11.84 15.50 9.79
CA TRP A 49 11.63 14.93 11.11
C TRP A 49 12.81 14.08 11.56
N ALA A 50 13.41 13.34 10.63
CA ALA A 50 14.55 12.50 10.94
C ALA A 50 15.75 13.33 11.36
N GLN A 51 15.76 14.60 10.96
CA GLN A 51 16.85 15.50 11.30
C GLN A 51 16.60 16.20 12.63
N ASP A 52 15.42 16.00 13.21
CA ASP A 52 15.07 16.62 14.48
C ASP A 52 15.89 16.01 15.60
N ALA A 53 16.42 16.87 16.47
CA ALA A 53 17.23 16.42 17.59
C ALA A 53 16.50 15.45 18.50
N LYS A 54 15.19 15.63 18.63
CA LYS A 54 14.37 14.77 19.47
C LYS A 54 14.17 13.41 18.83
N PHE A 55 14.01 13.41 17.50
CA PHE A 55 13.79 12.18 16.75
C PHE A 55 15.09 11.41 16.54
N SER A 56 16.22 12.03 16.84
CA SER A 56 17.52 11.41 16.68
C SER A 56 17.80 10.37 17.77
N SER A 57 16.80 10.13 18.60
CA SER A 57 16.92 9.16 19.68
C SER A 57 16.56 7.75 19.18
N ALA A 58 15.91 7.70 18.02
CA ALA A 58 15.51 6.45 17.43
C ALA A 58 15.97 6.39 15.98
N ASN A 59 16.27 5.19 15.51
CA ASN A 59 16.73 5.01 14.14
C ASN A 59 15.55 4.96 13.17
N LEU A 60 15.13 6.12 12.70
CA LEU A 60 14.02 6.21 11.76
C LEU A 60 14.48 5.91 10.34
N ILE A 61 13.87 4.90 9.72
CA ILE A 61 14.23 4.52 8.36
C ILE A 61 12.98 4.30 7.51
N THR A 62 13.13 4.40 6.20
CA THR A 62 12.03 4.22 5.28
C THR A 62 12.24 2.94 4.47
N VAL A 63 11.34 1.99 4.62
CA VAL A 63 11.46 0.72 3.91
C VAL A 63 10.31 0.53 2.92
N ALA A 64 10.63 -0.07 1.78
CA ALA A 64 9.65 -0.36 0.75
C ALA A 64 9.96 -1.73 0.17
N SER A 65 8.93 -2.46 -0.24
CA SER A 65 9.12 -3.80 -0.79
C SER A 65 8.96 -3.82 -2.30
N PRO A 66 10.08 -3.83 -3.04
CA PRO A 66 10.08 -3.85 -4.51
C PRO A 66 9.41 -5.11 -5.06
N GLY A 67 8.33 -4.93 -5.79
CA GLY A 67 7.62 -6.05 -6.38
C GLY A 67 6.44 -6.50 -5.52
N PHE A 68 6.39 -6.00 -4.30
CA PHE A 68 5.32 -6.37 -3.37
C PHE A 68 4.23 -5.30 -3.39
N LEU A 69 2.98 -5.75 -3.25
CA LEU A 69 1.83 -4.84 -3.25
C LEU A 69 1.72 -4.06 -4.56
N HIS A 70 2.18 -4.69 -5.65
CA HIS A 70 2.13 -4.09 -6.98
C HIS A 70 3.04 -2.87 -7.11
N GLU A 71 4.01 -2.73 -6.21
CA GLU A 71 4.94 -1.61 -6.26
C GLU A 71 6.01 -1.84 -7.33
N LYS A 72 6.98 -0.94 -7.42
CA LYS A 72 8.05 -1.07 -8.41
C LYS A 72 8.91 -2.29 -8.12
N LYS A 73 9.10 -3.12 -9.13
CA LYS A 73 9.88 -4.35 -8.99
C LYS A 73 11.35 -4.06 -8.73
N ASP A 74 12.07 -5.07 -8.26
CA ASP A 74 13.49 -4.95 -7.98
C ASP A 74 14.26 -4.58 -9.23
N GLY A 75 15.02 -3.51 -9.14
CA GLY A 75 15.79 -3.03 -10.27
C GLY A 75 15.19 -1.77 -10.83
N ASP A 76 13.94 -1.51 -10.47
CA ASP A 76 13.23 -0.33 -10.93
C ASP A 76 13.09 0.67 -9.78
N PHE A 77 12.78 0.14 -8.59
CA PHE A 77 12.59 0.98 -7.40
C PHE A 77 13.87 1.72 -7.01
N GLN A 78 14.97 0.99 -6.90
CA GLN A 78 16.25 1.59 -6.53
C GLN A 78 16.69 2.61 -7.57
N LYS A 79 16.26 2.38 -8.81
CA LYS A 79 16.58 3.27 -9.91
C LYS A 79 15.75 4.54 -9.82
N TRP A 80 14.54 4.40 -9.28
CA TRP A 80 13.63 5.51 -9.09
C TRP A 80 14.22 6.50 -8.11
N TYR A 81 14.66 5.99 -6.95
CA TYR A 81 15.26 6.83 -5.92
C TYR A 81 16.55 7.47 -6.41
N ALA A 82 17.24 6.79 -7.31
CA ALA A 82 18.49 7.28 -7.86
C ALA A 82 18.28 8.58 -8.63
N GLY A 83 17.05 8.79 -9.10
CA GLY A 83 16.73 9.99 -9.84
C GLY A 83 15.90 10.96 -9.02
N LEU A 84 15.73 10.65 -7.74
CA LEU A 84 14.95 11.48 -6.83
C LEU A 84 15.84 12.45 -6.08
N ASN A 85 15.24 13.25 -5.22
CA ASN A 85 15.97 14.22 -4.43
C ASN A 85 16.23 13.66 -3.03
N TYR A 86 16.87 14.46 -2.18
CA TYR A 86 17.19 14.07 -0.80
C TYR A 86 18.22 12.95 -0.76
N PRO A 87 19.52 13.29 -0.84
CA PRO A 87 20.60 12.31 -0.81
C PRO A 87 20.94 11.90 0.63
N LYS A 88 19.91 11.76 1.45
CA LYS A 88 20.07 11.38 2.84
C LYS A 88 18.86 10.61 3.34
N LEU A 89 18.12 9.99 2.42
CA LEU A 89 16.94 9.23 2.79
C LEU A 89 17.30 7.75 3.01
N PRO A 90 17.09 7.25 4.23
CA PRO A 90 17.39 5.85 4.56
C PRO A 90 16.34 4.91 3.98
N VAL A 91 16.32 4.81 2.66
CA VAL A 91 15.38 3.95 1.96
C VAL A 91 15.93 2.53 1.85
N VAL A 92 15.23 1.58 2.45
CA VAL A 92 15.63 0.18 2.42
C VAL A 92 14.78 -0.60 1.42
N THR A 93 15.39 -1.53 0.72
CA THR A 93 14.70 -2.34 -0.27
C THR A 93 14.38 -3.74 0.28
N ASP A 94 13.11 -3.97 0.58
CA ASP A 94 12.65 -5.25 1.11
C ASP A 94 12.18 -6.15 -0.03
N ASN A 95 13.09 -6.95 -0.56
CA ASN A 95 12.78 -7.85 -1.68
C ASN A 95 11.79 -8.95 -1.29
N GLY A 96 10.60 -8.89 -1.89
CA GLY A 96 9.58 -9.89 -1.62
C GLY A 96 8.63 -9.48 -0.54
N GLY A 97 9.07 -8.60 0.34
CA GLY A 97 8.23 -8.16 1.43
C GLY A 97 8.45 -8.99 2.67
N THR A 98 9.71 -9.25 2.98
CA THR A 98 10.08 -10.04 4.14
C THR A 98 9.60 -9.37 5.43
N ILE A 99 9.61 -8.05 5.43
CA ILE A 99 9.18 -7.29 6.60
C ILE A 99 7.69 -6.96 6.48
N ALA A 100 7.28 -6.55 5.28
CA ALA A 100 5.89 -6.19 5.02
C ALA A 100 4.94 -7.35 5.27
N GLN A 101 5.29 -8.53 4.78
CA GLN A 101 4.45 -9.71 4.94
C GLN A 101 4.36 -10.16 6.40
N SER A 102 5.50 -10.12 7.09
CA SER A 102 5.57 -10.54 8.49
C SER A 102 4.76 -9.62 9.41
N LEU A 103 4.51 -8.40 8.97
CA LEU A 103 3.75 -7.43 9.75
C LEU A 103 2.38 -7.21 9.14
N ASN A 104 2.08 -7.99 8.09
CA ASN A 104 0.81 -7.89 7.38
C ASN A 104 0.49 -6.46 6.96
N ILE A 105 1.47 -5.82 6.31
CA ILE A 105 1.31 -4.45 5.86
C ILE A 105 0.44 -4.37 4.61
N SER A 106 -0.76 -3.83 4.80
CA SER A 106 -1.73 -3.71 3.71
C SER A 106 -2.03 -2.25 3.38
N VAL A 107 -1.57 -1.33 4.23
CA VAL A 107 -1.82 0.10 4.02
C VAL A 107 -0.67 0.95 4.52
N TYR A 108 -0.36 2.02 3.79
CA TYR A 108 0.71 2.93 4.15
C TYR A 108 0.12 4.23 4.67
N PRO A 109 0.86 4.96 5.52
CA PRO A 109 2.18 4.55 5.97
C PRO A 109 2.10 3.54 7.11
N SER A 110 3.19 2.80 7.31
CA SER A 110 3.25 1.81 8.37
C SER A 110 4.43 2.13 9.28
N TRP A 111 4.17 2.29 10.55
CA TRP A 111 5.21 2.61 11.52
C TRP A 111 5.52 1.42 12.41
N ALA A 112 6.64 0.79 12.14
CA ALA A 112 7.07 -0.36 12.91
C ALA A 112 8.13 0.05 13.93
N LEU A 113 7.80 -0.07 15.20
CA LEU A 113 8.72 0.30 16.26
C LEU A 113 9.48 -0.92 16.76
N ILE A 114 10.77 -0.94 16.50
CA ILE A 114 11.62 -2.03 16.92
C ILE A 114 12.34 -1.64 18.21
N GLY A 115 12.24 -2.50 19.21
CA GLY A 115 12.86 -2.24 20.48
C GLY A 115 14.38 -2.27 20.40
N LYS A 116 15.03 -1.88 21.49
CA LYS A 116 16.49 -1.83 21.55
C LYS A 116 17.12 -3.22 21.44
N ASP A 117 16.31 -4.25 21.61
CA ASP A 117 16.79 -5.63 21.53
C ASP A 117 16.63 -6.21 20.12
N GLY A 118 16.11 -5.39 19.21
CA GLY A 118 15.94 -5.84 17.84
C GLY A 118 14.68 -6.65 17.63
N ASP A 119 13.60 -6.25 18.31
CA ASP A 119 12.32 -6.95 18.18
C ASP A 119 11.19 -5.96 17.99
N VAL A 120 10.18 -6.35 17.23
CA VAL A 120 9.04 -5.47 16.97
C VAL A 120 8.23 -5.27 18.25
N GLN A 121 8.25 -4.06 18.79
CA GLN A 121 7.54 -3.75 20.02
C GLN A 121 6.17 -3.13 19.73
N ARG A 122 6.11 -2.33 18.69
CA ARG A 122 4.86 -1.67 18.32
C ARG A 122 4.71 -1.60 16.80
N ILE A 123 3.46 -1.61 16.34
CA ILE A 123 3.17 -1.53 14.92
C ILE A 123 1.90 -0.72 14.70
N VAL A 124 2.03 0.40 14.02
CA VAL A 124 0.89 1.28 13.77
C VAL A 124 0.63 1.44 12.27
N LYS A 125 -0.63 1.26 11.88
CA LYS A 125 -1.04 1.41 10.50
C LYS A 125 -1.74 2.76 10.33
N GLY A 126 -1.06 3.69 9.68
CA GLY A 126 -1.62 5.01 9.48
C GLY A 126 -0.58 6.10 9.65
N SER A 127 -0.96 7.20 10.24
CA SER A 127 -0.04 8.32 10.45
C SER A 127 0.11 8.62 11.93
N ILE A 128 1.31 9.07 12.32
CA ILE A 128 1.59 9.41 13.70
C ILE A 128 1.63 10.92 13.87
N ASN A 129 1.81 11.38 15.09
CA ASN A 129 1.87 12.81 15.39
C ASN A 129 2.84 13.07 16.54
N GLU A 130 3.12 14.35 16.80
CA GLU A 130 4.04 14.74 17.87
C GLU A 130 3.55 14.28 19.23
N ALA A 131 2.27 14.53 19.51
CA ALA A 131 1.68 14.15 20.80
C ALA A 131 1.78 12.64 21.01
N GLN A 132 1.54 11.89 19.96
CA GLN A 132 1.62 10.43 20.01
C GLN A 132 3.05 9.98 20.27
N ALA A 133 3.99 10.66 19.63
CA ALA A 133 5.41 10.34 19.79
C ALA A 133 5.81 10.53 21.24
N LEU A 134 5.34 11.61 21.85
CA LEU A 134 5.63 11.92 23.24
C LEU A 134 5.03 10.85 24.15
N ALA A 135 3.86 10.35 23.77
CA ALA A 135 3.19 9.31 24.53
C ALA A 135 4.00 8.01 24.48
N LEU A 136 4.55 7.73 23.31
CA LEU A 136 5.36 6.53 23.10
C LEU A 136 6.62 6.59 23.95
N ILE A 137 7.18 7.79 24.11
CA ILE A 137 8.37 7.99 24.91
C ILE A 137 8.05 7.72 26.39
N ARG A 138 6.81 7.98 26.76
CA ARG A 138 6.36 7.76 28.12
C ARG A 138 5.97 6.30 28.35
N ASP A 139 5.15 5.77 27.47
CA ASP A 139 4.70 4.38 27.59
C ASP A 139 4.55 3.75 26.22
N PRO A 140 5.28 2.65 25.96
CA PRO A 140 5.24 1.94 24.68
C PRO A 140 3.94 1.18 24.47
N ASN A 141 3.09 1.15 25.50
CA ASN A 141 1.82 0.45 25.42
C ASN A 141 0.71 1.40 25.01
N ALA A 142 1.05 2.68 24.86
CA ALA A 142 0.06 3.69 24.46
C ALA A 142 -0.17 3.65 22.96
N ASP A 143 -0.88 2.62 22.52
CA ASP A 143 -1.19 2.44 21.10
C ASP A 143 -2.27 3.42 20.66
N LEU A 144 -2.29 3.73 19.36
CA LEU A 144 -3.25 4.66 18.79
C LEU A 144 -3.29 5.97 19.56
N MET B 1 -20.07 -3.56 8.72
CA MET B 1 -21.53 -3.71 8.87
C MET B 1 -22.13 -2.62 9.77
N ALA B 2 -21.49 -2.34 10.89
CA ALA B 2 -21.98 -1.34 11.82
C ALA B 2 -21.45 0.06 11.53
N LEU B 3 -20.47 0.15 10.63
CA LEU B 3 -19.87 1.43 10.29
C LEU B 3 -19.54 1.50 8.81
N ASP B 4 -18.43 0.86 8.42
CA ASP B 4 -17.96 0.83 7.04
C ASP B 4 -17.74 2.24 6.51
N ALA B 5 -17.21 3.10 7.37
CA ALA B 5 -16.93 4.48 7.03
C ALA B 5 -15.77 4.99 7.85
N ASN B 6 -15.23 6.14 7.44
CA ASN B 6 -14.10 6.77 8.12
C ASN B 6 -12.81 5.97 7.96
N ASP B 7 -11.78 6.38 8.67
CA ASP B 7 -10.47 5.72 8.61
C ASP B 7 -10.28 4.78 9.79
N LEU B 8 -11.36 4.48 10.50
CA LEU B 8 -11.29 3.61 11.67
C LEU B 8 -11.18 2.14 11.29
N LEU B 9 -11.45 1.83 10.02
CA LEU B 9 -11.39 0.45 9.56
C LEU B 9 -10.33 0.27 8.47
N PRO B 10 -9.50 -0.78 8.60
CA PRO B 10 -8.43 -1.09 7.64
C PRO B 10 -8.99 -1.44 6.26
N PRO B 11 -8.19 -1.16 5.20
CA PRO B 11 -8.59 -1.43 3.81
C PRO B 11 -9.02 -2.87 3.55
N GLU B 12 -8.39 -3.82 4.25
CA GLU B 12 -8.72 -5.24 4.09
C GLU B 12 -10.20 -5.53 4.31
N LYS B 13 -10.86 -4.71 5.12
CA LYS B 13 -12.29 -4.89 5.40
C LYS B 13 -13.10 -3.70 4.89
N ALA B 14 -12.41 -2.64 4.53
CA ALA B 14 -13.06 -1.42 4.06
C ALA B 14 -13.58 -1.58 2.62
N PHE B 15 -13.24 -2.69 1.98
CA PHE B 15 -13.68 -2.94 0.62
C PHE B 15 -14.47 -4.24 0.52
N VAL B 16 -15.63 -4.16 -0.11
CA VAL B 16 -16.48 -5.33 -0.29
C VAL B 16 -16.59 -5.65 -1.78
N PRO B 17 -15.70 -6.52 -2.28
CA PRO B 17 -15.67 -6.89 -3.70
C PRO B 17 -16.77 -7.88 -4.09
N GLU B 18 -17.82 -7.37 -4.72
CA GLU B 18 -18.92 -8.20 -5.16
C GLU B 18 -18.71 -8.56 -6.63
N LEU B 19 -18.43 -9.83 -6.89
CA LEU B 19 -18.19 -10.29 -8.24
C LEU B 19 -19.47 -10.81 -8.88
N ALA B 20 -19.85 -10.20 -9.98
CA ALA B 20 -21.06 -10.61 -10.70
C ALA B 20 -20.70 -11.12 -12.09
N VAL B 21 -20.69 -12.44 -12.23
CA VAL B 21 -20.37 -13.06 -13.51
C VAL B 21 -21.65 -13.27 -14.32
N ALA B 22 -21.71 -12.63 -15.48
CA ALA B 22 -22.87 -12.74 -16.35
C ALA B 22 -22.51 -13.50 -17.63
N ASP B 23 -23.43 -13.52 -18.58
CA ASP B 23 -23.19 -14.22 -19.85
C ASP B 23 -22.58 -13.30 -20.89
N ASP B 24 -22.77 -12.00 -20.72
CA ASP B 24 -22.23 -11.01 -21.65
C ASP B 24 -20.80 -10.65 -21.25
N GLY B 25 -20.58 -10.54 -19.96
CA GLY B 25 -19.27 -10.20 -19.46
C GLY B 25 -19.21 -10.31 -17.95
N VAL B 26 -18.12 -9.86 -17.37
CA VAL B 26 -17.93 -9.90 -15.93
C VAL B 26 -18.05 -8.50 -15.37
N ASN B 27 -18.87 -8.33 -14.35
CA ASN B 27 -19.05 -7.03 -13.73
C ASN B 27 -18.57 -7.06 -12.29
N VAL B 28 -17.56 -6.25 -12.00
CA VAL B 28 -17.02 -6.18 -10.65
C VAL B 28 -17.53 -4.94 -9.92
N ARG B 29 -18.26 -5.17 -8.84
CA ARG B 29 -18.81 -4.07 -8.06
C ARG B 29 -18.31 -4.13 -6.62
N PHE B 30 -17.20 -3.46 -6.37
CA PHE B 30 -16.63 -3.43 -5.03
C PHE B 30 -17.11 -2.21 -4.25
N ARG B 31 -17.78 -2.47 -3.14
CA ARG B 31 -18.29 -1.39 -2.30
C ARG B 31 -17.17 -0.79 -1.49
N ILE B 32 -16.92 0.49 -1.71
CA ILE B 32 -15.86 1.21 -1.00
C ILE B 32 -16.43 1.87 0.26
N ALA B 33 -15.70 1.76 1.36
CA ALA B 33 -16.12 2.37 2.62
C ALA B 33 -16.20 3.89 2.48
N ASP B 34 -17.15 4.48 3.19
CA ASP B 34 -17.36 5.93 3.11
C ASP B 34 -16.21 6.67 3.78
N GLY B 35 -15.22 7.04 2.96
CA GLY B 35 -14.05 7.76 3.46
C GLY B 35 -12.82 7.43 2.63
N TYR B 36 -12.90 6.35 1.87
CA TYR B 36 -11.82 5.93 1.01
C TYR B 36 -12.16 6.24 -0.44
N TYR B 37 -11.15 6.46 -1.27
CA TYR B 37 -11.38 6.77 -2.66
C TYR B 37 -10.30 6.15 -3.54
N MET B 38 -10.71 5.62 -4.68
CA MET B 38 -9.79 5.00 -5.62
C MET B 38 -9.63 5.83 -6.88
N TYR B 39 -8.47 5.75 -7.51
CA TYR B 39 -8.19 6.50 -8.72
C TYR B 39 -8.53 5.64 -9.94
N GLN B 40 -9.51 6.08 -10.73
CA GLN B 40 -9.94 5.34 -11.91
C GLN B 40 -8.80 5.21 -12.92
N ALA B 41 -7.84 6.11 -12.84
CA ALA B 41 -6.69 6.09 -13.73
C ALA B 41 -5.63 5.09 -13.28
N LYS B 42 -5.83 4.51 -12.10
CA LYS B 42 -4.88 3.55 -11.56
C LYS B 42 -5.56 2.21 -11.24
N ILE B 43 -6.85 2.13 -11.49
CA ILE B 43 -7.59 0.90 -11.24
C ILE B 43 -7.34 -0.09 -12.38
N VAL B 44 -6.74 -1.23 -12.02
CA VAL B 44 -6.44 -2.26 -12.99
C VAL B 44 -7.50 -3.34 -12.93
N GLY B 45 -8.13 -3.62 -14.06
CA GLY B 45 -9.14 -4.64 -14.11
C GLY B 45 -9.28 -5.22 -15.50
N LYS B 46 -9.07 -6.52 -15.61
CA LYS B 46 -9.19 -7.22 -16.89
C LYS B 46 -9.38 -8.72 -16.68
N THR B 47 -10.24 -9.31 -17.49
CA THR B 47 -10.50 -10.73 -17.40
C THR B 47 -10.62 -11.32 -18.80
N ASN B 48 -9.84 -12.35 -19.08
CA ASN B 48 -9.84 -13.01 -20.38
C ASN B 48 -8.95 -14.24 -20.36
N PRO B 49 -9.16 -15.19 -21.28
CA PRO B 49 -8.34 -16.40 -21.37
C PRO B 49 -6.96 -16.09 -21.96
N ALA B 50 -6.95 -15.71 -23.24
CA ALA B 50 -5.72 -15.38 -23.93
C ALA B 50 -5.80 -13.97 -24.49
N ASP B 51 -6.11 -13.02 -23.60
CA ASP B 51 -6.24 -11.61 -23.96
C ASP B 51 -7.31 -11.37 -25.02
N LEU B 52 -8.50 -11.91 -24.77
CA LEU B 52 -9.63 -11.75 -25.68
C LEU B 52 -10.68 -10.80 -25.08
N LEU B 53 -10.20 -9.70 -24.51
CA LEU B 53 -11.10 -8.72 -23.92
C LEU B 53 -11.16 -7.48 -24.79
N GLY B 54 -12.33 -6.85 -24.83
CA GLY B 54 -12.49 -5.65 -25.62
C GLY B 54 -11.84 -4.47 -24.96
N GLN B 55 -12.39 -4.05 -23.82
CA GLN B 55 -11.88 -2.93 -23.05
C GLN B 55 -12.59 -2.85 -21.71
N PRO B 56 -11.90 -2.33 -20.67
CA PRO B 56 -12.50 -2.18 -19.34
C PRO B 56 -13.54 -1.07 -19.34
N SER B 57 -14.81 -1.45 -19.29
CA SER B 57 -15.89 -0.48 -19.30
C SER B 57 -16.21 0.01 -17.89
N PHE B 58 -15.70 1.19 -17.57
CA PHE B 58 -15.93 1.79 -16.27
C PHE B 58 -17.26 2.55 -16.26
N SER B 59 -17.81 2.76 -15.07
CA SER B 59 -19.06 3.49 -14.94
C SER B 59 -18.81 4.99 -14.85
N LYS B 60 -17.58 5.35 -14.49
CA LYS B 60 -17.16 6.74 -14.35
C LYS B 60 -17.80 7.44 -13.16
N GLY B 61 -16.96 7.95 -12.26
CA GLY B 61 -17.46 8.63 -11.08
C GLY B 61 -17.36 10.14 -11.21
N GLU B 62 -16.75 10.77 -10.22
CA GLU B 62 -16.60 12.21 -10.22
C GLU B 62 -15.13 12.61 -10.26
N GLU B 63 -14.87 13.83 -10.69
CA GLU B 63 -13.51 14.35 -10.79
C GLU B 63 -13.04 14.90 -9.46
N LYS B 64 -11.83 14.51 -9.07
CA LYS B 64 -11.24 14.96 -7.82
C LYS B 64 -10.02 15.82 -8.09
N GLU B 65 -10.01 17.01 -7.51
CA GLU B 65 -8.88 17.92 -7.66
C GLU B 65 -7.70 17.37 -6.87
N ASP B 66 -6.49 17.64 -7.32
CA ASP B 66 -5.31 17.12 -6.65
C ASP B 66 -4.15 18.11 -6.75
N GLU B 67 -3.08 17.82 -6.01
CA GLU B 67 -1.90 18.68 -6.01
C GLU B 67 -0.79 18.09 -6.88
N PHE B 68 -0.83 16.78 -7.07
CA PHE B 68 0.19 16.11 -7.87
C PHE B 68 -0.42 15.52 -9.14
N PHE B 69 -1.60 14.94 -9.00
CA PHE B 69 -2.30 14.34 -10.14
C PHE B 69 -3.16 15.35 -10.89
N GLY B 70 -3.24 16.56 -10.33
CA GLY B 70 -4.03 17.61 -10.94
C GLY B 70 -5.51 17.44 -10.70
N ARG B 71 -6.09 16.46 -11.40
CA ARG B 71 -7.51 16.14 -11.27
C ARG B 71 -7.83 14.89 -12.07
N GLN B 72 -8.38 13.89 -11.41
CA GLN B 72 -8.72 12.63 -12.06
C GLN B 72 -10.04 12.10 -11.53
N THR B 73 -10.64 11.17 -12.28
CA THR B 73 -11.90 10.56 -11.89
C THR B 73 -11.65 9.58 -10.75
N VAL B 74 -12.39 9.73 -9.66
CA VAL B 74 -12.23 8.85 -8.51
C VAL B 74 -13.54 8.25 -8.06
N TYR B 75 -13.44 7.14 -7.33
CA TYR B 75 -14.59 6.45 -6.79
C TYR B 75 -14.51 6.56 -5.27
N HIS B 76 -15.58 7.03 -4.64
CA HIS B 76 -15.57 7.20 -3.18
C HIS B 76 -16.53 6.27 -2.46
N HIS B 77 -17.28 5.50 -3.24
CA HIS B 77 -18.24 4.54 -2.68
C HIS B 77 -18.83 3.71 -3.80
N GLU B 78 -19.02 4.36 -4.94
CA GLU B 78 -19.58 3.74 -6.12
C GLU B 78 -18.45 3.18 -6.98
N ALA B 79 -18.53 1.90 -7.32
CA ALA B 79 -17.51 1.27 -8.14
C ALA B 79 -18.08 0.09 -8.92
N GLN B 80 -18.13 0.24 -10.23
CA GLN B 80 -18.64 -0.80 -11.11
C GLN B 80 -17.89 -0.81 -12.42
N VAL B 81 -17.24 -1.93 -12.73
CA VAL B 81 -16.47 -2.07 -13.96
C VAL B 81 -16.90 -3.33 -14.69
N ALA B 82 -17.38 -3.17 -15.92
CA ALA B 82 -17.83 -4.30 -16.72
C ALA B 82 -16.77 -4.68 -17.75
N PHE B 83 -16.51 -5.98 -17.85
CA PHE B 83 -15.52 -6.50 -18.78
C PHE B 83 -16.18 -7.32 -19.88
N PRO B 84 -16.40 -6.71 -21.06
CA PRO B 84 -17.00 -7.40 -22.20
C PRO B 84 -15.96 -8.17 -23.03
N TYR B 85 -16.23 -9.44 -23.28
CA TYR B 85 -15.31 -10.27 -24.04
C TYR B 85 -15.38 -9.92 -25.52
N ALA B 86 -14.24 -10.08 -26.21
CA ALA B 86 -14.17 -9.81 -27.63
C ALA B 86 -14.28 -11.11 -28.41
N LYS B 87 -14.32 -12.21 -27.67
CA LYS B 87 -14.44 -13.54 -28.25
C LYS B 87 -15.48 -14.32 -27.47
N ALA B 88 -16.43 -14.93 -28.17
CA ALA B 88 -17.49 -15.69 -27.52
C ALA B 88 -17.13 -17.17 -27.43
N VAL B 89 -16.31 -17.50 -26.45
CA VAL B 89 -15.89 -18.88 -26.25
C VAL B 89 -16.13 -19.31 -24.81
N GLY B 90 -16.52 -20.56 -24.62
CA GLY B 90 -16.77 -21.07 -23.28
C GLY B 90 -15.50 -21.58 -22.65
N GLU B 91 -14.49 -20.73 -22.61
CA GLU B 91 -13.19 -21.09 -22.05
C GLU B 91 -13.00 -20.42 -20.70
N PRO B 92 -12.17 -21.01 -19.83
CA PRO B 92 -11.88 -20.45 -18.51
C PRO B 92 -11.01 -19.19 -18.65
N TYR B 93 -11.26 -18.19 -17.83
CA TYR B 93 -10.50 -16.95 -17.89
C TYR B 93 -10.03 -16.49 -16.53
N LYS B 94 -8.93 -15.74 -16.51
CA LYS B 94 -8.39 -15.23 -15.27
C LYS B 94 -8.85 -13.79 -15.06
N LEU B 95 -8.96 -13.39 -13.81
CA LEU B 95 -9.39 -12.04 -13.46
C LEU B 95 -8.31 -11.31 -12.68
N VAL B 96 -7.76 -10.28 -13.29
CA VAL B 96 -6.71 -9.48 -12.65
C VAL B 96 -7.29 -8.16 -12.15
N LEU B 97 -7.29 -7.98 -10.83
CA LEU B 97 -7.82 -6.77 -10.23
C LEU B 97 -6.79 -6.11 -9.32
N THR B 98 -6.68 -4.80 -9.42
CA THR B 98 -5.75 -4.03 -8.61
C THR B 98 -6.44 -2.81 -8.03
N TYR B 99 -6.52 -2.74 -6.70
CA TYR B 99 -7.18 -1.64 -6.03
C TYR B 99 -6.17 -0.60 -5.54
N GLN B 100 -6.17 0.56 -6.19
CA GLN B 100 -5.26 1.65 -5.82
C GLN B 100 -6.03 2.92 -5.51
N GLY B 101 -5.74 3.51 -4.35
CA GLY B 101 -6.40 4.74 -3.96
C GLY B 101 -5.83 5.29 -2.68
N SER B 102 -6.63 6.07 -1.96
CA SER B 102 -6.21 6.67 -0.72
C SER B 102 -7.41 6.99 0.15
N ALA B 103 -7.16 7.49 1.36
CA ALA B 103 -8.23 7.84 2.28
C ALA B 103 -8.20 9.34 2.56
N GLU B 104 -9.38 9.92 2.74
CA GLU B 104 -9.52 11.35 3.00
C GLU B 104 -8.87 11.77 4.33
N ALA B 105 -8.49 10.78 5.14
CA ALA B 105 -7.87 11.05 6.43
C ALA B 105 -6.36 11.26 6.29
N GLY B 106 -5.85 11.14 5.07
CA GLY B 106 -4.43 11.32 4.85
C GLY B 106 -3.68 10.00 4.79
N VAL B 107 -4.40 8.92 4.54
CA VAL B 107 -3.80 7.60 4.47
C VAL B 107 -3.66 7.18 3.01
N CYS B 108 -2.52 6.60 2.65
CA CYS B 108 -2.27 6.18 1.28
C CYS B 108 -1.95 4.69 1.23
N TYR B 109 -2.95 3.88 0.90
CA TYR B 109 -2.75 2.44 0.82
C TYR B 109 -2.20 2.04 -0.54
N PRO B 110 -1.32 1.03 -0.57
CA PRO B 110 -0.73 0.53 -1.81
C PRO B 110 -1.78 -0.15 -2.70
N PRO B 111 -1.46 -0.35 -3.98
CA PRO B 111 -2.39 -0.97 -4.92
C PRO B 111 -2.47 -2.49 -4.72
N VAL B 112 -3.25 -2.90 -3.72
CA VAL B 112 -3.43 -4.31 -3.41
C VAL B 112 -4.03 -5.02 -4.62
N ASP B 113 -3.23 -5.84 -5.28
CA ASP B 113 -3.68 -6.57 -6.44
C ASP B 113 -4.02 -8.01 -6.11
N THR B 114 -5.19 -8.43 -6.54
CA THR B 114 -5.67 -9.78 -6.29
C THR B 114 -6.12 -10.41 -7.60
N GLU B 115 -5.56 -11.57 -7.90
CA GLU B 115 -5.90 -12.28 -9.12
C GLU B 115 -6.84 -13.44 -8.80
N PHE B 116 -7.94 -13.53 -9.53
CA PHE B 116 -8.92 -14.59 -9.32
C PHE B 116 -8.98 -15.49 -10.53
N ASP B 117 -9.29 -16.76 -10.30
CA ASP B 117 -9.41 -17.72 -11.37
C ASP B 117 -10.87 -18.05 -11.59
N ILE B 118 -11.41 -17.69 -12.75
CA ILE B 118 -12.81 -17.93 -13.05
C ILE B 118 -13.00 -19.33 -13.62
N PHE B 119 -13.43 -20.24 -12.75
CA PHE B 119 -13.68 -21.63 -13.15
C PHE B 119 -15.18 -21.90 -13.17
N GLY B 120 -15.95 -20.92 -12.71
CA GLY B 120 -17.39 -21.07 -12.66
C GLY B 120 -17.87 -21.26 -11.24
N ASN B 121 -18.32 -20.16 -10.63
CA ASN B 121 -18.81 -20.21 -9.25
C ASN B 121 -19.83 -19.10 -8.98
N GLY B 122 -19.87 -18.11 -9.86
CA GLY B 122 -20.80 -17.01 -9.68
C GLY B 122 -20.17 -15.88 -8.91
N THR B 123 -20.08 -16.05 -7.60
CA THR B 123 -19.49 -15.03 -6.73
C THR B 123 -18.07 -15.43 -6.35
N TYR B 124 -17.20 -14.43 -6.21
CA TYR B 124 -15.81 -14.66 -5.84
C TYR B 124 -15.33 -13.66 -4.79
N HIS B 125 -14.45 -14.11 -3.92
CA HIS B 125 -13.91 -13.27 -2.86
C HIS B 125 -12.45 -13.65 -2.61
N PRO B 126 -11.61 -12.66 -2.23
CA PRO B 126 -10.18 -12.90 -1.96
C PRO B 126 -9.97 -13.79 -0.74
N GLN B 127 -9.07 -14.74 -0.84
CA GLN B 127 -8.79 -15.66 0.25
C GLN B 127 -7.66 -15.13 1.13
N THR B 128 -7.94 -14.07 1.87
CA THR B 128 -6.96 -13.48 2.76
C THR B 128 -7.22 -13.92 4.19
N MET A 1 14.24 -15.99 16.17
CA MET A 1 14.44 -14.65 15.58
C MET A 1 15.28 -14.75 14.32
N VAL A 2 15.36 -13.66 13.56
CA VAL A 2 16.15 -13.65 12.33
C VAL A 2 17.04 -12.40 12.24
N PRO A 3 18.04 -12.29 13.14
CA PRO A 3 18.97 -11.15 13.15
C PRO A 3 19.77 -11.06 11.86
N HIS A 4 20.19 -12.22 11.36
CA HIS A 4 20.97 -12.27 10.12
C HIS A 4 20.19 -11.71 8.95
N THR A 5 18.89 -11.98 8.92
CA THR A 5 18.03 -11.51 7.86
C THR A 5 17.90 -10.00 7.90
N LEU A 6 17.63 -9.47 9.10
CA LEU A 6 17.48 -8.04 9.29
C LEU A 6 18.75 -7.30 8.92
N SER A 7 19.90 -7.91 9.17
CA SER A 7 21.18 -7.30 8.86
C SER A 7 21.58 -7.56 7.40
N THR A 8 20.76 -8.36 6.71
CA THR A 8 21.02 -8.68 5.31
C THR A 8 20.33 -7.66 4.40
N LEU A 9 19.37 -6.94 4.95
CA LEU A 9 18.65 -5.93 4.18
C LEU A 9 19.57 -4.77 3.83
N LYS A 10 19.67 -4.47 2.53
CA LYS A 10 20.51 -3.37 2.07
C LYS A 10 19.64 -2.22 1.61
N THR A 11 20.17 -1.01 1.70
CA THR A 11 19.47 0.17 1.28
C THR A 11 19.66 0.37 -0.22
N ALA A 12 18.97 1.37 -0.78
CA ALA A 12 19.08 1.67 -2.20
C ALA A 12 20.46 2.23 -2.52
N ASP A 13 21.24 2.49 -1.47
CA ASP A 13 22.59 3.02 -1.60
C ASP A 13 23.61 1.88 -1.56
N ASN A 14 23.11 0.65 -1.44
CA ASN A 14 23.94 -0.55 -1.38
C ASN A 14 24.61 -0.70 -0.02
N ARG A 15 24.09 0.02 0.96
CA ARG A 15 24.61 -0.04 2.32
C ARG A 15 23.68 -0.85 3.20
N PRO A 16 24.24 -1.76 4.03
CA PRO A 16 23.44 -2.59 4.93
C PRO A 16 22.67 -1.76 5.96
N ALA A 17 21.47 -2.21 6.31
CA ALA A 17 20.62 -1.51 7.27
C ALA A 17 21.24 -1.48 8.67
N SER A 18 22.32 -2.24 8.85
CA SER A 18 23.02 -2.32 10.13
C SER A 18 23.52 -0.94 10.58
N VAL A 19 23.63 -0.01 9.63
CA VAL A 19 24.10 1.34 9.93
C VAL A 19 23.11 2.09 10.83
N TYR A 20 21.89 1.57 10.90
CA TYR A 20 20.84 2.16 11.72
C TYR A 20 20.26 1.10 12.64
N LEU A 21 21.05 0.06 12.88
CA LEU A 21 20.63 -1.03 13.74
C LEU A 21 21.75 -1.40 14.72
N LYS A 22 22.49 -0.39 15.15
CA LYS A 22 23.59 -0.61 16.09
C LYS A 22 23.48 0.29 17.30
N LYS A 23 24.41 0.10 18.24
CA LYS A 23 24.46 0.89 19.47
C LYS A 23 23.28 0.60 20.41
N ASP A 24 22.60 -0.52 20.15
CA ASP A 24 21.45 -0.96 20.95
C ASP A 24 20.41 0.15 21.10
N LYS A 25 20.13 0.84 20.00
CA LYS A 25 19.14 1.91 20.01
C LYS A 25 17.83 1.45 19.38
N PRO A 26 16.69 1.96 19.89
CA PRO A 26 15.37 1.61 19.37
C PRO A 26 15.27 1.94 17.87
N THR A 27 14.77 0.99 17.09
CA THR A 27 14.65 1.18 15.66
C THR A 27 13.23 1.55 15.27
N LEU A 28 13.09 2.52 14.39
CA LEU A 28 11.79 2.96 13.93
C LEU A 28 11.68 2.73 12.42
N ILE A 29 11.01 1.65 12.06
CA ILE A 29 10.84 1.28 10.66
C ILE A 29 9.55 1.86 10.10
N LYS A 30 9.67 2.63 9.04
CA LYS A 30 8.52 3.24 8.40
C LYS A 30 8.38 2.73 6.97
N PHE A 31 7.24 2.13 6.68
CA PHE A 31 6.97 1.61 5.35
C PHE A 31 6.18 2.63 4.53
N TRP A 32 6.59 2.83 3.28
CA TRP A 32 5.94 3.78 2.39
C TRP A 32 5.73 3.19 1.01
N ALA A 33 5.16 3.98 0.11
CA ALA A 33 4.90 3.53 -1.25
C ALA A 33 5.34 4.61 -2.25
N SER A 34 5.74 4.18 -3.43
CA SER A 34 6.20 5.08 -4.47
C SER A 34 5.01 5.63 -5.26
N TRP A 35 4.06 4.75 -5.56
CA TRP A 35 2.87 5.12 -6.33
C TRP A 35 1.77 5.67 -5.41
N CYS A 36 2.04 6.81 -4.80
CA CYS A 36 1.07 7.43 -3.90
C CYS A 36 1.39 8.91 -3.69
N PRO A 37 0.39 9.80 -3.87
CA PRO A 37 0.57 11.24 -3.69
C PRO A 37 0.74 11.61 -2.21
N LEU A 38 -0.06 10.99 -1.35
CA LEU A 38 -0.01 11.26 0.09
C LEU A 38 1.35 10.87 0.69
N CYS A 39 1.85 9.71 0.29
CA CYS A 39 3.13 9.23 0.78
C CYS A 39 4.28 10.08 0.24
N LEU A 40 4.04 10.74 -0.88
CA LEU A 40 5.05 11.59 -1.49
C LEU A 40 5.34 12.79 -0.59
N SER A 41 4.30 13.35 -0.01
CA SER A 41 4.44 14.49 0.89
C SER A 41 5.06 14.05 2.20
N GLU A 42 4.71 12.84 2.62
CA GLU A 42 5.21 12.27 3.88
C GLU A 42 6.73 12.12 3.83
N LEU A 43 7.27 11.85 2.64
CA LEU A 43 8.72 11.70 2.47
C LEU A 43 9.45 12.94 2.97
N GLY A 44 8.92 14.11 2.64
CA GLY A 44 9.54 15.36 3.07
C GLY A 44 9.48 15.51 4.58
N GLN A 45 8.39 15.05 5.17
CA GLN A 45 8.21 15.12 6.62
C GLN A 45 9.16 14.15 7.31
N THR A 46 9.32 12.96 6.72
CA THR A 46 10.21 11.95 7.26
C THR A 46 11.64 12.50 7.28
N GLU A 47 12.02 13.12 6.16
CA GLU A 47 13.35 13.70 6.02
C GLU A 47 13.58 14.79 7.08
N LYS A 48 12.51 15.52 7.40
CA LYS A 48 12.57 16.58 8.39
C LYS A 48 12.70 16.00 9.79
N TRP A 49 11.88 15.00 10.09
CA TRP A 49 11.90 14.35 11.39
C TRP A 49 13.23 13.66 11.66
N ALA A 50 13.85 13.15 10.60
CA ALA A 50 15.13 12.46 10.71
C ALA A 50 16.25 13.41 11.15
N GLN A 51 15.96 14.71 11.10
CA GLN A 51 16.94 15.71 11.51
C GLN A 51 16.57 16.32 12.86
N ASP A 52 15.45 15.91 13.41
CA ASP A 52 14.99 16.43 14.69
C ASP A 52 15.86 15.96 15.84
N ALA A 53 16.04 16.84 16.83
CA ALA A 53 16.87 16.54 17.99
C ALA A 53 16.28 15.43 18.85
N LYS A 54 14.96 15.40 18.97
CA LYS A 54 14.28 14.39 19.78
C LYS A 54 14.29 13.04 19.07
N PHE A 55 14.00 13.07 17.77
CA PHE A 55 13.96 11.86 16.96
C PHE A 55 15.32 11.16 16.91
N SER A 56 16.38 11.90 17.21
CA SER A 56 17.73 11.34 17.21
C SER A 56 17.92 10.30 18.32
N SER A 57 16.91 10.15 19.17
CA SER A 57 16.96 9.18 20.26
C SER A 57 16.73 7.77 19.74
N ALA A 58 16.18 7.68 18.53
CA ALA A 58 15.89 6.40 17.91
C ALA A 58 16.45 6.38 16.50
N ASN A 59 16.45 5.21 15.88
CA ASN A 59 16.96 5.06 14.52
C ASN A 59 15.80 4.94 13.53
N LEU A 60 15.45 6.05 12.90
CA LEU A 60 14.35 6.07 11.94
C LEU A 60 14.82 5.67 10.54
N ILE A 61 14.14 4.70 9.94
CA ILE A 61 14.49 4.24 8.61
C ILE A 61 13.24 4.01 7.76
N THR A 62 13.36 4.30 6.46
CA THR A 62 12.26 4.12 5.53
C THR A 62 12.47 2.85 4.72
N VAL A 63 11.65 1.85 4.95
CA VAL A 63 11.78 0.58 4.25
C VAL A 63 10.65 0.37 3.25
N ALA A 64 11.02 -0.12 2.08
CA ALA A 64 10.06 -0.40 1.03
C ALA A 64 10.32 -1.81 0.50
N SER A 65 9.27 -2.49 0.08
CA SER A 65 9.41 -3.84 -0.43
C SER A 65 9.17 -3.93 -1.93
N PRO A 66 10.24 -3.90 -2.73
CA PRO A 66 10.13 -3.99 -4.19
C PRO A 66 9.59 -5.35 -4.62
N GLY A 67 8.62 -5.33 -5.52
CA GLY A 67 8.02 -6.56 -6.00
C GLY A 67 6.96 -7.11 -5.06
N PHE A 68 6.63 -6.34 -4.02
CA PHE A 68 5.64 -6.75 -3.05
C PHE A 68 4.51 -5.73 -3.00
N LEU A 69 3.30 -6.21 -2.70
CA LEU A 69 2.11 -5.35 -2.60
C LEU A 69 1.81 -4.60 -3.90
N HIS A 70 2.34 -5.13 -5.00
CA HIS A 70 2.15 -4.55 -6.33
C HIS A 70 2.88 -3.22 -6.50
N GLU A 71 3.97 -3.04 -5.77
CA GLU A 71 4.75 -1.82 -5.86
C GLU A 71 5.81 -1.98 -6.96
N LYS A 72 6.76 -1.06 -7.02
CA LYS A 72 7.83 -1.11 -8.02
C LYS A 72 8.69 -2.36 -7.83
N LYS A 73 9.16 -2.92 -8.94
CA LYS A 73 9.99 -4.12 -8.89
C LYS A 73 11.44 -3.77 -8.55
N ASP A 74 12.20 -4.77 -8.12
CA ASP A 74 13.60 -4.61 -7.77
C ASP A 74 14.38 -4.11 -8.98
N GLY A 75 15.45 -3.35 -8.72
CA GLY A 75 16.25 -2.80 -9.80
C GLY A 75 15.64 -1.53 -10.35
N ASP A 76 14.35 -1.58 -10.61
CA ASP A 76 13.63 -0.42 -11.13
C ASP A 76 13.38 0.57 -10.01
N PHE A 77 13.05 0.04 -8.83
CA PHE A 77 12.79 0.87 -7.66
C PHE A 77 14.02 1.67 -7.23
N GLN A 78 15.20 1.07 -7.36
CA GLN A 78 16.42 1.76 -6.96
C GLN A 78 16.68 2.97 -7.86
N LYS A 79 16.27 2.87 -9.12
CA LYS A 79 16.46 3.96 -10.07
C LYS A 79 15.52 5.11 -9.72
N TRP A 80 14.40 4.76 -9.10
CA TRP A 80 13.40 5.74 -8.69
C TRP A 80 14.01 6.72 -7.70
N TYR A 81 14.54 6.19 -6.60
CA TYR A 81 15.17 7.01 -5.57
C TYR A 81 16.44 7.67 -6.09
N ALA A 82 17.17 6.94 -6.93
CA ALA A 82 18.42 7.45 -7.51
C ALA A 82 18.20 8.73 -8.33
N GLY A 83 16.97 8.95 -8.77
CA GLY A 83 16.67 10.13 -9.55
C GLY A 83 15.90 11.17 -8.75
N LEU A 84 15.71 10.90 -7.46
CA LEU A 84 14.99 11.81 -6.59
C LEU A 84 15.95 12.65 -5.75
N ASN A 85 15.37 13.49 -4.89
CA ASN A 85 16.16 14.36 -4.03
C ASN A 85 16.17 13.81 -2.59
N TYR A 86 16.81 14.53 -1.69
CA TYR A 86 16.93 14.14 -0.28
C TYR A 86 17.82 12.91 -0.13
N PRO A 87 19.15 13.11 -0.17
CA PRO A 87 20.12 12.02 -0.06
C PRO A 87 20.29 11.56 1.39
N LYS A 88 19.39 12.01 2.25
CA LYS A 88 19.44 11.65 3.66
C LYS A 88 18.31 10.68 4.00
N LEU A 89 17.65 10.17 2.97
CA LEU A 89 16.56 9.23 3.14
C LEU A 89 17.09 7.79 3.21
N PRO A 90 17.01 7.16 4.38
CA PRO A 90 17.47 5.79 4.57
C PRO A 90 16.50 4.79 3.96
N VAL A 91 16.43 4.78 2.63
CA VAL A 91 15.54 3.88 1.92
C VAL A 91 16.11 2.47 1.84
N VAL A 92 15.50 1.56 2.60
CA VAL A 92 15.92 0.18 2.63
C VAL A 92 15.12 -0.64 1.61
N THR A 93 15.81 -1.50 0.89
CA THR A 93 15.17 -2.33 -0.13
C THR A 93 14.90 -3.73 0.38
N ASP A 94 13.65 -3.99 0.76
CA ASP A 94 13.25 -5.30 1.26
C ASP A 94 12.66 -6.13 0.11
N ASN A 95 13.53 -6.80 -0.63
CA ASN A 95 13.13 -7.62 -1.76
C ASN A 95 12.24 -8.77 -1.33
N GLY A 96 10.98 -8.75 -1.78
CA GLY A 96 10.06 -9.80 -1.44
C GLY A 96 9.18 -9.46 -0.25
N GLY A 97 9.54 -8.40 0.46
CA GLY A 97 8.76 -8.00 1.61
C GLY A 97 8.94 -8.94 2.78
N THR A 98 10.18 -9.15 3.19
CA THR A 98 10.49 -10.03 4.30
C THR A 98 9.95 -9.47 5.61
N ILE A 99 10.15 -8.18 5.80
CA ILE A 99 9.68 -7.50 6.99
C ILE A 99 8.18 -7.24 6.87
N ALA A 100 7.76 -6.84 5.68
CA ALA A 100 6.36 -6.55 5.41
C ALA A 100 5.49 -7.78 5.67
N GLN A 101 5.97 -8.95 5.26
CA GLN A 101 5.24 -10.20 5.46
C GLN A 101 5.22 -10.60 6.94
N SER A 102 6.36 -10.43 7.59
CA SER A 102 6.48 -10.78 9.01
C SER A 102 5.62 -9.89 9.90
N LEU A 103 5.36 -8.67 9.46
CA LEU A 103 4.54 -7.73 10.23
C LEU A 103 3.13 -7.69 9.67
N ASN A 104 2.90 -8.41 8.58
CA ASN A 104 1.60 -8.47 7.93
C ASN A 104 1.09 -7.08 7.56
N ILE A 105 1.90 -6.35 6.81
CA ILE A 105 1.56 -4.99 6.40
C ILE A 105 0.62 -5.02 5.20
N SER A 106 -0.51 -4.33 5.32
CA SER A 106 -1.50 -4.29 4.26
C SER A 106 -1.89 -2.85 3.89
N VAL A 107 -1.32 -1.88 4.59
CA VAL A 107 -1.63 -0.49 4.34
C VAL A 107 -0.48 0.43 4.76
N TYR A 108 -0.36 1.57 4.10
CA TYR A 108 0.68 2.53 4.43
C TYR A 108 0.07 3.85 4.91
N PRO A 109 0.82 4.64 5.68
CA PRO A 109 2.18 4.30 6.12
C PRO A 109 2.18 3.48 7.39
N SER A 110 2.92 2.38 7.38
CA SER A 110 3.02 1.52 8.54
C SER A 110 4.24 1.88 9.36
N TRP A 111 4.04 2.05 10.66
CA TRP A 111 5.11 2.40 11.57
C TRP A 111 5.41 1.26 12.52
N ALA A 112 6.61 0.70 12.41
CA ALA A 112 7.01 -0.41 13.26
C ALA A 112 8.03 0.06 14.29
N LEU A 113 7.66 -0.02 15.55
CA LEU A 113 8.54 0.40 16.63
C LEU A 113 9.28 -0.78 17.22
N ILE A 114 10.59 -0.81 17.00
CA ILE A 114 11.44 -1.86 17.51
C ILE A 114 12.10 -1.37 18.78
N GLY A 115 12.02 -2.17 19.83
CA GLY A 115 12.60 -1.80 21.10
C GLY A 115 14.12 -1.80 21.06
N LYS A 116 14.74 -1.38 22.16
CA LYS A 116 16.20 -1.34 22.23
C LYS A 116 16.79 -2.75 22.35
N ASP A 117 15.90 -3.74 22.39
CA ASP A 117 16.32 -5.13 22.46
C ASP A 117 16.47 -5.71 21.05
N GLY A 118 15.94 -4.99 20.06
CA GLY A 118 16.02 -5.45 18.69
C GLY A 118 14.80 -6.26 18.28
N ASP A 119 13.71 -6.08 18.99
CA ASP A 119 12.48 -6.80 18.70
C ASP A 119 11.30 -5.84 18.54
N VAL A 120 10.20 -6.35 18.00
CA VAL A 120 9.02 -5.53 17.77
C VAL A 120 8.31 -5.23 19.10
N GLN A 121 8.09 -3.96 19.37
CA GLN A 121 7.43 -3.54 20.60
C GLN A 121 6.07 -2.91 20.34
N ARG A 122 5.98 -2.11 19.29
CA ARG A 122 4.73 -1.44 18.94
C ARG A 122 4.52 -1.40 17.43
N ILE A 123 3.27 -1.40 17.00
CA ILE A 123 2.94 -1.36 15.58
C ILE A 123 1.80 -0.38 15.32
N VAL A 124 2.01 0.52 14.36
CA VAL A 124 1.01 1.53 14.00
C VAL A 124 0.56 1.33 12.55
N LYS A 125 -0.75 1.27 12.34
CA LYS A 125 -1.31 1.10 11.01
C LYS A 125 -2.38 2.16 10.74
N GLY A 126 -2.13 3.03 9.78
CA GLY A 126 -3.10 4.07 9.45
C GLY A 126 -2.46 5.39 9.08
N SER A 127 -2.17 6.19 10.10
CA SER A 127 -1.54 7.49 9.90
C SER A 127 -0.89 7.97 11.20
N ILE A 128 -0.01 8.95 11.10
CA ILE A 128 0.68 9.48 12.27
C ILE A 128 0.60 11.00 12.32
N ASN A 129 1.03 11.57 13.44
CA ASN A 129 1.02 13.02 13.62
C ASN A 129 2.20 13.44 14.50
N GLU A 130 2.54 14.72 14.48
CA GLU A 130 3.67 15.24 15.25
C GLU A 130 3.54 14.97 16.76
N ALA A 131 2.35 15.22 17.30
CA ALA A 131 2.11 14.99 18.73
C ALA A 131 2.31 13.53 19.09
N GLN A 132 1.83 12.65 18.23
CA GLN A 132 1.95 11.21 18.44
C GLN A 132 3.42 10.79 18.42
N ALA A 133 4.17 11.37 17.49
CA ALA A 133 5.59 11.09 17.36
C ALA A 133 6.33 11.46 18.64
N LEU A 134 6.07 12.66 19.14
CA LEU A 134 6.70 13.14 20.37
C LEU A 134 6.29 12.27 21.56
N ALA A 135 5.02 11.86 21.57
CA ALA A 135 4.50 11.03 22.64
C ALA A 135 5.20 9.69 22.69
N LEU A 136 5.47 9.13 21.51
CA LEU A 136 6.14 7.84 21.40
C LEU A 136 7.55 7.92 21.98
N ILE A 137 8.20 9.05 21.79
CA ILE A 137 9.55 9.25 22.30
C ILE A 137 9.52 9.45 23.82
N ARG A 138 8.39 9.94 24.32
CA ARG A 138 8.22 10.16 25.75
C ARG A 138 7.85 8.87 26.45
N ASP A 139 6.99 8.08 25.81
CA ASP A 139 6.55 6.81 26.35
C ASP A 139 6.12 5.88 25.23
N PRO A 140 6.86 4.77 25.03
CA PRO A 140 6.57 3.79 23.98
C PRO A 140 5.24 3.05 24.22
N ASN A 141 4.65 3.28 25.38
CA ASN A 141 3.38 2.64 25.73
C ASN A 141 2.20 3.45 25.21
N ALA A 142 2.49 4.63 24.66
CA ALA A 142 1.46 5.50 24.13
C ALA A 142 0.97 5.02 22.76
N ASP A 143 -0.12 4.28 22.76
CA ASP A 143 -0.71 3.78 21.51
C ASP A 143 -1.91 4.63 21.14
N LEU A 144 -1.92 5.11 19.89
CA LEU A 144 -3.00 5.95 19.38
C LEU A 144 -3.03 7.31 20.06
N MET B 1 -20.92 -4.16 8.83
CA MET B 1 -22.38 -4.17 9.06
C MET B 1 -22.75 -3.31 10.26
N ALA B 2 -21.90 -2.34 10.57
CA ALA B 2 -22.13 -1.44 11.69
C ALA B 2 -21.76 -0.02 11.28
N LEU B 3 -20.51 0.18 10.92
CA LEU B 3 -20.03 1.47 10.49
C LEU B 3 -19.66 1.43 9.03
N ASP B 4 -18.62 0.66 8.71
CA ASP B 4 -18.13 0.50 7.34
C ASP B 4 -17.85 1.86 6.71
N ALA B 5 -17.26 2.75 7.49
CA ALA B 5 -16.93 4.09 7.04
C ALA B 5 -15.71 4.61 7.78
N ASN B 6 -15.20 5.75 7.31
CA ASN B 6 -14.03 6.39 7.90
C ASN B 6 -12.79 5.51 7.80
N ASP B 7 -11.81 5.79 8.65
CA ASP B 7 -10.55 5.06 8.69
C ASP B 7 -10.52 4.14 9.90
N LEU B 8 -11.69 3.91 10.48
CA LEU B 8 -11.82 3.08 11.68
C LEU B 8 -11.81 1.59 11.35
N LEU B 9 -11.66 1.27 10.07
CA LEU B 9 -11.63 -0.11 9.62
C LEU B 9 -10.56 -0.30 8.57
N PRO B 10 -9.74 -1.36 8.71
CA PRO B 10 -8.65 -1.66 7.77
C PRO B 10 -9.15 -1.87 6.34
N PRO B 11 -8.35 -1.46 5.34
CA PRO B 11 -8.70 -1.59 3.93
C PRO B 11 -9.12 -3.01 3.54
N GLU B 12 -8.47 -4.01 4.13
CA GLU B 12 -8.78 -5.41 3.85
C GLU B 12 -10.22 -5.78 4.24
N LYS B 13 -10.86 -4.91 5.01
CA LYS B 13 -12.23 -5.12 5.45
C LYS B 13 -13.12 -3.97 4.98
N ALA B 14 -12.50 -2.99 4.35
CA ALA B 14 -13.21 -1.80 3.87
C ALA B 14 -13.69 -1.95 2.43
N PHE B 15 -13.34 -3.06 1.80
CA PHE B 15 -13.73 -3.30 0.41
C PHE B 15 -14.52 -4.58 0.28
N VAL B 16 -15.71 -4.48 -0.29
CA VAL B 16 -16.57 -5.65 -0.51
C VAL B 16 -16.64 -5.94 -2.00
N PRO B 17 -15.73 -6.79 -2.51
CA PRO B 17 -15.68 -7.15 -3.93
C PRO B 17 -16.79 -8.11 -4.34
N GLU B 18 -17.87 -7.55 -4.88
CA GLU B 18 -18.99 -8.35 -5.35
C GLU B 18 -18.83 -8.63 -6.83
N LEU B 19 -18.30 -9.80 -7.15
CA LEU B 19 -18.09 -10.18 -8.54
C LEU B 19 -19.29 -10.87 -9.14
N ALA B 20 -19.88 -10.23 -10.15
CA ALA B 20 -21.04 -10.78 -10.83
C ALA B 20 -20.67 -11.12 -12.28
N VAL B 21 -20.61 -12.40 -12.57
CA VAL B 21 -20.27 -12.85 -13.91
C VAL B 21 -21.51 -13.07 -14.76
N ALA B 22 -21.66 -12.27 -15.80
CA ALA B 22 -22.78 -12.38 -16.70
C ALA B 22 -22.33 -13.06 -17.99
N ASP B 23 -23.27 -13.43 -18.83
CA ASP B 23 -22.96 -14.11 -20.09
C ASP B 23 -22.22 -13.21 -21.06
N ASP B 24 -22.67 -11.96 -21.17
CA ASP B 24 -22.06 -11.01 -22.10
C ASP B 24 -20.75 -10.45 -21.56
N GLY B 25 -20.49 -10.62 -20.28
CA GLY B 25 -19.26 -10.12 -19.71
C GLY B 25 -19.31 -10.11 -18.19
N VAL B 26 -18.16 -9.93 -17.57
CA VAL B 26 -18.07 -9.90 -16.11
C VAL B 26 -18.23 -8.46 -15.62
N ASN B 27 -19.00 -8.29 -14.55
CA ASN B 27 -19.22 -6.97 -13.97
C ASN B 27 -18.74 -6.95 -12.53
N VAL B 28 -17.68 -6.21 -12.26
CA VAL B 28 -17.13 -6.12 -10.92
C VAL B 28 -17.74 -4.94 -10.16
N ARG B 29 -18.38 -5.23 -9.04
CA ARG B 29 -18.99 -4.20 -8.22
C ARG B 29 -18.46 -4.26 -6.80
N PHE B 30 -17.27 -3.72 -6.59
CA PHE B 30 -16.66 -3.71 -5.27
C PHE B 30 -17.11 -2.50 -4.46
N ARG B 31 -17.87 -2.75 -3.41
CA ARG B 31 -18.38 -1.68 -2.57
C ARG B 31 -17.28 -1.16 -1.66
N ILE B 32 -16.95 0.11 -1.81
CA ILE B 32 -15.91 0.74 -1.02
C ILE B 32 -16.51 1.38 0.23
N ALA B 33 -15.82 1.27 1.36
CA ALA B 33 -16.27 1.86 2.61
C ALA B 33 -16.35 3.38 2.47
N ASP B 34 -17.27 3.98 3.22
CA ASP B 34 -17.46 5.43 3.16
C ASP B 34 -16.32 6.17 3.86
N GLY B 35 -15.20 6.27 3.17
CA GLY B 35 -14.04 6.94 3.73
C GLY B 35 -12.81 6.71 2.87
N TYR B 36 -12.84 5.65 2.08
CA TYR B 36 -11.74 5.31 1.21
C TYR B 36 -12.12 5.66 -0.23
N TYR B 37 -11.13 6.00 -1.04
CA TYR B 37 -11.39 6.36 -2.42
C TYR B 37 -10.30 5.83 -3.36
N MET B 38 -10.72 5.28 -4.48
CA MET B 38 -9.78 4.75 -5.45
C MET B 38 -9.71 5.64 -6.68
N TYR B 39 -8.56 5.60 -7.37
CA TYR B 39 -8.37 6.41 -8.57
C TYR B 39 -8.68 5.57 -9.79
N GLN B 40 -9.56 6.07 -10.65
CA GLN B 40 -9.95 5.36 -11.87
C GLN B 40 -8.76 5.09 -12.78
N ALA B 41 -7.76 5.96 -12.73
CA ALA B 41 -6.56 5.82 -13.54
C ALA B 41 -5.57 4.86 -12.90
N LYS B 42 -5.93 4.35 -11.73
CA LYS B 42 -5.06 3.43 -11.00
C LYS B 42 -5.67 2.04 -10.93
N ILE B 43 -7.00 1.96 -11.02
CA ILE B 43 -7.70 0.69 -10.95
C ILE B 43 -7.46 -0.12 -12.24
N VAL B 44 -6.80 -1.26 -12.09
CA VAL B 44 -6.53 -2.12 -13.22
C VAL B 44 -7.44 -3.34 -13.17
N GLY B 45 -8.19 -3.55 -14.23
CA GLY B 45 -9.09 -4.69 -14.29
C GLY B 45 -9.21 -5.24 -15.69
N LYS B 46 -9.03 -6.55 -15.83
CA LYS B 46 -9.13 -7.21 -17.12
C LYS B 46 -9.43 -8.68 -16.98
N THR B 47 -10.31 -9.18 -17.82
CA THR B 47 -10.69 -10.58 -17.82
C THR B 47 -10.81 -11.10 -19.25
N ASN B 48 -10.11 -12.18 -19.54
CA ASN B 48 -10.13 -12.78 -20.87
C ASN B 48 -9.27 -14.04 -20.90
N PRO B 49 -9.43 -14.89 -21.94
CA PRO B 49 -8.63 -16.10 -22.08
C PRO B 49 -7.21 -15.78 -22.57
N ALA B 50 -7.08 -15.49 -23.85
CA ALA B 50 -5.78 -15.15 -24.42
C ALA B 50 -5.73 -13.68 -24.84
N ASP B 51 -6.15 -12.81 -23.92
CA ASP B 51 -6.18 -11.36 -24.15
C ASP B 51 -7.14 -10.98 -25.28
N LEU B 52 -8.40 -11.40 -25.13
CA LEU B 52 -9.44 -11.11 -26.11
C LEU B 52 -10.52 -10.26 -25.47
N LEU B 53 -10.13 -9.11 -24.95
CA LEU B 53 -11.07 -8.19 -24.31
C LEU B 53 -11.15 -6.89 -25.08
N GLY B 54 -12.31 -6.27 -25.08
CA GLY B 54 -12.49 -5.02 -25.78
C GLY B 54 -11.87 -3.86 -25.03
N GLN B 55 -12.52 -3.45 -23.95
CA GLN B 55 -12.05 -2.35 -23.11
C GLN B 55 -12.81 -2.30 -21.80
N PRO B 56 -12.15 -1.92 -20.70
CA PRO B 56 -12.79 -1.83 -19.38
C PRO B 56 -13.83 -0.71 -19.36
N SER B 57 -15.10 -1.11 -19.32
CA SER B 57 -16.19 -0.15 -19.31
C SER B 57 -16.40 0.45 -17.93
N PHE B 58 -15.85 1.64 -17.71
CA PHE B 58 -15.99 2.33 -16.44
C PHE B 58 -17.36 3.01 -16.36
N SER B 59 -17.94 3.04 -15.18
CA SER B 59 -19.25 3.66 -15.00
C SER B 59 -19.13 5.16 -14.74
N LYS B 60 -17.89 5.62 -14.53
CA LYS B 60 -17.60 7.03 -14.29
C LYS B 60 -18.06 7.49 -12.90
N GLY B 61 -17.14 8.10 -12.16
CA GLY B 61 -17.47 8.59 -10.83
C GLY B 61 -17.39 10.09 -10.76
N GLU B 62 -16.64 10.60 -9.78
CA GLU B 62 -16.49 12.04 -9.61
C GLU B 62 -15.02 12.43 -9.74
N GLU B 63 -14.77 13.61 -10.30
CA GLU B 63 -13.41 14.11 -10.46
C GLU B 63 -12.97 14.82 -9.19
N LYS B 64 -11.83 14.39 -8.64
CA LYS B 64 -11.31 14.99 -7.42
C LYS B 64 -10.03 15.76 -7.71
N GLU B 65 -9.93 16.97 -7.16
CA GLU B 65 -8.75 17.79 -7.31
C GLU B 65 -7.67 17.26 -6.38
N ASP B 66 -6.49 17.01 -6.91
CA ASP B 66 -5.39 16.47 -6.13
C ASP B 66 -4.24 17.46 -6.06
N GLU B 67 -3.23 17.12 -5.28
CA GLU B 67 -2.05 17.96 -5.10
C GLU B 67 -0.88 17.45 -5.95
N PHE B 68 -0.86 16.15 -6.22
CA PHE B 68 0.20 15.56 -7.01
C PHE B 68 -0.33 14.93 -8.28
N PHE B 69 -1.48 14.28 -8.18
CA PHE B 69 -2.09 13.63 -9.33
C PHE B 69 -2.82 14.64 -10.23
N GLY B 70 -3.03 15.84 -9.71
CA GLY B 70 -3.71 16.87 -10.47
C GLY B 70 -5.20 16.80 -10.31
N ARG B 71 -5.85 16.03 -11.17
CA ARG B 71 -7.30 15.87 -11.13
C ARG B 71 -7.70 14.59 -11.86
N GLN B 72 -8.25 13.63 -11.13
CA GLN B 72 -8.65 12.37 -11.72
C GLN B 72 -10.00 11.91 -11.20
N THR B 73 -10.61 10.96 -11.89
CA THR B 73 -11.89 10.41 -11.50
C THR B 73 -11.67 9.42 -10.35
N VAL B 74 -12.42 9.59 -9.27
CA VAL B 74 -12.26 8.71 -8.13
C VAL B 74 -13.59 8.09 -7.70
N TYR B 75 -13.49 6.96 -7.02
CA TYR B 75 -14.64 6.24 -6.50
C TYR B 75 -14.51 6.20 -4.98
N HIS B 76 -15.54 6.60 -4.26
CA HIS B 76 -15.47 6.63 -2.80
C HIS B 76 -16.49 5.70 -2.15
N HIS B 77 -17.18 4.95 -2.98
CA HIS B 77 -18.19 4.00 -2.52
C HIS B 77 -18.80 3.31 -3.71
N GLU B 78 -19.01 4.09 -4.75
CA GLU B 78 -19.60 3.61 -6.00
C GLU B 78 -18.52 3.07 -6.94
N ALA B 79 -18.54 1.77 -7.17
CA ALA B 79 -17.56 1.15 -8.04
C ALA B 79 -18.18 0.04 -8.86
N GLN B 80 -18.14 0.18 -10.17
CA GLN B 80 -18.71 -0.82 -11.07
C GLN B 80 -18.03 -0.75 -12.43
N VAL B 81 -17.43 -1.85 -12.83
CA VAL B 81 -16.74 -1.93 -14.12
C VAL B 81 -17.15 -3.18 -14.88
N ALA B 82 -17.63 -2.99 -16.10
CA ALA B 82 -18.06 -4.10 -16.93
C ALA B 82 -16.97 -4.44 -17.93
N PHE B 83 -16.82 -5.72 -18.25
CA PHE B 83 -15.79 -6.14 -19.18
C PHE B 83 -16.38 -6.87 -20.39
N PRO B 84 -16.51 -6.16 -21.52
CA PRO B 84 -17.03 -6.73 -22.77
C PRO B 84 -15.94 -7.50 -23.52
N TYR B 85 -16.19 -8.78 -23.76
CA TYR B 85 -15.23 -9.63 -24.45
C TYR B 85 -15.27 -9.36 -25.96
N ALA B 86 -14.14 -9.58 -26.62
CA ALA B 86 -14.04 -9.38 -28.06
C ALA B 86 -14.26 -10.68 -28.79
N LYS B 87 -14.44 -11.75 -28.01
CA LYS B 87 -14.67 -13.07 -28.54
C LYS B 87 -15.48 -13.89 -27.54
N ALA B 88 -16.72 -14.18 -27.89
CA ALA B 88 -17.60 -14.95 -27.03
C ALA B 88 -17.31 -16.44 -27.15
N VAL B 89 -16.44 -16.94 -26.29
CA VAL B 89 -16.06 -18.34 -26.29
C VAL B 89 -16.42 -19.01 -24.96
N GLY B 90 -16.55 -20.34 -24.99
CA GLY B 90 -16.88 -21.08 -23.79
C GLY B 90 -15.63 -21.59 -23.09
N GLU B 91 -14.69 -20.69 -22.84
CA GLU B 91 -13.44 -21.04 -22.18
C GLU B 91 -13.33 -20.31 -20.85
N PRO B 92 -12.72 -20.93 -19.84
CA PRO B 92 -12.52 -20.30 -18.54
C PRO B 92 -11.54 -19.14 -18.64
N TYR B 93 -12.01 -17.94 -18.34
CA TYR B 93 -11.19 -16.75 -18.42
C TYR B 93 -10.68 -16.33 -17.05
N LYS B 94 -9.54 -15.68 -17.03
CA LYS B 94 -8.97 -15.22 -15.78
C LYS B 94 -9.25 -13.73 -15.61
N LEU B 95 -9.40 -13.29 -14.36
CA LEU B 95 -9.68 -11.89 -14.09
C LEU B 95 -8.61 -11.30 -13.17
N VAL B 96 -8.01 -10.21 -13.60
CA VAL B 96 -6.99 -9.53 -12.81
C VAL B 96 -7.53 -8.21 -12.31
N LEU B 97 -7.53 -8.01 -11.01
CA LEU B 97 -8.03 -6.78 -10.42
C LEU B 97 -7.00 -6.17 -9.46
N THR B 98 -6.64 -4.92 -9.72
CA THR B 98 -5.68 -4.21 -8.89
C THR B 98 -6.38 -3.05 -8.19
N TYR B 99 -6.34 -3.05 -6.87
CA TYR B 99 -7.00 -2.01 -6.08
C TYR B 99 -5.99 -0.98 -5.56
N GLN B 100 -6.01 0.22 -6.15
CA GLN B 100 -5.12 1.28 -5.72
C GLN B 100 -5.92 2.53 -5.40
N GLY B 101 -5.72 3.05 -4.20
CA GLY B 101 -6.43 4.23 -3.78
C GLY B 101 -5.86 4.79 -2.50
N SER B 102 -6.65 5.59 -1.80
CA SER B 102 -6.24 6.20 -0.56
C SER B 102 -7.46 6.46 0.31
N ALA B 103 -7.25 7.05 1.48
CA ALA B 103 -8.35 7.37 2.37
C ALA B 103 -8.44 8.87 2.58
N GLU B 104 -9.64 9.38 2.80
CA GLU B 104 -9.86 10.82 3.01
C GLU B 104 -9.40 11.24 4.41
N ALA B 105 -8.53 10.45 5.02
CA ALA B 105 -8.01 10.73 6.35
C ALA B 105 -6.48 10.83 6.33
N GLY B 106 -5.88 10.62 5.16
CA GLY B 106 -4.44 10.69 5.03
C GLY B 106 -3.81 9.33 4.75
N VAL B 107 -4.49 8.27 5.16
CA VAL B 107 -4.00 6.91 4.94
C VAL B 107 -3.89 6.61 3.45
N CYS B 108 -2.83 5.90 3.06
CA CYS B 108 -2.61 5.55 1.66
C CYS B 108 -2.15 4.10 1.54
N TYR B 109 -3.07 3.21 1.21
CA TYR B 109 -2.75 1.80 1.07
C TYR B 109 -2.11 1.50 -0.28
N PRO B 110 -1.27 0.44 -0.33
CA PRO B 110 -0.60 0.03 -1.57
C PRO B 110 -1.59 -0.55 -2.59
N PRO B 111 -1.20 -0.60 -3.87
CA PRO B 111 -2.06 -1.11 -4.94
C PRO B 111 -2.16 -2.63 -4.96
N VAL B 112 -2.51 -3.22 -3.82
CA VAL B 112 -2.63 -4.67 -3.71
C VAL B 112 -3.64 -5.21 -4.73
N ASP B 113 -3.24 -6.25 -5.45
CA ASP B 113 -4.08 -6.86 -6.47
C ASP B 113 -4.51 -8.26 -6.08
N THR B 114 -5.47 -8.79 -6.82
CA THR B 114 -5.98 -10.14 -6.58
C THR B 114 -6.40 -10.76 -7.91
N GLU B 115 -6.09 -12.03 -8.10
CA GLU B 115 -6.44 -12.74 -9.32
C GLU B 115 -7.68 -13.59 -9.10
N PHE B 116 -8.64 -13.48 -10.00
CA PHE B 116 -9.87 -14.24 -9.91
C PHE B 116 -9.95 -15.23 -11.06
N ASP B 117 -10.49 -16.41 -10.78
CA ASP B 117 -10.63 -17.45 -11.79
C ASP B 117 -12.09 -17.56 -12.20
N ILE B 118 -12.39 -17.17 -13.42
CA ILE B 118 -13.76 -17.21 -13.91
C ILE B 118 -14.03 -18.51 -14.66
N PHE B 119 -14.45 -19.52 -13.91
CA PHE B 119 -14.76 -20.83 -14.49
C PHE B 119 -16.26 -21.02 -14.61
N GLY B 120 -17.02 -20.12 -13.98
CA GLY B 120 -18.46 -20.21 -14.03
C GLY B 120 -19.05 -20.57 -12.68
N ASN B 121 -19.24 -19.58 -11.82
CA ASN B 121 -19.80 -19.81 -10.50
C ASN B 121 -20.76 -18.71 -10.11
N GLY B 122 -21.05 -17.83 -11.06
CA GLY B 122 -21.96 -16.72 -10.81
C GLY B 122 -21.31 -15.60 -10.02
N THR B 123 -21.22 -15.78 -8.72
CA THR B 123 -20.62 -14.80 -7.83
C THR B 123 -19.24 -15.28 -7.38
N TYR B 124 -18.32 -14.35 -7.20
CA TYR B 124 -16.97 -14.69 -6.77
C TYR B 124 -16.53 -13.82 -5.59
N HIS B 125 -15.64 -14.36 -4.78
CA HIS B 125 -15.11 -13.65 -3.62
C HIS B 125 -13.65 -14.00 -3.41
N PRO B 126 -12.81 -13.01 -3.08
CA PRO B 126 -11.39 -13.24 -2.86
C PRO B 126 -11.10 -13.93 -1.52
N GLN B 127 -10.17 -14.87 -1.55
CA GLN B 127 -9.80 -15.60 -0.36
C GLN B 127 -8.62 -14.92 0.35
N THR B 128 -8.95 -14.05 1.29
CA THR B 128 -7.94 -13.32 2.04
C THR B 128 -8.50 -12.93 3.41
N MET A 1 14.70 -15.57 16.13
CA MET A 1 14.90 -14.31 15.36
C MET A 1 15.80 -14.57 14.15
N VAL A 2 15.83 -13.61 13.23
CA VAL A 2 16.65 -13.73 12.02
C VAL A 2 17.47 -12.44 11.79
N PRO A 3 18.46 -12.17 12.66
CA PRO A 3 19.31 -10.97 12.55
C PRO A 3 20.06 -10.89 11.23
N HIS A 4 20.39 -12.05 10.67
CA HIS A 4 21.12 -12.10 9.40
C HIS A 4 20.30 -11.45 8.27
N THR A 5 19.00 -11.68 8.28
CA THR A 5 18.11 -11.11 7.28
C THR A 5 17.97 -9.61 7.50
N LEU A 6 17.91 -9.22 8.77
CA LEU A 6 17.79 -7.81 9.12
C LEU A 6 19.04 -7.05 8.68
N SER A 7 20.18 -7.74 8.69
CA SER A 7 21.44 -7.15 8.27
C SER A 7 21.60 -7.23 6.76
N THR A 8 20.92 -8.20 6.16
CA THR A 8 20.96 -8.39 4.72
C THR A 8 20.29 -7.22 4.01
N LEU A 9 19.34 -6.60 4.69
CA LEU A 9 18.62 -5.45 4.15
C LEU A 9 19.57 -4.34 3.76
N LYS A 10 19.66 -4.09 2.47
CA LYS A 10 20.54 -3.05 1.96
C LYS A 10 19.73 -1.85 1.54
N THR A 11 20.22 -0.67 1.85
CA THR A 11 19.56 0.57 1.49
C THR A 11 19.79 0.87 0.01
N ALA A 12 19.05 1.83 -0.52
CA ALA A 12 19.20 2.22 -1.91
C ALA A 12 20.55 2.92 -2.11
N ASP A 13 21.22 3.18 -1.01
CA ASP A 13 22.53 3.82 -1.02
C ASP A 13 23.62 2.74 -1.06
N ASN A 14 23.17 1.49 -1.13
CA ASN A 14 24.05 0.32 -1.19
C ASN A 14 24.77 0.10 0.13
N ARG A 15 24.12 0.49 1.21
CA ARG A 15 24.68 0.33 2.54
C ARG A 15 23.78 -0.56 3.39
N PRO A 16 24.36 -1.49 4.16
CA PRO A 16 23.59 -2.39 5.02
C PRO A 16 22.82 -1.60 6.08
N ALA A 17 21.63 -2.07 6.41
CA ALA A 17 20.80 -1.41 7.41
C ALA A 17 21.45 -1.41 8.80
N SER A 18 22.53 -2.18 8.93
CA SER A 18 23.26 -2.28 10.21
C SER A 18 23.71 -0.92 10.73
N VAL A 19 23.81 0.08 9.84
CA VAL A 19 24.23 1.42 10.23
C VAL A 19 23.19 2.06 11.17
N TYR A 20 21.96 1.59 11.08
CA TYR A 20 20.88 2.10 11.91
C TYR A 20 20.31 0.97 12.77
N LEU A 21 21.09 -0.09 12.87
CA LEU A 21 20.70 -1.26 13.65
C LEU A 21 21.79 -1.57 14.67
N LYS A 22 22.29 -0.53 15.31
CA LYS A 22 23.33 -0.66 16.31
C LYS A 22 23.08 0.31 17.46
N LYS A 23 23.99 0.28 18.43
CA LYS A 23 23.91 1.15 19.61
C LYS A 23 22.80 0.72 20.57
N ASP A 24 22.14 -0.39 20.24
CA ASP A 24 21.05 -0.94 21.04
C ASP A 24 19.97 0.11 21.30
N LYS A 25 19.57 0.79 20.24
CA LYS A 25 18.56 1.83 20.34
C LYS A 25 17.30 1.46 19.55
N PRO A 26 16.13 1.94 19.99
CA PRO A 26 14.86 1.69 19.33
C PRO A 26 14.89 2.10 17.86
N THR A 27 14.51 1.17 16.99
CA THR A 27 14.49 1.42 15.56
C THR A 27 13.06 1.68 15.09
N LEU A 28 12.89 2.67 14.23
CA LEU A 28 11.58 3.02 13.71
C LEU A 28 11.56 2.84 12.20
N ILE A 29 10.91 1.78 11.74
CA ILE A 29 10.82 1.48 10.32
C ILE A 29 9.50 1.99 9.75
N LYS A 30 9.61 2.83 8.73
CA LYS A 30 8.43 3.38 8.07
C LYS A 30 8.34 2.91 6.62
N PHE A 31 7.22 2.33 6.26
CA PHE A 31 7.00 1.84 4.90
C PHE A 31 6.25 2.88 4.08
N TRP A 32 6.58 2.97 2.79
CA TRP A 32 5.94 3.93 1.90
C TRP A 32 5.80 3.37 0.48
N ALA A 33 4.99 4.04 -0.34
CA ALA A 33 4.78 3.61 -1.72
C ALA A 33 5.42 4.60 -2.69
N SER A 34 5.95 4.09 -3.78
CA SER A 34 6.64 4.90 -4.77
C SER A 34 5.67 5.80 -5.54
N TRP A 35 4.63 5.23 -6.12
CA TRP A 35 3.67 6.00 -6.90
C TRP A 35 2.52 6.51 -6.04
N CYS A 36 2.85 7.04 -4.88
CA CYS A 36 1.83 7.56 -3.98
C CYS A 36 2.04 9.04 -3.71
N PRO A 37 1.04 9.87 -4.07
CA PRO A 37 1.11 11.32 -3.85
C PRO A 37 1.19 11.67 -2.36
N LEU A 38 0.46 10.92 -1.54
CA LEU A 38 0.45 11.15 -0.10
C LEU A 38 1.80 10.86 0.54
N CYS A 39 2.40 9.73 0.15
CA CYS A 39 3.70 9.33 0.67
C CYS A 39 4.82 10.20 0.11
N LEU A 40 4.58 10.79 -1.05
CA LEU A 40 5.57 11.66 -1.69
C LEU A 40 5.89 12.87 -0.83
N SER A 41 4.88 13.63 -0.46
CA SER A 41 5.06 14.81 0.37
C SER A 41 5.56 14.41 1.76
N GLU A 42 5.09 13.27 2.23
CA GLU A 42 5.45 12.76 3.55
C GLU A 42 6.94 12.43 3.62
N LEU A 43 7.53 12.08 2.49
CA LEU A 43 8.96 11.75 2.43
C LEU A 43 9.80 12.90 2.97
N GLY A 44 9.41 14.11 2.62
CA GLY A 44 10.14 15.28 3.08
C GLY A 44 9.96 15.46 4.57
N GLN A 45 8.81 15.08 5.08
CA GLN A 45 8.51 15.19 6.50
C GLN A 45 9.32 14.16 7.28
N THR A 46 9.50 12.98 6.69
CA THR A 46 10.27 11.91 7.32
C THR A 46 11.71 12.37 7.52
N GLU A 47 12.31 12.95 6.47
CA GLU A 47 13.69 13.43 6.55
C GLU A 47 13.79 14.58 7.54
N LYS A 48 12.77 15.44 7.57
CA LYS A 48 12.74 16.56 8.49
C LYS A 48 12.80 16.08 9.93
N TRP A 49 11.99 15.07 10.24
CA TRP A 49 11.96 14.50 11.58
C TRP A 49 13.27 13.81 11.91
N ALA A 50 13.92 13.24 10.90
CA ALA A 50 15.20 12.55 11.09
C ALA A 50 16.30 13.55 11.48
N GLN A 51 16.04 14.83 11.27
CA GLN A 51 16.99 15.87 11.61
C GLN A 51 16.62 16.51 12.95
N ASP A 52 15.50 16.08 13.52
CA ASP A 52 15.04 16.61 14.80
C ASP A 52 15.76 15.94 15.96
N ALA A 53 15.98 16.69 17.03
CA ALA A 53 16.67 16.18 18.20
C ALA A 53 15.89 15.06 18.87
N LYS A 54 14.57 15.11 18.78
CA LYS A 54 13.72 14.10 19.40
C LYS A 54 13.90 12.75 18.72
N PHE A 55 13.79 12.75 17.40
CA PHE A 55 13.91 11.53 16.62
C PHE A 55 15.38 11.09 16.49
N SER A 56 16.29 11.96 16.90
CA SER A 56 17.71 11.65 16.85
C SER A 56 18.08 10.70 17.98
N SER A 57 17.13 10.44 18.86
CA SER A 57 17.34 9.54 19.99
C SER A 57 16.92 8.13 19.61
N ALA A 58 16.55 7.96 18.34
CA ALA A 58 16.12 6.67 17.83
C ALA A 58 16.67 6.47 16.43
N ASN A 59 16.48 5.26 15.89
CA ASN A 59 16.95 4.96 14.54
C ASN A 59 15.78 4.90 13.57
N LEU A 60 15.45 6.04 12.98
CA LEU A 60 14.34 6.13 12.04
C LEU A 60 14.82 5.83 10.61
N ILE A 61 14.14 4.89 9.96
CA ILE A 61 14.50 4.51 8.59
C ILE A 61 13.25 4.22 7.76
N THR A 62 13.36 4.42 6.46
CA THR A 62 12.25 4.16 5.54
C THR A 62 12.56 2.90 4.74
N VAL A 63 11.65 1.94 4.74
CA VAL A 63 11.87 0.69 4.02
C VAL A 63 10.77 0.44 2.99
N ALA A 64 11.15 -0.10 1.85
CA ALA A 64 10.23 -0.43 0.78
C ALA A 64 10.48 -1.86 0.32
N SER A 65 9.44 -2.55 -0.12
CA SER A 65 9.57 -3.93 -0.56
C SER A 65 9.37 -4.05 -2.08
N PRO A 66 10.47 -4.09 -2.84
CA PRO A 66 10.42 -4.21 -4.31
C PRO A 66 9.72 -5.49 -4.77
N GLY A 67 8.70 -5.32 -5.58
CA GLY A 67 7.96 -6.45 -6.10
C GLY A 67 6.80 -6.86 -5.20
N PHE A 68 6.86 -6.48 -3.94
CA PHE A 68 5.82 -6.82 -2.98
C PHE A 68 4.68 -5.82 -3.06
N LEU A 69 3.46 -6.30 -2.88
CA LEU A 69 2.25 -5.46 -2.91
C LEU A 69 2.08 -4.74 -4.25
N HIS A 70 2.70 -5.29 -5.29
CA HIS A 70 2.62 -4.75 -6.65
C HIS A 70 3.41 -3.43 -6.79
N GLU A 71 4.41 -3.24 -5.94
CA GLU A 71 5.23 -2.03 -6.00
C GLU A 71 6.35 -2.19 -7.03
N LYS A 72 7.23 -1.19 -7.11
CA LYS A 72 8.36 -1.22 -8.03
C LYS A 72 9.24 -2.43 -7.77
N LYS A 73 9.66 -3.10 -8.83
CA LYS A 73 10.50 -4.28 -8.70
C LYS A 73 11.94 -3.90 -8.39
N ASP A 74 12.76 -4.93 -8.14
CA ASP A 74 14.17 -4.73 -7.81
C ASP A 74 14.90 -4.06 -8.96
N GLY A 75 15.85 -3.19 -8.64
CA GLY A 75 16.60 -2.48 -9.66
C GLY A 75 15.82 -1.28 -10.14
N ASP A 76 14.55 -1.49 -10.43
CA ASP A 76 13.66 -0.43 -10.90
C ASP A 76 13.49 0.63 -9.82
N PHE A 77 13.24 0.17 -8.59
CA PHE A 77 13.06 1.05 -7.46
C PHE A 77 14.35 1.81 -7.14
N GLN A 78 15.48 1.16 -7.40
CA GLN A 78 16.80 1.76 -7.15
C GLN A 78 16.97 3.04 -7.97
N LYS A 79 16.57 2.97 -9.23
CA LYS A 79 16.68 4.13 -10.12
C LYS A 79 15.66 5.20 -9.75
N TRP A 80 14.51 4.75 -9.23
CA TRP A 80 13.46 5.65 -8.81
C TRP A 80 13.97 6.60 -7.73
N TYR A 81 14.67 6.05 -6.76
CA TYR A 81 15.23 6.83 -5.67
C TYR A 81 16.45 7.64 -6.13
N ALA A 82 17.29 7.01 -6.94
CA ALA A 82 18.50 7.67 -7.46
C ALA A 82 18.15 8.94 -8.22
N GLY A 83 17.00 8.94 -8.89
CA GLY A 83 16.56 10.09 -9.64
C GLY A 83 15.60 10.97 -8.86
N LEU A 84 15.65 10.86 -7.53
CA LEU A 84 14.78 11.65 -6.66
C LEU A 84 15.61 12.57 -5.77
N ASN A 85 14.92 13.48 -5.08
CA ASN A 85 15.59 14.41 -4.19
C ASN A 85 15.69 13.81 -2.80
N TYR A 86 16.34 14.54 -1.89
CA TYR A 86 16.55 14.11 -0.51
C TYR A 86 17.53 12.94 -0.43
N PRO A 87 18.84 13.22 -0.61
CA PRO A 87 19.88 12.20 -0.56
C PRO A 87 20.18 11.74 0.87
N LYS A 88 19.48 12.35 1.83
CA LYS A 88 19.66 12.00 3.23
C LYS A 88 18.59 11.02 3.69
N LEU A 89 17.68 10.68 2.78
CA LEU A 89 16.60 9.76 3.09
C LEU A 89 17.12 8.32 3.18
N PRO A 90 17.06 7.72 4.37
CA PRO A 90 17.52 6.35 4.60
C PRO A 90 16.51 5.32 4.10
N VAL A 91 16.47 5.12 2.78
CA VAL A 91 15.54 4.18 2.19
C VAL A 91 16.19 2.80 2.04
N VAL A 92 15.60 1.81 2.70
CA VAL A 92 16.09 0.44 2.66
C VAL A 92 15.24 -0.38 1.69
N THR A 93 15.88 -1.32 1.01
CA THR A 93 15.19 -2.17 0.05
C THR A 93 15.04 -3.59 0.58
N ASP A 94 13.80 -4.03 0.77
CA ASP A 94 13.52 -5.37 1.26
C ASP A 94 12.96 -6.24 0.14
N ASN A 95 13.83 -7.00 -0.51
CA ASN A 95 13.44 -7.86 -1.63
C ASN A 95 12.54 -9.00 -1.18
N GLY A 96 11.29 -8.96 -1.61
CA GLY A 96 10.34 -9.99 -1.25
C GLY A 96 9.46 -9.59 -0.09
N GLY A 97 9.79 -8.47 0.54
CA GLY A 97 9.01 -7.98 1.67
C GLY A 97 9.12 -8.89 2.87
N THR A 98 10.36 -9.22 3.25
CA THR A 98 10.60 -10.09 4.38
C THR A 98 10.05 -9.50 5.67
N ILE A 99 10.32 -8.22 5.90
CA ILE A 99 9.85 -7.53 7.09
C ILE A 99 8.36 -7.24 6.97
N ALA A 100 7.96 -6.80 5.79
CA ALA A 100 6.56 -6.47 5.51
C ALA A 100 5.66 -7.68 5.73
N GLN A 101 6.08 -8.84 5.24
CA GLN A 101 5.29 -10.07 5.39
C GLN A 101 5.28 -10.55 6.84
N SER A 102 6.39 -10.38 7.52
CA SER A 102 6.52 -10.80 8.91
C SER A 102 5.58 -10.03 9.84
N LEU A 103 5.35 -8.76 9.52
CA LEU A 103 4.46 -7.93 10.33
C LEU A 103 3.09 -7.81 9.69
N ASN A 104 2.95 -8.41 8.50
CA ASN A 104 1.71 -8.38 7.74
C ASN A 104 1.32 -6.95 7.39
N ILE A 105 2.18 -6.30 6.64
CA ILE A 105 1.96 -4.92 6.22
C ILE A 105 1.39 -4.86 4.81
N SER A 106 0.10 -4.56 4.71
CA SER A 106 -0.58 -4.46 3.43
C SER A 106 -1.11 -3.04 3.20
N VAL A 107 -0.65 -2.10 4.02
CA VAL A 107 -1.08 -0.72 3.92
C VAL A 107 0.05 0.23 4.32
N TYR A 108 0.05 1.42 3.73
CA TYR A 108 1.07 2.43 4.04
C TYR A 108 0.38 3.71 4.49
N PRO A 109 1.05 4.54 5.30
CA PRO A 109 2.40 4.28 5.80
C PRO A 109 2.37 3.51 7.12
N SER A 110 3.11 2.41 7.18
CA SER A 110 3.18 1.61 8.37
C SER A 110 4.41 1.99 9.19
N TRP A 111 4.21 2.11 10.50
CA TRP A 111 5.29 2.46 11.41
C TRP A 111 5.60 1.29 12.34
N ALA A 112 6.77 0.70 12.16
CA ALA A 112 7.19 -0.42 12.98
C ALA A 112 8.17 0.04 14.05
N LEU A 113 7.72 0.02 15.29
CA LEU A 113 8.54 0.43 16.41
C LEU A 113 9.30 -0.76 17.00
N ILE A 114 10.61 -0.74 16.85
CA ILE A 114 11.46 -1.80 17.36
C ILE A 114 12.08 -1.34 18.68
N GLY A 115 12.14 -2.24 19.65
CA GLY A 115 12.69 -1.90 20.94
C GLY A 115 14.21 -1.89 20.94
N LYS A 116 14.78 -1.45 22.05
CA LYS A 116 16.24 -1.37 22.20
C LYS A 116 16.88 -2.76 22.18
N ASP A 117 16.06 -3.78 22.33
CA ASP A 117 16.54 -5.16 22.35
C ASP A 117 16.62 -5.72 20.92
N GLY A 118 15.91 -5.09 20.00
CA GLY A 118 15.91 -5.54 18.62
C GLY A 118 14.63 -6.26 18.27
N ASP A 119 13.73 -6.37 19.22
CA ASP A 119 12.45 -7.01 19.02
C ASP A 119 11.37 -5.98 18.70
N VAL A 120 10.29 -6.41 18.07
CA VAL A 120 9.21 -5.52 17.70
C VAL A 120 8.39 -5.12 18.92
N GLN A 121 8.35 -3.83 19.21
CA GLN A 121 7.61 -3.31 20.34
C GLN A 121 6.14 -3.09 19.98
N ARG A 122 5.92 -2.37 18.89
CA ARG A 122 4.56 -2.08 18.44
C ARG A 122 4.53 -1.77 16.95
N ILE A 123 3.48 -2.24 16.28
CA ILE A 123 3.31 -1.99 14.85
C ILE A 123 2.06 -1.15 14.60
N VAL A 124 2.25 0.03 14.02
CA VAL A 124 1.14 0.92 13.74
C VAL A 124 0.84 0.96 12.24
N LYS A 125 -0.37 0.59 11.87
CA LYS A 125 -0.79 0.59 10.48
C LYS A 125 -2.07 1.39 10.29
N GLY A 126 -2.02 2.37 9.39
CA GLY A 126 -3.19 3.19 9.12
C GLY A 126 -2.82 4.64 8.88
N SER A 127 -2.91 5.46 9.91
CA SER A 127 -2.58 6.86 9.81
C SER A 127 -2.30 7.44 11.19
N ILE A 128 -1.27 8.26 11.30
CA ILE A 128 -0.92 8.87 12.58
C ILE A 128 -0.93 10.39 12.47
N ASN A 129 -1.23 11.04 13.59
CA ASN A 129 -1.27 12.49 13.65
C ASN A 129 -0.17 13.01 14.56
N GLU A 130 -0.02 14.34 14.62
CA GLU A 130 1.00 14.97 15.44
C GLU A 130 0.87 14.60 16.91
N ALA A 131 -0.37 14.65 17.42
CA ALA A 131 -0.63 14.31 18.81
C ALA A 131 -0.18 12.89 19.12
N GLN A 132 -0.45 11.97 18.20
CA GLN A 132 -0.06 10.58 18.34
C GLN A 132 1.46 10.44 18.35
N ALA A 133 2.12 11.14 17.43
CA ALA A 133 3.56 11.09 17.32
C ALA A 133 4.22 11.57 18.62
N LEU A 134 3.71 12.66 19.15
CA LEU A 134 4.22 13.22 20.39
C LEU A 134 3.89 12.31 21.58
N ALA A 135 2.74 11.65 21.52
CA ALA A 135 2.31 10.74 22.58
C ALA A 135 3.22 9.51 22.62
N LEU A 136 3.59 9.04 21.43
CA LEU A 136 4.47 7.88 21.31
C LEU A 136 5.83 8.17 21.95
N ILE A 137 6.27 9.42 21.85
CA ILE A 137 7.54 9.83 22.43
C ILE A 137 7.45 9.77 23.95
N ARG A 138 6.26 10.03 24.47
CA ARG A 138 6.02 9.99 25.91
C ARG A 138 5.82 8.55 26.39
N ASP A 139 4.80 7.90 25.87
CA ASP A 139 4.50 6.53 26.25
C ASP A 139 4.37 5.66 25.01
N PRO A 140 5.25 4.65 24.87
CA PRO A 140 5.24 3.74 23.73
C PRO A 140 4.04 2.80 23.74
N ASN A 141 3.24 2.88 24.78
CA ASN A 141 2.06 2.04 24.92
C ASN A 141 0.82 2.76 24.41
N ALA A 142 1.00 4.01 24.01
CA ALA A 142 -0.10 4.82 23.51
C ALA A 142 -0.55 4.29 22.16
N ASP A 143 -1.78 3.84 22.10
CA ASP A 143 -2.35 3.29 20.87
C ASP A 143 -3.60 4.05 20.46
N LEU A 144 -3.97 3.93 19.19
CA LEU A 144 -5.13 4.61 18.61
C LEU A 144 -5.28 6.05 19.08
N MET B 1 -19.13 -4.29 9.02
CA MET B 1 -20.61 -4.39 8.99
C MET B 1 -21.25 -3.22 9.74
N ALA B 2 -20.84 -3.03 10.98
CA ALA B 2 -21.39 -1.96 11.81
C ALA B 2 -20.93 -0.57 11.36
N LEU B 3 -19.64 -0.31 11.48
CA LEU B 3 -19.10 0.99 11.09
C LEU B 3 -18.76 1.05 9.60
N ASP B 4 -17.59 0.53 9.24
CA ASP B 4 -17.11 0.53 7.85
C ASP B 4 -16.95 1.95 7.33
N ALA B 5 -16.33 2.79 8.15
CA ALA B 5 -16.09 4.18 7.80
C ALA B 5 -14.81 4.67 8.45
N ASN B 6 -14.19 5.68 7.83
CA ASN B 6 -12.95 6.27 8.33
C ASN B 6 -11.77 5.30 8.26
N ASP B 7 -10.70 5.62 8.98
CA ASP B 7 -9.50 4.79 8.99
C ASP B 7 -9.47 3.88 10.22
N LEU B 8 -10.65 3.51 10.70
CA LEU B 8 -10.74 2.66 11.88
C LEU B 8 -10.82 1.19 11.49
N LEU B 9 -10.47 0.90 10.23
CA LEU B 9 -10.50 -0.47 9.73
C LEU B 9 -9.45 -0.66 8.64
N PRO B 10 -8.74 -1.79 8.67
CA PRO B 10 -7.69 -2.10 7.69
C PRO B 10 -8.24 -2.23 6.26
N PRO B 11 -7.42 -1.92 5.25
CA PRO B 11 -7.81 -1.99 3.83
C PRO B 11 -8.38 -3.35 3.44
N GLU B 12 -7.83 -4.42 3.99
CA GLU B 12 -8.29 -5.78 3.69
C GLU B 12 -9.70 -6.04 4.23
N LYS B 13 -10.25 -5.06 4.94
CA LYS B 13 -11.58 -5.17 5.49
C LYS B 13 -12.39 -3.91 5.17
N ALA B 14 -11.79 -3.04 4.36
CA ALA B 14 -12.43 -1.78 3.99
C ALA B 14 -13.02 -1.85 2.58
N PHE B 15 -12.84 -2.99 1.92
CA PHE B 15 -13.35 -3.17 0.57
C PHE B 15 -14.05 -4.51 0.43
N VAL B 16 -15.27 -4.49 -0.10
CA VAL B 16 -16.03 -5.71 -0.31
C VAL B 16 -16.22 -5.93 -1.80
N PRO B 17 -15.30 -6.67 -2.44
CA PRO B 17 -15.37 -6.94 -3.88
C PRO B 17 -16.53 -7.85 -4.25
N GLU B 18 -17.56 -7.26 -4.84
CA GLU B 18 -18.74 -8.02 -5.28
C GLU B 18 -18.55 -8.45 -6.73
N LEU B 19 -18.14 -9.69 -6.93
CA LEU B 19 -17.93 -10.21 -8.27
C LEU B 19 -19.21 -10.81 -8.83
N ALA B 20 -19.87 -10.08 -9.71
CA ALA B 20 -21.09 -10.55 -10.33
C ALA B 20 -20.87 -10.83 -11.82
N VAL B 21 -20.73 -12.11 -12.14
CA VAL B 21 -20.52 -12.51 -13.53
C VAL B 21 -21.85 -12.76 -14.23
N ALA B 22 -22.10 -12.01 -15.29
CA ALA B 22 -23.33 -12.15 -16.04
C ALA B 22 -23.08 -12.95 -17.31
N ASP B 23 -24.11 -13.09 -18.14
CA ASP B 23 -23.99 -13.84 -19.37
C ASP B 23 -23.34 -13.02 -20.47
N ASP B 24 -23.62 -11.72 -20.49
CA ASP B 24 -23.08 -10.81 -21.50
C ASP B 24 -21.67 -10.35 -21.15
N GLY B 25 -21.42 -10.16 -19.87
CA GLY B 25 -20.12 -9.71 -19.42
C GLY B 25 -19.95 -9.83 -17.92
N VAL B 26 -18.80 -9.42 -17.42
CA VAL B 26 -18.51 -9.48 -16.00
C VAL B 26 -18.65 -8.09 -15.39
N ASN B 27 -19.31 -8.00 -14.24
CA ASN B 27 -19.49 -6.73 -13.57
C ASN B 27 -18.94 -6.78 -12.15
N VAL B 28 -17.90 -6.00 -11.90
CA VAL B 28 -17.28 -5.96 -10.59
C VAL B 28 -17.73 -4.73 -9.82
N ARG B 29 -18.32 -4.94 -8.65
CA ARG B 29 -18.79 -3.85 -7.82
C ARG B 29 -18.18 -3.93 -6.43
N PHE B 30 -16.96 -3.47 -6.30
CA PHE B 30 -16.28 -3.49 -5.01
C PHE B 30 -16.78 -2.38 -4.11
N ARG B 31 -17.47 -2.77 -3.05
CA ARG B 31 -18.03 -1.81 -2.10
C ARG B 31 -16.93 -1.20 -1.24
N ILE B 32 -16.71 0.09 -1.44
CA ILE B 32 -15.67 0.81 -0.72
C ILE B 32 -16.23 1.41 0.58
N ALA B 33 -15.46 1.27 1.65
CA ALA B 33 -15.86 1.82 2.95
C ALA B 33 -15.84 3.34 2.88
N ASP B 34 -16.70 3.98 3.64
CA ASP B 34 -16.78 5.43 3.65
C ASP B 34 -15.57 6.07 4.31
N GLY B 35 -14.58 6.39 3.50
CA GLY B 35 -13.36 7.00 4.02
C GLY B 35 -12.18 6.75 3.10
N TYR B 36 -12.31 5.71 2.28
CA TYR B 36 -11.25 5.35 1.34
C TYR B 36 -11.68 5.75 -0.06
N TYR B 37 -10.72 6.00 -0.94
CA TYR B 37 -11.01 6.38 -2.30
C TYR B 37 -9.97 5.83 -3.27
N MET B 38 -10.42 5.35 -4.42
CA MET B 38 -9.52 4.79 -5.42
C MET B 38 -9.46 5.69 -6.65
N TYR B 39 -8.41 5.55 -7.42
CA TYR B 39 -8.23 6.35 -8.63
C TYR B 39 -8.61 5.52 -9.86
N GLN B 40 -9.50 6.07 -10.69
CA GLN B 40 -9.97 5.36 -11.88
C GLN B 40 -8.83 5.00 -12.83
N ALA B 41 -7.79 5.83 -12.84
CA ALA B 41 -6.64 5.60 -13.70
C ALA B 41 -5.64 4.64 -13.05
N LYS B 42 -6.00 4.13 -11.88
CA LYS B 42 -5.14 3.22 -11.15
C LYS B 42 -5.77 1.84 -11.00
N ILE B 43 -7.09 1.77 -11.14
CA ILE B 43 -7.81 0.52 -11.01
C ILE B 43 -7.64 -0.33 -12.27
N VAL B 44 -6.69 -1.25 -12.23
CA VAL B 44 -6.42 -2.13 -13.36
C VAL B 44 -7.23 -3.41 -13.24
N GLY B 45 -8.23 -3.55 -14.09
CA GLY B 45 -9.05 -4.74 -14.07
C GLY B 45 -9.28 -5.28 -15.46
N LYS B 46 -9.23 -6.60 -15.61
CA LYS B 46 -9.45 -7.22 -16.91
C LYS B 46 -9.79 -8.70 -16.75
N THR B 47 -10.64 -9.20 -17.63
CA THR B 47 -11.04 -10.60 -17.60
C THR B 47 -11.17 -11.12 -19.04
N ASN B 48 -10.46 -12.21 -19.33
CA ASN B 48 -10.48 -12.81 -20.66
C ASN B 48 -9.61 -14.07 -20.72
N PRO B 49 -9.81 -14.92 -21.74
CA PRO B 49 -9.01 -16.14 -21.92
C PRO B 49 -7.60 -15.80 -22.42
N ALA B 50 -7.54 -15.23 -23.62
CA ALA B 50 -6.27 -14.84 -24.22
C ALA B 50 -6.34 -13.39 -24.69
N ASP B 51 -6.62 -12.49 -23.76
CA ASP B 51 -6.74 -11.06 -24.03
C ASP B 51 -7.87 -10.75 -25.01
N LEU B 52 -8.94 -11.53 -24.93
CA LEU B 52 -10.10 -11.33 -25.79
C LEU B 52 -11.10 -10.40 -25.12
N LEU B 53 -10.64 -9.22 -24.76
CA LEU B 53 -11.47 -8.23 -24.11
C LEU B 53 -11.49 -6.95 -24.92
N GLY B 54 -12.63 -6.26 -24.92
CA GLY B 54 -12.75 -5.02 -25.66
C GLY B 54 -12.08 -3.87 -24.92
N GLN B 55 -12.75 -3.38 -23.88
CA GLN B 55 -12.23 -2.29 -23.09
C GLN B 55 -12.95 -2.23 -21.75
N PRO B 56 -12.23 -1.89 -20.66
CA PRO B 56 -12.82 -1.80 -19.31
C PRO B 56 -13.85 -0.69 -19.25
N SER B 57 -15.12 -1.07 -19.16
CA SER B 57 -16.21 -0.10 -19.10
C SER B 57 -16.39 0.40 -17.66
N PHE B 58 -15.93 1.61 -17.41
CA PHE B 58 -16.04 2.22 -16.09
C PHE B 58 -17.37 2.95 -15.97
N SER B 59 -17.81 3.17 -14.74
CA SER B 59 -19.07 3.87 -14.51
C SER B 59 -18.84 5.36 -14.35
N LYS B 60 -17.57 5.74 -14.16
CA LYS B 60 -17.18 7.14 -14.00
C LYS B 60 -17.61 7.72 -12.65
N GLY B 61 -16.65 8.30 -11.94
CA GLY B 61 -16.95 8.89 -10.65
C GLY B 61 -16.78 10.39 -10.65
N GLU B 62 -16.10 10.92 -9.65
CA GLU B 62 -15.88 12.35 -9.54
C GLU B 62 -14.40 12.68 -9.62
N GLU B 63 -14.07 13.76 -10.30
CA GLU B 63 -12.69 14.19 -10.45
C GLU B 63 -12.21 14.87 -9.18
N LYS B 64 -11.15 14.34 -8.58
CA LYS B 64 -10.59 14.88 -7.35
C LYS B 64 -9.39 15.76 -7.66
N GLU B 65 -9.28 16.89 -6.96
CA GLU B 65 -8.16 17.78 -7.14
C GLU B 65 -6.96 17.22 -6.40
N ASP B 66 -5.78 17.35 -6.99
CA ASP B 66 -4.57 16.84 -6.37
C ASP B 66 -3.40 17.75 -6.65
N GLU B 67 -2.28 17.50 -5.99
CA GLU B 67 -1.08 18.31 -6.16
C GLU B 67 0.00 17.53 -6.90
N PHE B 68 -0.06 16.21 -6.82
CA PHE B 68 0.91 15.34 -7.49
C PHE B 68 0.30 14.75 -8.75
N PHE B 69 -0.93 14.27 -8.62
CA PHE B 69 -1.63 13.68 -9.75
C PHE B 69 -2.42 14.74 -10.52
N GLY B 70 -2.49 15.94 -9.95
CA GLY B 70 -3.20 17.03 -10.58
C GLY B 70 -4.69 16.94 -10.38
N ARG B 71 -5.34 16.07 -11.13
CA ARG B 71 -6.78 15.87 -11.03
C ARG B 71 -7.22 14.72 -11.91
N GLN B 72 -7.77 13.69 -11.28
CA GLN B 72 -8.23 12.50 -11.99
C GLN B 72 -9.54 11.99 -11.37
N THR B 73 -10.25 11.16 -12.12
CA THR B 73 -11.51 10.60 -11.65
C THR B 73 -11.26 9.60 -10.53
N VAL B 74 -11.95 9.79 -9.41
CA VAL B 74 -11.80 8.90 -8.26
C VAL B 74 -13.15 8.36 -7.79
N TYR B 75 -13.08 7.28 -7.02
CA TYR B 75 -14.26 6.64 -6.45
C TYR B 75 -14.14 6.70 -4.94
N HIS B 76 -15.17 7.19 -4.27
CA HIS B 76 -15.13 7.33 -2.81
C HIS B 76 -16.10 6.39 -2.10
N HIS B 77 -16.88 5.66 -2.88
CA HIS B 77 -17.84 4.71 -2.34
C HIS B 77 -18.49 3.97 -3.49
N GLU B 78 -18.70 4.68 -4.58
CA GLU B 78 -19.31 4.14 -5.77
C GLU B 78 -18.24 3.49 -6.64
N ALA B 79 -18.42 2.22 -6.98
CA ALA B 79 -17.45 1.52 -7.80
C ALA B 79 -18.09 0.37 -8.57
N GLN B 80 -18.06 0.47 -9.89
CA GLN B 80 -18.64 -0.55 -10.75
C GLN B 80 -17.95 -0.56 -12.10
N VAL B 81 -17.43 -1.70 -12.51
CA VAL B 81 -16.75 -1.84 -13.79
C VAL B 81 -17.30 -3.03 -14.57
N ALA B 82 -17.60 -2.80 -15.84
CA ALA B 82 -18.14 -3.86 -16.69
C ALA B 82 -17.11 -4.30 -17.73
N PHE B 83 -17.05 -5.59 -18.01
CA PHE B 83 -16.10 -6.11 -18.97
C PHE B 83 -16.79 -6.82 -20.14
N PRO B 84 -16.68 -6.23 -21.34
CA PRO B 84 -17.25 -6.78 -22.57
C PRO B 84 -16.24 -7.65 -23.32
N TYR B 85 -16.60 -8.89 -23.59
CA TYR B 85 -15.73 -9.82 -24.29
C TYR B 85 -15.67 -9.48 -25.78
N ALA B 86 -14.52 -9.74 -26.39
CA ALA B 86 -14.34 -9.49 -27.81
C ALA B 86 -14.65 -10.77 -28.59
N LYS B 87 -14.94 -11.83 -27.86
CA LYS B 87 -15.26 -13.11 -28.46
C LYS B 87 -16.16 -13.92 -27.53
N ALA B 88 -17.31 -14.33 -28.04
CA ALA B 88 -18.25 -15.12 -27.24
C ALA B 88 -17.91 -16.60 -27.33
N VAL B 89 -17.07 -17.06 -26.40
CA VAL B 89 -16.65 -18.45 -26.37
C VAL B 89 -16.91 -19.05 -24.98
N GLY B 90 -17.23 -20.33 -24.96
CA GLY B 90 -17.50 -21.01 -23.70
C GLY B 90 -16.24 -21.51 -23.03
N GLU B 91 -15.24 -20.63 -22.95
CA GLU B 91 -13.97 -20.97 -22.33
C GLU B 91 -13.85 -20.28 -20.98
N PRO B 92 -13.21 -20.93 -20.00
CA PRO B 92 -13.04 -20.35 -18.66
C PRO B 92 -11.99 -19.24 -18.68
N TYR B 93 -12.41 -18.02 -18.38
CA TYR B 93 -11.51 -16.89 -18.37
C TYR B 93 -11.06 -16.53 -16.96
N LYS B 94 -10.02 -15.72 -16.87
CA LYS B 94 -9.49 -15.30 -15.59
C LYS B 94 -9.80 -13.82 -15.36
N LEU B 95 -9.93 -13.44 -14.10
CA LEU B 95 -10.23 -12.05 -13.76
C LEU B 95 -9.12 -11.47 -12.88
N VAL B 96 -8.44 -10.46 -13.40
CA VAL B 96 -7.35 -9.81 -12.67
C VAL B 96 -7.81 -8.43 -12.23
N LEU B 97 -7.69 -8.14 -10.94
CA LEU B 97 -8.11 -6.84 -10.41
C LEU B 97 -7.04 -6.24 -9.48
N THR B 98 -6.57 -5.06 -9.83
CA THR B 98 -5.58 -4.35 -9.03
C THR B 98 -6.23 -3.15 -8.36
N TYR B 99 -6.23 -3.13 -7.03
CA TYR B 99 -6.85 -2.05 -6.29
C TYR B 99 -5.81 -1.04 -5.80
N GLN B 100 -5.81 0.15 -6.39
CA GLN B 100 -4.90 1.20 -5.99
C GLN B 100 -5.65 2.47 -5.61
N GLY B 101 -5.50 2.89 -4.37
CA GLY B 101 -6.16 4.09 -3.92
C GLY B 101 -5.52 4.65 -2.67
N SER B 102 -6.26 5.48 -1.96
CA SER B 102 -5.79 6.10 -0.74
C SER B 102 -6.97 6.37 0.17
N ALA B 103 -6.74 7.07 1.27
CA ALA B 103 -7.80 7.40 2.20
C ALA B 103 -7.77 8.88 2.55
N GLU B 104 -8.93 9.46 2.79
CA GLU B 104 -9.06 10.88 3.12
C GLU B 104 -8.52 11.17 4.53
N ALA B 105 -7.93 10.17 5.16
CA ALA B 105 -7.38 10.32 6.49
C ALA B 105 -5.84 10.36 6.44
N GLY B 106 -5.30 10.36 5.22
CA GLY B 106 -3.84 10.40 5.07
C GLY B 106 -3.24 9.05 4.75
N VAL B 107 -4.07 8.01 4.81
CA VAL B 107 -3.62 6.65 4.52
C VAL B 107 -3.41 6.46 3.03
N CYS B 108 -2.38 5.71 2.67
CA CYS B 108 -2.08 5.45 1.27
C CYS B 108 -1.59 4.01 1.10
N TYR B 109 -2.53 3.09 0.95
CA TYR B 109 -2.20 1.68 0.80
C TYR B 109 -1.64 1.38 -0.59
N PRO B 110 -0.81 0.33 -0.68
CA PRO B 110 -0.20 -0.09 -1.96
C PRO B 110 -1.26 -0.70 -2.90
N PRO B 111 -0.92 -0.85 -4.19
CA PRO B 111 -1.84 -1.41 -5.18
C PRO B 111 -2.00 -2.93 -5.05
N VAL B 112 -2.63 -3.36 -3.96
CA VAL B 112 -2.85 -4.78 -3.72
C VAL B 112 -3.76 -5.36 -4.81
N ASP B 113 -3.25 -6.35 -5.53
CA ASP B 113 -4.01 -6.99 -6.59
C ASP B 113 -4.48 -8.38 -6.20
N THR B 114 -5.57 -8.82 -6.80
CA THR B 114 -6.12 -10.13 -6.53
C THR B 114 -6.53 -10.80 -7.85
N GLU B 115 -6.26 -12.09 -7.97
CA GLU B 115 -6.61 -12.84 -9.17
C GLU B 115 -7.77 -13.78 -8.89
N PHE B 116 -8.83 -13.65 -9.68
CA PHE B 116 -10.01 -14.49 -9.53
C PHE B 116 -10.16 -15.43 -10.71
N ASP B 117 -10.61 -16.65 -10.44
CA ASP B 117 -10.80 -17.64 -11.49
C ASP B 117 -12.28 -17.77 -11.80
N ILE B 118 -12.65 -17.53 -13.05
CA ILE B 118 -14.04 -17.62 -13.45
C ILE B 118 -14.35 -19.00 -14.03
N PHE B 119 -14.74 -19.92 -13.17
CA PHE B 119 -15.07 -21.27 -13.60
C PHE B 119 -16.57 -21.43 -13.83
N GLY B 120 -17.36 -20.75 -13.01
CA GLY B 120 -18.81 -20.83 -13.14
C GLY B 120 -19.51 -20.92 -11.80
N ASN B 121 -19.33 -19.89 -10.98
CA ASN B 121 -19.94 -19.87 -9.65
C ASN B 121 -20.88 -18.66 -9.52
N GLY B 122 -20.96 -17.85 -10.56
CA GLY B 122 -21.80 -16.67 -10.53
C GLY B 122 -21.17 -15.56 -9.73
N THR B 123 -21.23 -15.68 -8.41
CA THR B 123 -20.66 -14.71 -7.51
C THR B 123 -19.34 -15.22 -6.96
N TYR B 124 -18.36 -14.33 -6.85
CA TYR B 124 -17.06 -14.70 -6.33
C TYR B 124 -16.64 -13.72 -5.24
N HIS B 125 -15.67 -14.14 -4.43
CA HIS B 125 -15.16 -13.32 -3.34
C HIS B 125 -13.69 -13.63 -3.12
N PRO B 126 -12.89 -12.62 -2.72
CA PRO B 126 -11.45 -12.80 -2.48
C PRO B 126 -11.16 -13.78 -1.35
N GLN B 127 -10.43 -14.83 -1.67
CA GLN B 127 -10.06 -15.85 -0.70
C GLN B 127 -8.85 -15.39 0.10
N THR B 128 -9.01 -14.30 0.83
CA THR B 128 -7.95 -13.73 1.63
C THR B 128 -8.40 -13.57 3.07
N MET A 1 14.85 -15.82 16.78
CA MET A 1 15.10 -14.51 16.13
C MET A 1 16.17 -14.65 15.07
N VAL A 2 16.06 -13.84 14.01
CA VAL A 2 17.02 -13.87 12.93
C VAL A 2 17.68 -12.51 12.71
N PRO A 3 18.72 -12.20 13.50
CA PRO A 3 19.44 -10.93 13.39
C PRO A 3 20.16 -10.80 12.05
N HIS A 4 20.48 -11.94 11.45
CA HIS A 4 21.17 -11.97 10.17
C HIS A 4 20.31 -11.31 9.09
N THR A 5 19.03 -11.68 9.04
CA THR A 5 18.11 -11.17 8.05
C THR A 5 17.97 -9.65 8.15
N LEU A 6 17.88 -9.16 9.39
CA LEU A 6 17.75 -7.72 9.63
C LEU A 6 18.99 -6.97 9.15
N SER A 7 20.15 -7.63 9.26
CA SER A 7 21.41 -7.02 8.84
C SER A 7 21.60 -7.17 7.34
N THR A 8 20.98 -8.17 6.74
CA THR A 8 21.08 -8.41 5.31
C THR A 8 20.43 -7.28 4.52
N LEU A 9 19.46 -6.62 5.15
CA LEU A 9 18.76 -5.50 4.53
C LEU A 9 19.74 -4.42 4.07
N LYS A 10 19.63 -4.03 2.82
CA LYS A 10 20.50 -3.01 2.25
C LYS A 10 19.72 -1.77 1.87
N THR A 11 20.35 -0.62 1.95
CA THR A 11 19.72 0.63 1.60
C THR A 11 19.92 0.93 0.11
N ALA A 12 19.31 2.00 -0.37
CA ALA A 12 19.42 2.39 -1.77
C ALA A 12 20.86 2.80 -2.09
N ASP A 13 21.63 3.13 -1.06
CA ASP A 13 23.02 3.53 -1.23
C ASP A 13 23.91 2.28 -1.17
N ASN A 14 23.27 1.11 -1.18
CA ASN A 14 23.97 -0.18 -1.13
C ASN A 14 24.71 -0.36 0.19
N ARG A 15 24.18 0.22 1.24
CA ARG A 15 24.78 0.12 2.56
C ARG A 15 23.89 -0.71 3.48
N PRO A 16 24.47 -1.61 4.29
CA PRO A 16 23.71 -2.45 5.21
C PRO A 16 22.89 -1.61 6.18
N ALA A 17 21.67 -2.05 6.46
CA ALA A 17 20.77 -1.33 7.36
C ALA A 17 21.31 -1.29 8.79
N SER A 18 22.36 -2.05 9.05
CA SER A 18 22.98 -2.10 10.37
C SER A 18 23.48 -0.72 10.81
N VAL A 19 23.64 0.17 9.84
CA VAL A 19 24.11 1.54 10.13
C VAL A 19 23.11 2.28 11.01
N TYR A 20 21.90 1.74 11.10
CA TYR A 20 20.85 2.32 11.92
C TYR A 20 20.28 1.26 12.86
N LEU A 21 21.08 0.23 13.13
CA LEU A 21 20.65 -0.85 14.00
C LEU A 21 21.72 -1.19 15.02
N LYS A 22 22.55 -0.20 15.37
CA LYS A 22 23.61 -0.43 16.33
C LYS A 22 23.46 0.44 17.57
N LYS A 23 24.35 0.21 18.54
CA LYS A 23 24.38 0.96 19.79
C LYS A 23 23.19 0.65 20.70
N ASP A 24 22.47 -0.44 20.39
CA ASP A 24 21.30 -0.85 21.18
C ASP A 24 20.29 0.29 21.29
N LYS A 25 19.93 0.86 20.15
CA LYS A 25 18.99 1.96 20.11
C LYS A 25 17.69 1.55 19.43
N PRO A 26 16.55 2.05 19.92
CA PRO A 26 15.23 1.76 19.35
C PRO A 26 15.17 2.19 17.88
N THR A 27 14.64 1.32 17.04
CA THR A 27 14.55 1.61 15.63
C THR A 27 13.11 1.90 15.21
N LEU A 28 12.96 2.83 14.28
CA LEU A 28 11.64 3.20 13.78
C LEU A 28 11.58 2.96 12.29
N ILE A 29 11.03 1.82 11.91
CA ILE A 29 10.93 1.45 10.50
C ILE A 29 9.63 1.97 9.89
N LYS A 30 9.75 2.91 8.97
CA LYS A 30 8.59 3.47 8.32
C LYS A 30 8.49 2.97 6.89
N PHE A 31 7.38 2.31 6.58
CA PHE A 31 7.14 1.80 5.24
C PHE A 31 6.42 2.84 4.40
N TRP A 32 6.97 3.13 3.22
CA TRP A 32 6.38 4.11 2.32
C TRP A 32 6.04 3.49 0.98
N ALA A 33 5.39 4.26 0.12
CA ALA A 33 5.01 3.80 -1.21
C ALA A 33 5.55 4.74 -2.27
N SER A 34 6.05 4.17 -3.36
CA SER A 34 6.65 4.95 -4.44
C SER A 34 5.58 5.60 -5.33
N TRP A 35 4.59 4.83 -5.75
CA TRP A 35 3.54 5.33 -6.64
C TRP A 35 2.37 5.95 -5.88
N CYS A 36 2.63 6.50 -4.71
CA CYS A 36 1.58 7.12 -3.91
C CYS A 36 1.86 8.59 -3.67
N PRO A 37 0.89 9.47 -4.00
CA PRO A 37 1.03 10.92 -3.82
C PRO A 37 1.18 11.31 -2.35
N LEU A 38 0.37 10.71 -1.49
CA LEU A 38 0.42 10.99 -0.05
C LEU A 38 1.77 10.63 0.54
N CYS A 39 2.28 9.46 0.17
CA CYS A 39 3.56 8.98 0.65
C CYS A 39 4.71 9.84 0.12
N LEU A 40 4.53 10.42 -1.05
CA LEU A 40 5.55 11.26 -1.66
C LEU A 40 5.81 12.50 -0.80
N SER A 41 4.73 13.12 -0.33
CA SER A 41 4.83 14.29 0.52
C SER A 41 5.38 13.92 1.89
N GLU A 42 5.07 12.70 2.33
CA GLU A 42 5.53 12.21 3.63
C GLU A 42 7.06 12.09 3.65
N LEU A 43 7.65 11.86 2.48
CA LEU A 43 9.10 11.73 2.36
C LEU A 43 9.82 12.98 2.86
N GLY A 44 9.28 14.15 2.50
CA GLY A 44 9.87 15.40 2.93
C GLY A 44 9.82 15.54 4.44
N GLN A 45 8.68 15.20 5.02
CA GLN A 45 8.50 15.28 6.46
C GLN A 45 9.41 14.27 7.16
N THR A 46 9.62 13.13 6.52
CA THR A 46 10.47 12.09 7.07
C THR A 46 11.91 12.58 7.24
N GLU A 47 12.44 13.23 6.22
CA GLU A 47 13.81 13.76 6.28
C GLU A 47 13.92 14.83 7.37
N LYS A 48 12.90 15.67 7.45
CA LYS A 48 12.87 16.74 8.45
C LYS A 48 12.82 16.17 9.86
N TRP A 49 11.94 15.21 10.08
CA TRP A 49 11.78 14.58 11.38
C TRP A 49 13.03 13.81 11.79
N ALA A 50 13.70 13.22 10.81
CA ALA A 50 14.92 12.45 11.05
C ALA A 50 16.08 13.37 11.45
N GLN A 51 15.85 14.68 11.38
CA GLN A 51 16.86 15.65 11.73
C GLN A 51 16.47 16.43 12.98
N ASP A 52 15.40 15.99 13.64
CA ASP A 52 14.94 16.64 14.86
C ASP A 52 15.69 16.10 16.08
N ALA A 53 15.91 16.97 17.06
CA ALA A 53 16.63 16.60 18.28
C ALA A 53 15.93 15.51 19.08
N LYS A 54 14.60 15.51 19.06
CA LYS A 54 13.83 14.52 19.79
C LYS A 54 13.88 13.16 19.12
N PHE A 55 13.84 13.16 17.80
CA PHE A 55 13.86 11.91 17.04
C PHE A 55 15.26 11.29 16.98
N SER A 56 16.29 12.10 17.23
CA SER A 56 17.66 11.61 17.22
C SER A 56 17.94 10.62 18.35
N SER A 57 16.95 10.44 19.23
CA SER A 57 17.08 9.50 20.33
C SER A 57 16.87 8.07 19.84
N ALA A 58 16.27 7.95 18.66
CA ALA A 58 16.00 6.66 18.06
C ALA A 58 16.58 6.62 16.65
N ASN A 59 16.39 5.51 15.96
CA ASN A 59 16.90 5.35 14.60
C ASN A 59 15.73 5.26 13.61
N LEU A 60 15.44 6.37 12.94
CA LEU A 60 14.35 6.40 11.98
C LEU A 60 14.82 6.01 10.58
N ILE A 61 14.12 5.07 9.95
CA ILE A 61 14.48 4.61 8.62
C ILE A 61 13.24 4.43 7.74
N THR A 62 13.44 4.51 6.43
CA THR A 62 12.36 4.35 5.47
C THR A 62 12.57 3.08 4.66
N VAL A 63 11.75 2.07 4.90
CA VAL A 63 11.89 0.81 4.20
C VAL A 63 10.75 0.57 3.23
N ALA A 64 11.08 0.01 2.07
CA ALA A 64 10.09 -0.31 1.06
C ALA A 64 10.37 -1.71 0.52
N SER A 65 9.34 -2.41 0.10
CA SER A 65 9.49 -3.76 -0.42
C SER A 65 9.26 -3.83 -1.92
N PRO A 66 10.34 -3.81 -2.72
CA PRO A 66 10.26 -3.88 -4.18
C PRO A 66 9.53 -5.13 -4.68
N GLY A 67 8.52 -4.93 -5.51
CA GLY A 67 7.77 -6.03 -6.06
C GLY A 67 6.60 -6.47 -5.17
N PHE A 68 6.82 -6.42 -3.87
CA PHE A 68 5.81 -6.82 -2.90
C PHE A 68 4.62 -5.88 -2.94
N LEU A 69 3.42 -6.45 -2.95
CA LEU A 69 2.17 -5.68 -2.97
C LEU A 69 2.06 -4.78 -4.19
N HIS A 70 2.69 -5.21 -5.29
CA HIS A 70 2.66 -4.49 -6.56
C HIS A 70 3.52 -3.21 -6.55
N GLU A 71 4.49 -3.14 -5.63
CA GLU A 71 5.38 -1.98 -5.55
C GLU A 71 6.40 -2.03 -6.69
N LYS A 72 7.25 -1.02 -6.76
CA LYS A 72 8.29 -0.95 -7.80
C LYS A 72 9.23 -2.13 -7.66
N LYS A 73 9.39 -2.89 -8.75
CA LYS A 73 10.25 -4.06 -8.74
C LYS A 73 11.70 -3.69 -8.46
N ASP A 74 12.47 -4.67 -7.97
CA ASP A 74 13.88 -4.46 -7.65
C ASP A 74 14.64 -4.02 -8.89
N GLY A 75 15.71 -3.26 -8.68
CA GLY A 75 16.49 -2.76 -9.79
C GLY A 75 15.92 -1.44 -10.29
N ASP A 76 14.60 -1.40 -10.43
CA ASP A 76 13.92 -0.20 -10.90
C ASP A 76 13.66 0.73 -9.72
N PHE A 77 13.29 0.13 -8.59
CA PHE A 77 13.00 0.88 -7.36
C PHE A 77 14.17 1.74 -6.92
N GLN A 78 15.38 1.16 -6.92
CA GLN A 78 16.57 1.90 -6.51
C GLN A 78 16.85 3.07 -7.43
N LYS A 79 16.50 2.92 -8.71
CA LYS A 79 16.72 3.99 -9.69
C LYS A 79 15.68 5.09 -9.50
N TRP A 80 14.56 4.73 -8.89
CA TRP A 80 13.48 5.68 -8.64
C TRP A 80 13.96 6.74 -7.64
N TYR A 81 14.59 6.28 -6.57
CA TYR A 81 15.11 7.18 -5.55
C TYR A 81 16.34 7.93 -6.05
N ALA A 82 17.12 7.28 -6.91
CA ALA A 82 18.32 7.89 -7.48
C ALA A 82 17.97 9.17 -8.24
N GLY A 83 16.78 9.20 -8.82
CA GLY A 83 16.33 10.37 -9.57
C GLY A 83 15.43 11.27 -8.74
N LEU A 84 15.55 11.17 -7.42
CA LEU A 84 14.74 11.99 -6.51
C LEU A 84 15.60 12.96 -5.72
N ASN A 85 15.04 13.46 -4.63
CA ASN A 85 15.74 14.40 -3.76
C ASN A 85 15.89 13.79 -2.37
N TYR A 86 16.29 14.60 -1.40
CA TYR A 86 16.46 14.17 -0.01
C TYR A 86 17.54 13.10 0.11
N PRO A 87 18.82 13.51 0.05
CA PRO A 87 19.95 12.59 0.14
C PRO A 87 20.21 12.12 1.56
N LYS A 88 19.40 12.59 2.49
CA LYS A 88 19.53 12.23 3.89
C LYS A 88 18.45 11.22 4.28
N LEU A 89 17.70 10.77 3.30
CA LEU A 89 16.65 9.79 3.52
C LEU A 89 17.19 8.37 3.53
N PRO A 90 17.12 7.69 4.67
CA PRO A 90 17.60 6.31 4.80
C PRO A 90 16.62 5.31 4.18
N VAL A 91 16.63 5.24 2.85
CA VAL A 91 15.76 4.33 2.12
C VAL A 91 16.35 2.92 2.06
N VAL A 92 15.64 1.96 2.65
CA VAL A 92 16.07 0.57 2.67
C VAL A 92 15.27 -0.23 1.65
N THR A 93 15.94 -1.18 1.01
CA THR A 93 15.31 -2.02 0.00
C THR A 93 15.10 -3.45 0.52
N ASP A 94 13.84 -3.79 0.79
CA ASP A 94 13.50 -5.13 1.28
C ASP A 94 13.02 -6.01 0.14
N ASN A 95 13.95 -6.74 -0.47
CA ASN A 95 13.63 -7.62 -1.59
C ASN A 95 12.67 -8.73 -1.19
N GLY A 96 11.42 -8.63 -1.65
CA GLY A 96 10.43 -9.64 -1.34
C GLY A 96 9.58 -9.28 -0.14
N GLY A 97 9.97 -8.25 0.58
CA GLY A 97 9.22 -7.83 1.74
C GLY A 97 9.38 -8.80 2.89
N THR A 98 10.61 -9.05 3.29
CA THR A 98 10.91 -9.96 4.39
C THR A 98 10.35 -9.42 5.70
N ILE A 99 10.57 -8.13 5.95
CA ILE A 99 10.09 -7.50 7.16
C ILE A 99 8.60 -7.21 7.03
N ALA A 100 8.20 -6.80 5.83
CA ALA A 100 6.81 -6.47 5.54
C ALA A 100 5.90 -7.68 5.75
N GLN A 101 6.31 -8.83 5.25
CA GLN A 101 5.51 -10.04 5.38
C GLN A 101 5.49 -10.54 6.82
N SER A 102 6.61 -10.41 7.52
CA SER A 102 6.70 -10.84 8.91
C SER A 102 5.75 -10.07 9.83
N LEU A 103 5.36 -8.88 9.39
CA LEU A 103 4.44 -8.06 10.16
C LEU A 103 3.10 -7.93 9.44
N ASN A 104 2.96 -8.64 8.32
CA ASN A 104 1.75 -8.64 7.51
C ASN A 104 1.34 -7.21 7.11
N ILE A 105 2.33 -6.43 6.69
CA ILE A 105 2.09 -5.04 6.30
C ILE A 105 1.53 -4.95 4.88
N SER A 106 0.23 -4.75 4.78
CA SER A 106 -0.43 -4.63 3.49
C SER A 106 -1.09 -3.26 3.34
N VAL A 107 -0.52 -2.25 4.00
CA VAL A 107 -1.05 -0.89 3.95
C VAL A 107 0.04 0.10 4.37
N TYR A 108 -0.05 1.32 3.85
CA TYR A 108 0.90 2.37 4.17
C TYR A 108 0.15 3.64 4.54
N PRO A 109 0.76 4.53 5.32
CA PRO A 109 2.10 4.35 5.86
C PRO A 109 2.08 3.55 7.16
N SER A 110 3.06 2.69 7.33
CA SER A 110 3.15 1.86 8.53
C SER A 110 4.43 2.17 9.29
N TRP A 111 4.29 2.48 10.56
CA TRP A 111 5.41 2.80 11.41
C TRP A 111 5.67 1.64 12.38
N ALA A 112 6.75 0.91 12.17
CA ALA A 112 7.11 -0.21 13.02
C ALA A 112 8.09 0.24 14.08
N LEU A 113 7.68 0.17 15.33
CA LEU A 113 8.51 0.56 16.44
C LEU A 113 9.30 -0.62 16.97
N ILE A 114 10.61 -0.55 16.83
CA ILE A 114 11.50 -1.59 17.29
C ILE A 114 12.19 -1.14 18.58
N GLY A 115 12.26 -2.05 19.56
CA GLY A 115 12.86 -1.72 20.83
C GLY A 115 14.37 -1.62 20.75
N LYS A 116 14.99 -1.31 21.87
CA LYS A 116 16.45 -1.17 21.93
C LYS A 116 17.16 -2.51 21.81
N ASP A 117 16.39 -3.59 21.76
CA ASP A 117 16.94 -4.93 21.65
C ASP A 117 16.89 -5.42 20.22
N GLY A 118 16.28 -4.62 19.34
CA GLY A 118 16.16 -5.01 17.95
C GLY A 118 14.95 -5.86 17.71
N ASP A 119 14.02 -5.84 18.66
CA ASP A 119 12.79 -6.62 18.57
C ASP A 119 11.60 -5.70 18.34
N VAL A 120 10.49 -6.27 17.90
CA VAL A 120 9.30 -5.48 17.64
C VAL A 120 8.66 -5.04 18.95
N GLN A 121 8.49 -3.74 19.12
CA GLN A 121 7.89 -3.20 20.33
C GLN A 121 6.44 -2.80 20.09
N ARG A 122 6.17 -2.20 18.93
CA ARG A 122 4.82 -1.77 18.59
C ARG A 122 4.70 -1.56 17.08
N ILE A 123 3.46 -1.53 16.58
CA ILE A 123 3.22 -1.34 15.17
C ILE A 123 2.04 -0.38 14.96
N VAL A 124 2.31 0.73 14.27
CA VAL A 124 1.28 1.72 14.00
C VAL A 124 1.02 1.81 12.50
N LYS A 125 -0.11 1.30 12.06
CA LYS A 125 -0.46 1.32 10.65
C LYS A 125 -1.68 2.19 10.38
N GLY A 126 -1.60 3.03 9.36
CA GLY A 126 -2.72 3.88 9.01
C GLY A 126 -2.32 5.33 8.83
N SER A 127 -2.09 6.02 9.94
CA SER A 127 -1.70 7.42 9.93
C SER A 127 -1.04 7.79 11.24
N ILE A 128 -0.27 8.87 11.23
CA ILE A 128 0.43 9.34 12.43
C ILE A 128 0.35 10.86 12.53
N ASN A 129 0.77 11.40 13.66
CA ASN A 129 0.75 12.84 13.88
C ASN A 129 1.77 13.26 14.92
N GLU A 130 1.92 14.56 15.12
CA GLU A 130 2.88 15.10 16.08
C GLU A 130 2.58 14.66 17.51
N ALA A 131 1.30 14.63 17.86
CA ALA A 131 0.87 14.22 19.20
C ALA A 131 1.35 12.82 19.52
N GLN A 132 1.15 11.91 18.57
CA GLN A 132 1.57 10.52 18.73
C GLN A 132 3.09 10.41 18.77
N ALA A 133 3.76 11.21 17.95
CA ALA A 133 5.21 11.21 17.88
C ALA A 133 5.80 11.61 19.23
N LEU A 134 5.29 12.70 19.80
CA LEU A 134 5.75 13.19 21.09
C LEU A 134 5.43 12.18 22.19
N ALA A 135 4.26 11.58 22.10
CA ALA A 135 3.83 10.59 23.09
C ALA A 135 4.71 9.35 23.05
N LEU A 136 5.05 8.91 21.84
CA LEU A 136 5.88 7.72 21.66
C LEU A 136 7.27 7.90 22.27
N ILE A 137 7.79 9.12 22.19
CA ILE A 137 9.12 9.42 22.73
C ILE A 137 9.09 9.39 24.26
N ARG A 138 7.93 9.68 24.83
CA ARG A 138 7.77 9.69 26.27
C ARG A 138 7.37 8.32 26.79
N ASP A 139 6.40 7.72 26.14
CA ASP A 139 5.91 6.40 26.53
C ASP A 139 5.68 5.52 25.30
N PRO A 140 6.51 4.49 25.13
CA PRO A 140 6.43 3.57 23.99
C PRO A 140 5.23 2.63 24.08
N ASN A 141 4.41 2.81 25.11
CA ASN A 141 3.23 1.98 25.31
C ASN A 141 2.01 2.63 24.65
N ALA A 142 2.19 3.86 24.19
CA ALA A 142 1.10 4.59 23.55
C ALA A 142 0.75 3.97 22.19
N ASP A 143 -0.54 3.76 21.98
CA ASP A 143 -1.01 3.17 20.73
C ASP A 143 -2.19 3.96 20.18
N LEU A 144 -2.17 4.18 18.87
CA LEU A 144 -3.23 4.93 18.15
C LEU A 144 -3.66 6.22 18.86
N MET B 1 -19.76 -3.74 8.67
CA MET B 1 -21.23 -3.75 8.51
C MET B 1 -21.88 -2.58 9.25
N ALA B 2 -21.67 -2.53 10.56
CA ALA B 2 -22.24 -1.48 11.39
C ALA B 2 -21.72 -0.09 11.01
N LEU B 3 -20.41 0.05 10.95
CA LEU B 3 -19.80 1.32 10.61
C LEU B 3 -19.59 1.45 9.10
N ASP B 4 -18.60 0.70 8.59
CA ASP B 4 -18.27 0.73 7.16
C ASP B 4 -17.93 2.14 6.70
N ALA B 5 -17.29 2.89 7.58
CA ALA B 5 -16.92 4.26 7.29
C ALA B 5 -15.69 4.67 8.09
N ASN B 6 -15.10 5.81 7.72
CA ASN B 6 -13.92 6.35 8.39
C ASN B 6 -12.69 5.46 8.21
N ASP B 7 -11.63 5.78 8.95
CA ASP B 7 -10.39 5.03 8.88
C ASP B 7 -10.26 4.06 10.07
N LEU B 8 -11.39 3.76 10.69
CA LEU B 8 -11.40 2.87 11.84
C LEU B 8 -11.57 1.41 11.41
N LEU B 9 -11.26 1.13 10.15
CA LEU B 9 -11.37 -0.22 9.63
C LEU B 9 -10.26 -0.51 8.62
N PRO B 10 -9.66 -1.70 8.71
CA PRO B 10 -8.57 -2.12 7.81
C PRO B 10 -9.02 -2.17 6.35
N PRO B 11 -8.09 -1.94 5.41
CA PRO B 11 -8.38 -1.94 3.97
C PRO B 11 -9.09 -3.20 3.49
N GLU B 12 -8.71 -4.36 4.03
CA GLU B 12 -9.33 -5.63 3.64
C GLU B 12 -10.79 -5.69 4.06
N LYS B 13 -11.18 -4.84 5.01
CA LYS B 13 -12.55 -4.81 5.48
C LYS B 13 -13.26 -3.56 4.96
N ALA B 14 -12.47 -2.65 4.39
CA ALA B 14 -13.00 -1.41 3.86
C ALA B 14 -13.56 -1.58 2.46
N PHE B 15 -13.33 -2.74 1.87
CA PHE B 15 -13.82 -3.01 0.52
C PHE B 15 -14.48 -4.39 0.44
N VAL B 16 -15.66 -4.42 -0.16
CA VAL B 16 -16.40 -5.65 -0.35
C VAL B 16 -16.60 -5.91 -1.85
N PRO B 17 -15.67 -6.65 -2.46
CA PRO B 17 -15.72 -6.96 -3.89
C PRO B 17 -16.80 -7.98 -4.25
N GLU B 18 -17.84 -7.49 -4.92
CA GLU B 18 -18.94 -8.33 -5.36
C GLU B 18 -18.81 -8.58 -6.85
N LEU B 19 -18.44 -9.79 -7.22
CA LEU B 19 -18.27 -10.13 -8.63
C LEU B 19 -19.53 -10.78 -9.20
N ALA B 20 -20.09 -10.15 -10.22
CA ALA B 20 -21.28 -10.66 -10.87
C ALA B 20 -21.01 -10.94 -12.35
N VAL B 21 -20.94 -12.20 -12.71
CA VAL B 21 -20.69 -12.58 -14.10
C VAL B 21 -22.01 -12.92 -14.79
N ALA B 22 -22.24 -12.31 -15.93
CA ALA B 22 -23.46 -12.55 -16.70
C ALA B 22 -23.11 -13.09 -18.08
N ASP B 23 -24.10 -13.11 -18.96
CA ASP B 23 -23.91 -13.59 -20.33
C ASP B 23 -23.27 -12.51 -21.20
N ASP B 24 -23.68 -11.27 -20.97
CA ASP B 24 -23.16 -10.14 -21.73
C ASP B 24 -21.69 -9.90 -21.41
N GLY B 25 -21.35 -10.01 -20.13
CA GLY B 25 -19.98 -9.80 -19.73
C GLY B 25 -19.80 -9.92 -18.23
N VAL B 26 -18.65 -9.52 -17.73
CA VAL B 26 -18.35 -9.58 -16.31
C VAL B 26 -18.51 -8.19 -15.69
N ASN B 27 -19.22 -8.12 -14.58
CA ASN B 27 -19.42 -6.84 -13.91
C ASN B 27 -18.91 -6.90 -12.47
N VAL B 28 -17.94 -6.05 -12.18
CA VAL B 28 -17.37 -6.00 -10.83
C VAL B 28 -17.90 -4.78 -10.08
N ARG B 29 -18.62 -5.04 -9.00
CA ARG B 29 -19.19 -3.98 -8.20
C ARG B 29 -18.73 -4.11 -6.74
N PHE B 30 -17.53 -3.60 -6.46
CA PHE B 30 -16.99 -3.66 -5.12
C PHE B 30 -17.43 -2.45 -4.31
N ARG B 31 -17.87 -2.69 -3.09
CA ARG B 31 -18.32 -1.62 -2.22
C ARG B 31 -17.15 -0.98 -1.47
N ILE B 32 -17.08 0.34 -1.55
CA ILE B 32 -16.02 1.09 -0.89
C ILE B 32 -16.55 1.72 0.39
N ALA B 33 -15.78 1.56 1.47
CA ALA B 33 -16.16 2.13 2.76
C ALA B 33 -16.21 3.64 2.67
N ASP B 34 -17.14 4.24 3.39
CA ASP B 34 -17.31 5.69 3.40
C ASP B 34 -16.13 6.38 4.06
N GLY B 35 -15.15 6.75 3.25
CA GLY B 35 -13.96 7.42 3.75
C GLY B 35 -12.75 7.12 2.91
N TYR B 36 -12.81 6.02 2.18
CA TYR B 36 -11.73 5.61 1.29
C TYR B 36 -12.09 5.98 -0.14
N TYR B 37 -11.10 6.08 -1.00
CA TYR B 37 -11.36 6.42 -2.39
C TYR B 37 -10.32 5.82 -3.33
N MET B 38 -10.80 5.27 -4.43
CA MET B 38 -9.91 4.65 -5.42
C MET B 38 -9.80 5.52 -6.66
N TYR B 39 -8.69 5.40 -7.36
CA TYR B 39 -8.47 6.18 -8.57
C TYR B 39 -8.85 5.33 -9.77
N GLN B 40 -9.71 5.87 -10.63
CA GLN B 40 -10.17 5.16 -11.82
C GLN B 40 -9.00 4.78 -12.73
N ALA B 41 -7.99 5.64 -12.76
CA ALA B 41 -6.80 5.40 -13.59
C ALA B 41 -5.84 4.44 -12.90
N LYS B 42 -6.21 3.96 -11.73
CA LYS B 42 -5.37 3.04 -10.97
C LYS B 42 -6.05 1.69 -10.80
N ILE B 43 -7.31 1.59 -11.21
CA ILE B 43 -8.05 0.35 -11.11
C ILE B 43 -7.82 -0.50 -12.35
N VAL B 44 -6.89 -1.45 -12.24
CA VAL B 44 -6.56 -2.33 -13.35
C VAL B 44 -7.40 -3.59 -13.28
N GLY B 45 -8.22 -3.81 -14.29
CA GLY B 45 -9.06 -4.98 -14.32
C GLY B 45 -9.24 -5.52 -15.72
N LYS B 46 -9.24 -6.85 -15.86
CA LYS B 46 -9.40 -7.49 -17.15
C LYS B 46 -9.76 -8.96 -16.97
N THR B 47 -10.56 -9.48 -17.89
CA THR B 47 -10.96 -10.87 -17.86
C THR B 47 -11.05 -11.42 -19.28
N ASN B 48 -10.27 -12.46 -19.57
CA ASN B 48 -10.25 -13.07 -20.89
C ASN B 48 -9.37 -14.31 -20.92
N PRO B 49 -9.63 -15.24 -21.86
CA PRO B 49 -8.85 -16.46 -22.01
C PRO B 49 -7.55 -16.21 -22.77
N ALA B 50 -7.68 -15.87 -24.05
CA ALA B 50 -6.52 -15.59 -24.89
C ALA B 50 -6.38 -14.09 -25.13
N ASP B 51 -6.71 -13.31 -24.10
CA ASP B 51 -6.64 -11.84 -24.15
C ASP B 51 -7.61 -11.25 -25.17
N LEU B 52 -8.76 -11.91 -25.32
CA LEU B 52 -9.80 -11.45 -26.24
C LEU B 52 -10.87 -10.64 -25.51
N LEU B 53 -10.52 -9.40 -25.19
CA LEU B 53 -11.44 -8.50 -24.49
C LEU B 53 -11.47 -7.15 -25.19
N GLY B 54 -12.57 -6.42 -25.01
CA GLY B 54 -12.69 -5.12 -25.63
C GLY B 54 -11.88 -4.08 -24.87
N GLN B 55 -12.44 -3.59 -23.78
CA GLN B 55 -11.79 -2.59 -22.94
C GLN B 55 -12.55 -2.43 -21.63
N PRO B 56 -11.85 -2.13 -20.53
CA PRO B 56 -12.48 -1.94 -19.21
C PRO B 56 -13.48 -0.79 -19.25
N SER B 57 -14.75 -1.11 -19.15
CA SER B 57 -15.79 -0.09 -19.18
C SER B 57 -16.20 0.34 -17.78
N PHE B 58 -15.69 1.48 -17.36
CA PHE B 58 -15.99 2.03 -16.04
C PHE B 58 -17.34 2.73 -16.08
N SER B 59 -17.87 3.07 -14.91
CA SER B 59 -19.16 3.76 -14.83
C SER B 59 -18.98 5.27 -14.67
N LYS B 60 -17.72 5.68 -14.48
CA LYS B 60 -17.37 7.09 -14.32
C LYS B 60 -17.86 7.69 -12.99
N GLY B 61 -16.93 8.13 -12.17
CA GLY B 61 -17.28 8.70 -10.89
C GLY B 61 -17.13 10.22 -10.90
N GLU B 62 -16.36 10.73 -9.96
CA GLU B 62 -16.14 12.17 -9.85
C GLU B 62 -14.65 12.47 -9.97
N GLU B 63 -14.33 13.70 -10.33
CA GLU B 63 -12.93 14.09 -10.47
C GLU B 63 -12.42 14.74 -9.19
N LYS B 64 -11.36 14.18 -8.64
CA LYS B 64 -10.78 14.70 -7.41
C LYS B 64 -9.54 15.54 -7.70
N GLU B 65 -9.51 16.74 -7.14
CA GLU B 65 -8.37 17.63 -7.32
C GLU B 65 -7.24 17.16 -6.40
N ASP B 66 -6.11 16.83 -6.98
CA ASP B 66 -4.98 16.34 -6.22
C ASP B 66 -3.84 17.35 -6.20
N GLU B 67 -2.80 17.02 -5.45
CA GLU B 67 -1.64 17.90 -5.31
C GLU B 67 -0.42 17.32 -6.03
N PHE B 68 -0.41 16.01 -6.19
CA PHE B 68 0.71 15.33 -6.84
C PHE B 68 0.26 14.70 -8.14
N PHE B 69 -0.89 14.06 -8.12
CA PHE B 69 -1.41 13.38 -9.31
C PHE B 69 -2.25 14.31 -10.18
N GLY B 70 -2.30 15.58 -9.81
CA GLY B 70 -3.07 16.55 -10.57
C GLY B 70 -4.54 16.46 -10.27
N ARG B 71 -5.23 15.63 -11.03
CA ARG B 71 -6.67 15.41 -10.85
C ARG B 71 -7.12 14.25 -11.72
N GLN B 72 -7.74 13.26 -11.10
CA GLN B 72 -8.21 12.08 -11.81
C GLN B 72 -9.60 11.70 -11.33
N THR B 73 -10.25 10.81 -12.07
CA THR B 73 -11.57 10.34 -11.70
C THR B 73 -11.42 9.36 -10.55
N VAL B 74 -12.17 9.56 -9.48
CA VAL B 74 -12.09 8.69 -8.32
C VAL B 74 -13.45 8.15 -7.91
N TYR B 75 -13.41 7.11 -7.11
CA TYR B 75 -14.59 6.46 -6.57
C TYR B 75 -14.50 6.49 -5.06
N HIS B 76 -15.54 6.97 -4.39
CA HIS B 76 -15.52 7.07 -2.92
C HIS B 76 -16.45 6.07 -2.25
N HIS B 77 -17.35 5.50 -3.02
CA HIS B 77 -18.30 4.52 -2.50
C HIS B 77 -18.85 3.70 -3.66
N GLU B 78 -19.02 4.36 -4.78
CA GLU B 78 -19.53 3.74 -5.98
C GLU B 78 -18.37 3.08 -6.72
N ALA B 79 -18.61 1.94 -7.35
CA ALA B 79 -17.57 1.23 -8.07
C ALA B 79 -18.15 0.10 -8.90
N GLN B 80 -18.28 0.34 -10.20
CA GLN B 80 -18.82 -0.67 -11.10
C GLN B 80 -18.06 -0.64 -12.42
N VAL B 81 -17.46 -1.77 -12.76
CA VAL B 81 -16.69 -1.90 -13.99
C VAL B 81 -17.18 -3.11 -14.80
N ALA B 82 -17.58 -2.86 -16.04
CA ALA B 82 -18.07 -3.92 -16.90
C ALA B 82 -17.01 -4.32 -17.92
N PHE B 83 -16.91 -5.61 -18.20
CA PHE B 83 -15.93 -6.11 -19.15
C PHE B 83 -16.61 -6.84 -20.31
N PRO B 84 -16.67 -6.19 -21.48
CA PRO B 84 -17.28 -6.77 -22.68
C PRO B 84 -16.26 -7.63 -23.46
N TYR B 85 -16.63 -8.88 -23.71
CA TYR B 85 -15.75 -9.80 -24.43
C TYR B 85 -15.61 -9.39 -25.89
N ALA B 86 -14.49 -9.71 -26.49
CA ALA B 86 -14.25 -9.41 -27.89
C ALA B 86 -14.59 -10.63 -28.74
N LYS B 87 -14.77 -11.75 -28.05
CA LYS B 87 -15.10 -13.00 -28.70
C LYS B 87 -15.95 -13.83 -27.75
N ALA B 88 -17.14 -14.20 -28.20
CA ALA B 88 -18.05 -15.01 -27.38
C ALA B 88 -17.69 -16.48 -27.46
N VAL B 89 -16.76 -16.89 -26.61
CA VAL B 89 -16.30 -18.27 -26.58
C VAL B 89 -16.67 -18.94 -25.27
N GLY B 90 -16.68 -20.27 -25.26
CA GLY B 90 -17.02 -21.00 -24.05
C GLY B 90 -15.80 -21.28 -23.20
N GLU B 91 -14.66 -20.78 -23.66
CA GLU B 91 -13.39 -20.95 -22.96
C GLU B 91 -13.45 -20.34 -21.57
N PRO B 92 -13.15 -21.13 -20.53
CA PRO B 92 -13.14 -20.64 -19.14
C PRO B 92 -12.08 -19.57 -18.95
N TYR B 93 -12.51 -18.32 -18.93
CA TYR B 93 -11.60 -17.19 -18.79
C TYR B 93 -11.29 -16.89 -17.33
N LYS B 94 -10.24 -16.11 -17.13
CA LYS B 94 -9.82 -15.71 -15.79
C LYS B 94 -10.00 -14.21 -15.64
N LEU B 95 -10.05 -13.75 -14.41
CA LEU B 95 -10.21 -12.33 -14.12
C LEU B 95 -9.13 -11.83 -13.18
N VAL B 96 -8.58 -10.67 -13.49
CA VAL B 96 -7.54 -10.06 -12.66
C VAL B 96 -7.99 -8.65 -12.27
N LEU B 97 -7.99 -8.37 -10.97
CA LEU B 97 -8.39 -7.07 -10.48
C LEU B 97 -7.38 -6.47 -9.52
N THR B 98 -6.95 -5.25 -9.80
CA THR B 98 -5.98 -4.55 -8.96
C THR B 98 -6.68 -3.37 -8.28
N TYR B 99 -6.74 -3.39 -6.96
CA TYR B 99 -7.40 -2.33 -6.20
C TYR B 99 -6.40 -1.31 -5.66
N GLN B 100 -6.28 -0.18 -6.35
CA GLN B 100 -5.37 0.87 -5.91
C GLN B 100 -6.12 2.15 -5.57
N GLY B 101 -5.95 2.61 -4.34
CA GLY B 101 -6.62 3.82 -3.90
C GLY B 101 -5.95 4.40 -2.67
N SER B 102 -6.65 5.27 -1.99
CA SER B 102 -6.14 5.92 -0.79
C SER B 102 -7.31 6.27 0.14
N ALA B 103 -7.01 6.96 1.22
CA ALA B 103 -8.03 7.37 2.16
C ALA B 103 -7.91 8.87 2.44
N GLU B 104 -9.04 9.53 2.62
CA GLU B 104 -9.06 10.96 2.89
C GLU B 104 -8.50 11.27 4.27
N ALA B 105 -8.17 10.22 5.03
CA ALA B 105 -7.62 10.37 6.36
C ALA B 105 -6.10 10.51 6.31
N GLY B 106 -5.51 10.20 5.15
CA GLY B 106 -4.08 10.28 4.99
C GLY B 106 -3.46 8.93 4.66
N VAL B 107 -4.22 7.88 4.94
CA VAL B 107 -3.76 6.51 4.69
C VAL B 107 -3.63 6.26 3.19
N CYS B 108 -2.60 5.52 2.79
CA CYS B 108 -2.36 5.22 1.39
C CYS B 108 -1.97 3.75 1.23
N TYR B 109 -2.97 2.90 1.08
CA TYR B 109 -2.74 1.46 0.94
C TYR B 109 -2.25 1.11 -0.47
N PRO B 110 -1.47 0.01 -0.58
CA PRO B 110 -0.94 -0.46 -1.86
C PRO B 110 -2.03 -1.13 -2.70
N PRO B 111 -1.79 -1.31 -4.01
CA PRO B 111 -2.75 -1.94 -4.91
C PRO B 111 -2.78 -3.45 -4.76
N VAL B 112 -3.46 -3.92 -3.73
CA VAL B 112 -3.58 -5.35 -3.47
C VAL B 112 -4.43 -5.98 -4.57
N ASP B 113 -3.78 -6.63 -5.52
CA ASP B 113 -4.48 -7.28 -6.63
C ASP B 113 -4.90 -8.70 -6.27
N THR B 114 -6.00 -9.14 -6.85
CA THR B 114 -6.52 -10.47 -6.60
C THR B 114 -6.95 -11.12 -7.92
N GLU B 115 -6.68 -12.41 -8.06
CA GLU B 115 -7.06 -13.15 -9.24
C GLU B 115 -8.33 -13.95 -8.99
N PHE B 116 -9.23 -13.94 -9.96
CA PHE B 116 -10.48 -14.66 -9.84
C PHE B 116 -10.67 -15.61 -11.01
N ASP B 117 -11.10 -16.82 -10.71
CA ASP B 117 -11.33 -17.83 -11.73
C ASP B 117 -12.79 -17.83 -12.16
N ILE B 118 -13.03 -17.57 -13.44
CA ILE B 118 -14.40 -17.53 -13.96
C ILE B 118 -14.76 -18.87 -14.58
N PHE B 119 -15.04 -19.85 -13.74
CA PHE B 119 -15.42 -21.18 -14.20
C PHE B 119 -16.93 -21.27 -14.39
N GLY B 120 -17.66 -20.43 -13.69
CA GLY B 120 -19.11 -20.43 -13.80
C GLY B 120 -19.79 -20.59 -12.45
N ASN B 121 -19.44 -19.73 -11.51
CA ASN B 121 -20.03 -19.77 -10.16
C ASN B 121 -21.04 -18.65 -10.00
N GLY B 122 -21.14 -17.80 -11.02
CA GLY B 122 -22.05 -16.68 -10.98
C GLY B 122 -21.48 -15.54 -10.17
N THR B 123 -21.53 -15.67 -8.85
CA THR B 123 -21.01 -14.66 -7.95
C THR B 123 -19.64 -15.11 -7.43
N TYR B 124 -18.71 -14.18 -7.32
CA TYR B 124 -17.38 -14.49 -6.83
C TYR B 124 -16.99 -13.55 -5.70
N HIS B 125 -16.11 -14.03 -4.83
CA HIS B 125 -15.65 -13.25 -3.70
C HIS B 125 -14.14 -13.45 -3.50
N PRO B 126 -13.45 -12.45 -2.96
CA PRO B 126 -12.00 -12.53 -2.71
C PRO B 126 -11.65 -13.62 -1.71
N GLN B 127 -10.92 -14.63 -2.17
CA GLN B 127 -10.51 -15.74 -1.33
C GLN B 127 -9.27 -15.36 -0.53
N THR B 128 -9.48 -14.64 0.56
CA THR B 128 -8.38 -14.21 1.42
C THR B 128 -8.82 -14.24 2.88
N MET A 1 16.22 -15.55 17.25
CA MET A 1 16.14 -14.34 16.41
C MET A 1 17.08 -14.46 15.22
N VAL A 2 16.93 -13.59 14.23
CA VAL A 2 17.77 -13.62 13.04
C VAL A 2 18.55 -12.30 12.87
N PRO A 3 19.56 -12.06 13.74
CA PRO A 3 20.36 -10.84 13.69
C PRO A 3 21.18 -10.75 12.40
N HIS A 4 21.60 -11.90 11.88
CA HIS A 4 22.39 -11.92 10.66
C HIS A 4 21.60 -11.34 9.49
N THR A 5 20.33 -11.70 9.41
CA THR A 5 19.46 -11.22 8.34
C THR A 5 19.22 -9.72 8.47
N LEU A 6 18.97 -9.28 9.70
CA LEU A 6 18.73 -7.87 9.97
C LEU A 6 19.94 -7.02 9.61
N SER A 7 21.13 -7.57 9.81
CA SER A 7 22.37 -6.87 9.50
C SER A 7 22.69 -6.95 8.00
N THR A 8 21.99 -7.83 7.30
CA THR A 8 22.20 -7.99 5.86
C THR A 8 21.37 -6.97 5.08
N LEU A 9 20.44 -6.32 5.78
CA LEU A 9 19.58 -5.31 5.16
C LEU A 9 20.43 -4.19 4.58
N LYS A 10 20.30 -3.97 3.27
CA LYS A 10 21.06 -2.95 2.58
C LYS A 10 20.16 -1.78 2.23
N THR A 11 20.63 -0.57 2.51
CA THR A 11 19.87 0.63 2.20
C THR A 11 19.92 0.89 0.70
N ALA A 12 19.13 1.85 0.24
CA ALA A 12 19.09 2.19 -1.18
C ALA A 12 20.41 2.83 -1.62
N ASP A 13 21.22 3.19 -0.63
CA ASP A 13 22.52 3.79 -0.89
C ASP A 13 23.62 2.73 -0.86
N ASN A 14 23.19 1.46 -0.78
CA ASN A 14 24.09 0.31 -0.75
C ASN A 14 24.86 0.21 0.56
N ARG A 15 24.36 0.87 1.60
CA ARG A 15 25.01 0.84 2.90
C ARG A 15 24.26 -0.10 3.83
N PRO A 16 24.97 -0.82 4.70
CA PRO A 16 24.34 -1.75 5.64
C PRO A 16 23.46 -1.01 6.65
N ALA A 17 22.33 -1.61 7.00
CA ALA A 17 21.40 -1.01 7.95
C ALA A 17 21.99 -0.92 9.35
N SER A 18 23.15 -1.55 9.54
CA SER A 18 23.84 -1.56 10.81
C SER A 18 24.14 -0.14 11.30
N VAL A 19 24.22 0.80 10.35
CA VAL A 19 24.50 2.20 10.67
C VAL A 19 23.39 2.81 11.55
N TYR A 20 22.23 2.17 11.54
CA TYR A 20 21.09 2.63 12.33
C TYR A 20 20.60 1.49 13.22
N LEU A 21 21.49 0.55 13.50
CA LEU A 21 21.17 -0.60 14.33
C LEU A 21 22.33 -0.88 15.27
N LYS A 22 22.67 0.11 16.08
CA LYS A 22 23.77 -0.01 17.03
C LYS A 22 23.56 0.92 18.22
N LYS A 23 24.54 0.91 19.13
CA LYS A 23 24.52 1.75 20.33
C LYS A 23 23.40 1.35 21.29
N ASP A 24 22.80 0.18 21.06
CA ASP A 24 21.71 -0.33 21.91
C ASP A 24 20.56 0.68 22.01
N LYS A 25 20.27 1.35 20.91
CA LYS A 25 19.21 2.33 20.88
C LYS A 25 17.99 1.83 20.10
N PRO A 26 16.79 2.32 20.45
CA PRO A 26 15.54 1.92 19.78
C PRO A 26 15.56 2.24 18.29
N THR A 27 14.82 1.47 17.52
CA THR A 27 14.75 1.66 16.08
C THR A 27 13.33 1.99 15.65
N LEU A 28 13.20 2.88 14.69
CA LEU A 28 11.89 3.27 14.17
C LEU A 28 11.84 3.00 12.67
N ILE A 29 11.31 1.85 12.31
CA ILE A 29 11.20 1.45 10.92
C ILE A 29 9.85 1.84 10.35
N LYS A 30 9.87 2.62 9.29
CA LYS A 30 8.64 3.05 8.65
C LYS A 30 8.62 2.65 7.18
N PHE A 31 7.53 2.02 6.76
CA PHE A 31 7.37 1.59 5.39
C PHE A 31 6.64 2.67 4.58
N TRP A 32 7.11 2.90 3.37
CA TRP A 32 6.52 3.90 2.49
C TRP A 32 6.30 3.32 1.09
N ALA A 33 5.61 4.08 0.24
CA ALA A 33 5.33 3.64 -1.12
C ALA A 33 5.83 4.66 -2.13
N SER A 34 6.45 4.17 -3.20
CA SER A 34 6.99 5.02 -4.24
C SER A 34 5.91 5.58 -5.17
N TRP A 35 4.94 4.74 -5.52
CA TRP A 35 3.86 5.16 -6.41
C TRP A 35 2.65 5.71 -5.66
N CYS A 36 2.88 6.24 -4.46
CA CYS A 36 1.78 6.77 -3.67
C CYS A 36 1.92 8.27 -3.44
N PRO A 37 0.89 9.04 -3.81
CA PRO A 37 0.89 10.50 -3.65
C PRO A 37 0.95 10.92 -2.18
N LEU A 38 0.21 10.22 -1.33
CA LEU A 38 0.18 10.52 0.09
C LEU A 38 1.53 10.24 0.75
N CYS A 39 2.24 9.27 0.21
CA CYS A 39 3.55 8.88 0.74
C CYS A 39 4.65 9.76 0.16
N LEU A 40 4.35 10.48 -0.90
CA LEU A 40 5.32 11.35 -1.55
C LEU A 40 5.64 12.58 -0.71
N SER A 41 4.60 13.23 -0.18
CA SER A 41 4.78 14.41 0.66
C SER A 41 5.38 14.03 2.01
N GLU A 42 5.20 12.76 2.37
CA GLU A 42 5.69 12.23 3.63
C GLU A 42 7.22 12.12 3.63
N LEU A 43 7.81 12.03 2.44
CA LEU A 43 9.27 11.91 2.31
C LEU A 43 10.00 13.09 2.95
N GLY A 44 9.62 14.30 2.55
CA GLY A 44 10.25 15.50 3.09
C GLY A 44 10.06 15.61 4.58
N GLN A 45 8.90 15.19 5.05
CA GLN A 45 8.59 15.22 6.47
C GLN A 45 9.48 14.25 7.24
N THR A 46 9.68 13.07 6.66
CA THR A 46 10.52 12.04 7.28
C THR A 46 11.95 12.53 7.45
N GLU A 47 12.48 13.17 6.41
CA GLU A 47 13.85 13.68 6.45
C GLU A 47 13.99 14.79 7.47
N LYS A 48 12.98 15.65 7.55
CA LYS A 48 12.98 16.76 8.51
C LYS A 48 13.02 16.22 9.94
N TRP A 49 12.25 15.15 10.17
CA TRP A 49 12.19 14.53 11.49
C TRP A 49 13.48 13.76 11.78
N ALA A 50 14.07 13.16 10.74
CA ALA A 50 15.30 12.40 10.89
C ALA A 50 16.47 13.29 11.29
N GLN A 51 16.28 14.59 11.17
CA GLN A 51 17.32 15.54 11.54
C GLN A 51 16.88 16.37 12.76
N ASP A 52 15.80 15.93 13.38
CA ASP A 52 15.28 16.62 14.56
C ASP A 52 16.06 16.18 15.79
N ALA A 53 16.34 17.14 16.68
CA ALA A 53 17.10 16.85 17.90
C ALA A 53 16.37 15.87 18.82
N LYS A 54 15.04 15.92 18.82
CA LYS A 54 14.26 15.02 19.67
C LYS A 54 14.18 13.63 19.08
N PHE A 55 14.08 13.55 17.76
CA PHE A 55 13.99 12.27 17.07
C PHE A 55 15.36 11.62 16.96
N SER A 56 16.40 12.37 17.29
CA SER A 56 17.78 11.87 17.24
C SER A 56 18.03 10.81 18.31
N SER A 57 17.11 10.68 19.25
CA SER A 57 17.24 9.71 20.33
C SER A 57 16.82 8.31 19.85
N ALA A 58 16.38 8.22 18.60
CA ALA A 58 15.95 6.95 18.03
C ALA A 58 16.51 6.80 16.62
N ASN A 59 16.58 5.57 16.14
CA ASN A 59 17.09 5.30 14.81
C ASN A 59 15.94 5.22 13.81
N LEU A 60 15.62 6.34 13.19
CA LEU A 60 14.54 6.41 12.22
C LEU A 60 15.01 5.97 10.84
N ILE A 61 14.34 4.98 10.27
CA ILE A 61 14.68 4.48 8.93
C ILE A 61 13.44 4.15 8.12
N THR A 62 13.49 4.45 6.83
CA THR A 62 12.38 4.18 5.92
C THR A 62 12.71 2.97 5.07
N VAL A 63 11.97 1.89 5.26
CA VAL A 63 12.22 0.66 4.52
C VAL A 63 11.10 0.37 3.52
N ALA A 64 11.49 -0.16 2.37
CA ALA A 64 10.54 -0.52 1.32
C ALA A 64 10.96 -1.87 0.74
N SER A 65 9.99 -2.72 0.45
CA SER A 65 10.28 -4.05 -0.08
C SER A 65 10.13 -4.09 -1.60
N PRO A 66 11.26 -4.12 -2.33
CA PRO A 66 11.27 -4.16 -3.79
C PRO A 66 10.68 -5.47 -4.33
N GLY A 67 9.64 -5.34 -5.14
CA GLY A 67 8.99 -6.50 -5.72
C GLY A 67 7.88 -7.06 -4.85
N PHE A 68 7.72 -6.48 -3.67
CA PHE A 68 6.70 -6.92 -2.74
C PHE A 68 5.61 -5.86 -2.61
N LEU A 69 4.38 -6.30 -2.36
CA LEU A 69 3.23 -5.41 -2.20
C LEU A 69 2.98 -4.59 -3.46
N HIS A 70 3.35 -5.17 -4.60
CA HIS A 70 3.17 -4.53 -5.90
C HIS A 70 4.08 -3.31 -6.07
N GLU A 71 5.13 -3.23 -5.26
CA GLU A 71 6.08 -2.11 -5.33
C GLU A 71 7.09 -2.34 -6.46
N LYS A 72 8.00 -1.39 -6.63
CA LYS A 72 9.03 -1.47 -7.66
C LYS A 72 10.03 -2.58 -7.35
N LYS A 73 10.48 -3.28 -8.38
CA LYS A 73 11.43 -4.37 -8.22
C LYS A 73 12.83 -3.82 -7.89
N ASP A 74 13.71 -4.72 -7.43
CA ASP A 74 15.09 -4.35 -7.10
C ASP A 74 15.77 -3.70 -8.29
N GLY A 75 16.67 -2.75 -8.01
CA GLY A 75 17.36 -2.05 -9.06
C GLY A 75 16.55 -0.85 -9.51
N ASP A 76 15.32 -1.11 -9.93
CA ASP A 76 14.40 -0.08 -10.39
C ASP A 76 14.12 0.88 -9.24
N PHE A 77 13.86 0.31 -8.07
CA PHE A 77 13.58 1.09 -6.88
C PHE A 77 14.81 1.86 -6.41
N GLN A 78 15.98 1.25 -6.52
CA GLN A 78 17.22 1.90 -6.10
C GLN A 78 17.52 3.11 -6.97
N LYS A 79 17.34 2.96 -8.28
CA LYS A 79 17.58 4.05 -9.21
C LYS A 79 16.61 5.20 -8.98
N TRP A 80 15.44 4.87 -8.41
CA TRP A 80 14.44 5.88 -8.10
C TRP A 80 15.01 6.82 -7.04
N TYR A 81 15.59 6.23 -6.00
CA TYR A 81 16.19 7.00 -4.91
C TYR A 81 17.40 7.79 -5.41
N ALA A 82 18.21 7.15 -6.25
CA ALA A 82 19.41 7.77 -6.81
C ALA A 82 19.06 9.06 -7.54
N GLY A 83 17.87 9.09 -8.12
CA GLY A 83 17.43 10.27 -8.84
C GLY A 83 16.33 11.03 -8.10
N LEU A 84 16.43 11.03 -6.78
CA LEU A 84 15.45 11.73 -5.95
C LEU A 84 16.12 12.84 -5.14
N ASN A 85 15.33 13.52 -4.32
CA ASN A 85 15.84 14.60 -3.49
C ASN A 85 16.05 14.09 -2.07
N TYR A 86 16.69 14.91 -1.24
CA TYR A 86 16.96 14.55 0.16
C TYR A 86 17.98 13.40 0.25
N PRO A 87 19.28 13.72 0.14
CA PRO A 87 20.35 12.71 0.19
C PRO A 87 20.56 12.15 1.60
N LYS A 88 19.77 12.62 2.56
CA LYS A 88 19.89 12.14 3.92
C LYS A 88 18.76 11.19 4.27
N LEU A 89 17.96 10.84 3.27
CA LEU A 89 16.83 9.93 3.47
C LEU A 89 17.34 8.51 3.75
N PRO A 90 17.04 7.99 4.93
CA PRO A 90 17.46 6.64 5.32
C PRO A 90 16.57 5.57 4.71
N VAL A 91 16.66 5.41 3.40
CA VAL A 91 15.86 4.43 2.69
C VAL A 91 16.57 3.07 2.66
N VAL A 92 15.87 2.04 3.14
CA VAL A 92 16.43 0.69 3.16
C VAL A 92 15.67 -0.21 2.18
N THR A 93 16.40 -1.11 1.53
CA THR A 93 15.80 -2.01 0.56
C THR A 93 15.53 -3.38 1.18
N ASP A 94 14.26 -3.65 1.47
CA ASP A 94 13.86 -4.92 2.06
C ASP A 94 13.63 -5.96 0.97
N ASN A 95 14.72 -6.53 0.48
CA ASN A 95 14.66 -7.53 -0.58
C ASN A 95 13.96 -8.80 -0.12
N GLY A 96 12.76 -9.04 -0.64
CA GLY A 96 12.02 -10.24 -0.28
C GLY A 96 10.89 -9.95 0.70
N GLY A 97 11.03 -8.88 1.46
CA GLY A 97 10.02 -8.53 2.43
C GLY A 97 10.27 -9.19 3.77
N THR A 98 11.49 -9.03 4.28
CA THR A 98 11.89 -9.60 5.55
C THR A 98 11.05 -9.04 6.68
N ILE A 99 10.98 -7.72 6.75
CA ILE A 99 10.22 -7.05 7.79
C ILE A 99 8.74 -7.01 7.42
N ALA A 100 8.48 -6.80 6.13
CA ALA A 100 7.13 -6.73 5.61
C ALA A 100 6.34 -8.00 5.92
N GLN A 101 6.96 -9.16 5.71
CA GLN A 101 6.31 -10.43 5.97
C GLN A 101 6.33 -10.77 7.45
N SER A 102 7.35 -10.29 8.16
CA SER A 102 7.51 -10.55 9.58
C SER A 102 6.35 -9.97 10.39
N LEU A 103 6.00 -8.71 10.12
CA LEU A 103 4.90 -8.06 10.83
C LEU A 103 3.63 -8.04 10.02
N ASN A 104 3.70 -8.49 8.77
CA ASN A 104 2.55 -8.53 7.87
C ASN A 104 2.06 -7.12 7.52
N ILE A 105 2.85 -6.42 6.74
CA ILE A 105 2.51 -5.07 6.30
C ILE A 105 1.64 -5.14 5.05
N SER A 106 0.49 -4.49 5.08
CA SER A 106 -0.42 -4.49 3.96
C SER A 106 -1.00 -3.11 3.71
N VAL A 107 -0.29 -2.09 4.17
CA VAL A 107 -0.74 -0.70 4.01
C VAL A 107 0.36 0.26 4.45
N TYR A 108 0.29 1.49 3.94
CA TYR A 108 1.26 2.50 4.29
C TYR A 108 0.55 3.73 4.85
N PRO A 109 1.20 4.48 5.74
CA PRO A 109 2.56 4.18 6.21
C PRO A 109 2.55 3.28 7.44
N SER A 110 3.37 2.25 7.41
CA SER A 110 3.48 1.33 8.53
C SER A 110 4.62 1.76 9.44
N TRP A 111 4.29 2.02 10.70
CA TRP A 111 5.27 2.44 11.68
C TRP A 111 5.59 1.32 12.66
N ALA A 112 6.78 0.77 12.53
CA ALA A 112 7.23 -0.32 13.39
C ALA A 112 8.15 0.23 14.47
N LEU A 113 7.68 0.23 15.70
CA LEU A 113 8.46 0.72 16.83
C LEU A 113 9.25 -0.41 17.46
N ILE A 114 10.56 -0.35 17.33
CA ILE A 114 11.44 -1.36 17.90
C ILE A 114 12.05 -0.82 19.19
N GLY A 115 12.03 -1.62 20.23
CA GLY A 115 12.57 -1.20 21.52
C GLY A 115 14.08 -1.11 21.52
N LYS A 116 14.64 -0.75 22.67
CA LYS A 116 16.07 -0.60 22.82
C LYS A 116 16.77 -1.96 22.91
N ASP A 117 15.97 -3.02 22.95
CA ASP A 117 16.51 -4.36 23.03
C ASP A 117 16.61 -5.01 21.66
N GLY A 118 15.99 -4.38 20.67
CA GLY A 118 16.03 -4.90 19.31
C GLY A 118 14.77 -5.66 18.92
N ASP A 119 13.78 -5.67 19.81
CA ASP A 119 12.53 -6.38 19.54
C ASP A 119 11.40 -5.40 19.23
N VAL A 120 10.42 -5.86 18.46
CA VAL A 120 9.29 -5.02 18.07
C VAL A 120 8.37 -4.76 19.26
N GLN A 121 8.22 -3.50 19.61
CA GLN A 121 7.38 -3.11 20.73
C GLN A 121 5.94 -2.86 20.30
N ARG A 122 5.77 -2.07 19.24
CA ARG A 122 4.45 -1.74 18.75
C ARG A 122 4.44 -1.56 17.24
N ILE A 123 3.39 -2.02 16.59
CA ILE A 123 3.26 -1.89 15.14
C ILE A 123 1.98 -1.12 14.80
N VAL A 124 2.14 -0.01 14.09
CA VAL A 124 1.01 0.82 13.71
C VAL A 124 0.80 0.80 12.19
N LYS A 125 -0.41 0.46 11.77
CA LYS A 125 -0.73 0.40 10.34
C LYS A 125 -1.96 1.25 10.04
N GLY A 126 -1.76 2.35 9.33
CA GLY A 126 -2.88 3.22 9.00
C GLY A 126 -2.46 4.64 8.67
N SER A 127 -2.38 5.47 9.70
CA SER A 127 -2.00 6.87 9.54
C SER A 127 -1.75 7.50 10.90
N ILE A 128 -0.62 8.19 11.04
CA ILE A 128 -0.30 8.84 12.30
C ILE A 128 -0.24 10.36 12.13
N ASN A 129 -0.41 11.07 13.23
CA ASN A 129 -0.37 12.53 13.20
C ASN A 129 0.92 13.03 13.85
N GLU A 130 1.17 14.33 13.74
CA GLU A 130 2.37 14.94 14.30
C GLU A 130 2.44 14.80 15.82
N ALA A 131 1.30 14.97 16.47
CA ALA A 131 1.24 14.87 17.93
C ALA A 131 1.70 13.50 18.39
N GLN A 132 1.27 12.47 17.67
CA GLN A 132 1.64 11.09 17.99
C GLN A 132 3.14 10.90 17.88
N ALA A 133 3.73 11.48 16.82
CA ALA A 133 5.16 11.38 16.61
C ALA A 133 5.92 12.05 17.75
N LEU A 134 5.41 13.20 18.19
CA LEU A 134 6.02 13.96 19.27
C LEU A 134 5.82 13.24 20.61
N ALA A 135 4.76 12.46 20.70
CA ALA A 135 4.48 11.71 21.93
C ALA A 135 5.30 10.43 21.97
N LEU A 136 5.53 9.84 20.81
CA LEU A 136 6.30 8.61 20.70
C LEU A 136 7.74 8.81 21.18
N ILE A 137 8.28 10.01 20.93
CA ILE A 137 9.64 10.32 21.33
C ILE A 137 9.70 10.76 22.80
N ARG A 138 8.63 10.47 23.52
CA ARG A 138 8.55 10.79 24.95
C ARG A 138 8.03 9.59 25.71
N ASP A 139 6.95 9.01 25.21
CA ASP A 139 6.35 7.83 25.82
C ASP A 139 5.94 6.85 24.73
N PRO A 140 6.78 5.85 24.46
CA PRO A 140 6.53 4.85 23.41
C PRO A 140 5.41 3.89 23.78
N ASN A 141 4.79 4.11 24.93
CA ASN A 141 3.70 3.26 25.39
C ASN A 141 2.36 3.88 25.00
N ALA A 142 2.41 5.09 24.44
CA ALA A 142 1.21 5.79 24.04
C ALA A 142 0.71 5.27 22.70
N ASP A 143 -0.60 5.03 22.61
CA ASP A 143 -1.22 4.53 21.40
C ASP A 143 -2.36 5.45 21.01
N LEU A 144 -2.68 5.47 19.71
CA LEU A 144 -3.76 6.31 19.16
C LEU A 144 -3.81 7.71 19.78
N MET B 1 -19.99 -4.91 8.68
CA MET B 1 -21.44 -4.63 8.81
C MET B 1 -21.70 -3.62 9.92
N ALA B 2 -20.73 -3.43 10.80
CA ALA B 2 -20.87 -2.50 11.91
C ALA B 2 -20.75 -1.05 11.43
N LEU B 3 -19.52 -0.57 11.30
CA LEU B 3 -19.29 0.79 10.84
C LEU B 3 -19.10 0.84 9.34
N ASP B 4 -18.15 0.06 8.84
CA ASP B 4 -17.83 0.01 7.41
C ASP B 4 -17.57 1.40 6.84
N ALA B 5 -16.94 2.23 7.67
CA ALA B 5 -16.60 3.61 7.29
C ALA B 5 -15.31 4.05 7.96
N ASN B 6 -14.76 5.17 7.49
CA ASN B 6 -13.53 5.73 8.02
C ASN B 6 -12.36 4.76 7.84
N ASP B 7 -11.30 4.98 8.61
CA ASP B 7 -10.11 4.14 8.55
C ASP B 7 -10.04 3.26 9.79
N LEU B 8 -11.20 2.94 10.34
CA LEU B 8 -11.27 2.11 11.53
C LEU B 8 -11.44 0.64 11.18
N LEU B 9 -11.35 0.33 9.90
CA LEU B 9 -11.48 -1.04 9.42
C LEU B 9 -10.37 -1.40 8.44
N PRO B 10 -9.85 -2.63 8.53
CA PRO B 10 -8.78 -3.11 7.66
C PRO B 10 -9.18 -3.14 6.19
N PRO B 11 -8.21 -2.92 5.28
CA PRO B 11 -8.44 -2.91 3.83
C PRO B 11 -9.15 -4.16 3.32
N GLU B 12 -8.80 -5.32 3.87
CA GLU B 12 -9.40 -6.58 3.46
C GLU B 12 -10.91 -6.63 3.75
N LYS B 13 -11.35 -5.79 4.66
CA LYS B 13 -12.76 -5.74 5.03
C LYS B 13 -13.38 -4.41 4.57
N ALA B 14 -12.54 -3.52 4.07
CA ALA B 14 -13.00 -2.21 3.60
C ALA B 14 -13.56 -2.28 2.20
N PHE B 15 -13.27 -3.35 1.47
CA PHE B 15 -13.75 -3.51 0.12
C PHE B 15 -14.45 -4.85 -0.05
N VAL B 16 -15.68 -4.82 -0.53
CA VAL B 16 -16.45 -6.03 -0.76
C VAL B 16 -16.70 -6.22 -2.26
N PRO B 17 -15.78 -6.91 -2.95
CA PRO B 17 -15.89 -7.15 -4.39
C PRO B 17 -16.96 -8.17 -4.74
N GLU B 18 -18.07 -7.68 -5.28
CA GLU B 18 -19.17 -8.54 -5.69
C GLU B 18 -19.12 -8.75 -7.21
N LEU B 19 -18.79 -9.96 -7.62
CA LEU B 19 -18.72 -10.27 -9.04
C LEU B 19 -20.03 -10.83 -9.55
N ALA B 20 -20.64 -10.11 -10.48
CA ALA B 20 -21.90 -10.54 -11.06
C ALA B 20 -21.73 -10.78 -12.56
N VAL B 21 -21.54 -12.02 -12.94
CA VAL B 21 -21.38 -12.37 -14.34
C VAL B 21 -22.74 -12.49 -15.01
N ALA B 22 -22.98 -11.62 -15.99
CA ALA B 22 -24.25 -11.63 -16.71
C ALA B 22 -24.11 -12.35 -18.04
N ASP B 23 -25.17 -12.32 -18.84
CA ASP B 23 -25.18 -12.96 -20.14
C ASP B 23 -24.41 -12.15 -21.17
N ASP B 24 -24.54 -10.82 -21.09
CA ASP B 24 -23.86 -9.94 -22.02
C ASP B 24 -22.40 -9.75 -21.65
N GLY B 25 -22.11 -9.69 -20.36
CA GLY B 25 -20.74 -9.51 -19.92
C GLY B 25 -20.61 -9.60 -18.41
N VAL B 26 -19.39 -9.45 -17.93
CA VAL B 26 -19.12 -9.52 -16.50
C VAL B 26 -19.25 -8.13 -15.88
N ASN B 27 -20.03 -8.04 -14.81
CA ASN B 27 -20.23 -6.77 -14.13
C ASN B 27 -19.65 -6.85 -12.73
N VAL B 28 -18.57 -6.12 -12.48
CA VAL B 28 -17.93 -6.11 -11.18
C VAL B 28 -18.41 -4.94 -10.33
N ARG B 29 -18.93 -5.24 -9.15
CA ARG B 29 -19.43 -4.22 -8.25
C ARG B 29 -18.79 -4.38 -6.88
N PHE B 30 -17.63 -3.75 -6.69
CA PHE B 30 -16.93 -3.82 -5.42
C PHE B 30 -17.36 -2.67 -4.51
N ARG B 31 -17.94 -3.01 -3.36
CA ARG B 31 -18.39 -1.99 -2.42
C ARG B 31 -17.22 -1.45 -1.62
N ILE B 32 -17.09 -0.13 -1.62
CA ILE B 32 -16.02 0.53 -0.90
C ILE B 32 -16.54 1.12 0.40
N ALA B 33 -15.74 1.03 1.46
CA ALA B 33 -16.11 1.59 2.75
C ALA B 33 -16.16 3.10 2.67
N ASP B 34 -16.99 3.73 3.50
CA ASP B 34 -17.12 5.18 3.49
C ASP B 34 -15.94 5.84 4.17
N GLY B 35 -14.86 5.99 3.40
CA GLY B 35 -13.65 6.60 3.91
C GLY B 35 -12.47 6.33 3.01
N TYR B 36 -12.60 5.28 2.20
CA TYR B 36 -11.57 4.91 1.25
C TYR B 36 -12.00 5.30 -0.15
N TYR B 37 -11.05 5.67 -0.99
CA TYR B 37 -11.37 6.06 -2.36
C TYR B 37 -10.33 5.50 -3.34
N MET B 38 -10.81 4.97 -4.46
CA MET B 38 -9.92 4.41 -5.46
C MET B 38 -9.84 5.31 -6.68
N TYR B 39 -8.72 5.24 -7.38
CA TYR B 39 -8.51 6.04 -8.58
C TYR B 39 -8.96 5.24 -9.79
N GLN B 40 -9.86 5.80 -10.59
CA GLN B 40 -10.37 5.11 -11.78
C GLN B 40 -9.26 4.75 -12.76
N ALA B 41 -8.20 5.56 -12.77
CA ALA B 41 -7.07 5.32 -13.66
C ALA B 41 -6.14 4.26 -13.10
N LYS B 42 -6.38 3.86 -11.85
CA LYS B 42 -5.55 2.86 -11.20
C LYS B 42 -6.28 1.53 -11.08
N ILE B 43 -7.58 1.54 -11.28
CA ILE B 43 -8.37 0.31 -11.20
C ILE B 43 -8.24 -0.48 -12.50
N VAL B 44 -7.43 -1.51 -12.47
CA VAL B 44 -7.21 -2.35 -13.63
C VAL B 44 -8.13 -3.55 -13.58
N GLY B 45 -8.83 -3.80 -14.67
CA GLY B 45 -9.74 -4.93 -14.73
C GLY B 45 -9.92 -5.44 -16.14
N LYS B 46 -9.76 -6.73 -16.32
CA LYS B 46 -9.91 -7.35 -17.63
C LYS B 46 -10.24 -8.84 -17.50
N THR B 47 -11.17 -9.29 -18.33
CA THR B 47 -11.59 -10.69 -18.33
C THR B 47 -11.76 -11.17 -19.76
N ASN B 48 -11.07 -12.24 -20.12
CA ASN B 48 -11.13 -12.79 -21.47
C ASN B 48 -10.28 -14.06 -21.59
N PRO B 49 -10.55 -14.89 -22.63
CA PRO B 49 -9.78 -16.12 -22.88
C PRO B 49 -8.42 -15.78 -23.50
N ALA B 50 -8.43 -15.46 -24.80
CA ALA B 50 -7.20 -15.11 -25.51
C ALA B 50 -7.18 -13.61 -25.76
N ASP B 51 -7.45 -12.85 -24.70
CA ASP B 51 -7.47 -11.39 -24.75
C ASP B 51 -8.57 -10.85 -25.67
N LEU B 52 -9.70 -11.56 -25.69
CA LEU B 52 -10.84 -11.17 -26.50
C LEU B 52 -11.79 -10.24 -25.73
N LEU B 53 -11.31 -9.04 -25.43
CA LEU B 53 -12.10 -8.06 -24.69
C LEU B 53 -12.16 -6.76 -25.48
N GLY B 54 -13.31 -6.08 -25.41
CA GLY B 54 -13.46 -4.83 -26.12
C GLY B 54 -12.78 -3.68 -25.40
N GLN B 55 -13.28 -3.35 -24.23
CA GLN B 55 -12.72 -2.25 -23.44
C GLN B 55 -13.32 -2.28 -22.02
N PRO B 56 -12.63 -1.68 -21.04
CA PRO B 56 -13.12 -1.61 -19.66
C PRO B 56 -14.17 -0.50 -19.54
N SER B 57 -15.44 -0.89 -19.59
CA SER B 57 -16.54 0.06 -19.49
C SER B 57 -16.79 0.48 -18.05
N PHE B 58 -16.29 1.65 -17.68
CA PHE B 58 -16.48 2.17 -16.34
C PHE B 58 -17.77 2.96 -16.26
N SER B 59 -18.39 2.98 -15.08
CA SER B 59 -19.63 3.72 -14.89
C SER B 59 -19.34 5.20 -14.67
N LYS B 60 -18.07 5.51 -14.40
CA LYS B 60 -17.60 6.89 -14.18
C LYS B 60 -18.06 7.43 -12.82
N GLY B 61 -17.16 8.11 -12.13
CA GLY B 61 -17.47 8.68 -10.84
C GLY B 61 -17.26 10.18 -10.82
N GLU B 62 -16.60 10.67 -9.78
CA GLU B 62 -16.34 12.09 -9.64
C GLU B 62 -14.84 12.35 -9.67
N GLU B 63 -14.46 13.52 -10.17
CA GLU B 63 -13.05 13.88 -10.24
C GLU B 63 -12.63 14.53 -8.93
N LYS B 64 -11.46 14.15 -8.43
CA LYS B 64 -10.96 14.70 -7.18
C LYS B 64 -9.69 15.50 -7.42
N GLU B 65 -9.67 16.71 -6.88
CA GLU B 65 -8.50 17.57 -7.00
C GLU B 65 -7.40 17.05 -6.09
N ASP B 66 -6.29 16.70 -6.69
CA ASP B 66 -5.15 16.17 -5.95
C ASP B 66 -3.94 17.08 -6.17
N GLU B 67 -2.81 16.70 -5.59
CA GLU B 67 -1.60 17.49 -5.72
C GLU B 67 -0.55 16.75 -6.55
N PHE B 68 -0.28 15.51 -6.18
CA PHE B 68 0.71 14.71 -6.88
C PHE B 68 0.09 14.03 -8.10
N PHE B 69 -1.19 13.72 -8.01
CA PHE B 69 -1.89 13.08 -9.11
C PHE B 69 -2.62 14.09 -9.97
N GLY B 70 -2.68 15.33 -9.49
CA GLY B 70 -3.33 16.39 -10.23
C GLY B 70 -4.84 16.37 -10.07
N ARG B 71 -5.52 15.70 -10.98
CA ARG B 71 -6.98 15.60 -10.94
C ARG B 71 -7.47 14.49 -11.86
N GLN B 72 -8.07 13.47 -11.28
CA GLN B 72 -8.59 12.33 -12.05
C GLN B 72 -9.87 11.83 -11.41
N THR B 73 -10.55 10.93 -12.12
CA THR B 73 -11.80 10.34 -11.63
C THR B 73 -11.53 9.34 -10.52
N VAL B 74 -12.30 9.42 -9.45
CA VAL B 74 -12.13 8.51 -8.33
C VAL B 74 -13.48 7.96 -7.86
N TYR B 75 -13.43 6.86 -7.14
CA TYR B 75 -14.62 6.23 -6.59
C TYR B 75 -14.54 6.29 -5.07
N HIS B 76 -15.61 6.73 -4.43
CA HIS B 76 -15.61 6.87 -2.97
C HIS B 76 -16.58 5.92 -2.29
N HIS B 77 -17.37 5.21 -3.09
CA HIS B 77 -18.34 4.26 -2.57
C HIS B 77 -18.96 3.50 -3.73
N GLU B 78 -19.17 4.22 -4.81
CA GLU B 78 -19.75 3.66 -6.02
C GLU B 78 -18.66 2.99 -6.84
N ALA B 79 -18.95 1.80 -7.35
CA ALA B 79 -17.97 1.07 -8.14
C ALA B 79 -18.64 -0.01 -8.97
N GLN B 80 -18.66 0.19 -10.27
CA GLN B 80 -19.24 -0.78 -11.19
C GLN B 80 -18.55 -0.70 -12.55
N VAL B 81 -17.99 -1.83 -12.96
CA VAL B 81 -17.31 -1.91 -14.25
C VAL B 81 -17.89 -3.05 -15.06
N ALA B 82 -18.21 -2.78 -16.32
CA ALA B 82 -18.78 -3.78 -17.20
C ALA B 82 -17.75 -4.24 -18.24
N PHE B 83 -17.66 -5.53 -18.46
CA PHE B 83 -16.72 -6.09 -19.42
C PHE B 83 -17.44 -6.72 -20.60
N PRO B 84 -17.37 -6.07 -21.77
CA PRO B 84 -17.98 -6.58 -22.99
C PRO B 84 -17.06 -7.55 -23.73
N TYR B 85 -17.61 -8.71 -24.10
CA TYR B 85 -16.83 -9.72 -24.80
C TYR B 85 -16.66 -9.31 -26.26
N ALA B 86 -15.49 -9.60 -26.81
CA ALA B 86 -15.20 -9.27 -28.20
C ALA B 86 -15.32 -10.50 -29.09
N LYS B 87 -15.87 -11.57 -28.52
CA LYS B 87 -16.06 -12.81 -29.23
C LYS B 87 -17.00 -13.72 -28.45
N ALA B 88 -18.03 -14.22 -29.11
CA ALA B 88 -19.00 -15.10 -28.46
C ALA B 88 -18.48 -16.53 -28.35
N VAL B 89 -17.66 -16.76 -27.34
CA VAL B 89 -17.08 -18.08 -27.10
C VAL B 89 -17.43 -18.57 -25.70
N GLY B 90 -17.99 -19.77 -25.62
CA GLY B 90 -18.36 -20.35 -24.35
C GLY B 90 -17.17 -20.99 -23.66
N GLU B 91 -16.14 -20.19 -23.42
CA GLU B 91 -14.92 -20.66 -22.79
C GLU B 91 -14.77 -20.00 -21.42
N PRO B 92 -14.15 -20.69 -20.46
CA PRO B 92 -13.94 -20.13 -19.11
C PRO B 92 -12.92 -18.99 -19.14
N TYR B 93 -13.42 -17.76 -19.22
CA TYR B 93 -12.56 -16.59 -19.25
C TYR B 93 -12.05 -16.25 -17.86
N LYS B 94 -10.79 -15.86 -17.78
CA LYS B 94 -10.20 -15.48 -16.51
C LYS B 94 -10.36 -13.98 -16.29
N LEU B 95 -10.52 -13.58 -15.05
CA LEU B 95 -10.70 -12.18 -14.71
C LEU B 95 -9.57 -11.69 -13.82
N VAL B 96 -8.94 -10.60 -14.21
CA VAL B 96 -7.86 -10.01 -13.44
C VAL B 96 -8.26 -8.62 -12.97
N LEU B 97 -8.27 -8.43 -11.65
CA LEU B 97 -8.66 -7.15 -11.08
C LEU B 97 -7.59 -6.61 -10.14
N THR B 98 -7.32 -5.32 -10.24
CA THR B 98 -6.33 -4.66 -9.40
C THR B 98 -6.94 -3.43 -8.75
N TYR B 99 -6.94 -3.39 -7.43
CA TYR B 99 -7.51 -2.28 -6.69
C TYR B 99 -6.43 -1.38 -6.11
N GLN B 100 -6.43 -0.13 -6.54
CA GLN B 100 -5.46 0.84 -6.06
C GLN B 100 -6.16 2.15 -5.68
N GLY B 101 -5.96 2.57 -4.45
CA GLY B 101 -6.58 3.80 -3.99
C GLY B 101 -5.91 4.32 -2.75
N SER B 102 -6.63 5.15 -2.01
CA SER B 102 -6.12 5.74 -0.77
C SER B 102 -7.29 6.03 0.17
N ALA B 103 -7.00 6.48 1.37
CA ALA B 103 -8.03 6.80 2.33
C ALA B 103 -8.00 8.28 2.65
N GLU B 104 -9.17 8.84 2.95
CA GLU B 104 -9.29 10.26 3.26
C GLU B 104 -8.58 10.63 4.57
N ALA B 105 -8.16 9.62 5.32
CA ALA B 105 -7.47 9.83 6.58
C ALA B 105 -5.95 9.84 6.40
N GLY B 106 -5.50 9.80 5.15
CA GLY B 106 -4.08 9.81 4.87
C GLY B 106 -3.52 8.42 4.67
N VAL B 107 -4.35 7.41 4.92
CA VAL B 107 -3.93 6.03 4.76
C VAL B 107 -3.69 5.71 3.29
N CYS B 108 -2.62 5.01 2.98
CA CYS B 108 -2.29 4.67 1.61
C CYS B 108 -2.04 3.16 1.48
N TYR B 109 -2.97 2.45 0.85
CA TYR B 109 -2.84 1.01 0.68
C TYR B 109 -2.28 0.66 -0.69
N PRO B 110 -1.51 -0.44 -0.79
CA PRO B 110 -0.92 -0.90 -2.05
C PRO B 110 -1.98 -1.45 -3.00
N PRO B 111 -1.67 -1.51 -4.31
CA PRO B 111 -2.60 -2.01 -5.33
C PRO B 111 -2.72 -3.53 -5.27
N VAL B 112 -3.56 -4.01 -4.38
CA VAL B 112 -3.78 -5.44 -4.24
C VAL B 112 -4.55 -5.98 -5.44
N ASP B 113 -3.97 -6.96 -6.11
CA ASP B 113 -4.61 -7.55 -7.28
C ASP B 113 -5.17 -8.92 -6.93
N THR B 114 -6.23 -9.31 -7.61
CA THR B 114 -6.86 -10.60 -7.38
C THR B 114 -7.31 -11.19 -8.71
N GLU B 115 -7.12 -12.49 -8.86
CA GLU B 115 -7.51 -13.18 -10.08
C GLU B 115 -8.73 -14.06 -9.82
N PHE B 116 -9.69 -13.99 -10.74
CA PHE B 116 -10.91 -14.77 -10.62
C PHE B 116 -11.08 -15.64 -11.86
N ASP B 117 -11.72 -16.79 -11.70
CA ASP B 117 -11.94 -17.71 -12.80
C ASP B 117 -13.44 -17.86 -13.07
N ILE B 118 -13.87 -17.44 -14.24
CA ILE B 118 -15.28 -17.51 -14.60
C ILE B 118 -15.59 -18.79 -15.36
N PHE B 119 -16.00 -19.81 -14.63
CA PHE B 119 -16.34 -21.09 -15.22
C PHE B 119 -17.86 -21.26 -15.34
N GLY B 120 -18.58 -20.40 -14.64
CA GLY B 120 -20.03 -20.45 -14.68
C GLY B 120 -20.62 -20.61 -13.30
N ASN B 121 -21.29 -19.58 -12.83
CA ASN B 121 -21.92 -19.58 -11.51
C ASN B 121 -22.70 -18.29 -11.27
N GLY B 122 -22.32 -17.25 -12.00
CA GLY B 122 -22.99 -15.96 -11.86
C GLY B 122 -22.33 -15.11 -10.79
N THR B 123 -22.56 -15.47 -9.53
CA THR B 123 -22.00 -14.73 -8.43
C THR B 123 -20.62 -15.27 -8.05
N TYR B 124 -19.65 -14.37 -7.94
CA TYR B 124 -18.29 -14.74 -7.58
C TYR B 124 -17.76 -13.81 -6.49
N HIS B 125 -16.87 -14.33 -5.66
CA HIS B 125 -16.29 -13.55 -4.58
C HIS B 125 -14.83 -13.97 -4.36
N PRO B 126 -13.97 -13.01 -3.96
CA PRO B 126 -12.55 -13.29 -3.72
C PRO B 126 -12.33 -14.24 -2.54
N GLN B 127 -11.74 -15.39 -2.82
CA GLN B 127 -11.46 -16.39 -1.80
C GLN B 127 -10.28 -15.96 -0.94
N THR B 128 -10.54 -15.11 0.04
CA THR B 128 -9.49 -14.61 0.92
C THR B 128 -10.06 -14.37 2.32
N MET A 1 16.71 -16.78 14.61
CA MET A 1 17.11 -15.37 14.38
C MET A 1 17.87 -15.27 13.07
N VAL A 2 17.74 -14.13 12.39
CA VAL A 2 18.43 -13.93 11.12
C VAL A 2 19.25 -12.64 11.10
N PRO A 3 20.30 -12.55 11.94
CA PRO A 3 21.16 -11.36 12.01
C PRO A 3 21.88 -11.10 10.68
N HIS A 4 22.28 -12.18 10.00
CA HIS A 4 22.97 -12.04 8.71
C HIS A 4 22.04 -11.45 7.65
N THR A 5 20.77 -11.83 7.71
CA THR A 5 19.77 -11.37 6.76
C THR A 5 19.45 -9.90 7.00
N LEU A 6 19.54 -9.48 8.26
CA LEU A 6 19.28 -8.10 8.63
C LEU A 6 20.31 -7.18 7.96
N SER A 7 21.52 -7.69 7.77
CA SER A 7 22.58 -6.92 7.14
C SER A 7 22.53 -7.06 5.62
N THR A 8 21.67 -7.97 5.15
CA THR A 8 21.52 -8.21 3.72
C THR A 8 20.72 -7.09 3.06
N LEU A 9 19.91 -6.41 3.87
CA LEU A 9 19.10 -5.31 3.37
C LEU A 9 19.96 -4.09 3.09
N LYS A 10 20.00 -3.67 1.83
CA LYS A 10 20.79 -2.53 1.43
C LYS A 10 19.89 -1.37 1.05
N THR A 11 20.36 -0.16 1.30
CA THR A 11 19.59 1.03 0.99
C THR A 11 19.54 1.27 -0.53
N ALA A 12 18.83 2.32 -0.93
CA ALA A 12 18.71 2.68 -2.34
C ALA A 12 20.07 3.11 -2.90
N ASP A 13 21.00 3.38 -1.99
CA ASP A 13 22.36 3.78 -2.37
C ASP A 13 23.23 2.53 -2.52
N ASN A 14 22.61 1.38 -2.25
CA ASN A 14 23.27 0.07 -2.32
C ASN A 14 24.20 -0.13 -1.12
N ARG A 15 23.95 0.65 -0.08
CA ARG A 15 24.73 0.58 1.14
C ARG A 15 23.95 -0.21 2.19
N PRO A 16 24.58 -1.24 2.77
CA PRO A 16 23.95 -2.09 3.80
C PRO A 16 23.31 -1.27 4.92
N ALA A 17 22.15 -1.70 5.37
CA ALA A 17 21.42 -1.02 6.45
C ALA A 17 22.14 -1.13 7.79
N SER A 18 23.25 -1.85 7.81
CA SER A 18 24.05 -2.02 9.02
C SER A 18 24.55 -0.69 9.57
N VAL A 19 24.50 0.35 8.73
CA VAL A 19 24.92 1.69 9.13
C VAL A 19 24.03 2.25 10.24
N TYR A 20 22.81 1.74 10.31
CA TYR A 20 21.85 2.17 11.34
C TYR A 20 21.42 0.99 12.20
N LEU A 21 22.03 -0.17 11.96
CA LEU A 21 21.71 -1.37 12.72
C LEU A 21 22.86 -1.73 13.64
N LYS A 22 23.62 -0.73 14.03
CA LYS A 22 24.77 -0.93 14.90
C LYS A 22 24.71 0.03 16.10
N LYS A 23 25.77 0.00 16.91
CA LYS A 23 25.89 0.87 18.09
C LYS A 23 24.88 0.46 19.17
N ASP A 24 24.26 -0.70 18.95
CA ASP A 24 23.26 -1.26 19.87
C ASP A 24 22.15 -0.26 20.17
N LYS A 25 21.71 0.43 19.13
CA LYS A 25 20.65 1.42 19.25
C LYS A 25 19.38 0.94 18.57
N PRO A 26 18.22 1.19 19.21
CA PRO A 26 16.92 0.79 18.67
C PRO A 26 16.69 1.35 17.27
N THR A 27 16.38 0.48 16.34
CA THR A 27 16.14 0.87 14.96
C THR A 27 14.65 0.99 14.68
N LEU A 28 14.21 2.19 14.33
CA LEU A 28 12.80 2.44 14.04
C LEU A 28 12.54 2.20 12.56
N ILE A 29 11.80 1.13 12.28
CA ILE A 29 11.50 0.76 10.90
C ILE A 29 10.16 1.34 10.44
N LYS A 30 10.22 2.18 9.41
CA LYS A 30 9.04 2.78 8.85
C LYS A 30 8.91 2.39 7.39
N PHE A 31 7.74 1.91 7.01
CA PHE A 31 7.51 1.50 5.63
C PHE A 31 6.76 2.59 4.86
N TRP A 32 7.23 2.85 3.64
CA TRP A 32 6.61 3.87 2.79
C TRP A 32 6.16 3.26 1.47
N ALA A 33 5.60 4.09 0.60
CA ALA A 33 5.12 3.63 -0.70
C ALA A 33 5.40 4.65 -1.79
N SER A 34 5.67 4.17 -2.99
CA SER A 34 5.97 5.02 -4.13
C SER A 34 4.73 5.34 -4.95
N TRP A 35 3.78 4.40 -4.98
CA TRP A 35 2.55 4.58 -5.75
C TRP A 35 1.50 5.39 -4.98
N CYS A 36 1.93 6.00 -3.88
CA CYS A 36 1.02 6.78 -3.05
C CYS A 36 1.48 8.24 -2.95
N PRO A 37 0.59 9.18 -3.29
CA PRO A 37 0.91 10.62 -3.23
C PRO A 37 1.02 11.14 -1.80
N LEU A 38 0.21 10.59 -0.91
CA LEU A 38 0.21 11.01 0.50
C LEU A 38 1.54 10.68 1.17
N CYS A 39 2.00 9.45 0.97
CA CYS A 39 3.26 9.01 1.55
C CYS A 39 4.45 9.71 0.92
N LEU A 40 4.25 10.26 -0.27
CA LEU A 40 5.30 10.96 -0.98
C LEU A 40 5.64 12.27 -0.27
N SER A 41 4.62 12.97 0.19
CA SER A 41 4.81 14.23 0.89
C SER A 41 5.40 13.97 2.27
N GLU A 42 5.01 12.83 2.85
CA GLU A 42 5.49 12.45 4.17
C GLU A 42 7.01 12.23 4.17
N LEU A 43 7.57 11.96 2.99
CA LEU A 43 9.02 11.76 2.87
C LEU A 43 9.76 13.02 3.32
N GLY A 44 9.19 14.18 3.01
CA GLY A 44 9.80 15.44 3.41
C GLY A 44 9.75 15.60 4.91
N GLN A 45 8.65 15.14 5.51
CA GLN A 45 8.46 15.19 6.95
C GLN A 45 9.40 14.20 7.62
N THR A 46 9.62 13.06 6.97
CA THR A 46 10.52 12.03 7.47
C THR A 46 11.94 12.59 7.56
N GLU A 47 12.35 13.36 6.55
CA GLU A 47 13.68 13.96 6.53
C GLU A 47 13.83 14.91 7.71
N LYS A 48 12.76 15.65 8.01
CA LYS A 48 12.75 16.57 9.13
C LYS A 48 12.94 15.81 10.44
N TRP A 49 12.24 14.70 10.58
CA TRP A 49 12.34 13.85 11.76
C TRP A 49 13.70 13.19 11.85
N ALA A 50 14.28 12.86 10.70
CA ALA A 50 15.59 12.22 10.64
C ALA A 50 16.69 13.21 10.99
N GLN A 51 16.28 14.46 11.23
CA GLN A 51 17.21 15.52 11.59
C GLN A 51 16.75 16.17 12.89
N ASP A 52 15.85 15.50 13.58
CA ASP A 52 15.32 15.99 14.84
C ASP A 52 16.20 15.57 16.00
N ALA A 53 16.38 16.47 16.97
CA ALA A 53 17.23 16.19 18.12
C ALA A 53 16.67 15.05 18.98
N LYS A 54 15.36 15.02 19.14
CA LYS A 54 14.72 13.98 19.96
C LYS A 54 14.66 12.66 19.23
N PHE A 55 14.41 12.73 17.92
CA PHE A 55 14.32 11.53 17.10
C PHE A 55 15.69 10.89 16.91
N SER A 56 16.75 11.65 17.20
CA SER A 56 18.11 11.16 17.06
C SER A 56 18.46 10.14 18.14
N SER A 57 17.51 9.86 19.03
CA SER A 57 17.73 8.90 20.09
C SER A 57 17.69 7.47 19.54
N ALA A 58 17.03 7.32 18.39
CA ALA A 58 16.91 6.03 17.74
C ALA A 58 17.31 6.13 16.28
N ASN A 59 17.46 5.00 15.62
CA ASN A 59 17.85 4.99 14.21
C ASN A 59 16.63 4.78 13.33
N LEU A 60 16.08 5.87 12.80
CA LEU A 60 14.90 5.80 11.94
C LEU A 60 15.30 5.49 10.51
N ILE A 61 14.62 4.50 9.91
CA ILE A 61 14.89 4.11 8.52
C ILE A 61 13.59 3.90 7.75
N THR A 62 13.62 4.20 6.46
CA THR A 62 12.45 4.04 5.61
C THR A 62 12.65 2.86 4.68
N VAL A 63 11.97 1.76 4.95
CA VAL A 63 12.11 0.55 4.16
C VAL A 63 10.91 0.36 3.22
N ALA A 64 11.20 -0.21 2.05
CA ALA A 64 10.18 -0.49 1.06
C ALA A 64 10.52 -1.81 0.38
N SER A 65 9.52 -2.57 -0.01
CA SER A 65 9.74 -3.86 -0.64
C SER A 65 9.44 -3.82 -2.14
N PRO A 66 10.49 -3.69 -2.96
CA PRO A 66 10.35 -3.65 -4.43
C PRO A 66 9.72 -4.92 -4.98
N GLY A 67 8.62 -4.76 -5.70
CA GLY A 67 7.95 -5.90 -6.30
C GLY A 67 6.88 -6.48 -5.40
N PHE A 68 6.88 -6.08 -4.13
CA PHE A 68 5.91 -6.59 -3.16
C PHE A 68 4.71 -5.64 -3.07
N LEU A 69 3.52 -6.22 -2.99
CA LEU A 69 2.28 -5.44 -2.89
C LEU A 69 2.11 -4.46 -4.05
N HIS A 70 2.56 -4.88 -5.23
CA HIS A 70 2.45 -4.07 -6.44
C HIS A 70 3.34 -2.82 -6.42
N GLU A 71 4.37 -2.84 -5.57
CA GLU A 71 5.30 -1.70 -5.48
C GLU A 71 6.25 -1.69 -6.67
N LYS A 72 7.15 -0.71 -6.69
CA LYS A 72 8.13 -0.58 -7.76
C LYS A 72 9.11 -1.75 -7.73
N LYS A 73 9.16 -2.49 -8.82
CA LYS A 73 10.05 -3.64 -8.92
C LYS A 73 11.52 -3.23 -8.90
N ASP A 74 12.39 -4.16 -8.48
CA ASP A 74 13.83 -3.92 -8.41
C ASP A 74 14.39 -3.47 -9.75
N GLY A 75 15.14 -2.40 -9.74
CA GLY A 75 15.70 -1.86 -10.95
C GLY A 75 15.08 -0.51 -11.25
N ASP A 76 13.78 -0.43 -11.02
CA ASP A 76 13.02 0.79 -11.26
C ASP A 76 12.86 1.56 -9.94
N PHE A 77 12.71 0.82 -8.86
CA PHE A 77 12.53 1.40 -7.53
C PHE A 77 13.68 2.34 -7.15
N GLN A 78 14.91 1.87 -7.29
CA GLN A 78 16.08 2.67 -6.96
C GLN A 78 16.15 3.94 -7.81
N LYS A 79 15.71 3.83 -9.07
CA LYS A 79 15.72 4.96 -9.98
C LYS A 79 14.66 5.98 -9.58
N TRP A 80 13.59 5.50 -8.96
CA TRP A 80 12.51 6.36 -8.50
C TRP A 80 13.04 7.36 -7.48
N TYR A 81 13.77 6.85 -6.49
CA TYR A 81 14.34 7.69 -5.46
C TYR A 81 15.53 8.47 -6.00
N ALA A 82 16.24 7.87 -6.95
CA ALA A 82 17.41 8.50 -7.57
C ALA A 82 17.02 9.78 -8.32
N GLY A 83 15.75 9.91 -8.63
CA GLY A 83 15.27 11.09 -9.32
C GLY A 83 14.51 12.02 -8.41
N LEU A 84 14.52 11.68 -7.12
CA LEU A 84 13.83 12.49 -6.12
C LEU A 84 14.82 13.27 -5.28
N ASN A 85 14.29 14.08 -4.37
CA ASN A 85 15.10 14.89 -3.49
C ASN A 85 15.24 14.20 -2.13
N TYR A 86 15.65 14.96 -1.11
CA TYR A 86 15.83 14.44 0.24
C TYR A 86 16.96 13.41 0.31
N PRO A 87 18.22 13.88 0.32
CA PRO A 87 19.39 12.99 0.36
C PRO A 87 19.62 12.41 1.76
N LYS A 88 18.76 12.79 2.70
CA LYS A 88 18.85 12.31 4.08
C LYS A 88 17.85 11.20 4.34
N LEU A 89 17.22 10.71 3.29
CA LEU A 89 16.24 9.64 3.41
C LEU A 89 16.90 8.28 3.41
N PRO A 90 16.86 7.57 4.54
CA PRO A 90 17.45 6.24 4.67
C PRO A 90 16.55 5.18 4.05
N VAL A 91 16.35 5.28 2.75
CA VAL A 91 15.51 4.35 2.01
C VAL A 91 16.21 3.00 1.85
N VAL A 92 15.61 1.96 2.41
CA VAL A 92 16.17 0.62 2.34
C VAL A 92 15.40 -0.21 1.31
N THR A 93 16.14 -1.00 0.54
CA THR A 93 15.55 -1.86 -0.48
C THR A 93 15.37 -3.28 0.03
N ASP A 94 14.13 -3.66 0.30
CA ASP A 94 13.82 -5.01 0.77
C ASP A 94 13.25 -5.85 -0.36
N ASN A 95 14.13 -6.44 -1.16
CA ASN A 95 13.71 -7.28 -2.28
C ASN A 95 12.95 -8.51 -1.84
N GLY A 96 11.69 -8.59 -2.24
CA GLY A 96 10.87 -9.74 -1.89
C GLY A 96 10.00 -9.48 -0.68
N GLY A 97 10.38 -8.48 0.10
CA GLY A 97 9.61 -8.14 1.29
C GLY A 97 9.95 -9.05 2.45
N THR A 98 11.23 -9.19 2.73
CA THR A 98 11.69 -10.04 3.82
C THR A 98 11.17 -9.52 5.16
N ILE A 99 11.20 -8.22 5.34
CA ILE A 99 10.74 -7.59 6.57
C ILE A 99 9.23 -7.42 6.51
N ALA A 100 8.73 -7.04 5.35
CA ALA A 100 7.30 -6.82 5.15
C ALA A 100 6.50 -8.10 5.38
N GLN A 101 6.99 -9.21 4.85
CA GLN A 101 6.33 -10.50 5.01
C GLN A 101 6.49 -11.01 6.44
N SER A 102 7.60 -10.65 7.07
CA SER A 102 7.86 -11.07 8.44
C SER A 102 6.86 -10.46 9.41
N LEU A 103 6.49 -9.20 9.18
CA LEU A 103 5.52 -8.51 10.03
C LEU A 103 4.14 -8.50 9.40
N ASN A 104 4.00 -9.24 8.30
CA ASN A 104 2.74 -9.35 7.57
C ASN A 104 2.13 -7.98 7.28
N ILE A 105 2.88 -7.17 6.53
CA ILE A 105 2.43 -5.83 6.17
C ILE A 105 1.58 -5.86 4.91
N SER A 106 0.28 -5.84 5.09
CA SER A 106 -0.65 -5.87 3.97
C SER A 106 -1.36 -4.53 3.81
N VAL A 107 -0.89 -3.53 4.56
CA VAL A 107 -1.48 -2.20 4.50
C VAL A 107 -0.43 -1.12 4.77
N TYR A 108 -0.66 0.07 4.26
CA TYR A 108 0.26 1.18 4.45
C TYR A 108 -0.50 2.43 4.91
N PRO A 109 0.18 3.32 5.65
CA PRO A 109 1.57 3.14 6.04
C PRO A 109 1.70 2.25 7.28
N SER A 110 2.88 1.71 7.50
CA SER A 110 3.13 0.84 8.65
C SER A 110 4.33 1.32 9.44
N TRP A 111 4.16 1.42 10.74
CA TRP A 111 5.22 1.87 11.63
C TRP A 111 5.56 0.78 12.64
N ALA A 112 6.83 0.40 12.69
CA ALA A 112 7.27 -0.63 13.62
C ALA A 112 8.02 0.00 14.79
N LEU A 113 7.44 -0.09 15.97
CA LEU A 113 8.04 0.48 17.16
C LEU A 113 8.96 -0.52 17.85
N ILE A 114 10.25 -0.35 17.63
CA ILE A 114 11.25 -1.21 18.24
C ILE A 114 11.67 -0.65 19.60
N GLY A 115 11.72 -1.51 20.61
CA GLY A 115 12.08 -1.08 21.94
C GLY A 115 13.57 -0.92 22.13
N LYS A 116 13.97 -0.57 23.35
CA LYS A 116 15.37 -0.37 23.68
C LYS A 116 16.19 -1.66 23.63
N ASP A 117 15.50 -2.79 23.53
CA ASP A 117 16.18 -4.08 23.47
C ASP A 117 16.33 -4.56 22.04
N GLY A 118 15.70 -3.86 21.11
CA GLY A 118 15.79 -4.22 19.71
C GLY A 118 14.59 -5.03 19.24
N ASP A 119 13.74 -5.41 20.18
CA ASP A 119 12.55 -6.19 19.86
C ASP A 119 11.38 -5.28 19.52
N VAL A 120 10.42 -5.79 18.76
CA VAL A 120 9.25 -5.03 18.36
C VAL A 120 8.26 -4.96 19.51
N GLN A 121 8.14 -3.79 20.12
CA GLN A 121 7.23 -3.61 21.24
C GLN A 121 5.81 -3.37 20.77
N ARG A 122 5.65 -2.56 19.74
CA ARG A 122 4.34 -2.25 19.21
C ARG A 122 4.41 -2.00 17.71
N ILE A 123 3.28 -2.11 17.04
CA ILE A 123 3.20 -1.89 15.61
C ILE A 123 1.95 -1.08 15.28
N VAL A 124 2.07 -0.17 14.32
CA VAL A 124 0.95 0.66 13.92
C VAL A 124 0.66 0.48 12.44
N LYS A 125 -0.60 0.24 12.10
CA LYS A 125 -1.00 0.04 10.72
C LYS A 125 -2.25 0.86 10.42
N GLY A 126 -2.18 1.70 9.40
CA GLY A 126 -3.34 2.52 9.03
C GLY A 126 -2.98 3.97 8.82
N SER A 127 -2.69 4.67 9.91
CA SER A 127 -2.33 6.08 9.86
C SER A 127 -2.03 6.60 11.26
N ILE A 128 -1.34 7.72 11.34
CA ILE A 128 -1.00 8.35 12.61
C ILE A 128 -0.99 9.85 12.47
N ASN A 129 -1.26 10.55 13.56
CA ASN A 129 -1.28 12.01 13.56
C ASN A 129 -0.10 12.58 14.34
N GLU A 130 0.11 13.88 14.24
CA GLU A 130 1.22 14.56 14.90
C GLU A 130 1.24 14.33 16.41
N ALA A 131 0.07 14.43 17.04
CA ALA A 131 -0.03 14.23 18.49
C ALA A 131 0.37 12.81 18.87
N GLN A 132 0.05 11.86 18.00
CA GLN A 132 0.38 10.46 18.25
C GLN A 132 1.89 10.26 18.19
N ALA A 133 2.55 10.95 17.27
CA ALA A 133 3.99 10.85 17.12
C ALA A 133 4.67 11.34 18.39
N LEU A 134 4.16 12.44 18.94
CA LEU A 134 4.70 13.02 20.16
C LEU A 134 4.42 12.10 21.35
N ALA A 135 3.20 11.55 21.38
CA ALA A 135 2.79 10.66 22.45
C ALA A 135 3.64 9.39 22.48
N LEU A 136 4.00 8.91 21.30
CA LEU A 136 4.83 7.71 21.17
C LEU A 136 6.21 7.93 21.81
N ILE A 137 6.72 9.15 21.68
CA ILE A 137 8.02 9.49 22.26
C ILE A 137 7.90 9.57 23.78
N ARG A 138 6.75 10.07 24.23
CA ARG A 138 6.48 10.21 25.66
C ARG A 138 6.28 8.84 26.29
N ASP A 139 5.46 8.02 25.65
CA ASP A 139 5.17 6.68 26.15
C ASP A 139 4.85 5.74 25.00
N PRO A 140 5.73 4.76 24.75
CA PRO A 140 5.55 3.78 23.67
C PRO A 140 4.38 2.83 23.94
N ASN A 141 3.81 2.93 25.13
CA ASN A 141 2.69 2.08 25.52
C ASN A 141 1.35 2.76 25.22
N ALA A 142 1.42 3.97 24.68
CA ALA A 142 0.22 4.72 24.35
C ALA A 142 -0.31 4.32 22.98
N ASP A 143 -1.09 3.24 22.94
CA ASP A 143 -1.67 2.75 21.70
C ASP A 143 -2.84 3.64 21.28
N LEU A 144 -3.03 3.78 19.97
CA LEU A 144 -4.10 4.59 19.39
C LEU A 144 -4.17 6.00 19.99
N MET B 1 -21.46 -2.63 8.00
CA MET B 1 -22.93 -2.57 7.91
C MET B 1 -23.48 -1.37 8.67
N ALA B 2 -22.99 -1.18 9.89
CA ALA B 2 -23.44 -0.08 10.73
C ALA B 2 -22.80 1.24 10.29
N LEU B 3 -21.52 1.41 10.56
CA LEU B 3 -20.81 2.63 10.22
C LEU B 3 -20.44 2.65 8.74
N ASP B 4 -19.38 1.92 8.39
CA ASP B 4 -18.88 1.85 7.02
C ASP B 4 -18.48 3.22 6.51
N ALA B 5 -17.93 4.05 7.40
CA ALA B 5 -17.52 5.39 7.05
C ALA B 5 -16.22 5.77 7.76
N ASN B 6 -15.54 6.77 7.19
CA ASN B 6 -14.27 7.27 7.74
C ASN B 6 -13.19 6.21 7.69
N ASP B 7 -12.21 6.32 8.59
CA ASP B 7 -11.09 5.39 8.65
C ASP B 7 -11.21 4.47 9.86
N LEU B 8 -12.41 4.39 10.43
CA LEU B 8 -12.65 3.57 11.61
C LEU B 8 -12.78 2.09 11.26
N LEU B 9 -12.50 1.74 10.01
CA LEU B 9 -12.60 0.36 9.58
C LEU B 9 -11.45 -0.01 8.65
N PRO B 10 -10.81 -1.15 8.90
CA PRO B 10 -9.68 -1.64 8.11
C PRO B 10 -10.06 -1.88 6.64
N PRO B 11 -9.08 -1.78 5.73
CA PRO B 11 -9.29 -1.98 4.29
C PRO B 11 -10.06 -3.25 3.94
N GLU B 12 -9.75 -4.35 4.62
CA GLU B 12 -10.41 -5.61 4.37
C GLU B 12 -11.91 -5.57 4.71
N LYS B 13 -12.32 -4.55 5.43
CA LYS B 13 -13.72 -4.39 5.82
C LYS B 13 -14.30 -3.12 5.21
N ALA B 14 -13.47 -2.38 4.47
CA ALA B 14 -13.90 -1.14 3.86
C ALA B 14 -14.29 -1.34 2.40
N PHE B 15 -13.97 -2.49 1.84
CA PHE B 15 -14.30 -2.77 0.45
C PHE B 15 -15.12 -4.04 0.30
N VAL B 16 -16.24 -3.93 -0.40
CA VAL B 16 -17.11 -5.07 -0.64
C VAL B 16 -17.12 -5.39 -2.13
N PRO B 17 -16.22 -6.28 -2.58
CA PRO B 17 -16.12 -6.67 -3.99
C PRO B 17 -17.30 -7.52 -4.44
N GLU B 18 -18.28 -6.87 -5.04
CA GLU B 18 -19.46 -7.56 -5.54
C GLU B 18 -19.23 -7.94 -7.01
N LEU B 19 -18.83 -9.18 -7.23
CA LEU B 19 -18.57 -9.66 -8.57
C LEU B 19 -19.84 -10.23 -9.21
N ALA B 20 -20.35 -9.52 -10.20
CA ALA B 20 -21.55 -9.96 -10.90
C ALA B 20 -21.21 -10.34 -12.33
N VAL B 21 -21.13 -11.64 -12.59
CA VAL B 21 -20.81 -12.13 -13.92
C VAL B 21 -22.09 -12.32 -14.72
N ALA B 22 -22.11 -11.79 -15.94
CA ALA B 22 -23.27 -11.91 -16.81
C ALA B 22 -22.89 -12.69 -18.06
N ASP B 23 -23.86 -12.94 -18.91
CA ASP B 23 -23.63 -13.68 -20.15
C ASP B 23 -22.87 -12.83 -21.18
N ASP B 24 -23.12 -11.53 -21.17
CA ASP B 24 -22.44 -10.62 -22.09
C ASP B 24 -21.02 -10.32 -21.64
N GLY B 25 -20.84 -10.22 -20.33
CA GLY B 25 -19.52 -9.94 -19.78
C GLY B 25 -19.54 -9.90 -18.27
N VAL B 26 -18.41 -9.57 -17.68
CA VAL B 26 -18.30 -9.50 -16.22
C VAL B 26 -18.46 -8.06 -15.75
N ASN B 27 -19.27 -7.86 -14.73
CA ASN B 27 -19.49 -6.53 -14.17
C ASN B 27 -19.09 -6.50 -12.71
N VAL B 28 -17.96 -5.89 -12.42
CA VAL B 28 -17.47 -5.81 -11.06
C VAL B 28 -17.92 -4.50 -10.40
N ARG B 29 -18.60 -4.64 -9.27
CA ARG B 29 -19.08 -3.48 -8.53
C ARG B 29 -18.61 -3.55 -7.08
N PHE B 30 -17.41 -3.06 -6.83
CA PHE B 30 -16.86 -3.08 -5.48
C PHE B 30 -17.38 -1.89 -4.67
N ARG B 31 -18.20 -2.19 -3.68
CA ARG B 31 -18.79 -1.17 -2.83
C ARG B 31 -17.75 -0.66 -1.84
N ILE B 32 -17.37 0.60 -2.01
CA ILE B 32 -16.36 1.21 -1.15
C ILE B 32 -17.04 1.92 0.03
N ALA B 33 -16.37 1.89 1.17
CA ALA B 33 -16.87 2.54 2.37
C ALA B 33 -16.86 4.05 2.19
N ASP B 34 -17.72 4.74 2.93
CA ASP B 34 -17.81 6.20 2.82
C ASP B 34 -16.63 6.88 3.52
N GLY B 35 -15.55 7.06 2.78
CA GLY B 35 -14.37 7.69 3.34
C GLY B 35 -13.12 7.30 2.57
N TYR B 36 -13.24 6.25 1.78
CA TYR B 36 -12.13 5.76 0.97
C TYR B 36 -12.40 6.05 -0.49
N TYR B 37 -11.37 6.41 -1.24
CA TYR B 37 -11.52 6.70 -2.66
C TYR B 37 -10.42 6.02 -3.47
N MET B 38 -10.80 5.44 -4.60
CA MET B 38 -9.85 4.75 -5.46
C MET B 38 -9.60 5.54 -6.73
N TYR B 39 -8.39 5.45 -7.26
CA TYR B 39 -8.02 6.15 -8.48
C TYR B 39 -8.35 5.29 -9.68
N GLN B 40 -9.16 5.82 -10.59
CA GLN B 40 -9.56 5.09 -11.80
C GLN B 40 -8.35 4.71 -12.64
N ALA B 41 -7.31 5.55 -12.62
CA ALA B 41 -6.11 5.30 -13.40
C ALA B 41 -5.17 4.33 -12.67
N LYS B 42 -5.63 3.81 -11.54
CA LYS B 42 -4.82 2.88 -10.76
C LYS B 42 -5.54 1.56 -10.52
N ILE B 43 -6.82 1.50 -10.89
CA ILE B 43 -7.60 0.28 -10.72
C ILE B 43 -7.37 -0.66 -11.89
N VAL B 44 -6.51 -1.63 -11.68
CA VAL B 44 -6.19 -2.60 -12.72
C VAL B 44 -7.13 -3.80 -12.63
N GLY B 45 -7.98 -3.94 -13.62
CA GLY B 45 -8.92 -5.04 -13.64
C GLY B 45 -9.10 -5.59 -15.03
N LYS B 46 -8.96 -6.89 -15.17
CA LYS B 46 -9.12 -7.54 -16.47
C LYS B 46 -9.38 -9.03 -16.32
N THR B 47 -10.24 -9.57 -17.20
CA THR B 47 -10.57 -10.97 -17.18
C THR B 47 -10.54 -11.52 -18.61
N ASN B 48 -9.87 -12.65 -18.79
CA ASN B 48 -9.75 -13.26 -20.12
C ASN B 48 -8.99 -14.57 -20.04
N PRO B 49 -9.17 -15.47 -21.03
CA PRO B 49 -8.47 -16.75 -21.08
C PRO B 49 -7.01 -16.56 -21.49
N ALA B 50 -6.80 -15.98 -22.66
CA ALA B 50 -5.46 -15.73 -23.18
C ALA B 50 -5.35 -14.29 -23.66
N ASP B 51 -5.80 -13.37 -22.82
CA ASP B 51 -5.81 -11.93 -23.13
C ASP B 51 -6.77 -11.60 -24.27
N LEU B 52 -7.89 -12.30 -24.30
CA LEU B 52 -8.90 -12.08 -25.32
C LEU B 52 -10.01 -11.16 -24.81
N LEU B 53 -9.60 -9.98 -24.37
CA LEU B 53 -10.53 -8.99 -23.85
C LEU B 53 -10.26 -7.65 -24.52
N GLY B 54 -11.29 -6.82 -24.62
CA GLY B 54 -11.13 -5.52 -25.25
C GLY B 54 -10.42 -4.55 -24.32
N GLN B 55 -11.20 -3.88 -23.49
CA GLN B 55 -10.65 -2.92 -22.54
C GLN B 55 -11.60 -2.75 -21.36
N PRO B 56 -11.06 -2.46 -20.16
CA PRO B 56 -11.88 -2.26 -18.95
C PRO B 56 -12.81 -1.07 -19.10
N SER B 57 -14.09 -1.35 -19.27
CA SER B 57 -15.09 -0.30 -19.43
C SER B 57 -15.44 0.31 -18.08
N PHE B 58 -14.78 1.42 -17.75
CA PHE B 58 -15.03 2.11 -16.49
C PHE B 58 -16.30 2.94 -16.58
N SER B 59 -17.04 3.02 -15.48
CA SER B 59 -18.28 3.79 -15.44
C SER B 59 -18.01 5.27 -15.21
N LYS B 60 -16.76 5.59 -14.88
CA LYS B 60 -16.32 6.97 -14.64
C LYS B 60 -16.87 7.53 -13.33
N GLY B 61 -16.31 8.65 -12.89
CA GLY B 61 -16.76 9.28 -11.66
C GLY B 61 -16.39 10.75 -11.63
N GLU B 62 -15.86 11.21 -10.51
CA GLU B 62 -15.47 12.61 -10.36
C GLU B 62 -13.96 12.75 -10.40
N GLU B 63 -13.49 13.91 -10.85
CA GLU B 63 -12.05 14.18 -10.90
C GLU B 63 -11.60 14.82 -9.61
N LYS B 64 -10.59 14.23 -8.98
CA LYS B 64 -10.07 14.75 -7.73
C LYS B 64 -8.77 15.51 -7.96
N GLU B 65 -8.71 16.73 -7.45
CA GLU B 65 -7.52 17.55 -7.58
C GLU B 65 -6.50 17.13 -6.54
N ASP B 66 -5.27 16.91 -6.98
CA ASP B 66 -4.21 16.48 -6.09
C ASP B 66 -2.95 17.31 -6.36
N GLU B 67 -2.01 17.28 -5.44
CA GLU B 67 -0.79 18.05 -5.59
C GLU B 67 0.32 17.20 -6.23
N PHE B 68 0.27 15.90 -5.97
CA PHE B 68 1.26 14.97 -6.51
C PHE B 68 0.71 14.25 -7.73
N PHE B 69 -0.55 13.89 -7.66
CA PHE B 69 -1.20 13.18 -8.77
C PHE B 69 -1.83 14.14 -9.76
N GLY B 70 -1.89 15.42 -9.40
CA GLY B 70 -2.46 16.42 -10.28
C GLY B 70 -3.97 16.39 -10.29
N ARG B 71 -4.54 15.54 -11.14
CA ARG B 71 -5.99 15.41 -11.23
C ARG B 71 -6.38 14.14 -11.98
N GLN B 72 -7.05 13.23 -11.28
CA GLN B 72 -7.49 11.98 -11.88
C GLN B 72 -8.89 11.62 -11.42
N THR B 73 -9.56 10.77 -12.19
CA THR B 73 -10.90 10.33 -11.85
C THR B 73 -10.84 9.40 -10.65
N VAL B 74 -11.68 9.65 -9.66
CA VAL B 74 -11.69 8.83 -8.46
C VAL B 74 -13.08 8.30 -8.14
N TYR B 75 -13.12 7.14 -7.51
CA TYR B 75 -14.35 6.51 -7.09
C TYR B 75 -14.41 6.54 -5.57
N HIS B 76 -15.39 7.25 -5.02
CA HIS B 76 -15.52 7.38 -3.57
C HIS B 76 -16.62 6.51 -3.00
N HIS B 77 -17.34 5.82 -3.87
CA HIS B 77 -18.42 4.95 -3.45
C HIS B 77 -18.97 4.20 -4.66
N GLU B 78 -19.10 4.92 -5.76
CA GLU B 78 -19.61 4.36 -7.01
C GLU B 78 -18.47 3.80 -7.85
N ALA B 79 -18.30 2.49 -7.81
CA ALA B 79 -17.24 1.83 -8.57
C ALA B 79 -17.78 0.62 -9.33
N GLN B 80 -17.88 0.76 -10.64
CA GLN B 80 -18.36 -0.32 -11.48
C GLN B 80 -17.54 -0.41 -12.77
N VAL B 81 -17.03 -1.60 -13.07
CA VAL B 81 -16.23 -1.81 -14.26
C VAL B 81 -16.77 -3.01 -15.06
N ALA B 82 -16.99 -2.80 -16.35
CA ALA B 82 -17.49 -3.85 -17.23
C ALA B 82 -16.37 -4.44 -18.06
N PHE B 83 -16.42 -5.75 -18.31
CA PHE B 83 -15.40 -6.42 -19.09
C PHE B 83 -15.98 -7.08 -20.34
N PRO B 84 -15.83 -6.42 -21.50
CA PRO B 84 -16.33 -6.94 -22.77
C PRO B 84 -15.35 -7.92 -23.43
N TYR B 85 -15.81 -9.15 -23.61
CA TYR B 85 -14.97 -10.19 -24.20
C TYR B 85 -14.65 -9.90 -25.67
N ALA B 86 -13.44 -10.25 -26.09
CA ALA B 86 -13.02 -10.05 -27.47
C ALA B 86 -13.04 -11.37 -28.23
N LYS B 87 -13.66 -12.37 -27.60
CA LYS B 87 -13.77 -13.69 -28.18
C LYS B 87 -14.83 -14.49 -27.45
N ALA B 88 -15.81 -15.00 -28.19
CA ALA B 88 -16.88 -15.79 -27.60
C ALA B 88 -16.44 -17.24 -27.40
N VAL B 89 -15.91 -17.52 -26.21
CA VAL B 89 -15.45 -18.87 -25.89
C VAL B 89 -16.18 -19.41 -24.67
N GLY B 90 -16.10 -20.72 -24.47
CA GLY B 90 -16.76 -21.33 -23.33
C GLY B 90 -15.76 -21.85 -22.32
N GLU B 91 -14.55 -21.32 -22.39
CA GLU B 91 -13.49 -21.72 -21.48
C GLU B 91 -13.45 -20.80 -20.27
N PRO B 92 -13.26 -21.36 -19.07
CA PRO B 92 -13.18 -20.56 -17.83
C PRO B 92 -12.02 -19.57 -17.89
N TYR B 93 -12.32 -18.31 -17.62
CA TYR B 93 -11.32 -17.25 -17.67
C TYR B 93 -10.98 -16.75 -16.27
N LYS B 94 -9.78 -16.23 -16.12
CA LYS B 94 -9.33 -15.70 -14.84
C LYS B 94 -9.56 -14.21 -14.79
N LEU B 95 -9.76 -13.67 -13.59
CA LEU B 95 -10.00 -12.26 -13.40
C LEU B 95 -9.03 -11.68 -12.39
N VAL B 96 -8.30 -10.65 -12.80
CA VAL B 96 -7.34 -10.00 -11.91
C VAL B 96 -7.87 -8.62 -11.53
N LEU B 97 -8.01 -8.37 -10.23
CA LEU B 97 -8.50 -7.09 -9.76
C LEU B 97 -7.57 -6.46 -8.74
N THR B 98 -7.08 -5.27 -9.07
CA THR B 98 -6.18 -4.53 -8.20
C THR B 98 -6.87 -3.27 -7.69
N TYR B 99 -7.06 -3.18 -6.38
CA TYR B 99 -7.72 -2.02 -5.78
C TYR B 99 -6.71 -1.04 -5.21
N GLN B 100 -6.52 0.09 -5.87
CA GLN B 100 -5.58 1.10 -5.42
C GLN B 100 -6.29 2.44 -5.18
N GLY B 101 -6.11 2.98 -3.99
CA GLY B 101 -6.71 4.24 -3.66
C GLY B 101 -6.14 4.79 -2.38
N SER B 102 -6.89 5.67 -1.73
CA SER B 102 -6.47 6.29 -0.48
C SER B 102 -7.70 6.70 0.33
N ALA B 103 -7.49 7.04 1.59
CA ALA B 103 -8.59 7.46 2.45
C ALA B 103 -8.54 8.96 2.64
N GLU B 104 -9.71 9.58 2.74
CA GLU B 104 -9.80 11.03 2.92
C GLU B 104 -9.19 11.48 4.24
N ALA B 105 -8.99 10.54 5.16
CA ALA B 105 -8.40 10.85 6.45
C ALA B 105 -6.87 10.90 6.40
N GLY B 106 -6.30 10.43 5.29
CA GLY B 106 -4.85 10.43 5.16
C GLY B 106 -4.26 9.05 5.00
N VAL B 107 -5.06 8.03 5.30
CA VAL B 107 -4.61 6.64 5.17
C VAL B 107 -4.31 6.32 3.70
N CYS B 108 -3.14 5.73 3.45
CA CYS B 108 -2.74 5.39 2.10
C CYS B 108 -2.48 3.89 1.97
N TYR B 109 -3.57 3.13 1.90
CA TYR B 109 -3.48 1.67 1.80
C TYR B 109 -2.85 1.23 0.47
N PRO B 110 -2.29 0.01 0.44
CA PRO B 110 -1.65 -0.53 -0.77
C PRO B 110 -2.65 -1.21 -1.69
N PRO B 111 -2.29 -1.38 -2.97
CA PRO B 111 -3.15 -2.02 -3.95
C PRO B 111 -3.10 -3.54 -3.83
N VAL B 112 -3.70 -4.05 -2.76
CA VAL B 112 -3.74 -5.49 -2.53
C VAL B 112 -4.63 -6.15 -3.58
N ASP B 113 -4.00 -6.61 -4.64
CA ASP B 113 -4.71 -7.26 -5.74
C ASP B 113 -5.07 -8.69 -5.40
N THR B 114 -6.17 -9.16 -5.97
CA THR B 114 -6.64 -10.51 -5.76
C THR B 114 -7.11 -11.10 -7.09
N GLU B 115 -6.89 -12.40 -7.27
CA GLU B 115 -7.28 -13.08 -8.49
C GLU B 115 -8.53 -13.91 -8.26
N PHE B 116 -9.43 -13.86 -9.23
CA PHE B 116 -10.68 -14.61 -9.16
C PHE B 116 -10.77 -15.54 -10.37
N ASP B 117 -11.50 -16.64 -10.21
CA ASP B 117 -11.66 -17.60 -11.29
C ASP B 117 -13.11 -17.63 -11.74
N ILE B 118 -13.34 -17.34 -13.01
CA ILE B 118 -14.70 -17.33 -13.55
C ILE B 118 -15.01 -18.66 -14.22
N PHE B 119 -15.33 -19.65 -13.40
CA PHE B 119 -15.66 -20.98 -13.90
C PHE B 119 -17.16 -21.15 -14.09
N GLY B 120 -17.93 -20.22 -13.52
CA GLY B 120 -19.37 -20.28 -13.64
C GLY B 120 -20.04 -20.41 -12.28
N ASN B 121 -20.72 -19.33 -11.87
CA ASN B 121 -21.43 -19.32 -10.59
C ASN B 121 -22.35 -18.11 -10.51
N GLY B 122 -21.96 -17.02 -11.15
CA GLY B 122 -22.76 -15.82 -11.13
C GLY B 122 -22.13 -14.75 -10.28
N THR B 123 -22.33 -14.86 -8.96
CA THR B 123 -21.78 -13.90 -8.03
C THR B 123 -20.52 -14.48 -7.37
N TYR B 124 -19.48 -13.66 -7.27
CA TYR B 124 -18.23 -14.08 -6.66
C TYR B 124 -17.80 -13.13 -5.54
N HIS B 125 -16.97 -13.63 -4.65
CA HIS B 125 -16.45 -12.85 -3.53
C HIS B 125 -15.10 -13.40 -3.11
N PRO B 126 -14.19 -12.54 -2.62
CA PRO B 126 -12.85 -12.97 -2.20
C PRO B 126 -12.88 -13.90 -0.98
N GLN B 127 -12.07 -14.94 -1.03
CA GLN B 127 -11.98 -15.90 0.06
C GLN B 127 -10.81 -15.57 0.96
N THR B 128 -10.86 -14.40 1.57
CA THR B 128 -9.82 -13.94 2.46
C THR B 128 -10.27 -14.03 3.92
N MET A 1 14.37 -16.19 15.90
CA MET A 1 14.66 -14.81 15.46
C MET A 1 15.43 -14.84 14.15
N VAL A 2 15.57 -13.68 13.51
CA VAL A 2 16.29 -13.59 12.25
C VAL A 2 17.20 -12.36 12.20
N PRO A 3 18.20 -12.26 13.09
CA PRO A 3 19.12 -11.12 13.12
C PRO A 3 19.97 -11.05 11.87
N HIS A 4 20.28 -12.22 11.30
CA HIS A 4 21.09 -12.28 10.08
C HIS A 4 20.34 -11.64 8.92
N THR A 5 19.05 -11.88 8.84
CA THR A 5 18.22 -11.34 7.78
C THR A 5 18.08 -9.83 7.93
N LEU A 6 17.92 -9.39 9.17
CA LEU A 6 17.79 -7.96 9.46
C LEU A 6 19.04 -7.20 9.02
N SER A 7 20.18 -7.87 9.11
CA SER A 7 21.45 -7.29 8.70
C SER A 7 21.67 -7.45 7.20
N THR A 8 20.90 -8.34 6.58
CA THR A 8 21.01 -8.58 5.15
C THR A 8 20.27 -7.49 4.37
N LEU A 9 19.31 -6.86 5.02
CA LEU A 9 18.53 -5.79 4.39
C LEU A 9 19.44 -4.61 4.07
N LYS A 10 19.73 -4.44 2.79
CA LYS A 10 20.59 -3.37 2.36
C LYS A 10 19.76 -2.19 1.87
N THR A 11 20.28 -0.99 2.07
CA THR A 11 19.60 0.21 1.64
C THR A 11 19.82 0.44 0.15
N ALA A 12 19.13 1.43 -0.41
CA ALA A 12 19.27 1.76 -1.82
C ALA A 12 20.65 2.34 -2.10
N ASP A 13 21.40 2.54 -1.02
CA ASP A 13 22.76 3.09 -1.10
C ASP A 13 23.77 1.94 -1.18
N ASN A 14 23.24 0.72 -1.26
CA ASN A 14 24.05 -0.50 -1.38
C ASN A 14 24.75 -0.88 -0.07
N ARG A 15 24.34 -0.26 1.03
CA ARG A 15 24.91 -0.55 2.33
C ARG A 15 23.86 -1.15 3.26
N PRO A 16 24.21 -2.15 4.07
CA PRO A 16 23.29 -2.80 5.01
C PRO A 16 22.67 -1.80 5.99
N ALA A 17 21.42 -2.05 6.37
CA ALA A 17 20.70 -1.18 7.30
C ALA A 17 21.27 -1.27 8.71
N SER A 18 22.29 -2.11 8.88
CA SER A 18 22.95 -2.30 10.17
C SER A 18 23.53 -0.98 10.70
N VAL A 19 23.76 -0.03 9.79
CA VAL A 19 24.31 1.27 10.17
C VAL A 19 23.33 2.04 11.06
N TYR A 20 22.09 1.57 11.10
CA TYR A 20 21.04 2.17 11.92
C TYR A 20 20.43 1.12 12.82
N LEU A 21 21.17 0.03 13.03
CA LEU A 21 20.71 -1.07 13.86
C LEU A 21 21.78 -1.44 14.89
N LYS A 22 22.43 -0.42 15.44
CA LYS A 22 23.48 -0.63 16.43
C LYS A 22 23.36 0.39 17.57
N LYS A 23 24.30 0.31 18.51
CA LYS A 23 24.33 1.21 19.68
C LYS A 23 23.20 0.96 20.66
N ASP A 24 22.49 -0.16 20.48
CA ASP A 24 21.37 -0.52 21.34
C ASP A 24 20.28 0.55 21.35
N LYS A 25 20.18 1.28 20.23
CA LYS A 25 19.19 2.35 20.10
C LYS A 25 17.93 1.82 19.42
N PRO A 26 16.75 2.22 19.92
CA PRO A 26 15.46 1.81 19.37
C PRO A 26 15.37 2.16 17.89
N THR A 27 14.77 1.29 17.10
CA THR A 27 14.65 1.52 15.67
C THR A 27 13.21 1.85 15.27
N LEU A 28 13.05 2.73 14.30
CA LEU A 28 11.74 3.12 13.83
C LEU A 28 11.65 2.87 12.32
N ILE A 29 10.95 1.81 11.96
CA ILE A 29 10.78 1.43 10.56
C ILE A 29 9.56 2.14 9.97
N LYS A 30 9.80 2.95 8.96
CA LYS A 30 8.74 3.69 8.30
C LYS A 30 8.52 3.15 6.89
N PHE A 31 7.33 2.60 6.65
CA PHE A 31 6.99 2.07 5.34
C PHE A 31 6.35 3.15 4.48
N TRP A 32 6.56 3.09 3.17
CA TRP A 32 6.01 4.06 2.25
C TRP A 32 5.76 3.46 0.88
N ALA A 33 5.17 4.25 -0.02
CA ALA A 33 4.88 3.81 -1.38
C ALA A 33 5.48 4.80 -2.37
N SER A 34 5.90 4.29 -3.51
CA SER A 34 6.53 5.12 -4.54
C SER A 34 5.54 6.06 -5.23
N TRP A 35 4.56 5.48 -5.93
CA TRP A 35 3.59 6.28 -6.66
C TRP A 35 2.35 6.61 -5.82
N CYS A 36 2.57 7.29 -4.71
CA CYS A 36 1.47 7.68 -3.83
C CYS A 36 1.63 9.12 -3.40
N PRO A 37 0.63 9.98 -3.66
CA PRO A 37 0.67 11.40 -3.30
C PRO A 37 0.91 11.62 -1.80
N LEU A 38 0.15 10.92 -0.98
CA LEU A 38 0.25 11.04 0.47
C LEU A 38 1.64 10.67 0.97
N CYS A 39 2.12 9.49 0.57
CA CYS A 39 3.43 9.00 0.99
C CYS A 39 4.56 9.88 0.44
N LEU A 40 4.35 10.43 -0.76
CA LEU A 40 5.35 11.27 -1.40
C LEU A 40 5.62 12.53 -0.56
N SER A 41 4.55 13.20 -0.15
CA SER A 41 4.67 14.39 0.67
C SER A 41 5.18 14.04 2.06
N GLU A 42 4.79 12.85 2.54
CA GLU A 42 5.20 12.38 3.87
C GLU A 42 6.72 12.22 3.92
N LEU A 43 7.31 11.80 2.80
CA LEU A 43 8.76 11.61 2.72
C LEU A 43 9.49 12.91 3.03
N GLY A 44 8.96 14.02 2.53
CA GLY A 44 9.55 15.32 2.76
C GLY A 44 9.59 15.68 4.24
N GLN A 45 8.62 15.16 4.98
CA GLN A 45 8.54 15.42 6.41
C GLN A 45 9.37 14.39 7.17
N THR A 46 9.51 13.20 6.59
CA THR A 46 10.28 12.12 7.20
C THR A 46 11.74 12.54 7.41
N GLU A 47 12.34 13.09 6.36
CA GLU A 47 13.73 13.54 6.44
C GLU A 47 13.87 14.65 7.48
N LYS A 48 12.87 15.51 7.54
CA LYS A 48 12.86 16.62 8.49
C LYS A 48 12.84 16.07 9.92
N TRP A 49 11.94 15.11 10.15
CA TRP A 49 11.80 14.48 11.46
C TRP A 49 13.09 13.75 11.85
N ALA A 50 13.67 13.04 10.89
CA ALA A 50 14.90 12.28 11.12
C ALA A 50 16.09 13.20 11.39
N GLN A 51 15.87 14.50 11.27
CA GLN A 51 16.92 15.48 11.50
C GLN A 51 16.63 16.32 12.75
N ASP A 52 15.62 15.91 13.51
CA ASP A 52 15.25 16.61 14.74
C ASP A 52 15.96 15.99 15.93
N ALA A 53 16.26 16.80 16.94
CA ALA A 53 16.95 16.32 18.14
C ALA A 53 16.12 15.28 18.89
N LYS A 54 14.81 15.41 18.82
CA LYS A 54 13.92 14.47 19.50
C LYS A 54 14.01 13.07 18.90
N PHE A 55 13.99 13.02 17.57
CA PHE A 55 14.06 11.76 16.85
C PHE A 55 15.46 11.15 16.85
N SER A 56 16.44 11.91 17.35
CA SER A 56 17.81 11.43 17.40
C SER A 56 17.96 10.33 18.45
N SER A 57 16.95 10.19 19.29
CA SER A 57 16.95 9.19 20.34
C SER A 57 16.80 7.78 19.75
N ALA A 58 16.22 7.72 18.56
CA ALA A 58 16.00 6.44 17.89
C ALA A 58 16.60 6.46 16.48
N ASN A 59 16.52 5.33 15.80
CA ASN A 59 17.03 5.21 14.45
C ASN A 59 15.88 5.10 13.46
N LEU A 60 15.54 6.22 12.85
CA LEU A 60 14.44 6.26 11.87
C LEU A 60 14.93 5.84 10.50
N ILE A 61 14.28 4.83 9.92
CA ILE A 61 14.65 4.33 8.61
C ILE A 61 13.43 4.11 7.72
N THR A 62 13.55 4.50 6.46
CA THR A 62 12.46 4.33 5.51
C THR A 62 12.62 3.01 4.78
N VAL A 63 11.74 2.06 5.06
CA VAL A 63 11.82 0.74 4.45
C VAL A 63 10.68 0.53 3.45
N ALA A 64 11.02 -0.07 2.32
CA ALA A 64 10.05 -0.38 1.28
C ALA A 64 10.40 -1.74 0.70
N SER A 65 9.41 -2.49 0.29
CA SER A 65 9.63 -3.83 -0.26
C SER A 65 9.45 -3.87 -1.79
N PRO A 66 10.55 -3.79 -2.55
CA PRO A 66 10.51 -3.83 -4.01
C PRO A 66 9.99 -5.16 -4.53
N GLY A 67 8.93 -5.11 -5.33
CA GLY A 67 8.35 -6.30 -5.89
C GLY A 67 7.28 -6.91 -5.01
N PHE A 68 6.97 -6.23 -3.90
CA PHE A 68 5.97 -6.72 -2.97
C PHE A 68 4.80 -5.75 -2.91
N LEU A 69 3.61 -6.28 -2.67
CA LEU A 69 2.38 -5.48 -2.58
C LEU A 69 2.11 -4.67 -3.85
N HIS A 70 2.60 -5.21 -4.97
CA HIS A 70 2.40 -4.58 -6.29
C HIS A 70 3.24 -3.30 -6.45
N GLU A 71 4.28 -3.16 -5.63
CA GLU A 71 5.15 -1.99 -5.70
C GLU A 71 6.19 -2.14 -6.81
N LYS A 72 7.13 -1.20 -6.86
CA LYS A 72 8.19 -1.21 -7.87
C LYS A 72 9.15 -2.37 -7.64
N LYS A 73 9.46 -3.08 -8.71
CA LYS A 73 10.37 -4.23 -8.65
C LYS A 73 11.82 -3.80 -8.36
N ASP A 74 12.61 -4.74 -7.85
CA ASP A 74 14.01 -4.50 -7.52
C ASP A 74 14.76 -3.98 -8.75
N GLY A 75 15.67 -3.05 -8.53
CA GLY A 75 16.42 -2.47 -9.63
C GLY A 75 15.78 -1.18 -10.10
N ASP A 76 14.53 -1.29 -10.56
CA ASP A 76 13.79 -0.12 -11.03
C ASP A 76 13.46 0.80 -9.84
N PHE A 77 13.17 0.18 -8.71
CA PHE A 77 12.84 0.91 -7.49
C PHE A 77 14.01 1.75 -7.00
N GLN A 78 15.22 1.19 -7.06
CA GLN A 78 16.41 1.90 -6.61
C GLN A 78 16.68 3.11 -7.51
N LYS A 79 16.29 2.98 -8.78
CA LYS A 79 16.48 4.05 -9.74
C LYS A 79 15.55 5.22 -9.42
N TRP A 80 14.42 4.91 -8.81
CA TRP A 80 13.46 5.93 -8.41
C TRP A 80 14.08 6.81 -7.34
N TYR A 81 14.73 6.17 -6.37
CA TYR A 81 15.39 6.88 -5.28
C TYR A 81 16.55 7.71 -5.82
N ALA A 82 17.25 7.14 -6.79
CA ALA A 82 18.39 7.82 -7.41
C ALA A 82 17.95 9.08 -8.16
N GLY A 83 16.67 9.15 -8.50
CA GLY A 83 16.14 10.30 -9.21
C GLY A 83 15.35 11.21 -8.30
N LEU A 84 15.52 11.04 -6.99
CA LEU A 84 14.81 11.86 -6.02
C LEU A 84 15.78 12.65 -5.17
N ASN A 85 15.30 13.74 -4.58
CA ASN A 85 16.12 14.58 -3.72
C ASN A 85 16.18 13.97 -2.31
N TYR A 86 16.80 14.69 -1.37
CA TYR A 86 16.93 14.23 0.01
C TYR A 86 17.89 13.04 0.07
N PRO A 87 19.20 13.32 -0.03
CA PRO A 87 20.24 12.28 -0.01
C PRO A 87 20.51 11.75 1.39
N LYS A 88 19.68 12.15 2.35
CA LYS A 88 19.85 11.70 3.72
C LYS A 88 18.76 10.70 4.10
N LEU A 89 17.93 10.35 3.13
CA LEU A 89 16.84 9.40 3.35
C LEU A 89 17.37 7.97 3.37
N PRO A 90 17.33 7.31 4.54
CA PRO A 90 17.80 5.94 4.69
C PRO A 90 16.79 4.95 4.11
N VAL A 91 16.69 4.92 2.79
CA VAL A 91 15.77 4.02 2.10
C VAL A 91 16.32 2.60 2.05
N VAL A 92 15.64 1.69 2.74
CA VAL A 92 16.05 0.29 2.78
C VAL A 92 15.28 -0.52 1.75
N THR A 93 15.99 -1.34 1.00
CA THR A 93 15.37 -2.17 -0.02
C THR A 93 15.06 -3.56 0.52
N ASP A 94 13.82 -3.76 0.96
CA ASP A 94 13.39 -5.04 1.50
C ASP A 94 12.99 -5.98 0.36
N ASN A 95 14.00 -6.62 -0.24
CA ASN A 95 13.77 -7.54 -1.36
C ASN A 95 12.95 -8.75 -0.95
N GLY A 96 11.69 -8.79 -1.36
CA GLY A 96 10.83 -9.90 -1.03
C GLY A 96 9.79 -9.51 0.01
N GLY A 97 10.11 -8.50 0.81
CA GLY A 97 9.21 -8.07 1.84
C GLY A 97 9.37 -8.87 3.11
N THR A 98 10.60 -8.93 3.60
CA THR A 98 10.91 -9.67 4.81
C THR A 98 10.18 -9.08 6.00
N ILE A 99 10.24 -7.76 6.14
CA ILE A 99 9.59 -7.08 7.24
C ILE A 99 8.09 -6.98 6.99
N ALA A 100 7.73 -6.70 5.74
CA ALA A 100 6.33 -6.57 5.36
C ALA A 100 5.57 -7.88 5.55
N GLN A 101 6.22 -9.00 5.25
CA GLN A 101 5.59 -10.32 5.41
C GLN A 101 5.51 -10.72 6.87
N SER A 102 6.59 -10.49 7.61
CA SER A 102 6.65 -10.84 9.02
C SER A 102 5.61 -10.09 9.85
N LEU A 103 5.38 -8.83 9.52
CA LEU A 103 4.42 -8.02 10.26
C LEU A 103 3.07 -7.98 9.54
N ASN A 104 3.00 -8.62 8.38
CA ASN A 104 1.78 -8.68 7.56
C ASN A 104 1.24 -7.28 7.29
N ILE A 105 2.06 -6.44 6.68
CA ILE A 105 1.67 -5.08 6.36
C ILE A 105 1.16 -4.95 4.93
N SER A 106 -0.15 -4.74 4.80
CA SER A 106 -0.77 -4.59 3.49
C SER A 106 -1.37 -3.20 3.32
N VAL A 107 -0.94 -2.26 4.16
CA VAL A 107 -1.46 -0.90 4.10
C VAL A 107 -0.38 0.09 4.56
N TYR A 108 -0.41 1.29 3.99
CA TYR A 108 0.55 2.34 4.34
C TYR A 108 -0.21 3.62 4.70
N PRO A 109 0.43 4.55 5.43
CA PRO A 109 1.79 4.41 5.93
C PRO A 109 1.81 3.71 7.28
N SER A 110 2.56 2.63 7.37
CA SER A 110 2.67 1.90 8.61
C SER A 110 4.03 2.15 9.25
N TRP A 111 4.05 2.24 10.57
CA TRP A 111 5.26 2.50 11.32
C TRP A 111 5.53 1.37 12.30
N ALA A 112 6.75 0.84 12.28
CA ALA A 112 7.13 -0.25 13.17
C ALA A 112 8.13 0.22 14.20
N LEU A 113 7.73 0.20 15.47
CA LEU A 113 8.60 0.63 16.55
C LEU A 113 9.36 -0.57 17.13
N ILE A 114 10.67 -0.53 17.01
CA ILE A 114 11.53 -1.58 17.51
C ILE A 114 12.21 -1.12 18.81
N GLY A 115 12.25 -2.00 19.80
CA GLY A 115 12.84 -1.67 21.07
C GLY A 115 14.36 -1.63 21.04
N LYS A 116 14.96 -1.47 22.22
CA LYS A 116 16.41 -1.41 22.34
C LYS A 116 17.05 -2.78 22.15
N ASP A 117 16.22 -3.82 22.18
CA ASP A 117 16.69 -5.18 22.04
C ASP A 117 16.58 -5.64 20.59
N GLY A 118 16.22 -4.71 19.71
CA GLY A 118 16.08 -5.04 18.30
C GLY A 118 14.85 -5.88 18.04
N ASP A 119 13.87 -5.77 18.93
CA ASP A 119 12.63 -6.52 18.83
C ASP A 119 11.45 -5.59 18.57
N VAL A 120 10.41 -6.11 17.93
CA VAL A 120 9.22 -5.32 17.64
C VAL A 120 8.49 -4.97 18.93
N GLN A 121 8.46 -3.68 19.25
CA GLN A 121 7.82 -3.21 20.47
C GLN A 121 6.36 -2.84 20.22
N ARG A 122 6.12 -2.02 19.20
CA ARG A 122 4.77 -1.59 18.89
C ARG A 122 4.58 -1.38 17.39
N ILE A 123 3.44 -1.81 16.87
CA ILE A 123 3.13 -1.65 15.47
C ILE A 123 2.01 -0.62 15.29
N VAL A 124 2.23 0.32 14.38
CA VAL A 124 1.24 1.36 14.10
C VAL A 124 0.87 1.33 12.62
N LYS A 125 -0.43 1.35 12.34
CA LYS A 125 -0.90 1.30 10.95
C LYS A 125 -2.06 2.27 10.73
N GLY A 126 -2.03 2.98 9.60
CA GLY A 126 -3.08 3.92 9.28
C GLY A 126 -2.55 5.31 8.96
N SER A 127 -2.23 6.06 9.99
CA SER A 127 -1.70 7.42 9.84
C SER A 127 -1.28 7.96 11.21
N ILE A 128 -0.17 8.70 11.25
CA ILE A 128 0.31 9.26 12.50
C ILE A 128 0.49 10.77 12.38
N ASN A 129 0.76 11.42 13.50
CA ASN A 129 0.98 12.87 13.51
C ASN A 129 2.26 13.19 14.27
N GLU A 130 2.74 14.44 14.16
CA GLU A 130 3.98 14.84 14.82
C GLU A 130 3.96 14.65 16.33
N ALA A 131 2.91 15.14 16.98
CA ALA A 131 2.79 15.03 18.43
C ALA A 131 2.77 13.56 18.85
N GLN A 132 2.08 12.74 18.08
CA GLN A 132 1.99 11.32 18.36
C GLN A 132 3.37 10.67 18.23
N ALA A 133 4.12 11.12 17.23
CA ALA A 133 5.47 10.60 17.00
C ALA A 133 6.37 10.98 18.17
N LEU A 134 6.23 12.21 18.65
CA LEU A 134 7.01 12.70 19.77
C LEU A 134 6.65 11.92 21.02
N ALA A 135 5.36 11.60 21.17
CA ALA A 135 4.87 10.84 22.32
C ALA A 135 5.48 9.46 22.33
N LEU A 136 5.64 8.86 21.16
CA LEU A 136 6.22 7.54 21.04
C LEU A 136 7.68 7.55 21.50
N ILE A 137 8.36 8.67 21.24
CA ILE A 137 9.75 8.83 21.66
C ILE A 137 9.81 9.00 23.17
N ARG A 138 8.78 9.65 23.72
CA ARG A 138 8.68 9.88 25.15
C ARG A 138 8.41 8.57 25.88
N ASP A 139 7.44 7.83 25.38
CA ASP A 139 7.08 6.55 25.96
C ASP A 139 6.57 5.60 24.90
N PRO A 140 7.27 4.48 24.67
CA PRO A 140 6.88 3.47 23.68
C PRO A 140 5.54 2.82 24.00
N ASN A 141 5.01 3.08 25.19
CA ASN A 141 3.73 2.52 25.60
C ASN A 141 2.57 3.33 25.05
N ALA A 142 2.90 4.48 24.43
CA ALA A 142 1.89 5.34 23.85
C ALA A 142 1.27 4.71 22.61
N ASP A 143 -0.05 4.60 22.61
CA ASP A 143 -0.76 3.99 21.50
C ASP A 143 -1.98 4.82 21.15
N LEU A 144 -2.29 4.90 19.85
CA LEU A 144 -3.43 5.68 19.34
C LEU A 144 -3.48 7.09 19.92
N MET B 1 -22.26 -3.01 7.59
CA MET B 1 -22.76 -3.66 8.82
C MET B 1 -22.97 -2.62 9.92
N ALA B 2 -21.94 -2.42 10.74
CA ALA B 2 -22.02 -1.46 11.83
C ALA B 2 -21.85 -0.04 11.31
N LEU B 3 -20.61 0.40 11.19
CA LEU B 3 -20.32 1.74 10.70
C LEU B 3 -19.98 1.69 9.22
N ASP B 4 -18.90 0.97 8.90
CA ASP B 4 -18.45 0.81 7.51
C ASP B 4 -18.18 2.17 6.86
N ALA B 5 -17.67 3.10 7.66
CA ALA B 5 -17.37 4.44 7.19
C ALA B 5 -16.12 4.99 7.86
N ASN B 6 -15.58 6.06 7.30
CA ASN B 6 -14.39 6.73 7.80
C ASN B 6 -13.16 5.82 7.75
N ASP B 7 -12.23 6.07 8.66
CA ASP B 7 -10.99 5.31 8.76
C ASP B 7 -11.00 4.41 9.98
N LEU B 8 -12.19 4.02 10.42
CA LEU B 8 -12.32 3.16 11.59
C LEU B 8 -12.50 1.70 11.21
N LEU B 9 -12.05 1.34 10.02
CA LEU B 9 -12.16 -0.03 9.55
C LEU B 9 -10.99 -0.40 8.63
N PRO B 10 -10.43 -1.60 8.81
CA PRO B 10 -9.29 -2.09 8.01
C PRO B 10 -9.63 -2.24 6.54
N PRO B 11 -8.66 -1.96 5.64
CA PRO B 11 -8.83 -2.06 4.19
C PRO B 11 -9.39 -3.41 3.73
N GLU B 12 -8.96 -4.50 4.38
CA GLU B 12 -9.42 -5.84 4.01
C GLU B 12 -10.89 -6.07 4.36
N LYS B 13 -11.50 -5.08 5.00
CA LYS B 13 -12.90 -5.14 5.37
C LYS B 13 -13.64 -3.90 4.85
N ALA B 14 -12.87 -2.95 4.34
CA ALA B 14 -13.43 -1.70 3.84
C ALA B 14 -13.92 -1.83 2.40
N PHE B 15 -13.64 -2.96 1.78
CA PHE B 15 -14.06 -3.19 0.40
C PHE B 15 -14.76 -4.53 0.25
N VAL B 16 -15.99 -4.49 -0.25
CA VAL B 16 -16.76 -5.71 -0.46
C VAL B 16 -16.86 -5.98 -1.96
N PRO B 17 -15.98 -6.84 -2.50
CA PRO B 17 -15.95 -7.18 -3.92
C PRO B 17 -17.07 -8.13 -4.34
N GLU B 18 -18.17 -7.56 -4.81
CA GLU B 18 -19.30 -8.35 -5.27
C GLU B 18 -19.13 -8.63 -6.77
N LEU B 19 -18.61 -9.80 -7.07
CA LEU B 19 -18.38 -10.21 -8.45
C LEU B 19 -19.64 -10.80 -9.08
N ALA B 20 -20.09 -10.21 -10.17
CA ALA B 20 -21.27 -10.68 -10.86
C ALA B 20 -20.94 -10.96 -12.33
N VAL B 21 -20.93 -12.23 -12.69
CA VAL B 21 -20.62 -12.62 -14.06
C VAL B 21 -21.90 -12.88 -14.86
N ALA B 22 -22.09 -12.11 -15.92
CA ALA B 22 -23.25 -12.28 -16.78
C ALA B 22 -22.86 -13.09 -18.00
N ASP B 23 -23.85 -13.51 -18.79
CA ASP B 23 -23.59 -14.30 -19.97
C ASP B 23 -22.88 -13.48 -21.04
N ASP B 24 -23.18 -12.18 -21.07
CA ASP B 24 -22.56 -11.28 -22.04
C ASP B 24 -21.16 -10.85 -21.60
N GLY B 25 -20.98 -10.64 -20.29
CA GLY B 25 -19.69 -10.22 -19.78
C GLY B 25 -19.66 -10.15 -18.28
N VAL B 26 -18.48 -9.90 -17.71
CA VAL B 26 -18.32 -9.80 -16.27
C VAL B 26 -18.54 -8.37 -15.79
N ASN B 27 -19.20 -8.23 -14.65
CA ASN B 27 -19.46 -6.92 -14.08
C ASN B 27 -19.04 -6.91 -12.61
N VAL B 28 -17.98 -6.17 -12.31
CA VAL B 28 -17.49 -6.09 -10.94
C VAL B 28 -18.11 -4.93 -10.19
N ARG B 29 -18.71 -5.22 -9.04
CA ARG B 29 -19.35 -4.19 -8.23
C ARG B 29 -18.87 -4.29 -6.79
N PHE B 30 -17.69 -3.74 -6.52
CA PHE B 30 -17.13 -3.76 -5.19
C PHE B 30 -17.58 -2.54 -4.40
N ARG B 31 -18.14 -2.77 -3.22
CA ARG B 31 -18.61 -1.69 -2.37
C ARG B 31 -17.46 -1.09 -1.57
N ILE B 32 -17.28 0.21 -1.70
CA ILE B 32 -16.22 0.91 -0.99
C ILE B 32 -16.80 1.59 0.26
N ALA B 33 -16.12 1.44 1.38
CA ALA B 33 -16.56 2.05 2.63
C ALA B 33 -16.62 3.56 2.50
N ASP B 34 -17.53 4.17 3.23
CA ASP B 34 -17.71 5.63 3.16
C ASP B 34 -16.59 6.35 3.89
N GLY B 35 -15.43 6.38 3.27
CA GLY B 35 -14.26 7.03 3.84
C GLY B 35 -13.02 6.77 3.02
N TYR B 36 -13.09 5.70 2.23
CA TYR B 36 -11.98 5.33 1.35
C TYR B 36 -12.34 5.69 -0.07
N TYR B 37 -11.35 5.93 -0.91
CA TYR B 37 -11.60 6.29 -2.29
C TYR B 37 -10.51 5.73 -3.21
N MET B 38 -10.92 5.23 -4.36
CA MET B 38 -9.99 4.67 -5.33
C MET B 38 -9.87 5.55 -6.56
N TYR B 39 -8.76 5.44 -7.26
CA TYR B 39 -8.53 6.23 -8.46
C TYR B 39 -8.87 5.41 -9.69
N GLN B 40 -9.78 5.93 -10.52
CA GLN B 40 -10.20 5.24 -11.74
C GLN B 40 -9.04 5.00 -12.69
N ALA B 41 -8.04 5.87 -12.62
CA ALA B 41 -6.87 5.76 -13.48
C ALA B 41 -5.77 4.93 -12.80
N LYS B 42 -6.14 4.22 -11.75
CA LYS B 42 -5.20 3.38 -11.02
C LYS B 42 -5.75 1.97 -10.80
N ILE B 43 -7.06 1.82 -10.95
CA ILE B 43 -7.70 0.52 -10.79
C ILE B 43 -7.47 -0.34 -12.03
N VAL B 44 -6.83 -1.48 -11.83
CA VAL B 44 -6.55 -2.40 -12.93
C VAL B 44 -7.60 -3.51 -12.95
N GLY B 45 -8.23 -3.70 -14.09
CA GLY B 45 -9.24 -4.74 -14.20
C GLY B 45 -9.35 -5.26 -15.61
N LYS B 46 -9.11 -6.56 -15.76
CA LYS B 46 -9.18 -7.19 -17.07
C LYS B 46 -9.58 -8.66 -16.95
N THR B 47 -10.44 -9.11 -17.86
CA THR B 47 -10.87 -10.50 -17.85
C THR B 47 -10.93 -11.05 -19.27
N ASN B 48 -10.24 -12.17 -19.49
CA ASN B 48 -10.19 -12.80 -20.80
C ASN B 48 -9.31 -14.05 -20.74
N PRO B 49 -9.43 -14.96 -21.73
CA PRO B 49 -8.63 -16.17 -21.79
C PRO B 49 -7.26 -15.88 -22.42
N ALA B 50 -7.25 -15.61 -23.73
CA ALA B 50 -6.01 -15.33 -24.44
C ALA B 50 -5.99 -13.90 -24.97
N ASP B 51 -6.16 -12.93 -24.06
CA ASP B 51 -6.15 -11.51 -24.40
C ASP B 51 -7.33 -11.12 -25.29
N LEU B 52 -8.46 -11.80 -25.08
CA LEU B 52 -9.66 -11.52 -25.86
C LEU B 52 -10.59 -10.56 -25.14
N LEU B 53 -10.10 -9.38 -24.82
CA LEU B 53 -10.90 -8.37 -24.14
C LEU B 53 -10.91 -7.07 -24.93
N GLY B 54 -12.07 -6.42 -24.98
CA GLY B 54 -12.20 -5.17 -25.70
C GLY B 54 -11.61 -4.02 -24.91
N GLN B 55 -12.31 -3.62 -23.85
CA GLN B 55 -11.86 -2.53 -23.00
C GLN B 55 -12.64 -2.54 -21.69
N PRO B 56 -12.05 -2.06 -20.59
CA PRO B 56 -12.71 -1.99 -19.29
C PRO B 56 -13.69 -0.82 -19.24
N SER B 57 -14.98 -1.11 -19.38
CA SER B 57 -15.99 -0.06 -19.37
C SER B 57 -16.28 0.44 -17.95
N PHE B 58 -15.76 1.63 -17.65
CA PHE B 58 -15.96 2.24 -16.35
C PHE B 58 -17.28 2.98 -16.31
N SER B 59 -17.92 2.98 -15.15
CA SER B 59 -19.22 3.65 -14.99
C SER B 59 -19.03 5.17 -14.88
N LYS B 60 -17.78 5.60 -14.70
CA LYS B 60 -17.43 7.02 -14.59
C LYS B 60 -17.90 7.64 -13.27
N GLY B 61 -16.96 8.13 -12.48
CA GLY B 61 -17.30 8.74 -11.21
C GLY B 61 -17.16 10.25 -11.23
N GLU B 62 -16.56 10.80 -10.18
CA GLU B 62 -16.37 12.24 -10.06
C GLU B 62 -14.90 12.60 -10.13
N GLU B 63 -14.61 13.82 -10.57
CA GLU B 63 -13.24 14.29 -10.67
C GLU B 63 -12.81 14.89 -9.35
N LYS B 64 -11.77 14.31 -8.75
CA LYS B 64 -11.28 14.79 -7.47
C LYS B 64 -10.05 15.66 -7.64
N GLU B 65 -9.99 16.72 -6.86
CA GLU B 65 -8.85 17.62 -6.89
C GLU B 65 -7.72 16.98 -6.11
N ASP B 66 -6.52 16.98 -6.66
CA ASP B 66 -5.37 16.38 -6.01
C ASP B 66 -4.17 17.32 -6.07
N GLU B 67 -3.14 17.00 -5.31
CA GLU B 67 -1.93 17.80 -5.24
C GLU B 67 -0.82 17.18 -6.08
N PHE B 68 -0.80 15.85 -6.16
CA PHE B 68 0.22 15.14 -6.91
C PHE B 68 -0.35 14.50 -8.17
N PHE B 69 -1.56 13.97 -8.06
CA PHE B 69 -2.20 13.34 -9.21
C PHE B 69 -2.90 14.37 -10.08
N GLY B 70 -3.03 15.58 -9.56
CA GLY B 70 -3.68 16.64 -10.30
C GLY B 70 -5.19 16.54 -10.27
N ARG B 71 -5.77 16.02 -11.35
CA ARG B 71 -7.22 15.87 -11.44
C ARG B 71 -7.55 14.51 -12.02
N GLN B 72 -8.09 13.62 -11.20
CA GLN B 72 -8.43 12.28 -11.66
C GLN B 72 -9.80 11.84 -11.16
N THR B 73 -10.44 10.96 -11.92
CA THR B 73 -11.74 10.42 -11.55
C THR B 73 -11.57 9.45 -10.40
N VAL B 74 -12.33 9.65 -9.33
CA VAL B 74 -12.22 8.78 -8.18
C VAL B 74 -13.57 8.18 -7.78
N TYR B 75 -13.50 7.03 -7.15
CA TYR B 75 -14.66 6.33 -6.65
C TYR B 75 -14.63 6.40 -5.13
N HIS B 76 -15.66 6.99 -4.53
CA HIS B 76 -15.69 7.16 -3.09
C HIS B 76 -16.66 6.20 -2.39
N HIS B 77 -17.36 5.40 -3.18
CA HIS B 77 -18.32 4.44 -2.64
C HIS B 77 -18.87 3.61 -3.79
N GLU B 78 -19.07 4.27 -4.92
CA GLU B 78 -19.59 3.63 -6.12
C GLU B 78 -18.45 3.01 -6.89
N ALA B 79 -18.67 1.81 -7.41
CA ALA B 79 -17.65 1.10 -8.18
C ALA B 79 -18.27 0.02 -9.04
N GLN B 80 -18.10 0.14 -10.35
CA GLN B 80 -18.65 -0.83 -11.28
C GLN B 80 -17.92 -0.76 -12.61
N VAL B 81 -17.35 -1.89 -13.01
CA VAL B 81 -16.62 -1.97 -14.27
C VAL B 81 -17.14 -3.14 -15.09
N ALA B 82 -17.53 -2.87 -16.33
CA ALA B 82 -18.05 -3.89 -17.22
C ALA B 82 -16.95 -4.39 -18.15
N PHE B 83 -16.90 -5.69 -18.38
CA PHE B 83 -15.88 -6.26 -19.25
C PHE B 83 -16.49 -6.97 -20.47
N PRO B 84 -16.53 -6.28 -21.62
CA PRO B 84 -17.05 -6.84 -22.86
C PRO B 84 -16.00 -7.73 -23.53
N TYR B 85 -16.39 -8.95 -23.87
CA TYR B 85 -15.46 -9.89 -24.50
C TYR B 85 -15.22 -9.52 -25.96
N ALA B 86 -14.02 -9.81 -26.45
CA ALA B 86 -13.66 -9.52 -27.83
C ALA B 86 -13.97 -10.71 -28.73
N LYS B 87 -14.38 -11.80 -28.10
CA LYS B 87 -14.71 -13.03 -28.81
C LYS B 87 -15.72 -13.84 -28.02
N ALA B 88 -16.59 -14.54 -28.72
CA ALA B 88 -17.61 -15.35 -28.06
C ALA B 88 -17.15 -16.80 -27.93
N VAL B 89 -16.41 -17.09 -26.87
CA VAL B 89 -15.91 -18.43 -26.62
C VAL B 89 -16.40 -18.94 -25.26
N GLY B 90 -16.47 -20.25 -25.11
CA GLY B 90 -16.93 -20.83 -23.86
C GLY B 90 -15.79 -21.33 -23.00
N GLU B 91 -14.67 -20.64 -23.06
CA GLU B 91 -13.50 -21.01 -22.28
C GLU B 91 -13.45 -20.16 -21.00
N PRO B 92 -13.09 -20.78 -19.86
CA PRO B 92 -13.00 -20.07 -18.58
C PRO B 92 -11.97 -18.94 -18.63
N TYR B 93 -12.47 -17.70 -18.55
CA TYR B 93 -11.62 -16.52 -18.61
C TYR B 93 -11.04 -16.24 -17.23
N LYS B 94 -9.97 -15.46 -17.17
CA LYS B 94 -9.37 -15.09 -15.91
C LYS B 94 -9.61 -13.62 -15.66
N LEU B 95 -9.86 -13.25 -14.41
CA LEU B 95 -10.13 -11.87 -14.06
C LEU B 95 -9.05 -11.34 -13.12
N VAL B 96 -8.26 -10.42 -13.62
CA VAL B 96 -7.19 -9.81 -12.84
C VAL B 96 -7.62 -8.44 -12.35
N LEU B 97 -7.79 -8.31 -11.04
CA LEU B 97 -8.21 -7.04 -10.44
C LEU B 97 -7.14 -6.49 -9.50
N THR B 98 -6.94 -5.18 -9.56
CA THR B 98 -5.97 -4.50 -8.72
C THR B 98 -6.62 -3.25 -8.13
N TYR B 99 -6.71 -3.19 -6.82
CA TYR B 99 -7.35 -2.05 -6.15
C TYR B 99 -6.32 -1.04 -5.63
N GLN B 100 -6.31 0.13 -6.24
CA GLN B 100 -5.40 1.19 -5.82
C GLN B 100 -6.17 2.45 -5.44
N GLY B 101 -6.05 2.85 -4.20
CA GLY B 101 -6.74 4.03 -3.73
C GLY B 101 -6.10 4.61 -2.49
N SER B 102 -6.86 5.40 -1.76
CA SER B 102 -6.38 6.02 -0.54
C SER B 102 -7.55 6.32 0.38
N ALA B 103 -7.27 6.89 1.53
CA ALA B 103 -8.31 7.23 2.48
C ALA B 103 -8.30 8.73 2.73
N GLU B 104 -9.48 9.33 2.81
CA GLU B 104 -9.61 10.77 3.04
C GLU B 104 -9.21 11.18 4.46
N ALA B 105 -8.60 10.26 5.19
CA ALA B 105 -8.18 10.53 6.56
C ALA B 105 -6.65 10.58 6.67
N GLY B 106 -5.97 10.51 5.53
CA GLY B 106 -4.51 10.57 5.54
C GLY B 106 -3.86 9.21 5.46
N VAL B 107 -4.56 8.24 4.87
CA VAL B 107 -4.04 6.89 4.72
C VAL B 107 -3.84 6.57 3.23
N CYS B 108 -2.77 5.86 2.90
CA CYS B 108 -2.48 5.51 1.51
C CYS B 108 -2.05 4.05 1.39
N TYR B 109 -3.02 3.17 1.20
CA TYR B 109 -2.74 1.74 1.08
C TYR B 109 -2.21 1.40 -0.32
N PRO B 110 -1.39 0.35 -0.42
CA PRO B 110 -0.82 -0.09 -1.70
C PRO B 110 -1.88 -0.74 -2.59
N PRO B 111 -1.58 -0.90 -3.89
CA PRO B 111 -2.52 -1.49 -4.85
C PRO B 111 -2.59 -3.01 -4.73
N VAL B 112 -3.22 -3.48 -3.66
CA VAL B 112 -3.37 -4.91 -3.44
C VAL B 112 -4.22 -5.52 -4.57
N ASP B 113 -3.67 -6.52 -5.22
CA ASP B 113 -4.36 -7.17 -6.33
C ASP B 113 -4.91 -8.53 -5.93
N THR B 114 -5.87 -9.01 -6.70
CA THR B 114 -6.49 -10.30 -6.46
C THR B 114 -6.94 -10.91 -7.79
N GLU B 115 -6.39 -12.07 -8.13
CA GLU B 115 -6.74 -12.74 -9.37
C GLU B 115 -7.87 -13.74 -9.18
N PHE B 116 -8.91 -13.61 -9.99
CA PHE B 116 -10.06 -14.50 -9.93
C PHE B 116 -10.13 -15.32 -11.21
N ASP B 117 -10.75 -16.49 -11.12
CA ASP B 117 -10.90 -17.36 -12.27
C ASP B 117 -12.38 -17.53 -12.59
N ILE B 118 -12.76 -17.22 -13.82
CA ILE B 118 -14.15 -17.32 -14.22
C ILE B 118 -14.46 -18.70 -14.79
N PHE B 119 -14.52 -19.68 -13.91
CA PHE B 119 -14.81 -21.04 -14.32
C PHE B 119 -16.31 -21.24 -14.57
N GLY B 120 -17.13 -20.44 -13.90
CA GLY B 120 -18.56 -20.53 -14.08
C GLY B 120 -19.32 -20.64 -12.77
N ASN B 121 -19.01 -19.77 -11.82
CA ASN B 121 -19.67 -19.78 -10.52
C ASN B 121 -20.63 -18.60 -10.39
N GLY B 122 -20.54 -17.68 -11.34
CA GLY B 122 -21.40 -16.50 -11.32
C GLY B 122 -20.88 -15.46 -10.36
N THR B 123 -21.12 -15.69 -9.08
CA THR B 123 -20.67 -14.78 -8.03
C THR B 123 -19.38 -15.30 -7.43
N TYR B 124 -18.38 -14.44 -7.30
CA TYR B 124 -17.09 -14.83 -6.76
C TYR B 124 -16.74 -14.05 -5.50
N HIS B 125 -15.90 -14.66 -4.66
CA HIS B 125 -15.46 -14.04 -3.42
C HIS B 125 -13.94 -14.05 -3.33
N PRO B 126 -13.34 -13.00 -2.76
CA PRO B 126 -11.89 -12.90 -2.61
C PRO B 126 -11.33 -13.98 -1.69
N GLN B 127 -10.37 -14.73 -2.19
CA GLN B 127 -9.74 -15.79 -1.43
C GLN B 127 -8.62 -15.25 -0.55
N THR B 128 -8.99 -14.72 0.60
CA THR B 128 -8.04 -14.17 1.55
C THR B 128 -8.64 -14.27 2.95
N MET A 1 14.07 -15.56 16.52
CA MET A 1 14.49 -14.28 15.89
C MET A 1 15.70 -14.51 15.00
N VAL A 2 15.65 -13.99 13.78
CA VAL A 2 16.74 -14.15 12.83
C VAL A 2 17.35 -12.80 12.44
N PRO A 3 18.34 -12.32 13.20
CA PRO A 3 19.00 -11.04 12.93
C PRO A 3 19.79 -11.07 11.62
N HIS A 4 20.08 -12.27 11.14
CA HIS A 4 20.83 -12.44 9.90
C HIS A 4 20.06 -11.86 8.73
N THR A 5 18.74 -11.93 8.79
CA THR A 5 17.89 -11.42 7.73
C THR A 5 17.94 -9.90 7.69
N LEU A 6 17.91 -9.29 8.87
CA LEU A 6 17.96 -7.83 8.99
C LEU A 6 19.32 -7.32 8.51
N SER A 7 20.34 -8.14 8.71
CA SER A 7 21.69 -7.78 8.30
C SER A 7 21.90 -8.11 6.82
N THR A 8 20.93 -8.79 6.22
CA THR A 8 20.99 -9.15 4.81
C THR A 8 20.30 -8.07 3.98
N LEU A 9 19.37 -7.36 4.61
CA LEU A 9 18.64 -6.29 3.96
C LEU A 9 19.56 -5.13 3.61
N LYS A 10 19.52 -4.71 2.36
CA LYS A 10 20.34 -3.62 1.88
C LYS A 10 19.47 -2.45 1.45
N THR A 11 20.01 -1.25 1.55
CA THR A 11 19.28 -0.06 1.17
C THR A 11 19.28 0.10 -0.35
N ALA A 12 18.51 1.05 -0.85
CA ALA A 12 18.43 1.31 -2.29
C ALA A 12 19.77 1.89 -2.78
N ASP A 13 20.58 2.32 -1.82
CA ASP A 13 21.89 2.88 -2.10
C ASP A 13 22.90 1.75 -2.26
N ASN A 14 22.48 0.55 -1.81
CA ASN A 14 23.29 -0.69 -1.87
C ASN A 14 24.00 -0.97 -0.54
N ARG A 15 24.08 0.03 0.32
CA ARG A 15 24.71 -0.12 1.63
C ARG A 15 23.82 -0.99 2.53
N PRO A 16 24.42 -1.87 3.33
CA PRO A 16 23.66 -2.75 4.24
C PRO A 16 22.93 -1.94 5.32
N ALA A 17 21.78 -2.43 5.74
CA ALA A 17 20.98 -1.76 6.76
C ALA A 17 21.69 -1.73 8.12
N SER A 18 22.77 -2.50 8.23
CA SER A 18 23.56 -2.58 9.45
C SER A 18 24.05 -1.20 9.91
N VAL A 19 24.15 -0.26 8.97
CA VAL A 19 24.60 1.09 9.28
C VAL A 19 23.66 1.80 10.26
N TYR A 20 22.42 1.34 10.31
CA TYR A 20 21.42 1.91 11.20
C TYR A 20 20.77 0.81 12.04
N LEU A 21 21.52 -0.24 12.30
CA LEU A 21 21.03 -1.36 13.09
C LEU A 21 22.08 -1.82 14.10
N LYS A 22 22.91 -0.90 14.54
CA LYS A 22 23.96 -1.22 15.49
C LYS A 22 24.05 -0.19 16.61
N LYS A 23 25.06 -0.35 17.46
CA LYS A 23 25.30 0.53 18.61
C LYS A 23 24.26 0.34 19.70
N ASP A 24 23.46 -0.72 19.57
CA ASP A 24 22.41 -1.08 20.52
C ASP A 24 21.41 0.06 20.71
N LYS A 25 21.17 0.80 19.64
CA LYS A 25 20.25 1.93 19.69
C LYS A 25 18.89 1.56 19.10
N PRO A 26 17.81 2.16 19.63
CA PRO A 26 16.44 1.90 19.15
C PRO A 26 16.31 2.23 17.66
N THR A 27 15.54 1.41 16.97
CA THR A 27 15.35 1.60 15.54
C THR A 27 13.91 2.01 15.23
N LEU A 28 13.75 2.88 14.25
CA LEU A 28 12.44 3.35 13.85
C LEU A 28 12.22 3.04 12.37
N ILE A 29 11.50 1.96 12.11
CA ILE A 29 11.24 1.52 10.75
C ILE A 29 9.95 2.14 10.23
N LYS A 30 10.06 2.88 9.14
CA LYS A 30 8.90 3.53 8.54
C LYS A 30 8.62 2.93 7.17
N PHE A 31 7.40 2.45 6.98
CA PHE A 31 6.99 1.87 5.71
C PHE A 31 6.17 2.85 4.90
N TRP A 32 6.39 2.86 3.59
CA TRP A 32 5.70 3.77 2.69
C TRP A 32 5.50 3.14 1.32
N ALA A 33 4.69 3.78 0.48
CA ALA A 33 4.42 3.31 -0.86
C ALA A 33 4.94 4.32 -1.88
N SER A 34 5.60 3.83 -2.92
CA SER A 34 6.18 4.68 -3.95
C SER A 34 5.15 5.50 -4.72
N TRP A 35 4.21 4.82 -5.36
CA TRP A 35 3.17 5.50 -6.15
C TRP A 35 1.98 5.95 -5.31
N CYS A 36 2.24 6.41 -4.11
CA CYS A 36 1.18 6.88 -3.22
C CYS A 36 1.34 8.37 -2.95
N PRO A 37 0.29 9.16 -3.19
CA PRO A 37 0.32 10.62 -3.00
C PRO A 37 0.60 11.03 -1.55
N LEU A 38 -0.06 10.39 -0.61
CA LEU A 38 0.10 10.70 0.80
C LEU A 38 1.53 10.42 1.28
N CYS A 39 2.04 9.25 0.93
CA CYS A 39 3.39 8.85 1.33
C CYS A 39 4.45 9.70 0.62
N LEU A 40 4.18 10.11 -0.61
CA LEU A 40 5.11 10.92 -1.38
C LEU A 40 5.32 12.29 -0.75
N SER A 41 4.26 12.86 -0.19
CA SER A 41 4.34 14.15 0.46
C SER A 41 5.10 14.07 1.79
N GLU A 42 5.13 12.88 2.35
CA GLU A 42 5.81 12.67 3.63
C GLU A 42 7.30 12.40 3.44
N LEU A 43 7.73 12.27 2.19
CA LEU A 43 9.15 12.02 1.91
C LEU A 43 10.03 13.13 2.46
N GLY A 44 9.65 14.37 2.17
CA GLY A 44 10.41 15.52 2.65
C GLY A 44 10.36 15.63 4.17
N GLN A 45 9.23 15.23 4.75
CA GLN A 45 9.07 15.28 6.21
C GLN A 45 9.94 14.22 6.88
N THR A 46 9.98 13.03 6.30
CA THR A 46 10.77 11.94 6.83
C THR A 46 12.26 12.32 6.86
N GLU A 47 12.73 12.96 5.79
CA GLU A 47 14.12 13.39 5.71
C GLU A 47 14.41 14.45 6.78
N LYS A 48 13.46 15.36 6.97
CA LYS A 48 13.61 16.41 7.96
C LYS A 48 13.65 15.82 9.37
N TRP A 49 12.84 14.80 9.60
CA TRP A 49 12.80 14.14 10.90
C TRP A 49 14.07 13.34 11.14
N ALA A 50 14.62 12.77 10.07
CA ALA A 50 15.84 11.98 10.16
C ALA A 50 17.04 12.86 10.49
N GLN A 51 16.85 14.18 10.38
CA GLN A 51 17.89 15.14 10.68
C GLN A 51 17.51 15.98 11.89
N ASP A 52 16.52 15.51 12.64
CA ASP A 52 16.05 16.22 13.82
C ASP A 52 16.94 15.91 15.02
N ALA A 53 17.08 16.89 15.92
CA ALA A 53 17.93 16.74 17.09
C ALA A 53 17.40 15.67 18.06
N LYS A 54 16.09 15.57 18.18
CA LYS A 54 15.48 14.59 19.08
C LYS A 54 15.34 13.24 18.42
N PHE A 55 14.91 13.23 17.17
CA PHE A 55 14.73 11.98 16.42
C PHE A 55 16.07 11.28 16.17
N SER A 56 17.15 12.05 16.25
CA SER A 56 18.50 11.51 16.03
C SER A 56 18.93 10.58 17.16
N SER A 57 18.06 10.39 18.15
CA SER A 57 18.37 9.51 19.27
C SER A 57 18.04 8.07 18.91
N ALA A 58 17.44 7.88 17.75
CA ALA A 58 17.06 6.56 17.27
C ALA A 58 17.47 6.40 15.82
N ASN A 59 17.48 5.17 15.34
CA ASN A 59 17.85 4.90 13.96
C ASN A 59 16.61 4.89 13.07
N LEU A 60 16.32 6.03 12.45
CA LEU A 60 15.15 6.15 11.57
C LEU A 60 15.49 5.67 10.16
N ILE A 61 14.74 4.69 9.68
CA ILE A 61 14.95 4.14 8.34
C ILE A 61 13.63 3.86 7.64
N THR A 62 13.60 4.13 6.34
CA THR A 62 12.41 3.89 5.54
C THR A 62 12.55 2.60 4.77
N VAL A 63 11.73 1.61 5.09
CA VAL A 63 11.80 0.33 4.43
C VAL A 63 10.60 0.09 3.53
N ALA A 64 10.85 -0.47 2.35
CA ALA A 64 9.81 -0.78 1.40
C ALA A 64 9.99 -2.21 0.90
N SER A 65 8.92 -2.83 0.47
CA SER A 65 8.99 -4.21 0.00
C SER A 65 8.72 -4.32 -1.50
N PRO A 66 9.80 -4.38 -2.32
CA PRO A 66 9.67 -4.50 -3.77
C PRO A 66 9.08 -5.85 -4.17
N GLY A 67 8.09 -5.81 -5.05
CA GLY A 67 7.46 -7.04 -5.50
C GLY A 67 6.43 -7.56 -4.51
N PHE A 68 6.11 -6.75 -3.52
CA PHE A 68 5.14 -7.13 -2.50
C PHE A 68 4.03 -6.09 -2.46
N LEU A 69 2.78 -6.54 -2.33
CA LEU A 69 1.61 -5.66 -2.29
C LEU A 69 1.51 -4.84 -3.57
N HIS A 70 2.00 -5.43 -4.66
CA HIS A 70 2.00 -4.82 -5.98
C HIS A 70 3.03 -3.70 -6.14
N GLU A 71 3.98 -3.62 -5.23
CA GLU A 71 5.03 -2.60 -5.31
C GLU A 71 5.98 -2.90 -6.47
N LYS A 72 6.81 -1.94 -6.81
CA LYS A 72 7.78 -2.08 -7.90
C LYS A 72 8.67 -3.30 -7.68
N LYS A 73 8.88 -4.07 -8.73
CA LYS A 73 9.70 -5.27 -8.65
C LYS A 73 11.17 -4.91 -8.39
N ASP A 74 11.94 -5.90 -7.96
CA ASP A 74 13.36 -5.70 -7.67
C ASP A 74 14.08 -5.16 -8.90
N GLY A 75 14.95 -4.19 -8.69
CA GLY A 75 15.66 -3.58 -9.79
C GLY A 75 14.96 -2.34 -10.27
N ASP A 76 13.66 -2.46 -10.51
CA ASP A 76 12.85 -1.33 -10.96
C ASP A 76 12.67 -0.33 -9.82
N PHE A 77 12.47 -0.86 -8.63
CA PHE A 77 12.27 -0.04 -7.44
C PHE A 77 13.49 0.85 -7.17
N GLN A 78 14.68 0.26 -7.20
CA GLN A 78 15.90 1.01 -6.96
C GLN A 78 16.16 2.04 -8.06
N LYS A 79 15.65 1.76 -9.26
CA LYS A 79 15.81 2.67 -10.39
C LYS A 79 14.97 3.92 -10.17
N TRP A 80 13.83 3.76 -9.49
CA TRP A 80 12.96 4.87 -9.19
C TRP A 80 13.68 5.81 -8.23
N TYR A 81 14.30 5.24 -7.21
CA TYR A 81 15.04 6.01 -6.23
C TYR A 81 16.20 6.75 -6.89
N ALA A 82 16.82 6.10 -7.87
CA ALA A 82 17.93 6.70 -8.60
C ALA A 82 17.47 7.88 -9.44
N GLY A 83 16.19 7.87 -9.78
CA GLY A 83 15.62 8.95 -10.57
C GLY A 83 14.97 10.00 -9.70
N LEU A 84 14.99 9.77 -8.40
CA LEU A 84 14.40 10.69 -7.45
C LEU A 84 15.48 11.48 -6.72
N ASN A 85 15.06 12.50 -6.01
CA ASN A 85 15.99 13.33 -5.25
C ASN A 85 16.17 12.77 -3.85
N TYR A 86 16.56 13.63 -2.91
CA TYR A 86 16.78 13.23 -1.53
C TYR A 86 17.83 12.13 -1.45
N PRO A 87 19.11 12.47 -1.67
CA PRO A 87 20.22 11.50 -1.63
C PRO A 87 20.47 10.96 -0.23
N LYS A 88 19.83 11.58 0.75
CA LYS A 88 19.99 11.16 2.14
C LYS A 88 18.80 10.34 2.61
N LEU A 89 18.05 9.76 1.67
CA LEU A 89 16.89 8.95 2.01
C LEU A 89 17.32 7.54 2.39
N PRO A 90 17.09 7.15 3.66
CA PRO A 90 17.46 5.83 4.16
C PRO A 90 16.46 4.76 3.73
N VAL A 91 16.27 4.63 2.42
CA VAL A 91 15.34 3.65 1.87
C VAL A 91 15.98 2.26 1.81
N VAL A 92 15.35 1.32 2.50
CA VAL A 92 15.83 -0.06 2.54
C VAL A 92 14.98 -0.94 1.63
N THR A 93 15.62 -1.89 0.96
CA THR A 93 14.92 -2.79 0.04
C THR A 93 14.67 -4.15 0.70
N ASP A 94 13.42 -4.40 1.05
CA ASP A 94 13.03 -5.68 1.67
C ASP A 94 12.44 -6.61 0.62
N ASN A 95 13.29 -7.46 0.05
CA ASN A 95 12.87 -8.39 -1.00
C ASN A 95 11.91 -9.45 -0.45
N GLY A 96 10.65 -9.35 -0.85
CA GLY A 96 9.65 -10.30 -0.41
C GLY A 96 8.80 -9.77 0.72
N GLY A 97 9.28 -8.72 1.38
CA GLY A 97 8.54 -8.13 2.47
C GLY A 97 8.68 -8.94 3.75
N THR A 98 9.92 -9.17 4.15
CA THR A 98 10.19 -9.92 5.35
C THR A 98 9.63 -9.21 6.58
N ILE A 99 9.97 -7.93 6.72
CA ILE A 99 9.50 -7.13 7.83
C ILE A 99 8.01 -6.83 7.66
N ALA A 100 7.61 -6.64 6.42
CA ALA A 100 6.22 -6.35 6.09
C ALA A 100 5.30 -7.49 6.49
N GLN A 101 5.74 -8.72 6.26
CA GLN A 101 4.96 -9.90 6.60
C GLN A 101 4.89 -10.10 8.11
N SER A 102 6.01 -9.86 8.79
CA SER A 102 6.10 -10.02 10.23
C SER A 102 5.09 -9.15 10.98
N LEU A 103 4.82 -7.96 10.45
CA LEU A 103 3.88 -7.05 11.11
C LEU A 103 2.61 -6.87 10.28
N ASN A 104 2.45 -7.70 9.25
CA ASN A 104 1.29 -7.64 8.35
C ASN A 104 1.02 -6.21 7.88
N ILE A 105 2.00 -5.63 7.21
CA ILE A 105 1.88 -4.27 6.71
C ILE A 105 1.21 -4.24 5.35
N SER A 106 -0.10 -4.48 5.35
CA SER A 106 -0.89 -4.47 4.13
C SER A 106 -1.56 -3.12 3.92
N VAL A 107 -1.06 -2.11 4.62
CA VAL A 107 -1.60 -0.76 4.53
C VAL A 107 -0.55 0.25 5.00
N TYR A 108 -0.57 1.44 4.42
CA TYR A 108 0.39 2.49 4.77
C TYR A 108 -0.36 3.77 5.13
N PRO A 109 0.28 4.70 5.84
CA PRO A 109 1.66 4.54 6.31
C PRO A 109 1.72 3.72 7.60
N SER A 110 2.86 3.08 7.82
CA SER A 110 3.04 2.26 9.00
C SER A 110 4.34 2.62 9.69
N TRP A 111 4.31 2.70 11.01
CA TRP A 111 5.47 3.03 11.80
C TRP A 111 5.79 1.89 12.77
N ALA A 112 6.95 1.30 12.59
CA ALA A 112 7.39 0.21 13.45
C ALA A 112 8.37 0.72 14.47
N LEU A 113 7.94 0.81 15.73
CA LEU A 113 8.77 1.30 16.80
C LEU A 113 9.53 0.16 17.46
N ILE A 114 10.85 0.19 17.32
CA ILE A 114 11.70 -0.82 17.92
C ILE A 114 12.32 -0.27 19.21
N GLY A 115 12.30 -1.08 20.26
CA GLY A 115 12.84 -0.66 21.54
C GLY A 115 14.36 -0.53 21.54
N LYS A 116 14.90 -0.12 22.68
CA LYS A 116 16.34 0.06 22.83
C LYS A 116 17.07 -1.27 22.96
N ASP A 117 16.35 -2.37 22.76
CA ASP A 117 16.93 -3.70 22.84
C ASP A 117 17.04 -4.34 21.46
N GLY A 118 16.27 -3.82 20.52
CA GLY A 118 16.30 -4.36 19.18
C GLY A 118 15.04 -5.11 18.80
N ASP A 119 14.10 -5.19 19.75
CA ASP A 119 12.85 -5.88 19.52
C ASP A 119 11.72 -4.88 19.23
N VAL A 120 10.63 -5.38 18.64
CA VAL A 120 9.49 -4.54 18.32
C VAL A 120 8.76 -4.12 19.59
N GLN A 121 8.65 -2.82 19.80
CA GLN A 121 7.99 -2.27 20.97
C GLN A 121 6.52 -1.95 20.68
N ARG A 122 6.27 -1.26 19.57
CA ARG A 122 4.92 -0.88 19.20
C ARG A 122 4.78 -0.76 17.69
N ILE A 123 3.55 -0.95 17.19
CA ILE A 123 3.29 -0.86 15.77
C ILE A 123 2.12 0.09 15.50
N VAL A 124 2.36 1.09 14.68
CA VAL A 124 1.34 2.09 14.35
C VAL A 124 0.94 1.98 12.87
N LYS A 125 -0.36 2.07 12.62
CA LYS A 125 -0.89 1.99 11.26
C LYS A 125 -2.05 2.97 11.10
N GLY A 126 -2.11 3.65 9.97
CA GLY A 126 -3.20 4.57 9.72
C GLY A 126 -2.75 5.99 9.47
N SER A 127 -2.65 6.77 10.54
CA SER A 127 -2.24 8.16 10.44
C SER A 127 -1.46 8.59 11.68
N ILE A 128 -0.58 9.57 11.51
CA ILE A 128 0.22 10.08 12.62
C ILE A 128 0.26 11.61 12.58
N ASN A 129 0.09 12.24 13.74
CA ASN A 129 0.11 13.69 13.81
C ASN A 129 1.18 14.20 14.78
N GLU A 130 1.27 15.51 14.90
CA GLU A 130 2.27 16.14 15.76
C GLU A 130 2.04 15.82 17.23
N ALA A 131 0.79 15.87 17.68
CA ALA A 131 0.45 15.58 19.06
C ALA A 131 0.84 14.16 19.43
N GLN A 132 0.57 13.21 18.53
CA GLN A 132 0.92 11.81 18.73
C GLN A 132 2.42 11.64 18.84
N ALA A 133 3.16 12.40 18.06
CA ALA A 133 4.62 12.33 18.08
C ALA A 133 5.14 12.76 19.44
N LEU A 134 4.65 13.89 19.93
CA LEU A 134 5.04 14.41 21.24
C LEU A 134 4.59 13.49 22.35
N ALA A 135 3.42 12.88 22.14
CA ALA A 135 2.86 11.94 23.11
C ALA A 135 3.75 10.71 23.22
N LEU A 136 4.20 10.20 22.07
CA LEU A 136 5.05 9.03 22.00
C LEU A 136 6.40 9.31 22.67
N ILE A 137 6.83 10.56 22.62
CA ILE A 137 8.09 10.98 23.22
C ILE A 137 7.98 10.94 24.74
N ARG A 138 6.84 11.36 25.26
CA ARG A 138 6.60 11.37 26.70
C ARG A 138 6.24 9.99 27.21
N ASP A 139 5.44 9.27 26.43
CA ASP A 139 5.03 7.92 26.82
C ASP A 139 4.77 7.07 25.58
N PRO A 140 5.71 6.17 25.24
CA PRO A 140 5.59 5.30 24.08
C PRO A 140 4.61 4.14 24.32
N ASN A 141 3.99 4.13 25.49
CA ASN A 141 3.02 3.09 25.83
C ASN A 141 1.62 3.49 25.40
N ALA A 142 1.46 4.76 25.03
CA ALA A 142 0.17 5.28 24.61
C ALA A 142 0.00 5.16 23.10
N ASP A 143 -0.93 4.32 22.68
CA ASP A 143 -1.20 4.11 21.27
C ASP A 143 -2.38 4.98 20.83
N LEU A 144 -2.60 5.05 19.52
CA LEU A 144 -3.68 5.83 18.90
C LEU A 144 -3.89 7.20 19.54
N MET B 1 -20.71 -4.64 8.32
CA MET B 1 -22.18 -4.48 8.40
C MET B 1 -22.58 -3.54 9.53
N ALA B 2 -21.73 -3.40 10.53
CA ALA B 2 -22.02 -2.53 11.67
C ALA B 2 -21.66 -1.07 11.39
N LEU B 3 -20.39 -0.84 11.05
CA LEU B 3 -19.92 0.51 10.77
C LEU B 3 -19.58 0.65 9.29
N ASP B 4 -18.42 0.12 8.92
CA ASP B 4 -17.95 0.17 7.52
C ASP B 4 -17.79 1.61 7.07
N ALA B 5 -17.24 2.44 7.97
CA ALA B 5 -17.02 3.84 7.69
C ALA B 5 -15.76 4.32 8.38
N ASN B 6 -15.25 5.46 7.91
CA ASN B 6 -14.03 6.07 8.46
C ASN B 6 -12.81 5.15 8.27
N ASP B 7 -11.87 5.23 9.20
CA ASP B 7 -10.66 4.42 9.16
C ASP B 7 -10.64 3.43 10.30
N LEU B 8 -11.83 3.14 10.84
CA LEU B 8 -11.95 2.21 11.95
C LEU B 8 -12.22 0.79 11.47
N LEU B 9 -11.54 0.39 10.41
CA LEU B 9 -11.70 -0.94 9.84
C LEU B 9 -10.55 -1.26 8.89
N PRO B 10 -10.03 -2.50 8.95
CA PRO B 10 -8.91 -2.93 8.10
C PRO B 10 -9.28 -2.92 6.62
N PRO B 11 -8.30 -2.63 5.74
CA PRO B 11 -8.51 -2.56 4.29
C PRO B 11 -9.17 -3.80 3.70
N GLU B 12 -8.79 -4.98 4.18
CA GLU B 12 -9.34 -6.24 3.69
C GLU B 12 -10.84 -6.36 3.98
N LYS B 13 -11.31 -5.61 4.97
CA LYS B 13 -12.71 -5.64 5.36
C LYS B 13 -13.41 -4.36 4.91
N ALA B 14 -12.65 -3.43 4.34
CA ALA B 14 -13.19 -2.16 3.88
C ALA B 14 -13.74 -2.24 2.47
N PHE B 15 -13.49 -3.33 1.78
CA PHE B 15 -13.97 -3.50 0.41
C PHE B 15 -14.61 -4.86 0.21
N VAL B 16 -15.81 -4.86 -0.34
CA VAL B 16 -16.55 -6.08 -0.63
C VAL B 16 -16.65 -6.27 -2.14
N PRO B 17 -15.68 -6.99 -2.73
CA PRO B 17 -15.64 -7.23 -4.17
C PRO B 17 -16.66 -8.26 -4.64
N GLU B 18 -17.74 -7.79 -5.23
CA GLU B 18 -18.79 -8.66 -5.75
C GLU B 18 -18.59 -8.85 -7.25
N LEU B 19 -18.06 -10.01 -7.62
CA LEU B 19 -17.82 -10.31 -9.02
C LEU B 19 -19.05 -10.92 -9.67
N ALA B 20 -19.67 -10.16 -10.57
CA ALA B 20 -20.85 -10.62 -11.28
C ALA B 20 -20.53 -10.84 -12.75
N VAL B 21 -20.56 -12.09 -13.18
CA VAL B 21 -20.26 -12.41 -14.56
C VAL B 21 -21.53 -12.69 -15.35
N ALA B 22 -21.73 -11.93 -16.42
CA ALA B 22 -22.90 -12.08 -17.26
C ALA B 22 -22.47 -12.64 -18.61
N ASP B 23 -23.45 -13.02 -19.43
CA ASP B 23 -23.16 -13.58 -20.75
C ASP B 23 -22.56 -12.52 -21.66
N ASP B 24 -22.93 -11.27 -21.41
CA ASP B 24 -22.42 -10.14 -22.20
C ASP B 24 -20.98 -9.82 -21.81
N GLY B 25 -20.70 -9.89 -20.52
CA GLY B 25 -19.37 -9.60 -20.03
C GLY B 25 -19.30 -9.67 -18.52
N VAL B 26 -18.12 -9.41 -17.98
CA VAL B 26 -17.90 -9.45 -16.54
C VAL B 26 -18.09 -8.05 -15.96
N ASN B 27 -18.79 -7.97 -14.84
CA ASN B 27 -19.02 -6.70 -14.17
C ASN B 27 -18.56 -6.78 -12.72
N VAL B 28 -17.51 -6.05 -12.40
CA VAL B 28 -16.98 -6.05 -11.04
C VAL B 28 -17.58 -4.93 -10.21
N ARG B 29 -18.17 -5.29 -9.08
CA ARG B 29 -18.78 -4.30 -8.20
C ARG B 29 -18.25 -4.44 -6.78
N PHE B 30 -17.18 -3.71 -6.48
CA PHE B 30 -16.59 -3.77 -5.15
C PHE B 30 -17.14 -2.66 -4.25
N ARG B 31 -17.88 -3.07 -3.23
CA ARG B 31 -18.48 -2.12 -2.30
C ARG B 31 -17.41 -1.51 -1.40
N ILE B 32 -17.20 -0.22 -1.55
CA ILE B 32 -16.20 0.51 -0.77
C ILE B 32 -16.82 1.08 0.50
N ALA B 33 -16.07 1.00 1.60
CA ALA B 33 -16.53 1.52 2.89
C ALA B 33 -16.63 3.04 2.84
N ASP B 34 -17.46 3.60 3.70
CA ASP B 34 -17.66 5.05 3.77
C ASP B 34 -16.49 5.75 4.44
N GLY B 35 -15.40 5.91 3.70
CA GLY B 35 -14.22 6.56 4.23
C GLY B 35 -13.02 6.35 3.34
N TYR B 36 -13.09 5.32 2.52
CA TYR B 36 -12.02 5.00 1.59
C TYR B 36 -12.43 5.41 0.19
N TYR B 37 -11.45 5.74 -0.64
CA TYR B 37 -11.74 6.15 -2.01
C TYR B 37 -10.63 5.67 -2.95
N MET B 38 -11.02 5.17 -4.12
CA MET B 38 -10.06 4.66 -5.09
C MET B 38 -9.96 5.61 -6.28
N TYR B 39 -8.83 5.56 -6.97
CA TYR B 39 -8.60 6.40 -8.13
C TYR B 39 -8.87 5.61 -9.41
N GLN B 40 -9.71 6.13 -10.28
CA GLN B 40 -10.05 5.46 -11.53
C GLN B 40 -8.82 5.27 -12.40
N ALA B 41 -7.85 6.18 -12.25
CA ALA B 41 -6.62 6.11 -13.02
C ALA B 41 -5.58 5.23 -12.33
N LYS B 42 -5.99 4.59 -11.24
CA LYS B 42 -5.10 3.72 -10.48
C LYS B 42 -5.66 2.30 -10.39
N ILE B 43 -6.92 2.14 -10.78
CA ILE B 43 -7.57 0.84 -10.75
C ILE B 43 -7.29 0.06 -12.03
N VAL B 44 -6.62 -1.07 -11.88
CA VAL B 44 -6.29 -1.92 -13.02
C VAL B 44 -7.14 -3.18 -13.00
N GLY B 45 -7.90 -3.39 -14.05
CA GLY B 45 -8.75 -4.56 -14.13
C GLY B 45 -8.88 -5.06 -15.55
N LYS B 46 -8.81 -6.37 -15.73
CA LYS B 46 -8.92 -6.97 -17.06
C LYS B 46 -9.25 -8.46 -16.97
N THR B 47 -10.04 -8.93 -17.91
CA THR B 47 -10.41 -10.34 -17.96
C THR B 47 -10.49 -10.80 -19.41
N ASN B 48 -9.69 -11.80 -19.76
CA ASN B 48 -9.64 -12.32 -21.12
C ASN B 48 -8.76 -13.56 -21.21
N PRO B 49 -8.95 -14.38 -22.25
CA PRO B 49 -8.14 -15.59 -22.44
C PRO B 49 -6.72 -15.23 -22.91
N ALA B 50 -6.60 -14.90 -24.19
CA ALA B 50 -5.30 -14.53 -24.77
C ALA B 50 -5.24 -13.02 -24.99
N ASP B 51 -5.69 -12.29 -23.98
CA ASP B 51 -5.72 -10.81 -24.01
C ASP B 51 -6.70 -10.27 -25.05
N LEU B 52 -7.79 -11.00 -25.25
CA LEU B 52 -8.82 -10.59 -26.21
C LEU B 52 -9.91 -9.77 -25.52
N LEU B 53 -9.57 -8.55 -25.11
CA LEU B 53 -10.50 -7.68 -24.44
C LEU B 53 -10.62 -6.34 -25.16
N GLY B 54 -11.80 -5.73 -25.09
CA GLY B 54 -12.01 -4.45 -25.73
C GLY B 54 -11.42 -3.30 -24.93
N GLN B 55 -12.06 -2.97 -23.81
CA GLN B 55 -11.60 -1.90 -22.94
C GLN B 55 -12.38 -1.91 -21.62
N PRO B 56 -11.73 -1.52 -20.52
CA PRO B 56 -12.38 -1.48 -19.21
C PRO B 56 -13.47 -0.41 -19.19
N SER B 57 -14.72 -0.83 -19.14
CA SER B 57 -15.84 0.09 -19.16
C SER B 57 -16.23 0.52 -17.74
N PHE B 58 -15.68 1.65 -17.32
CA PHE B 58 -15.97 2.19 -15.99
C PHE B 58 -17.33 2.86 -15.99
N SER B 59 -17.88 3.09 -14.80
CA SER B 59 -19.17 3.74 -14.67
C SER B 59 -19.02 5.25 -14.45
N LYS B 60 -17.76 5.69 -14.35
CA LYS B 60 -17.43 7.10 -14.17
C LYS B 60 -17.84 7.61 -12.78
N GLY B 61 -16.88 8.15 -12.05
CA GLY B 61 -17.16 8.66 -10.72
C GLY B 61 -17.08 10.17 -10.66
N GLU B 62 -16.51 10.68 -9.58
CA GLU B 62 -16.38 12.12 -9.40
C GLU B 62 -14.91 12.53 -9.37
N GLU B 63 -14.61 13.68 -9.93
CA GLU B 63 -13.26 14.19 -9.96
C GLU B 63 -12.90 14.86 -8.64
N LYS B 64 -11.89 14.34 -7.97
CA LYS B 64 -11.47 14.89 -6.69
C LYS B 64 -10.28 15.81 -6.86
N GLU B 65 -10.32 16.95 -6.19
CA GLU B 65 -9.24 17.92 -6.24
C GLU B 65 -8.08 17.37 -5.41
N ASP B 66 -6.90 17.30 -6.02
CA ASP B 66 -5.73 16.78 -5.34
C ASP B 66 -4.63 17.83 -5.27
N GLU B 67 -3.50 17.46 -4.67
CA GLU B 67 -2.37 18.37 -4.56
C GLU B 67 -1.13 17.76 -5.21
N PHE B 68 -1.10 16.44 -5.28
CA PHE B 68 0.02 15.73 -5.87
C PHE B 68 -0.35 15.27 -7.26
N PHE B 69 -1.50 14.63 -7.39
CA PHE B 69 -1.96 14.12 -8.66
C PHE B 69 -2.77 15.16 -9.43
N GLY B 70 -2.99 16.31 -8.80
CA GLY B 70 -3.74 17.38 -9.43
C GLY B 70 -5.23 17.21 -9.26
N ARG B 71 -5.80 16.30 -10.04
CA ARG B 71 -7.24 16.01 -9.99
C ARG B 71 -7.57 14.82 -10.88
N GLN B 72 -8.08 13.76 -10.28
CA GLN B 72 -8.42 12.55 -11.02
C GLN B 72 -9.80 12.05 -10.63
N THR B 73 -10.35 11.15 -11.43
CA THR B 73 -11.65 10.58 -11.17
C THR B 73 -11.53 9.55 -10.06
N VAL B 74 -12.33 9.70 -9.02
CA VAL B 74 -12.26 8.78 -7.89
C VAL B 74 -13.62 8.16 -7.56
N TYR B 75 -13.57 7.08 -6.80
CA TYR B 75 -14.76 6.38 -6.36
C TYR B 75 -14.76 6.38 -4.83
N HIS B 76 -15.90 6.75 -4.23
CA HIS B 76 -15.98 6.82 -2.77
C HIS B 76 -16.96 5.81 -2.19
N HIS B 77 -17.74 5.19 -3.06
CA HIS B 77 -18.72 4.19 -2.62
C HIS B 77 -19.20 3.40 -3.83
N GLU B 78 -19.20 4.08 -4.97
CA GLU B 78 -19.62 3.48 -6.23
C GLU B 78 -18.44 2.76 -6.86
N ALA B 79 -18.70 1.63 -7.48
CA ALA B 79 -17.64 0.85 -8.12
C ALA B 79 -18.24 -0.21 -9.02
N GLN B 80 -18.22 0.04 -10.31
CA GLN B 80 -18.76 -0.88 -11.29
C GLN B 80 -17.98 -0.77 -12.60
N VAL B 81 -17.34 -1.86 -13.00
CA VAL B 81 -16.56 -1.88 -14.22
C VAL B 81 -16.96 -3.09 -15.08
N ALA B 82 -17.42 -2.82 -16.29
CA ALA B 82 -17.82 -3.87 -17.21
C ALA B 82 -16.70 -4.17 -18.20
N PHE B 83 -16.60 -5.42 -18.63
CA PHE B 83 -15.56 -5.82 -19.56
C PHE B 83 -16.12 -6.49 -20.81
N PRO B 84 -16.16 -5.75 -21.92
CA PRO B 84 -16.65 -6.28 -23.20
C PRO B 84 -15.60 -7.14 -23.89
N TYR B 85 -15.98 -8.35 -24.26
CA TYR B 85 -15.06 -9.28 -24.92
C TYR B 85 -14.82 -8.87 -26.36
N ALA B 86 -13.59 -9.06 -26.82
CA ALA B 86 -13.24 -8.71 -28.20
C ALA B 86 -13.40 -9.94 -29.10
N LYS B 87 -13.74 -11.06 -28.49
CA LYS B 87 -13.92 -12.30 -29.21
C LYS B 87 -14.91 -13.18 -28.46
N ALA B 88 -15.83 -13.81 -29.17
CA ALA B 88 -16.82 -14.68 -28.56
C ALA B 88 -16.29 -16.11 -28.53
N VAL B 89 -15.73 -16.51 -27.40
CA VAL B 89 -15.18 -17.85 -27.24
C VAL B 89 -15.58 -18.47 -25.91
N GLY B 90 -15.89 -19.76 -25.93
CA GLY B 90 -16.27 -20.46 -24.73
C GLY B 90 -15.06 -20.95 -23.97
N GLU B 91 -14.18 -20.03 -23.59
CA GLU B 91 -12.97 -20.36 -22.87
C GLU B 91 -13.00 -19.72 -21.49
N PRO B 92 -12.51 -20.44 -20.47
CA PRO B 92 -12.46 -19.93 -19.09
C PRO B 92 -11.38 -18.86 -18.92
N TYR B 93 -11.75 -17.62 -19.15
CA TYR B 93 -10.83 -16.50 -19.04
C TYR B 93 -10.49 -16.19 -17.59
N LYS B 94 -9.38 -15.50 -17.39
CA LYS B 94 -8.96 -15.13 -16.04
C LYS B 94 -9.27 -13.65 -15.81
N LEU B 95 -9.42 -13.28 -14.55
CA LEU B 95 -9.72 -11.90 -14.20
C LEU B 95 -8.71 -11.36 -13.19
N VAL B 96 -8.01 -10.31 -13.58
CA VAL B 96 -7.02 -9.70 -12.70
C VAL B 96 -7.50 -8.32 -12.28
N LEU B 97 -7.58 -8.09 -10.97
CA LEU B 97 -8.04 -6.82 -10.45
C LEU B 97 -7.07 -6.25 -9.41
N THR B 98 -6.74 -4.98 -9.57
CA THR B 98 -5.83 -4.29 -8.66
C THR B 98 -6.56 -3.11 -8.04
N TYR B 99 -6.73 -3.14 -6.72
CA TYR B 99 -7.44 -2.07 -6.02
C TYR B 99 -6.48 -1.06 -5.40
N GLN B 100 -6.36 0.10 -6.02
CA GLN B 100 -5.48 1.16 -5.52
C GLN B 100 -6.27 2.40 -5.14
N GLY B 101 -6.17 2.80 -3.88
CA GLY B 101 -6.87 3.98 -3.42
C GLY B 101 -6.26 4.51 -2.14
N SER B 102 -7.03 5.31 -1.42
CA SER B 102 -6.59 5.89 -0.16
C SER B 102 -7.80 6.17 0.72
N ALA B 103 -7.56 6.70 1.91
CA ALA B 103 -8.64 7.02 2.83
C ALA B 103 -8.62 8.50 3.16
N GLU B 104 -9.81 9.08 3.30
CA GLU B 104 -9.94 10.51 3.60
C GLU B 104 -9.48 10.84 5.02
N ALA B 105 -9.23 9.80 5.81
CA ALA B 105 -8.80 9.98 7.19
C ALA B 105 -7.27 10.11 7.29
N GLY B 106 -6.59 9.96 6.16
CA GLY B 106 -5.14 10.06 6.15
C GLY B 106 -4.45 8.72 6.07
N VAL B 107 -5.02 7.81 5.30
CA VAL B 107 -4.46 6.47 5.14
C VAL B 107 -4.21 6.21 3.66
N CYS B 108 -3.10 5.54 3.34
CA CYS B 108 -2.75 5.25 1.96
C CYS B 108 -2.35 3.78 1.81
N TYR B 109 -3.34 2.92 1.60
CA TYR B 109 -3.08 1.49 1.44
C TYR B 109 -2.52 1.16 0.06
N PRO B 110 -1.74 0.09 -0.05
CA PRO B 110 -1.16 -0.35 -1.32
C PRO B 110 -2.21 -0.98 -2.25
N PRO B 111 -1.92 -1.06 -3.55
CA PRO B 111 -2.84 -1.61 -4.54
C PRO B 111 -2.87 -3.14 -4.51
N VAL B 112 -3.51 -3.70 -3.49
CA VAL B 112 -3.62 -5.14 -3.34
C VAL B 112 -4.36 -5.71 -4.54
N ASP B 113 -3.74 -6.64 -5.24
CA ASP B 113 -4.35 -7.25 -6.41
C ASP B 113 -4.80 -8.68 -6.12
N THR B 114 -5.75 -9.15 -6.90
CA THR B 114 -6.28 -10.50 -6.74
C THR B 114 -6.61 -11.09 -8.11
N GLU B 115 -6.33 -12.38 -8.27
CA GLU B 115 -6.61 -13.07 -9.53
C GLU B 115 -7.79 -14.02 -9.38
N PHE B 116 -8.80 -13.83 -10.20
CA PHE B 116 -10.00 -14.66 -10.16
C PHE B 116 -10.09 -15.50 -11.43
N ASP B 117 -10.67 -16.68 -11.31
CA ASP B 117 -10.84 -17.58 -12.45
C ASP B 117 -12.29 -17.59 -12.91
N ILE B 118 -12.53 -17.18 -14.14
CA ILE B 118 -13.89 -17.14 -14.68
C ILE B 118 -14.20 -18.42 -15.44
N PHE B 119 -14.35 -19.51 -14.70
CA PHE B 119 -14.65 -20.80 -15.30
C PHE B 119 -16.15 -20.97 -15.54
N GLY B 120 -16.96 -20.17 -14.84
CA GLY B 120 -18.39 -20.23 -15.00
C GLY B 120 -19.11 -20.55 -13.71
N ASN B 121 -18.82 -19.79 -12.67
CA ASN B 121 -19.45 -20.00 -11.37
C ASN B 121 -20.52 -18.93 -11.12
N GLY B 122 -20.44 -17.85 -11.87
CA GLY B 122 -21.39 -16.77 -11.71
C GLY B 122 -20.82 -15.68 -10.83
N THR B 123 -20.85 -15.91 -9.53
CA THR B 123 -20.31 -14.95 -8.57
C THR B 123 -18.97 -15.44 -8.03
N TYR B 124 -18.04 -14.52 -7.83
CA TYR B 124 -16.72 -14.87 -7.33
C TYR B 124 -16.31 -13.91 -6.21
N HIS B 125 -15.42 -14.38 -5.35
CA HIS B 125 -14.93 -13.58 -4.24
C HIS B 125 -13.46 -13.87 -3.99
N PRO B 126 -12.70 -12.90 -3.45
CA PRO B 126 -11.27 -13.08 -3.17
C PRO B 126 -11.02 -14.17 -2.13
N GLN B 127 -10.38 -15.25 -2.56
CA GLN B 127 -10.07 -16.36 -1.69
C GLN B 127 -8.81 -16.06 -0.86
N THR B 128 -8.96 -15.24 0.15
CA THR B 128 -7.85 -14.88 1.01
C THR B 128 -8.33 -14.70 2.45
N MET A 1 15.37 -15.33 16.18
CA MET A 1 15.32 -14.18 15.26
C MET A 1 16.33 -14.38 14.14
N VAL A 2 16.33 -13.49 13.16
CA VAL A 2 17.26 -13.59 12.04
C VAL A 2 18.12 -12.33 11.90
N PRO A 3 19.13 -12.18 12.77
CA PRO A 3 20.03 -11.02 12.75
C PRO A 3 20.79 -10.89 11.43
N HIS A 4 21.12 -12.05 10.84
CA HIS A 4 21.86 -12.05 9.58
C HIS A 4 21.05 -11.42 8.46
N THR A 5 19.77 -11.76 8.40
CA THR A 5 18.88 -11.23 7.38
C THR A 5 18.63 -9.74 7.62
N LEU A 6 18.47 -9.38 8.88
CA LEU A 6 18.23 -7.99 9.25
C LEU A 6 19.42 -7.12 8.86
N SER A 7 20.62 -7.67 8.94
CA SER A 7 21.82 -6.95 8.58
C SER A 7 22.09 -7.01 7.08
N THR A 8 21.32 -7.82 6.38
CA THR A 8 21.46 -7.96 4.93
C THR A 8 20.73 -6.81 4.23
N LEU A 9 19.79 -6.20 4.93
CA LEU A 9 19.01 -5.10 4.40
C LEU A 9 19.93 -3.98 3.94
N LYS A 10 19.85 -3.66 2.65
CA LYS A 10 20.67 -2.62 2.07
C LYS A 10 19.83 -1.40 1.73
N THR A 11 20.38 -0.22 1.98
CA THR A 11 19.68 1.01 1.69
C THR A 11 19.82 1.36 0.22
N ALA A 12 19.06 2.34 -0.25
CA ALA A 12 19.11 2.77 -1.64
C ALA A 12 20.45 3.42 -1.96
N ASP A 13 21.23 3.71 -0.93
CA ASP A 13 22.54 4.32 -1.09
C ASP A 13 23.64 3.27 -1.07
N ASN A 14 23.22 2.00 -1.09
CA ASN A 14 24.13 0.85 -1.06
C ASN A 14 24.87 0.73 0.26
N ARG A 15 24.17 1.01 1.35
CA ARG A 15 24.77 0.91 2.68
C ARG A 15 23.94 -0.04 3.53
N PRO A 16 24.60 -0.88 4.35
CA PRO A 16 23.91 -1.84 5.22
C PRO A 16 23.07 -1.12 6.29
N ALA A 17 21.92 -1.69 6.61
CA ALA A 17 21.03 -1.12 7.62
C ALA A 17 21.67 -1.07 9.00
N SER A 18 22.78 -1.79 9.15
CA SER A 18 23.52 -1.85 10.41
C SER A 18 23.94 -0.45 10.89
N VAL A 19 24.03 0.50 9.97
CA VAL A 19 24.42 1.87 10.30
C VAL A 19 23.40 2.53 11.24
N TYR A 20 22.20 1.98 11.28
CA TYR A 20 21.14 2.48 12.14
C TYR A 20 20.47 1.34 12.88
N LEU A 21 21.24 0.28 13.14
CA LEU A 21 20.73 -0.89 13.85
C LEU A 21 21.75 -1.42 14.84
N LYS A 22 22.37 -0.51 15.58
CA LYS A 22 23.37 -0.89 16.57
C LYS A 22 23.33 0.03 17.79
N LYS A 23 24.32 -0.12 18.68
CA LYS A 23 24.43 0.68 19.89
C LYS A 23 23.29 0.43 20.88
N ASP A 24 22.53 -0.64 20.66
CA ASP A 24 21.40 -1.00 21.52
C ASP A 24 20.37 0.11 21.60
N LYS A 25 20.14 0.78 20.48
CA LYS A 25 19.17 1.87 20.41
C LYS A 25 17.88 1.41 19.74
N PRO A 26 16.74 1.96 20.19
CA PRO A 26 15.43 1.62 19.62
C PRO A 26 15.34 2.03 18.15
N THR A 27 14.81 1.15 17.32
CA THR A 27 14.70 1.42 15.90
C THR A 27 13.25 1.65 15.49
N LEU A 28 13.04 2.52 14.51
CA LEU A 28 11.71 2.82 14.02
C LEU A 28 11.66 2.66 12.51
N ILE A 29 10.98 1.61 12.07
CA ILE A 29 10.86 1.30 10.65
C ILE A 29 9.55 1.86 10.09
N LYS A 30 9.67 2.75 9.11
CA LYS A 30 8.51 3.34 8.48
C LYS A 30 8.39 2.90 7.03
N PHE A 31 7.25 2.34 6.67
CA PHE A 31 7.01 1.89 5.31
C PHE A 31 6.22 2.93 4.53
N TRP A 32 6.55 3.09 3.25
CA TRP A 32 5.87 4.07 2.41
C TRP A 32 5.76 3.55 0.98
N ALA A 33 5.00 4.26 0.15
CA ALA A 33 4.81 3.88 -1.24
C ALA A 33 5.41 4.93 -2.17
N SER A 34 6.05 4.48 -3.22
CA SER A 34 6.72 5.35 -4.19
C SER A 34 5.72 6.09 -5.08
N TRP A 35 4.76 5.37 -5.62
CA TRP A 35 3.77 5.97 -6.52
C TRP A 35 2.54 6.47 -5.76
N CYS A 36 2.72 6.86 -4.51
CA CYS A 36 1.60 7.33 -3.70
C CYS A 36 1.81 8.78 -3.29
N PRO A 37 0.87 9.67 -3.65
CA PRO A 37 0.94 11.10 -3.33
C PRO A 37 1.03 11.35 -1.82
N LEU A 38 0.21 10.62 -1.05
CA LEU A 38 0.18 10.76 0.40
C LEU A 38 1.53 10.42 1.02
N CYS A 39 2.17 9.38 0.49
CA CYS A 39 3.46 8.95 0.99
C CYS A 39 4.59 9.87 0.53
N LEU A 40 4.42 10.45 -0.66
CA LEU A 40 5.43 11.35 -1.23
C LEU A 40 5.61 12.61 -0.38
N SER A 41 4.51 13.23 0.02
CA SER A 41 4.59 14.44 0.85
C SER A 41 5.15 14.11 2.23
N GLU A 42 4.85 12.91 2.72
CA GLU A 42 5.31 12.47 4.03
C GLU A 42 6.83 12.37 4.06
N LEU A 43 7.45 12.15 2.91
CA LEU A 43 8.91 12.04 2.82
C LEU A 43 9.56 13.33 3.32
N GLY A 44 8.91 14.45 3.07
CA GLY A 44 9.43 15.73 3.51
C GLY A 44 9.43 15.86 5.02
N GLN A 45 8.37 15.37 5.65
CA GLN A 45 8.26 15.41 7.10
C GLN A 45 9.13 14.35 7.73
N THR A 46 9.31 13.25 7.01
CA THR A 46 10.14 12.14 7.49
C THR A 46 11.58 12.61 7.72
N GLU A 47 12.15 13.33 6.76
CA GLU A 47 13.52 13.83 6.90
C GLU A 47 13.58 14.84 8.06
N LYS A 48 12.52 15.62 8.19
CA LYS A 48 12.41 16.61 9.25
C LYS A 48 12.47 15.94 10.61
N TRP A 49 11.63 14.92 10.79
CA TRP A 49 11.56 14.18 12.04
C TRP A 49 12.87 13.46 12.32
N ALA A 50 13.49 12.95 11.26
CA ALA A 50 14.76 12.23 11.38
C ALA A 50 15.89 13.18 11.76
N GLN A 51 15.63 14.48 11.70
CA GLN A 51 16.63 15.49 12.04
C GLN A 51 16.24 16.22 13.31
N ASP A 52 15.32 15.63 14.06
CA ASP A 52 14.85 16.24 15.31
C ASP A 52 15.66 15.68 16.49
N ALA A 53 16.01 16.55 17.43
CA ALA A 53 16.78 16.16 18.60
C ALA A 53 16.06 15.10 19.42
N LYS A 54 14.74 15.13 19.42
CA LYS A 54 13.96 14.16 20.17
C LYS A 54 14.03 12.79 19.51
N PHE A 55 13.89 12.77 18.19
CA PHE A 55 13.93 11.53 17.42
C PHE A 55 15.35 10.96 17.32
N SER A 56 16.34 11.78 17.64
CA SER A 56 17.73 11.34 17.59
C SER A 56 18.01 10.24 18.61
N SER A 57 17.06 10.03 19.52
CA SER A 57 17.17 9.01 20.55
C SER A 57 16.85 7.63 19.97
N ALA A 58 16.24 7.62 18.79
CA ALA A 58 15.87 6.38 18.14
C ALA A 58 16.49 6.31 16.74
N ASN A 59 16.29 5.19 16.07
CA ASN A 59 16.82 4.99 14.73
C ASN A 59 15.68 4.99 13.73
N LEU A 60 15.32 6.18 13.25
CA LEU A 60 14.24 6.31 12.28
C LEU A 60 14.72 5.97 10.88
N ILE A 61 14.14 4.92 10.30
CA ILE A 61 14.51 4.49 8.96
C ILE A 61 13.26 4.19 8.13
N THR A 62 13.35 4.44 6.84
CA THR A 62 12.24 4.19 5.92
C THR A 62 12.54 3.00 5.03
N VAL A 63 11.76 1.94 5.16
CA VAL A 63 11.98 0.74 4.38
C VAL A 63 10.84 0.51 3.39
N ALA A 64 11.20 0.15 2.17
CA ALA A 64 10.22 -0.14 1.13
C ALA A 64 10.57 -1.46 0.45
N SER A 65 9.57 -2.28 0.18
CA SER A 65 9.79 -3.57 -0.45
C SER A 65 9.50 -3.55 -1.94
N PRO A 66 10.54 -3.50 -2.77
CA PRO A 66 10.40 -3.48 -4.23
C PRO A 66 9.88 -4.81 -4.77
N GLY A 67 8.87 -4.72 -5.62
CA GLY A 67 8.28 -5.92 -6.21
C GLY A 67 7.25 -6.57 -5.31
N PHE A 68 7.03 -5.96 -4.15
CA PHE A 68 6.07 -6.49 -3.19
C PHE A 68 4.88 -5.56 -3.08
N LEU A 69 3.69 -6.13 -2.91
CA LEU A 69 2.45 -5.36 -2.78
C LEU A 69 2.18 -4.51 -4.02
N HIS A 70 2.71 -4.97 -5.16
CA HIS A 70 2.54 -4.28 -6.43
C HIS A 70 3.28 -2.93 -6.49
N GLU A 71 4.33 -2.81 -5.70
CA GLU A 71 5.13 -1.58 -5.68
C GLU A 71 6.14 -1.58 -6.83
N LYS A 72 7.08 -0.64 -6.81
CA LYS A 72 8.09 -0.54 -7.86
C LYS A 72 9.04 -1.73 -7.77
N LYS A 73 9.51 -2.20 -8.92
CA LYS A 73 10.41 -3.34 -8.96
C LYS A 73 11.84 -2.94 -8.58
N ASP A 74 12.64 -3.95 -8.24
CA ASP A 74 14.04 -3.73 -7.85
C ASP A 74 14.81 -3.15 -9.02
N GLY A 75 15.83 -2.37 -8.73
CA GLY A 75 16.61 -1.74 -9.77
C GLY A 75 15.98 -0.44 -10.23
N ASP A 76 14.66 -0.46 -10.34
CA ASP A 76 13.91 0.72 -10.76
C ASP A 76 13.68 1.64 -9.57
N PHE A 77 13.25 1.06 -8.46
CA PHE A 77 12.97 1.81 -7.23
C PHE A 77 14.22 2.57 -6.74
N GLN A 78 15.38 1.94 -6.84
CA GLN A 78 16.62 2.57 -6.40
C GLN A 78 16.94 3.82 -7.23
N LYS A 79 16.51 3.81 -8.50
CA LYS A 79 16.73 4.95 -9.37
C LYS A 79 15.74 6.04 -9.06
N TRP A 80 14.54 5.63 -8.63
CA TRP A 80 13.48 6.57 -8.27
C TRP A 80 13.98 7.50 -7.17
N TYR A 81 14.62 6.92 -6.15
CA TYR A 81 15.15 7.69 -5.04
C TYR A 81 16.30 8.59 -5.49
N ALA A 82 17.10 8.08 -6.44
CA ALA A 82 18.24 8.84 -6.96
C ALA A 82 17.77 10.11 -7.66
N GLY A 83 16.56 10.07 -8.19
CA GLY A 83 16.01 11.23 -8.88
C GLY A 83 15.06 12.01 -8.00
N LEU A 84 15.28 11.97 -6.70
CA LEU A 84 14.44 12.67 -5.74
C LEU A 84 15.26 13.66 -4.92
N ASN A 85 14.69 14.09 -3.81
CA ASN A 85 15.35 15.03 -2.92
C ASN A 85 15.60 14.38 -1.57
N TYR A 86 16.05 15.18 -0.59
CA TYR A 86 16.33 14.68 0.76
C TYR A 86 17.52 13.72 0.74
N PRO A 87 18.75 14.26 0.80
CA PRO A 87 19.98 13.46 0.77
C PRO A 87 20.19 12.67 2.06
N LYS A 88 19.41 12.98 3.08
CA LYS A 88 19.54 12.31 4.37
C LYS A 88 18.38 11.34 4.63
N LEU A 89 17.73 10.89 3.57
CA LEU A 89 16.61 9.96 3.69
C LEU A 89 17.11 8.54 3.85
N PRO A 90 16.85 7.92 5.01
CA PRO A 90 17.28 6.55 5.27
C PRO A 90 16.39 5.52 4.59
N VAL A 91 16.37 5.55 3.26
CA VAL A 91 15.55 4.62 2.49
C VAL A 91 16.25 3.28 2.33
N VAL A 92 15.61 2.24 2.87
CA VAL A 92 16.13 0.88 2.80
C VAL A 92 15.34 0.07 1.78
N THR A 93 16.03 -0.79 1.05
CA THR A 93 15.42 -1.62 0.04
C THR A 93 15.15 -3.04 0.57
N ASP A 94 13.88 -3.34 0.79
CA ASP A 94 13.48 -4.65 1.30
C ASP A 94 13.10 -5.58 0.14
N ASN A 95 14.11 -6.11 -0.54
CA ASN A 95 13.90 -6.98 -1.68
C ASN A 95 13.18 -8.28 -1.31
N GLY A 96 11.99 -8.45 -1.86
CA GLY A 96 11.22 -9.66 -1.59
C GLY A 96 10.21 -9.48 -0.47
N GLY A 97 10.27 -8.33 0.17
CA GLY A 97 9.34 -8.04 1.26
C GLY A 97 9.65 -8.88 2.48
N THR A 98 10.93 -9.01 2.79
CA THR A 98 11.38 -9.79 3.93
C THR A 98 10.82 -9.19 5.23
N ILE A 99 10.88 -7.88 5.35
CA ILE A 99 10.38 -7.20 6.53
C ILE A 99 8.87 -7.05 6.45
N ALA A 100 8.38 -6.70 5.26
CA ALA A 100 6.95 -6.51 5.03
C ALA A 100 6.15 -7.77 5.33
N GLN A 101 6.63 -8.91 4.85
CA GLN A 101 5.95 -10.18 5.07
C GLN A 101 5.98 -10.61 6.53
N SER A 102 7.10 -10.37 7.20
CA SER A 102 7.26 -10.74 8.60
C SER A 102 6.25 -10.06 9.51
N LEU A 103 5.91 -8.82 9.20
CA LEU A 103 4.96 -8.07 10.01
C LEU A 103 3.60 -7.94 9.31
N ASN A 104 3.48 -8.61 8.16
CA ASN A 104 2.25 -8.56 7.37
C ASN A 104 1.84 -7.13 7.07
N ILE A 105 2.75 -6.38 6.47
CA ILE A 105 2.49 -4.99 6.13
C ILE A 105 1.83 -4.89 4.76
N SER A 106 0.51 -4.71 4.76
CA SER A 106 -0.25 -4.61 3.54
C SER A 106 -0.92 -3.24 3.41
N VAL A 107 -0.29 -2.22 3.99
CA VAL A 107 -0.83 -0.86 3.96
C VAL A 107 0.24 0.14 4.40
N TYR A 108 0.16 1.37 3.92
CA TYR A 108 1.11 2.40 4.29
C TYR A 108 0.38 3.64 4.79
N PRO A 109 1.02 4.45 5.63
CA PRO A 109 2.37 4.21 6.11
C PRO A 109 2.37 3.43 7.42
N SER A 110 2.96 2.24 7.40
CA SER A 110 3.04 1.41 8.59
C SER A 110 4.26 1.78 9.41
N TRP A 111 4.08 1.87 10.72
CA TRP A 111 5.17 2.22 11.62
C TRP A 111 5.51 1.05 12.53
N ALA A 112 6.70 0.50 12.35
CA ALA A 112 7.16 -0.62 13.15
C ALA A 112 8.12 -0.13 14.23
N LEU A 113 7.71 -0.33 15.48
CA LEU A 113 8.52 0.09 16.61
C LEU A 113 9.40 -1.06 17.10
N ILE A 114 10.70 -0.87 17.00
CA ILE A 114 11.66 -1.87 17.43
C ILE A 114 12.29 -1.43 18.75
N GLY A 115 12.30 -2.33 19.73
CA GLY A 115 12.85 -2.02 21.04
C GLY A 115 14.37 -1.95 21.03
N LYS A 116 14.94 -1.63 22.17
CA LYS A 116 16.39 -1.52 22.31
C LYS A 116 17.05 -2.89 22.20
N ASP A 117 16.24 -3.93 22.29
CA ASP A 117 16.71 -5.30 22.21
C ASP A 117 16.89 -5.73 20.76
N GLY A 118 16.40 -4.93 19.83
CA GLY A 118 16.52 -5.25 18.43
C GLY A 118 15.41 -6.17 17.95
N ASP A 119 14.19 -5.88 18.38
CA ASP A 119 13.03 -6.67 18.00
C ASP A 119 11.78 -5.80 17.97
N VAL A 120 10.81 -6.19 17.16
CA VAL A 120 9.57 -5.44 17.03
C VAL A 120 8.72 -5.53 18.29
N GLN A 121 8.45 -4.39 18.89
CA GLN A 121 7.66 -4.33 20.11
C GLN A 121 6.21 -3.93 19.80
N ARG A 122 6.02 -3.17 18.74
CA ARG A 122 4.68 -2.72 18.35
C ARG A 122 4.63 -2.38 16.87
N ILE A 123 3.48 -2.62 16.25
CA ILE A 123 3.29 -2.33 14.83
C ILE A 123 1.98 -1.55 14.63
N VAL A 124 2.09 -0.32 14.15
CA VAL A 124 0.93 0.52 13.93
C VAL A 124 0.60 0.65 12.45
N LYS A 125 -0.70 0.49 12.12
CA LYS A 125 -1.17 0.60 10.75
C LYS A 125 -2.20 1.71 10.64
N GLY A 126 -1.99 2.65 9.72
CA GLY A 126 -2.95 3.72 9.54
C GLY A 126 -2.28 5.05 9.20
N SER A 127 -2.13 5.89 10.21
CA SER A 127 -1.51 7.21 10.06
C SER A 127 -1.23 7.80 11.45
N ILE A 128 -0.04 8.36 11.64
CA ILE A 128 0.32 8.95 12.93
C ILE A 128 0.61 10.44 12.77
N ASN A 129 0.44 11.18 13.85
CA ASN A 129 0.68 12.63 13.84
C ASN A 129 1.92 12.98 14.66
N GLU A 130 2.36 14.23 14.54
CA GLU A 130 3.54 14.70 15.26
C GLU A 130 3.40 14.54 16.77
N ALA A 131 2.21 14.81 17.28
CA ALA A 131 1.93 14.67 18.72
C ALA A 131 2.18 13.24 19.17
N GLN A 132 1.76 12.30 18.34
CA GLN A 132 1.91 10.88 18.61
C GLN A 132 3.39 10.49 18.56
N ALA A 133 4.10 11.09 17.61
CA ALA A 133 5.53 10.83 17.42
C ALA A 133 6.31 11.19 18.68
N LEU A 134 6.03 12.35 19.25
CA LEU A 134 6.70 12.79 20.47
C LEU A 134 6.36 11.88 21.64
N ALA A 135 5.13 11.41 21.68
CA ALA A 135 4.68 10.52 22.75
C ALA A 135 5.43 9.19 22.69
N LEU A 136 5.62 8.68 21.48
CA LEU A 136 6.33 7.42 21.27
C LEU A 136 7.77 7.51 21.76
N ILE A 137 8.36 8.70 21.64
CA ILE A 137 9.73 8.92 22.09
C ILE A 137 9.80 8.94 23.60
N ARG A 138 8.74 9.43 24.24
CA ARG A 138 8.67 9.51 25.68
C ARG A 138 8.33 8.15 26.28
N ASP A 139 7.44 7.43 25.63
CA ASP A 139 7.04 6.11 26.09
C ASP A 139 6.61 5.24 24.91
N PRO A 140 7.30 4.12 24.68
CA PRO A 140 7.00 3.20 23.58
C PRO A 140 5.68 2.45 23.75
N ASN A 141 5.05 2.59 24.91
CA ASN A 141 3.79 1.91 25.18
C ASN A 141 2.60 2.84 24.97
N ALA A 142 2.89 4.05 24.50
CA ALA A 142 1.85 5.04 24.24
C ALA A 142 1.20 4.78 22.88
N ASP A 143 0.41 3.72 22.80
CA ASP A 143 -0.25 3.35 21.55
C ASP A 143 -1.46 4.24 21.29
N LEU A 144 -1.77 4.42 20.00
CA LEU A 144 -2.88 5.25 19.53
C LEU A 144 -3.03 6.58 20.28
N MET B 1 -20.51 -3.13 8.62
CA MET B 1 -21.92 -2.87 8.25
C MET B 1 -22.44 -1.61 8.93
N ALA B 2 -22.48 -1.63 10.26
CA ALA B 2 -22.96 -0.51 11.05
C ALA B 2 -22.23 0.79 10.71
N LEU B 3 -20.91 0.74 10.71
CA LEU B 3 -20.11 1.91 10.40
C LEU B 3 -19.79 1.96 8.90
N ASP B 4 -18.79 1.19 8.50
CA ASP B 4 -18.35 1.14 7.09
C ASP B 4 -18.01 2.52 6.57
N ALA B 5 -17.41 3.34 7.42
CA ALA B 5 -17.03 4.69 7.04
C ALA B 5 -15.73 5.11 7.71
N ASN B 6 -15.07 6.08 7.10
CA ASN B 6 -13.80 6.62 7.60
C ASN B 6 -12.67 5.59 7.58
N ASP B 7 -11.56 5.98 8.17
CA ASP B 7 -10.38 5.12 8.25
C ASP B 7 -10.36 4.36 9.57
N LEU B 8 -11.53 4.11 10.12
CA LEU B 8 -11.66 3.39 11.38
C LEU B 8 -11.64 1.88 11.15
N LEU B 9 -11.61 1.49 9.89
CA LEU B 9 -11.59 0.08 9.52
C LEU B 9 -10.47 -0.20 8.53
N PRO B 10 -9.84 -1.38 8.64
CA PRO B 10 -8.75 -1.80 7.77
C PRO B 10 -9.19 -1.93 6.30
N PRO B 11 -8.26 -1.70 5.36
CA PRO B 11 -8.53 -1.77 3.92
C PRO B 11 -9.12 -3.12 3.49
N GLU B 12 -8.71 -4.20 4.14
CA GLU B 12 -9.21 -5.53 3.82
C GLU B 12 -10.69 -5.71 4.18
N LYS B 13 -11.26 -4.68 4.81
CA LYS B 13 -12.66 -4.70 5.19
C LYS B 13 -13.37 -3.44 4.70
N ALA B 14 -12.62 -2.60 4.02
CA ALA B 14 -13.16 -1.33 3.52
C ALA B 14 -13.74 -1.49 2.12
N PHE B 15 -13.48 -2.62 1.48
CA PHE B 15 -13.97 -2.88 0.14
C PHE B 15 -14.62 -4.25 0.04
N VAL B 16 -15.87 -4.26 -0.44
CA VAL B 16 -16.60 -5.52 -0.60
C VAL B 16 -16.89 -5.75 -2.08
N PRO B 17 -16.01 -6.49 -2.78
CA PRO B 17 -16.15 -6.78 -4.20
C PRO B 17 -17.20 -7.85 -4.50
N GLU B 18 -18.24 -7.46 -5.20
CA GLU B 18 -19.30 -8.38 -5.60
C GLU B 18 -19.18 -8.64 -7.10
N LEU B 19 -18.77 -9.86 -7.44
CA LEU B 19 -18.61 -10.23 -8.84
C LEU B 19 -19.86 -10.88 -9.40
N ALA B 20 -20.45 -10.25 -10.41
CA ALA B 20 -21.63 -10.77 -11.06
C ALA B 20 -21.32 -11.07 -12.52
N VAL B 21 -21.36 -12.34 -12.88
CA VAL B 21 -21.07 -12.75 -14.25
C VAL B 21 -22.37 -12.92 -15.05
N ALA B 22 -22.49 -12.13 -16.10
CA ALA B 22 -23.65 -12.18 -16.97
C ALA B 22 -23.35 -13.04 -18.19
N ASP B 23 -24.18 -12.93 -19.22
CA ASP B 23 -23.99 -13.70 -20.44
C ASP B 23 -23.17 -12.93 -21.46
N ASP B 24 -23.40 -11.61 -21.52
CA ASP B 24 -22.67 -10.75 -22.45
C ASP B 24 -21.28 -10.43 -21.95
N GLY B 25 -21.14 -10.25 -20.64
CA GLY B 25 -19.85 -9.94 -20.08
C GLY B 25 -19.84 -10.06 -18.57
N VAL B 26 -18.76 -9.60 -17.95
CA VAL B 26 -18.62 -9.64 -16.50
C VAL B 26 -18.74 -8.23 -15.93
N ASN B 27 -19.51 -8.09 -14.86
CA ASN B 27 -19.70 -6.80 -14.24
C ASN B 27 -19.23 -6.84 -12.78
N VAL B 28 -18.15 -6.14 -12.49
CA VAL B 28 -17.60 -6.10 -11.14
C VAL B 28 -18.13 -4.89 -10.37
N ARG B 29 -18.77 -5.16 -9.25
CA ARG B 29 -19.30 -4.10 -8.41
C ARG B 29 -18.75 -4.21 -6.99
N PHE B 30 -17.65 -3.51 -6.74
CA PHE B 30 -17.03 -3.53 -5.43
C PHE B 30 -17.49 -2.34 -4.60
N ARG B 31 -18.07 -2.63 -3.44
CA ARG B 31 -18.56 -1.59 -2.56
C ARG B 31 -17.43 -0.97 -1.77
N ILE B 32 -17.27 0.34 -1.91
CA ILE B 32 -16.21 1.07 -1.23
C ILE B 32 -16.77 1.78 0.00
N ALA B 33 -16.11 1.61 1.14
CA ALA B 33 -16.52 2.26 2.38
C ALA B 33 -16.42 3.77 2.25
N ASP B 34 -17.34 4.49 2.88
CA ASP B 34 -17.34 5.95 2.81
C ASP B 34 -16.16 6.56 3.56
N GLY B 35 -15.08 6.79 2.84
CA GLY B 35 -13.88 7.36 3.44
C GLY B 35 -12.67 7.01 2.62
N TYR B 36 -12.77 5.93 1.87
CA TYR B 36 -11.69 5.48 1.00
C TYR B 36 -12.03 5.84 -0.44
N TYR B 37 -11.01 6.01 -1.26
CA TYR B 37 -11.23 6.35 -2.66
C TYR B 37 -10.19 5.68 -3.55
N MET B 38 -10.65 5.19 -4.70
CA MET B 38 -9.76 4.53 -5.65
C MET B 38 -9.60 5.38 -6.90
N TYR B 39 -8.44 5.25 -7.54
CA TYR B 39 -8.18 5.99 -8.77
C TYR B 39 -8.59 5.12 -9.95
N GLN B 40 -9.50 5.62 -10.78
CA GLN B 40 -9.99 4.87 -11.93
C GLN B 40 -8.85 4.46 -12.86
N ALA B 41 -7.86 5.34 -13.01
CA ALA B 41 -6.72 5.08 -13.88
C ALA B 41 -5.76 4.06 -13.24
N LYS B 42 -5.99 3.77 -11.98
CA LYS B 42 -5.13 2.83 -11.25
C LYS B 42 -5.80 1.47 -11.08
N ILE B 43 -7.09 1.40 -11.38
CA ILE B 43 -7.84 0.16 -11.25
C ILE B 43 -7.61 -0.73 -12.48
N VAL B 44 -6.67 -1.65 -12.35
CA VAL B 44 -6.36 -2.57 -13.44
C VAL B 44 -7.20 -3.83 -13.33
N GLY B 45 -8.14 -3.98 -14.23
CA GLY B 45 -8.99 -5.16 -14.22
C GLY B 45 -9.20 -5.72 -15.59
N LYS B 46 -9.22 -7.04 -15.70
CA LYS B 46 -9.41 -7.70 -16.99
C LYS B 46 -9.83 -9.16 -16.81
N THR B 47 -10.63 -9.65 -17.74
CA THR B 47 -11.10 -11.03 -17.72
C THR B 47 -11.18 -11.56 -19.14
N ASN B 48 -10.48 -12.65 -19.41
CA ASN B 48 -10.47 -13.25 -20.73
C ASN B 48 -9.64 -14.54 -20.75
N PRO B 49 -9.89 -15.43 -21.72
CA PRO B 49 -9.15 -16.68 -21.87
C PRO B 49 -7.75 -16.41 -22.42
N ALA B 50 -7.69 -16.00 -23.69
CA ALA B 50 -6.43 -15.68 -24.35
C ALA B 50 -6.43 -14.22 -24.78
N ASP B 51 -6.67 -13.34 -23.81
CA ASP B 51 -6.72 -11.90 -24.03
C ASP B 51 -7.83 -11.50 -25.02
N LEU B 52 -8.87 -12.31 -25.08
CA LEU B 52 -9.99 -12.06 -25.97
C LEU B 52 -11.03 -11.14 -25.32
N LEU B 53 -10.59 -9.95 -24.95
CA LEU B 53 -11.47 -8.97 -24.32
C LEU B 53 -11.46 -7.69 -25.13
N GLY B 54 -12.58 -6.97 -25.12
CA GLY B 54 -12.66 -5.72 -25.86
C GLY B 54 -11.90 -4.62 -25.16
N GLN B 55 -12.52 -4.03 -24.14
CA GLN B 55 -11.90 -2.95 -23.38
C GLN B 55 -12.62 -2.76 -22.05
N PRO B 56 -11.89 -2.39 -20.99
CA PRO B 56 -12.48 -2.16 -19.67
C PRO B 56 -13.43 -0.98 -19.70
N SER B 57 -14.72 -1.27 -19.62
CA SER B 57 -15.74 -0.23 -19.67
C SER B 57 -16.13 0.24 -18.27
N PHE B 58 -15.52 1.33 -17.83
CA PHE B 58 -15.80 1.89 -16.52
C PHE B 58 -17.08 2.71 -16.58
N SER B 59 -17.80 2.78 -15.47
CA SER B 59 -19.03 3.56 -15.42
C SER B 59 -18.72 5.04 -15.22
N LYS B 60 -17.46 5.34 -14.95
CA LYS B 60 -16.98 6.70 -14.74
C LYS B 60 -17.44 7.29 -13.42
N GLY B 61 -16.61 8.16 -12.85
CA GLY B 61 -16.93 8.79 -11.58
C GLY B 61 -16.72 10.28 -11.63
N GLU B 62 -15.98 10.80 -10.65
CA GLU B 62 -15.70 12.22 -10.58
C GLU B 62 -14.20 12.49 -10.62
N GLU B 63 -13.82 13.63 -11.16
CA GLU B 63 -12.42 14.00 -11.25
C GLU B 63 -11.99 14.73 -9.98
N LYS B 64 -11.03 14.17 -9.27
CA LYS B 64 -10.54 14.75 -8.04
C LYS B 64 -9.23 15.49 -8.27
N GLU B 65 -9.16 16.72 -7.79
CA GLU B 65 -7.96 17.52 -7.92
C GLU B 65 -6.88 16.90 -7.02
N ASP B 66 -5.64 16.91 -7.48
CA ASP B 66 -4.56 16.33 -6.71
C ASP B 66 -3.31 17.21 -6.76
N GLU B 67 -2.32 16.88 -5.94
CA GLU B 67 -1.08 17.64 -5.89
C GLU B 67 0.08 16.84 -6.49
N PHE B 68 -0.13 15.55 -6.69
CA PHE B 68 0.90 14.69 -7.27
C PHE B 68 0.42 14.03 -8.54
N PHE B 69 -0.83 13.58 -8.54
CA PHE B 69 -1.40 12.94 -9.71
C PHE B 69 -2.07 13.96 -10.63
N GLY B 70 -2.18 15.19 -10.16
CA GLY B 70 -2.80 16.24 -10.93
C GLY B 70 -4.31 16.23 -10.78
N ARG B 71 -4.97 15.34 -11.51
CA ARG B 71 -6.42 15.21 -11.45
C ARG B 71 -6.87 13.97 -12.21
N GLN B 72 -7.36 12.98 -11.49
CA GLN B 72 -7.83 11.74 -12.09
C GLN B 72 -9.23 11.41 -11.62
N THR B 73 -9.89 10.52 -12.34
CA THR B 73 -11.23 10.09 -11.98
C THR B 73 -11.14 9.14 -10.79
N VAL B 74 -11.87 9.45 -9.73
CA VAL B 74 -11.83 8.61 -8.53
C VAL B 74 -13.21 8.14 -8.13
N TYR B 75 -13.22 7.01 -7.42
CA TYR B 75 -14.45 6.42 -6.91
C TYR B 75 -14.41 6.53 -5.39
N HIS B 76 -15.47 7.03 -4.78
CA HIS B 76 -15.51 7.20 -3.33
C HIS B 76 -16.51 6.27 -2.66
N HIS B 77 -17.35 5.63 -3.47
CA HIS B 77 -18.36 4.71 -2.95
C HIS B 77 -18.98 3.93 -4.10
N GLU B 78 -19.10 4.60 -5.23
CA GLU B 78 -19.66 4.01 -6.43
C GLU B 78 -18.58 3.30 -7.23
N ALA B 79 -18.85 2.09 -7.69
CA ALA B 79 -17.86 1.35 -8.46
C ALA B 79 -18.52 0.27 -9.29
N GLN B 80 -18.29 0.30 -10.59
CA GLN B 80 -18.84 -0.67 -11.51
C GLN B 80 -18.06 -0.68 -12.82
N VAL B 81 -17.49 -1.82 -13.16
CA VAL B 81 -16.72 -1.97 -14.39
C VAL B 81 -17.26 -3.14 -15.20
N ALA B 82 -17.54 -2.88 -16.48
CA ALA B 82 -18.07 -3.90 -17.36
C ALA B 82 -16.98 -4.43 -18.28
N PHE B 83 -16.98 -5.75 -18.49
CA PHE B 83 -15.98 -6.38 -19.34
C PHE B 83 -16.64 -7.15 -20.49
N PRO B 84 -16.70 -6.53 -21.69
CA PRO B 84 -17.29 -7.15 -22.87
C PRO B 84 -16.27 -8.04 -23.58
N TYR B 85 -16.63 -9.29 -23.82
CA TYR B 85 -15.73 -10.24 -24.49
C TYR B 85 -15.58 -9.89 -25.96
N ALA B 86 -14.42 -10.20 -26.51
CA ALA B 86 -14.15 -9.92 -27.92
C ALA B 86 -14.52 -11.14 -28.76
N LYS B 87 -14.81 -12.24 -28.10
CA LYS B 87 -15.18 -13.47 -28.77
C LYS B 87 -16.07 -14.31 -27.88
N ALA B 88 -17.22 -14.70 -28.39
CA ALA B 88 -18.16 -15.52 -27.65
C ALA B 88 -17.71 -16.98 -27.64
N VAL B 89 -17.07 -17.38 -26.54
CA VAL B 89 -16.58 -18.74 -26.40
C VAL B 89 -16.99 -19.32 -25.05
N GLY B 90 -17.26 -20.62 -25.02
CA GLY B 90 -17.66 -21.25 -23.77
C GLY B 90 -16.47 -21.76 -22.98
N GLU B 91 -15.43 -20.94 -22.91
CA GLU B 91 -14.22 -21.29 -22.20
C GLU B 91 -14.14 -20.57 -20.85
N PRO B 92 -13.59 -21.23 -19.83
CA PRO B 92 -13.44 -20.63 -18.50
C PRO B 92 -12.38 -19.53 -18.50
N TYR B 93 -12.82 -18.29 -18.55
CA TYR B 93 -11.93 -17.15 -18.56
C TYR B 93 -11.55 -16.74 -17.15
N LYS B 94 -10.31 -16.30 -16.97
CA LYS B 94 -9.84 -15.88 -15.67
C LYS B 94 -10.12 -14.40 -15.47
N LEU B 95 -10.14 -13.95 -14.21
CA LEU B 95 -10.40 -12.56 -13.90
C LEU B 95 -9.36 -12.02 -12.92
N VAL B 96 -8.68 -10.96 -13.34
CA VAL B 96 -7.65 -10.32 -12.52
C VAL B 96 -8.08 -8.88 -12.19
N LEU B 97 -8.12 -8.56 -10.91
CA LEU B 97 -8.51 -7.21 -10.49
C LEU B 97 -7.51 -6.62 -9.52
N THR B 98 -7.03 -5.43 -9.82
CA THR B 98 -6.07 -4.73 -8.98
C THR B 98 -6.72 -3.46 -8.43
N TYR B 99 -6.87 -3.37 -7.12
CA TYR B 99 -7.48 -2.21 -6.49
C TYR B 99 -6.42 -1.28 -5.91
N GLN B 100 -6.27 -0.11 -6.52
CA GLN B 100 -5.30 0.87 -6.06
C GLN B 100 -5.98 2.17 -5.68
N GLY B 101 -5.81 2.58 -4.44
CA GLY B 101 -6.41 3.82 -3.98
C GLY B 101 -5.81 4.25 -2.67
N SER B 102 -6.55 5.06 -1.93
CA SER B 102 -6.10 5.54 -0.64
C SER B 102 -7.31 5.99 0.18
N ALA B 103 -7.07 6.60 1.33
CA ALA B 103 -8.15 7.07 2.18
C ALA B 103 -8.03 8.57 2.35
N GLU B 104 -9.17 9.24 2.47
CA GLU B 104 -9.20 10.69 2.65
C GLU B 104 -8.89 11.05 4.10
N ALA B 105 -7.93 10.35 4.67
CA ALA B 105 -7.52 10.58 6.05
C ALA B 105 -6.01 10.45 6.22
N GLY B 106 -5.31 10.19 5.12
CA GLY B 106 -3.86 10.06 5.17
C GLY B 106 -3.38 8.66 4.83
N VAL B 107 -4.17 7.66 5.18
CA VAL B 107 -3.82 6.26 4.93
C VAL B 107 -3.70 5.98 3.43
N CYS B 108 -2.63 5.31 3.05
CA CYS B 108 -2.37 4.98 1.65
C CYS B 108 -2.06 3.49 1.52
N TYR B 109 -3.04 2.71 1.10
CA TYR B 109 -2.87 1.28 0.95
C TYR B 109 -2.37 0.91 -0.45
N PRO B 110 -1.51 -0.12 -0.54
CA PRO B 110 -0.97 -0.59 -1.82
C PRO B 110 -2.03 -1.33 -2.64
N PRO B 111 -1.80 -1.46 -3.96
CA PRO B 111 -2.74 -2.14 -4.85
C PRO B 111 -2.68 -3.65 -4.73
N VAL B 112 -3.25 -4.17 -3.65
CA VAL B 112 -3.30 -5.60 -3.42
C VAL B 112 -4.24 -6.23 -4.44
N ASP B 113 -3.67 -6.89 -5.43
CA ASP B 113 -4.45 -7.51 -6.50
C ASP B 113 -5.15 -8.77 -6.01
N THR B 114 -6.31 -9.04 -6.60
CA THR B 114 -7.09 -10.20 -6.25
C THR B 114 -7.53 -10.90 -7.53
N GLU B 115 -7.28 -12.20 -7.61
CA GLU B 115 -7.65 -12.97 -8.78
C GLU B 115 -8.86 -13.84 -8.48
N PHE B 116 -9.82 -13.83 -9.40
CA PHE B 116 -11.04 -14.61 -9.24
C PHE B 116 -11.07 -15.79 -10.20
N ASP B 117 -12.00 -16.70 -9.94
CA ASP B 117 -12.16 -17.89 -10.76
C ASP B 117 -13.58 -17.96 -11.30
N ILE B 118 -13.72 -17.90 -12.62
CA ILE B 118 -15.04 -17.95 -13.25
C ILE B 118 -15.36 -19.36 -13.70
N PHE B 119 -15.82 -20.19 -12.77
CA PHE B 119 -16.17 -21.57 -13.07
C PHE B 119 -17.66 -21.73 -13.33
N GLY B 120 -18.46 -20.85 -12.77
CA GLY B 120 -19.90 -20.92 -12.94
C GLY B 120 -20.64 -20.95 -11.63
N ASN B 121 -20.60 -19.84 -10.91
CA ASN B 121 -21.28 -19.74 -9.62
C ASN B 121 -22.18 -18.52 -9.55
N GLY B 122 -22.15 -17.71 -10.60
CA GLY B 122 -22.97 -16.50 -10.64
C GLY B 122 -22.31 -15.36 -9.92
N THR B 123 -22.35 -15.39 -8.60
CA THR B 123 -21.74 -14.35 -7.78
C THR B 123 -20.44 -14.86 -7.16
N TYR B 124 -19.41 -14.04 -7.20
CA TYR B 124 -18.11 -14.43 -6.64
C TYR B 124 -17.65 -13.42 -5.60
N HIS B 125 -16.94 -13.91 -4.58
CA HIS B 125 -16.44 -13.07 -3.52
C HIS B 125 -15.01 -13.46 -3.17
N PRO B 126 -14.17 -12.47 -2.80
CA PRO B 126 -12.77 -12.72 -2.45
C PRO B 126 -12.65 -13.60 -1.20
N GLN B 127 -11.82 -14.62 -1.29
CA GLN B 127 -11.61 -15.54 -0.17
C GLN B 127 -10.57 -14.97 0.79
N THR B 128 -11.04 -14.15 1.72
CA THR B 128 -10.18 -13.54 2.72
C THR B 128 -10.98 -13.29 4.00
N MET A 1 15.50 -14.89 17.43
CA MET A 1 15.32 -13.64 16.64
C MET A 1 16.11 -13.75 15.34
N VAL A 2 16.16 -12.67 14.57
CA VAL A 2 16.89 -12.66 13.30
C VAL A 2 17.84 -11.47 13.22
N PRO A 3 18.86 -11.42 14.10
CA PRO A 3 19.82 -10.31 14.13
C PRO A 3 20.66 -10.28 12.86
N HIS A 4 21.12 -11.45 12.43
CA HIS A 4 21.94 -11.55 11.24
C HIS A 4 21.21 -11.01 10.01
N THR A 5 19.94 -11.38 9.87
CA THR A 5 19.13 -10.95 8.76
C THR A 5 18.93 -9.44 8.78
N LEU A 6 18.58 -8.91 9.94
CA LEU A 6 18.36 -7.48 10.10
C LEU A 6 19.62 -6.68 9.80
N SER A 7 20.78 -7.23 10.16
CA SER A 7 22.05 -6.57 9.91
C SER A 7 22.47 -6.67 8.45
N THR A 8 21.76 -7.50 7.67
CA THR A 8 22.07 -7.66 6.26
C THR A 8 21.24 -6.70 5.42
N LEU A 9 20.32 -5.99 6.07
CA LEU A 9 19.47 -5.02 5.38
C LEU A 9 20.31 -3.85 4.87
N LYS A 10 20.47 -3.78 3.57
CA LYS A 10 21.25 -2.71 2.95
C LYS A 10 20.34 -1.60 2.46
N THR A 11 20.77 -0.37 2.66
CA THR A 11 20.01 0.79 2.23
C THR A 11 20.30 1.10 0.77
N ALA A 12 19.55 2.03 0.20
CA ALA A 12 19.73 2.43 -1.19
C ALA A 12 21.05 3.19 -1.36
N ASP A 13 21.67 3.51 -0.23
CA ASP A 13 22.95 4.23 -0.21
C ASP A 13 24.11 3.23 -0.20
N ASN A 14 23.75 1.95 -0.36
CA ASN A 14 24.72 0.85 -0.39
C ASN A 14 25.35 0.57 0.97
N ARG A 15 24.75 1.13 2.02
CA ARG A 15 25.26 0.93 3.37
C ARG A 15 24.27 0.12 4.20
N PRO A 16 24.77 -0.75 5.08
CA PRO A 16 23.92 -1.57 5.94
C PRO A 16 23.13 -0.71 6.92
N ALA A 17 21.92 -1.15 7.25
CA ALA A 17 21.05 -0.42 8.17
C ALA A 17 21.60 -0.47 9.60
N SER A 18 22.66 -1.24 9.78
CA SER A 18 23.31 -1.39 11.07
C SER A 18 23.75 -0.05 11.65
N VAL A 19 23.99 0.92 10.78
CA VAL A 19 24.40 2.26 11.20
C VAL A 19 23.32 2.93 12.06
N TYR A 20 22.09 2.44 11.91
CA TYR A 20 20.95 2.96 12.67
C TYR A 20 20.37 1.86 13.55
N LEU A 21 21.18 0.84 13.81
CA LEU A 21 20.77 -0.28 14.63
C LEU A 21 21.76 -0.48 15.77
N LYS A 22 22.45 0.58 16.15
CA LYS A 22 23.45 0.51 17.21
C LYS A 22 23.15 1.52 18.32
N LYS A 23 24.10 1.67 19.24
CA LYS A 23 23.98 2.60 20.37
C LYS A 23 22.90 2.16 21.35
N ASP A 24 22.38 0.94 21.14
CA ASP A 24 21.32 0.38 22.00
C ASP A 24 20.12 1.32 22.03
N LYS A 25 19.87 1.96 20.90
CA LYS A 25 18.76 2.90 20.77
C LYS A 25 17.57 2.27 20.05
N PRO A 26 16.35 2.73 20.37
CA PRO A 26 15.13 2.23 19.75
C PRO A 26 15.09 2.59 18.26
N THR A 27 14.58 1.70 17.45
CA THR A 27 14.52 1.92 16.02
C THR A 27 13.08 2.17 15.56
N LEU A 28 12.92 3.07 14.60
CA LEU A 28 11.60 3.39 14.07
C LEU A 28 11.59 3.12 12.58
N ILE A 29 11.00 1.99 12.21
CA ILE A 29 10.92 1.59 10.82
C ILE A 29 9.68 2.18 10.14
N LYS A 30 9.89 2.94 9.08
CA LYS A 30 8.80 3.57 8.36
C LYS A 30 8.69 3.01 6.94
N PHE A 31 7.64 2.23 6.71
CA PHE A 31 7.40 1.64 5.39
C PHE A 31 6.70 2.65 4.49
N TRP A 32 7.12 2.72 3.24
CA TRP A 32 6.53 3.65 2.28
C TRP A 32 6.40 3.01 0.90
N ALA A 33 5.72 3.70 0.00
CA ALA A 33 5.51 3.20 -1.36
C ALA A 33 6.04 4.23 -2.38
N SER A 34 6.59 3.73 -3.48
CA SER A 34 7.16 4.59 -4.51
C SER A 34 6.12 5.13 -5.48
N TRP A 35 5.17 4.28 -5.87
CA TRP A 35 4.13 4.69 -6.82
C TRP A 35 2.91 5.30 -6.13
N CYS A 36 3.10 5.82 -4.93
CA CYS A 36 2.01 6.40 -4.19
C CYS A 36 2.20 7.90 -3.97
N PRO A 37 1.19 8.70 -4.31
CA PRO A 37 1.24 10.17 -4.15
C PRO A 37 1.37 10.59 -2.69
N LEU A 38 0.59 9.94 -1.82
CA LEU A 38 0.62 10.25 -0.40
C LEU A 38 1.97 9.92 0.22
N CYS A 39 2.52 8.77 -0.17
CA CYS A 39 3.81 8.33 0.33
C CYS A 39 4.95 9.19 -0.20
N LEU A 40 4.69 9.87 -1.31
CA LEU A 40 5.68 10.74 -1.92
C LEU A 40 5.93 11.96 -1.05
N SER A 41 4.86 12.60 -0.60
CA SER A 41 4.96 13.76 0.27
C SER A 41 5.53 13.36 1.62
N GLU A 42 5.19 12.14 2.04
CA GLU A 42 5.66 11.59 3.29
C GLU A 42 7.18 11.59 3.39
N LEU A 43 7.85 11.41 2.26
CA LEU A 43 9.31 11.40 2.21
C LEU A 43 9.89 12.70 2.75
N GLY A 44 9.33 13.82 2.30
CA GLY A 44 9.79 15.12 2.74
C GLY A 44 9.58 15.33 4.22
N GLN A 45 8.40 14.97 4.70
CA GLN A 45 8.07 15.12 6.12
C GLN A 45 8.94 14.21 6.98
N THR A 46 9.20 13.01 6.49
CA THR A 46 10.04 12.05 7.21
C THR A 46 11.46 12.58 7.40
N GLU A 47 12.03 13.16 6.35
CA GLU A 47 13.39 13.69 6.42
C GLU A 47 13.44 14.85 7.42
N LYS A 48 12.39 15.67 7.40
CA LYS A 48 12.29 16.81 8.30
C LYS A 48 12.28 16.32 9.75
N TRP A 49 11.42 15.36 10.03
CA TRP A 49 11.30 14.80 11.37
C TRP A 49 12.56 14.08 11.78
N ALA A 50 13.17 13.35 10.86
CA ALA A 50 14.39 12.59 11.14
C ALA A 50 15.55 13.51 11.50
N GLN A 51 15.44 14.79 11.16
CA GLN A 51 16.49 15.75 11.46
C GLN A 51 16.11 16.63 12.64
N ASP A 52 15.03 16.27 13.33
CA ASP A 52 14.57 17.04 14.48
C ASP A 52 15.36 16.68 15.73
N ALA A 53 15.53 17.65 16.61
CA ALA A 53 16.29 17.46 17.85
C ALA A 53 15.66 16.40 18.76
N LYS A 54 14.34 16.40 18.84
CA LYS A 54 13.62 15.46 19.69
C LYS A 54 13.62 14.07 19.07
N PHE A 55 13.56 14.01 17.76
CA PHE A 55 13.54 12.74 17.05
C PHE A 55 14.93 12.11 16.97
N SER A 56 15.95 12.87 17.36
CA SER A 56 17.32 12.37 17.34
C SER A 56 17.59 11.41 18.49
N SER A 57 16.56 11.14 19.29
CA SER A 57 16.67 10.22 20.41
C SER A 57 16.40 8.79 19.96
N ALA A 58 15.92 8.64 18.72
CA ALA A 58 15.61 7.33 18.17
C ALA A 58 16.20 7.21 16.77
N ASN A 59 16.22 6.00 16.24
CA ASN A 59 16.77 5.76 14.91
C ASN A 59 15.65 5.56 13.89
N LEU A 60 15.30 6.63 13.20
CA LEU A 60 14.24 6.58 12.18
C LEU A 60 14.80 6.13 10.83
N ILE A 61 14.20 5.09 10.27
CA ILE A 61 14.64 4.58 8.97
C ILE A 61 13.45 4.24 8.06
N THR A 62 13.53 4.71 6.83
CA THR A 62 12.48 4.46 5.85
C THR A 62 12.82 3.20 5.06
N VAL A 63 11.87 2.30 4.92
CA VAL A 63 12.13 1.05 4.21
C VAL A 63 10.98 0.68 3.29
N ALA A 64 11.33 0.04 2.17
CA ALA A 64 10.36 -0.42 1.20
C ALA A 64 10.71 -1.84 0.80
N SER A 65 9.76 -2.58 0.28
CA SER A 65 10.00 -3.97 -0.11
C SER A 65 9.98 -4.15 -1.62
N PRO A 66 11.15 -4.12 -2.26
CA PRO A 66 11.27 -4.30 -3.71
C PRO A 66 10.80 -5.69 -4.15
N GLY A 67 9.78 -5.73 -4.99
CA GLY A 67 9.26 -7.00 -5.47
C GLY A 67 8.16 -7.54 -4.58
N PHE A 68 7.71 -6.74 -3.63
CA PHE A 68 6.66 -7.14 -2.71
C PHE A 68 5.56 -6.07 -2.70
N LEU A 69 4.31 -6.51 -2.55
CA LEU A 69 3.16 -5.61 -2.53
C LEU A 69 3.04 -4.82 -3.84
N HIS A 70 3.54 -5.41 -4.92
CA HIS A 70 3.50 -4.80 -6.24
C HIS A 70 4.42 -3.59 -6.36
N GLU A 71 5.38 -3.48 -5.46
CA GLU A 71 6.33 -2.37 -5.47
C GLU A 71 7.38 -2.57 -6.57
N LYS A 72 8.27 -1.60 -6.72
CA LYS A 72 9.32 -1.67 -7.72
C LYS A 72 10.25 -2.84 -7.46
N LYS A 73 10.80 -3.41 -8.53
CA LYS A 73 11.71 -4.54 -8.41
C LYS A 73 13.08 -4.10 -7.92
N ASP A 74 13.81 -5.03 -7.31
CA ASP A 74 15.16 -4.75 -6.79
C ASP A 74 16.05 -4.20 -7.91
N GLY A 75 16.92 -3.28 -7.57
CA GLY A 75 17.79 -2.66 -8.56
C GLY A 75 17.12 -1.46 -9.19
N ASP A 76 15.91 -1.67 -9.68
CA ASP A 76 15.13 -0.61 -10.31
C ASP A 76 14.71 0.41 -9.24
N PHE A 77 14.27 -0.11 -8.11
CA PHE A 77 13.83 0.71 -6.98
C PHE A 77 14.94 1.63 -6.49
N GLN A 78 16.13 1.08 -6.27
CA GLN A 78 17.25 1.87 -5.78
C GLN A 78 17.70 2.92 -6.81
N LYS A 79 17.41 2.66 -8.08
CA LYS A 79 17.77 3.58 -9.14
C LYS A 79 16.84 4.78 -9.14
N TRP A 80 15.60 4.55 -8.73
CA TRP A 80 14.61 5.62 -8.67
C TRP A 80 15.04 6.65 -7.61
N TYR A 81 15.39 6.17 -6.42
CA TYR A 81 15.82 7.07 -5.35
C TYR A 81 17.09 7.80 -5.74
N ALA A 82 17.94 7.13 -6.51
CA ALA A 82 19.20 7.73 -6.97
C ALA A 82 18.92 8.90 -7.90
N GLY A 83 17.71 8.93 -8.44
CA GLY A 83 17.31 10.00 -9.34
C GLY A 83 16.30 10.91 -8.68
N LEU A 84 16.40 11.03 -7.37
CA LEU A 84 15.49 11.87 -6.60
C LEU A 84 16.27 12.76 -5.66
N ASN A 85 15.58 13.67 -5.00
CA ASN A 85 16.21 14.58 -4.06
C ASN A 85 16.15 13.98 -2.65
N TYR A 86 16.42 14.81 -1.64
CA TYR A 86 16.41 14.36 -0.24
C TYR A 86 17.49 13.32 0.00
N PRO A 87 18.77 13.73 -0.08
CA PRO A 87 19.90 12.82 0.10
C PRO A 87 20.20 12.54 1.58
N LYS A 88 19.20 12.71 2.43
CA LYS A 88 19.37 12.47 3.85
C LYS A 88 18.34 11.46 4.34
N LEU A 89 17.70 10.78 3.40
CA LEU A 89 16.69 9.78 3.72
C LEU A 89 17.32 8.40 3.83
N PRO A 90 17.22 7.77 5.01
CA PRO A 90 17.76 6.44 5.25
C PRO A 90 16.84 5.38 4.66
N VAL A 91 16.78 5.32 3.34
CA VAL A 91 15.94 4.37 2.64
C VAL A 91 16.60 2.99 2.59
N VAL A 92 15.97 2.01 3.23
CA VAL A 92 16.48 0.65 3.26
C VAL A 92 15.75 -0.20 2.21
N THR A 93 16.46 -1.17 1.66
CA THR A 93 15.89 -2.06 0.65
C THR A 93 15.59 -3.44 1.24
N ASP A 94 14.32 -3.70 1.54
CA ASP A 94 13.91 -4.98 2.12
C ASP A 94 13.64 -6.00 1.01
N ASN A 95 14.69 -6.71 0.61
CA ASN A 95 14.59 -7.71 -0.45
C ASN A 95 13.69 -8.88 -0.06
N GLY A 96 12.50 -8.91 -0.66
CA GLY A 96 11.57 -9.99 -0.37
C GLY A 96 10.57 -9.62 0.72
N GLY A 97 10.72 -8.44 1.28
CA GLY A 97 9.82 -8.00 2.33
C GLY A 97 9.95 -8.83 3.59
N THR A 98 11.17 -8.92 4.12
CA THR A 98 11.44 -9.68 5.32
C THR A 98 10.66 -9.12 6.50
N ILE A 99 10.69 -7.80 6.63
CA ILE A 99 9.99 -7.14 7.73
C ILE A 99 8.51 -7.01 7.41
N ALA A 100 8.21 -6.72 6.16
CA ALA A 100 6.84 -6.58 5.70
C ALA A 100 6.02 -7.84 5.92
N GLN A 101 6.60 -8.98 5.61
CA GLN A 101 5.92 -10.26 5.77
C GLN A 101 5.86 -10.67 7.24
N SER A 102 6.92 -10.38 7.98
CA SER A 102 6.99 -10.74 9.39
C SER A 102 5.95 -9.99 10.23
N LEU A 103 5.67 -8.74 9.87
CA LEU A 103 4.70 -7.94 10.61
C LEU A 103 3.35 -7.90 9.89
N ASN A 104 3.24 -8.66 8.80
CA ASN A 104 2.03 -8.73 7.99
C ASN A 104 1.56 -7.33 7.58
N ILE A 105 2.33 -6.72 6.69
CA ILE A 105 2.03 -5.39 6.21
C ILE A 105 1.43 -5.44 4.80
N SER A 106 0.17 -5.02 4.69
CA SER A 106 -0.52 -5.01 3.42
C SER A 106 -0.99 -3.59 3.09
N VAL A 107 -0.39 -2.60 3.73
CA VAL A 107 -0.75 -1.21 3.51
C VAL A 107 0.32 -0.26 4.04
N TYR A 108 0.46 0.89 3.41
CA TYR A 108 1.44 1.88 3.83
C TYR A 108 0.72 3.16 4.27
N PRO A 109 1.36 3.99 5.10
CA PRO A 109 2.68 3.75 5.65
C PRO A 109 2.61 3.01 6.99
N SER A 110 3.57 2.14 7.23
CA SER A 110 3.60 1.38 8.47
C SER A 110 4.76 1.86 9.34
N TRP A 111 4.45 2.15 10.60
CA TRP A 111 5.45 2.60 11.54
C TRP A 111 5.74 1.49 12.56
N ALA A 112 6.90 0.89 12.42
CA ALA A 112 7.31 -0.18 13.32
C ALA A 112 8.20 0.36 14.42
N LEU A 113 7.72 0.25 15.65
CA LEU A 113 8.46 0.74 16.80
C LEU A 113 9.28 -0.39 17.43
N ILE A 114 10.58 -0.33 17.24
CA ILE A 114 11.48 -1.32 17.78
C ILE A 114 12.02 -0.82 19.12
N GLY A 115 11.89 -1.65 20.14
CA GLY A 115 12.36 -1.29 21.46
C GLY A 115 13.86 -1.15 21.51
N LYS A 116 14.36 -0.52 22.58
CA LYS A 116 15.80 -0.32 22.75
C LYS A 116 16.54 -1.63 23.03
N ASP A 117 15.85 -2.74 22.88
CA ASP A 117 16.43 -4.05 23.10
C ASP A 117 16.71 -4.74 21.77
N GLY A 118 16.03 -4.28 20.73
CA GLY A 118 16.21 -4.85 19.41
C GLY A 118 15.09 -5.81 19.03
N ASP A 119 13.85 -5.38 19.27
CA ASP A 119 12.69 -6.20 18.97
C ASP A 119 11.47 -5.33 18.72
N VAL A 120 10.41 -5.91 18.17
CA VAL A 120 9.19 -5.17 17.88
C VAL A 120 8.41 -4.89 19.15
N GLN A 121 8.35 -3.62 19.53
CA GLN A 121 7.65 -3.22 20.74
C GLN A 121 6.22 -2.80 20.42
N ARG A 122 6.04 -2.18 19.27
CA ARG A 122 4.71 -1.73 18.84
C ARG A 122 4.69 -1.55 17.32
N ILE A 123 3.51 -1.68 16.73
CA ILE A 123 3.35 -1.53 15.29
C ILE A 123 2.11 -0.70 14.96
N VAL A 124 2.31 0.40 14.26
CA VAL A 124 1.22 1.28 13.88
C VAL A 124 1.09 1.34 12.36
N LYS A 125 -0.06 0.95 11.85
CA LYS A 125 -0.31 0.97 10.41
C LYS A 125 -1.44 1.94 10.08
N GLY A 126 -1.14 3.00 9.36
CA GLY A 126 -2.16 3.97 9.02
C GLY A 126 -1.60 5.35 8.75
N SER A 127 -1.49 6.15 9.81
CA SER A 127 -0.96 7.51 9.73
C SER A 127 -0.64 8.03 11.12
N ILE A 128 0.38 8.85 11.24
CA ILE A 128 0.75 9.41 12.53
C ILE A 128 0.86 10.94 12.45
N ASN A 129 1.19 11.58 13.56
CA ASN A 129 1.33 13.02 13.62
C ASN A 129 2.47 13.42 14.54
N GLU A 130 2.81 14.72 14.54
CA GLU A 130 3.90 15.24 15.36
C GLU A 130 3.64 15.03 16.84
N ALA A 131 2.42 15.31 17.28
CA ALA A 131 2.05 15.13 18.68
C ALA A 131 2.22 13.67 19.10
N GLN A 132 1.79 12.77 18.23
CA GLN A 132 1.88 11.34 18.48
C GLN A 132 3.34 10.92 18.56
N ALA A 133 4.17 11.50 17.70
CA ALA A 133 5.59 11.20 17.69
C ALA A 133 6.25 11.63 19.01
N LEU A 134 5.89 12.83 19.47
CA LEU A 134 6.42 13.36 20.72
C LEU A 134 5.95 12.51 21.89
N ALA A 135 4.71 12.04 21.81
CA ALA A 135 4.15 11.21 22.87
C ALA A 135 4.80 9.83 22.87
N LEU A 136 5.12 9.33 21.67
CA LEU A 136 5.73 8.02 21.52
C LEU A 136 7.13 7.98 22.13
N ILE A 137 7.92 9.04 21.91
CA ILE A 137 9.27 9.11 22.45
C ILE A 137 9.23 9.43 23.94
N ARG A 138 8.04 9.81 24.42
CA ARG A 138 7.83 10.13 25.82
C ARG A 138 7.40 8.86 26.55
N ASP A 139 6.38 8.22 26.00
CA ASP A 139 5.83 6.99 26.56
C ASP A 139 5.41 6.06 25.43
N PRO A 140 6.13 4.96 25.23
CA PRO A 140 5.83 3.98 24.17
C PRO A 140 4.50 3.26 24.40
N ASN A 141 3.91 3.50 25.56
CA ASN A 141 2.63 2.89 25.91
C ASN A 141 1.48 3.74 25.39
N ALA A 142 1.82 4.79 24.65
CA ALA A 142 0.82 5.68 24.08
C ALA A 142 0.46 5.26 22.66
N ASP A 143 -0.74 4.74 22.50
CA ASP A 143 -1.20 4.30 21.19
C ASP A 143 -2.38 5.16 20.74
N LEU A 144 -2.42 5.48 19.46
CA LEU A 144 -3.47 6.32 18.87
C LEU A 144 -3.71 7.61 19.66
N MET B 1 -19.83 -4.55 8.13
CA MET B 1 -21.24 -4.58 8.56
C MET B 1 -21.53 -3.55 9.64
N ALA B 2 -20.62 -3.42 10.61
CA ALA B 2 -20.79 -2.47 11.70
C ALA B 2 -20.49 -1.04 11.26
N LEU B 3 -19.21 -0.71 11.18
CA LEU B 3 -18.79 0.62 10.80
C LEU B 3 -18.65 0.74 9.28
N ASP B 4 -17.65 0.07 8.73
CA ASP B 4 -17.38 0.10 7.29
C ASP B 4 -17.10 1.53 6.83
N ALA B 5 -16.45 2.29 7.69
CA ALA B 5 -16.11 3.68 7.40
C ALA B 5 -14.74 4.03 7.97
N ASN B 6 -14.17 5.12 7.48
CA ASN B 6 -12.85 5.58 7.93
C ASN B 6 -11.78 4.55 7.60
N ASP B 7 -10.69 4.58 8.34
CA ASP B 7 -9.58 3.65 8.14
C ASP B 7 -9.49 2.68 9.30
N LEU B 8 -10.59 2.55 10.03
CA LEU B 8 -10.66 1.65 11.18
C LEU B 8 -11.00 0.22 10.76
N LEU B 9 -10.48 -0.20 9.62
CA LEU B 9 -10.72 -1.54 9.10
C LEU B 9 -9.65 -1.94 8.09
N PRO B 10 -9.14 -3.18 8.20
CA PRO B 10 -8.10 -3.70 7.31
C PRO B 10 -8.52 -3.65 5.84
N PRO B 11 -7.56 -3.46 4.92
CA PRO B 11 -7.82 -3.38 3.47
C PRO B 11 -8.62 -4.56 2.93
N GLU B 12 -8.33 -5.76 3.42
CA GLU B 12 -9.02 -6.97 2.97
C GLU B 12 -10.48 -6.99 3.42
N LYS B 13 -10.83 -6.10 4.33
CA LYS B 13 -12.19 -6.01 4.84
C LYS B 13 -12.80 -4.66 4.49
N ALA B 14 -12.03 -3.82 3.82
CA ALA B 14 -12.47 -2.49 3.43
C ALA B 14 -13.15 -2.50 2.07
N PHE B 15 -12.89 -3.55 1.30
CA PHE B 15 -13.47 -3.66 -0.03
C PHE B 15 -14.16 -5.01 -0.18
N VAL B 16 -15.43 -4.97 -0.55
CA VAL B 16 -16.21 -6.19 -0.75
C VAL B 16 -16.49 -6.38 -2.23
N PRO B 17 -15.61 -7.10 -2.94
CA PRO B 17 -15.75 -7.35 -4.38
C PRO B 17 -16.82 -8.38 -4.71
N GLU B 18 -17.96 -7.91 -5.17
CA GLU B 18 -19.05 -8.80 -5.55
C GLU B 18 -19.07 -8.95 -7.06
N LEU B 19 -18.81 -10.16 -7.53
CA LEU B 19 -18.77 -10.44 -8.95
C LEU B 19 -20.15 -10.78 -9.50
N ALA B 20 -20.63 -9.95 -10.40
CA ALA B 20 -21.93 -10.14 -11.02
C ALA B 20 -21.76 -10.59 -12.47
N VAL B 21 -21.88 -11.88 -12.70
CA VAL B 21 -21.73 -12.42 -14.05
C VAL B 21 -23.08 -12.55 -14.74
N ALA B 22 -23.24 -11.84 -15.84
CA ALA B 22 -24.47 -11.87 -16.62
C ALA B 22 -24.24 -12.60 -17.93
N ASP B 23 -25.17 -12.48 -18.86
CA ASP B 23 -25.06 -13.14 -20.15
C ASP B 23 -24.33 -12.25 -21.14
N ASP B 24 -24.59 -10.95 -21.05
CA ASP B 24 -23.95 -9.98 -21.94
C ASP B 24 -22.47 -9.81 -21.60
N GLY B 25 -22.17 -9.80 -20.32
CA GLY B 25 -20.80 -9.66 -19.88
C GLY B 25 -20.68 -9.73 -18.38
N VAL B 26 -19.49 -9.46 -17.87
CA VAL B 26 -19.25 -9.49 -16.44
C VAL B 26 -19.28 -8.07 -15.88
N ASN B 27 -19.93 -7.91 -14.75
CA ASN B 27 -20.04 -6.61 -14.10
C ASN B 27 -19.49 -6.72 -12.68
N VAL B 28 -18.38 -6.03 -12.42
CA VAL B 28 -17.76 -6.07 -11.11
C VAL B 28 -18.28 -4.94 -10.23
N ARG B 29 -18.75 -5.29 -9.04
CA ARG B 29 -19.27 -4.32 -8.10
C ARG B 29 -18.60 -4.50 -6.74
N PHE B 30 -17.47 -3.82 -6.55
CA PHE B 30 -16.74 -3.91 -5.30
C PHE B 30 -17.16 -2.79 -4.36
N ARG B 31 -17.76 -3.17 -3.23
CA ARG B 31 -18.22 -2.19 -2.26
C ARG B 31 -17.05 -1.62 -1.47
N ILE B 32 -16.82 -0.33 -1.64
CA ILE B 32 -15.73 0.35 -0.96
C ILE B 32 -16.21 1.00 0.34
N ALA B 33 -15.42 0.83 1.40
CA ALA B 33 -15.74 1.41 2.70
C ALA B 33 -15.69 2.94 2.62
N ASP B 34 -16.50 3.61 3.44
CA ASP B 34 -16.55 5.06 3.44
C ASP B 34 -15.33 5.68 4.12
N GLY B 35 -14.24 5.73 3.40
CA GLY B 35 -13.01 6.29 3.92
C GLY B 35 -11.87 6.06 2.96
N TYR B 36 -11.99 5.02 2.16
CA TYR B 36 -10.99 4.68 1.17
C TYR B 36 -11.48 5.09 -0.21
N TYR B 37 -10.57 5.41 -1.11
CA TYR B 37 -10.95 5.82 -2.45
C TYR B 37 -9.97 5.28 -3.48
N MET B 38 -10.47 4.95 -4.65
CA MET B 38 -9.64 4.42 -5.72
C MET B 38 -9.64 5.37 -6.91
N TYR B 39 -8.59 5.30 -7.71
CA TYR B 39 -8.45 6.14 -8.88
C TYR B 39 -8.91 5.38 -10.11
N GLN B 40 -9.79 5.98 -10.90
CA GLN B 40 -10.30 5.33 -12.11
C GLN B 40 -9.18 5.01 -13.09
N ALA B 41 -8.13 5.80 -13.04
CA ALA B 41 -6.99 5.60 -13.93
C ALA B 41 -5.98 4.63 -13.32
N LYS B 42 -6.37 3.98 -12.22
CA LYS B 42 -5.49 3.02 -11.55
C LYS B 42 -6.18 1.69 -11.34
N ILE B 43 -7.48 1.63 -11.63
CA ILE B 43 -8.23 0.40 -11.46
C ILE B 43 -8.07 -0.50 -12.68
N VAL B 44 -7.53 -1.69 -12.47
CA VAL B 44 -7.31 -2.63 -13.55
C VAL B 44 -8.34 -3.75 -13.50
N GLY B 45 -9.02 -3.95 -14.61
CA GLY B 45 -10.02 -5.00 -14.70
C GLY B 45 -10.22 -5.46 -16.11
N LYS B 46 -10.23 -6.77 -16.33
CA LYS B 46 -10.42 -7.32 -17.66
C LYS B 46 -10.90 -8.76 -17.59
N THR B 47 -11.65 -9.17 -18.60
CA THR B 47 -12.15 -10.53 -18.68
C THR B 47 -12.41 -10.92 -20.13
N ASN B 48 -11.81 -12.02 -20.56
CA ASN B 48 -11.94 -12.52 -21.93
C ASN B 48 -11.16 -13.81 -22.11
N PRO B 49 -11.49 -14.60 -23.15
CA PRO B 49 -10.80 -15.85 -23.43
C PRO B 49 -9.40 -15.62 -24.02
N ALA B 50 -9.33 -14.89 -25.13
CA ALA B 50 -8.06 -14.60 -25.78
C ALA B 50 -8.07 -13.19 -26.39
N ASP B 51 -8.05 -12.19 -25.51
CA ASP B 51 -8.02 -10.77 -25.91
C ASP B 51 -9.32 -10.31 -26.56
N LEU B 52 -10.35 -11.15 -26.51
CA LEU B 52 -11.64 -10.80 -27.10
C LEU B 52 -12.48 -9.92 -26.18
N LEU B 53 -11.94 -8.75 -25.86
CA LEU B 53 -12.62 -7.81 -24.98
C LEU B 53 -12.72 -6.46 -25.67
N GLY B 54 -13.87 -5.81 -25.53
CA GLY B 54 -14.05 -4.51 -26.14
C GLY B 54 -13.27 -3.44 -25.42
N GLN B 55 -13.83 -2.97 -24.30
CA GLN B 55 -13.19 -1.95 -23.48
C GLN B 55 -13.86 -1.88 -22.12
N PRO B 56 -13.11 -1.60 -21.04
CA PRO B 56 -13.66 -1.51 -19.68
C PRO B 56 -14.63 -0.34 -19.55
N SER B 57 -15.92 -0.65 -19.45
CA SER B 57 -16.95 0.36 -19.32
C SER B 57 -17.11 0.81 -17.87
N PHE B 58 -16.40 1.87 -17.51
CA PHE B 58 -16.46 2.42 -16.15
C PHE B 58 -17.74 3.23 -15.99
N SER B 59 -18.32 3.19 -14.79
CA SER B 59 -19.55 3.94 -14.52
C SER B 59 -19.28 5.43 -14.32
N LYS B 60 -18.02 5.76 -14.04
CA LYS B 60 -17.58 7.14 -13.83
C LYS B 60 -18.02 7.69 -12.47
N GLY B 61 -17.12 8.40 -11.82
CA GLY B 61 -17.41 8.99 -10.53
C GLY B 61 -17.23 10.49 -10.57
N GLU B 62 -16.36 11.00 -9.71
CA GLU B 62 -16.09 12.42 -9.66
C GLU B 62 -14.59 12.68 -9.70
N GLU B 63 -14.20 13.86 -10.18
CA GLU B 63 -12.79 14.20 -10.26
C GLU B 63 -12.30 14.82 -8.95
N LYS B 64 -11.25 14.24 -8.41
CA LYS B 64 -10.67 14.73 -7.16
C LYS B 64 -9.41 15.53 -7.43
N GLU B 65 -9.31 16.69 -6.83
CA GLU B 65 -8.13 17.54 -6.98
C GLU B 65 -6.99 16.93 -6.18
N ASP B 66 -5.78 17.09 -6.68
CA ASP B 66 -4.61 16.54 -6.01
C ASP B 66 -3.41 17.46 -6.18
N GLU B 67 -2.33 17.13 -5.50
CA GLU B 67 -1.11 17.90 -5.55
C GLU B 67 -0.02 17.17 -6.32
N PHE B 68 -0.08 15.84 -6.28
CA PHE B 68 0.90 15.02 -6.98
C PHE B 68 0.28 14.36 -8.20
N PHE B 69 -0.98 13.98 -8.08
CA PHE B 69 -1.69 13.34 -9.18
C PHE B 69 -2.46 14.35 -10.02
N GLY B 70 -2.48 15.59 -9.55
CA GLY B 70 -3.16 16.65 -10.27
C GLY B 70 -4.66 16.62 -10.04
N ARG B 71 -5.34 15.73 -10.75
CA ARG B 71 -6.79 15.57 -10.64
C ARG B 71 -7.26 14.42 -11.52
N GLN B 72 -7.91 13.44 -10.92
CA GLN B 72 -8.42 12.28 -11.65
C GLN B 72 -9.75 11.82 -11.09
N THR B 73 -10.48 11.04 -11.87
CA THR B 73 -11.76 10.51 -11.44
C THR B 73 -11.54 9.46 -10.36
N VAL B 74 -12.18 9.64 -9.21
CA VAL B 74 -12.03 8.70 -8.11
C VAL B 74 -13.36 8.17 -7.61
N TYR B 75 -13.30 7.00 -6.99
CA TYR B 75 -14.46 6.34 -6.42
C TYR B 75 -14.22 6.24 -4.92
N HIS B 76 -15.21 6.62 -4.11
CA HIS B 76 -15.04 6.57 -2.65
C HIS B 76 -16.06 5.70 -1.96
N HIS B 77 -16.88 5.01 -2.74
CA HIS B 77 -17.90 4.11 -2.23
C HIS B 77 -18.58 3.41 -3.40
N GLU B 78 -18.82 4.20 -4.44
CA GLU B 78 -19.45 3.70 -5.65
C GLU B 78 -18.39 3.02 -6.53
N ALA B 79 -18.74 1.88 -7.09
CA ALA B 79 -17.81 1.14 -7.94
C ALA B 79 -18.54 0.09 -8.76
N GLN B 80 -18.50 0.26 -10.08
CA GLN B 80 -19.15 -0.65 -10.99
C GLN B 80 -18.51 -0.56 -12.37
N VAL B 81 -18.02 -1.68 -12.86
CA VAL B 81 -17.38 -1.73 -14.18
C VAL B 81 -17.97 -2.86 -15.00
N ALA B 82 -18.40 -2.54 -16.22
CA ALA B 82 -18.98 -3.54 -17.11
C ALA B 82 -17.96 -3.96 -18.17
N PHE B 83 -17.90 -5.25 -18.45
CA PHE B 83 -16.98 -5.77 -19.44
C PHE B 83 -17.71 -6.41 -20.61
N PRO B 84 -17.70 -5.73 -21.78
CA PRO B 84 -18.33 -6.23 -22.98
C PRO B 84 -17.36 -7.06 -23.83
N TYR B 85 -17.78 -8.27 -24.18
CA TYR B 85 -16.95 -9.16 -24.98
C TYR B 85 -16.92 -8.70 -26.43
N ALA B 86 -15.80 -8.94 -27.10
CA ALA B 86 -15.66 -8.55 -28.50
C ALA B 86 -16.14 -9.68 -29.40
N LYS B 87 -16.46 -10.81 -28.79
CA LYS B 87 -16.92 -11.97 -29.53
C LYS B 87 -17.77 -12.85 -28.61
N ALA B 88 -18.81 -13.43 -29.16
CA ALA B 88 -19.70 -14.30 -28.40
C ALA B 88 -19.20 -15.74 -28.42
N VAL B 89 -18.50 -16.14 -27.38
CA VAL B 89 -17.96 -17.49 -27.29
C VAL B 89 -18.35 -18.12 -25.95
N GLY B 90 -18.40 -19.45 -25.92
CA GLY B 90 -18.75 -20.16 -24.71
C GLY B 90 -17.52 -20.56 -23.94
N GLU B 91 -16.37 -20.09 -24.39
CA GLU B 91 -15.10 -20.40 -23.74
C GLU B 91 -15.01 -19.69 -22.39
N PRO B 92 -14.39 -20.33 -21.40
CA PRO B 92 -14.25 -19.76 -20.06
C PRO B 92 -13.34 -18.52 -20.06
N TYR B 93 -13.94 -17.36 -19.90
CA TYR B 93 -13.18 -16.11 -19.88
C TYR B 93 -12.60 -15.92 -18.49
N LYS B 94 -11.33 -15.54 -18.43
CA LYS B 94 -10.69 -15.32 -17.15
C LYS B 94 -10.90 -13.89 -16.69
N LEU B 95 -11.11 -13.72 -15.38
CA LEU B 95 -11.33 -12.40 -14.82
C LEU B 95 -10.13 -11.95 -14.00
N VAL B 96 -9.47 -10.91 -14.46
CA VAL B 96 -8.30 -10.37 -13.77
C VAL B 96 -8.64 -8.99 -13.23
N LEU B 97 -8.50 -8.82 -11.91
CA LEU B 97 -8.79 -7.54 -11.29
C LEU B 97 -7.63 -7.07 -10.41
N THR B 98 -7.44 -5.75 -10.38
CA THR B 98 -6.39 -5.14 -9.58
C THR B 98 -6.87 -3.77 -9.09
N TYR B 99 -6.88 -3.57 -7.79
CA TYR B 99 -7.35 -2.33 -7.20
C TYR B 99 -6.21 -1.47 -6.68
N GLN B 100 -6.26 -0.18 -6.99
CA GLN B 100 -5.23 0.75 -6.54
C GLN B 100 -5.87 2.08 -6.14
N GLY B 101 -5.58 2.52 -4.93
CA GLY B 101 -6.12 3.78 -4.47
C GLY B 101 -5.42 4.28 -3.22
N SER B 102 -6.13 5.07 -2.43
CA SER B 102 -5.59 5.63 -1.20
C SER B 102 -6.72 5.85 -0.21
N ALA B 103 -6.39 6.27 1.00
CA ALA B 103 -7.39 6.52 2.02
C ALA B 103 -7.43 8.00 2.35
N GLU B 104 -8.62 8.51 2.66
CA GLU B 104 -8.78 9.93 2.98
C GLU B 104 -8.15 10.30 4.32
N ALA B 105 -7.60 9.32 5.01
CA ALA B 105 -6.97 9.55 6.31
C ALA B 105 -5.45 9.66 6.15
N GLY B 106 -4.97 9.55 4.92
CA GLY B 106 -3.53 9.64 4.68
C GLY B 106 -2.93 8.30 4.34
N VAL B 107 -3.61 7.24 4.74
CA VAL B 107 -3.17 5.88 4.48
C VAL B 107 -3.14 5.60 2.98
N CYS B 108 -2.17 4.81 2.55
CA CYS B 108 -2.02 4.48 1.14
C CYS B 108 -1.78 2.98 0.95
N TYR B 109 -2.80 2.28 0.46
CA TYR B 109 -2.70 0.84 0.25
C TYR B 109 -2.14 0.52 -1.14
N PRO B 110 -1.38 -0.58 -1.24
CA PRO B 110 -0.80 -1.02 -2.52
C PRO B 110 -1.85 -1.61 -3.45
N PRO B 111 -1.53 -1.73 -4.75
CA PRO B 111 -2.46 -2.30 -5.73
C PRO B 111 -2.59 -3.80 -5.58
N VAL B 112 -3.61 -4.22 -4.84
CA VAL B 112 -3.86 -5.64 -4.61
C VAL B 112 -4.50 -6.27 -5.85
N ASP B 113 -3.99 -7.41 -6.25
CA ASP B 113 -4.49 -8.12 -7.42
C ASP B 113 -5.29 -9.35 -7.00
N THR B 114 -6.29 -9.71 -7.81
CA THR B 114 -7.12 -10.86 -7.54
C THR B 114 -7.66 -11.45 -8.84
N GLU B 115 -7.31 -12.71 -9.11
CA GLU B 115 -7.78 -13.38 -10.31
C GLU B 115 -8.96 -14.28 -9.98
N PHE B 116 -10.02 -14.17 -10.79
CA PHE B 116 -11.21 -14.96 -10.58
C PHE B 116 -11.45 -15.91 -11.75
N ASP B 117 -11.88 -17.13 -11.42
CA ASP B 117 -12.15 -18.14 -12.42
C ASP B 117 -13.66 -18.24 -12.66
N ILE B 118 -14.06 -18.09 -13.90
CA ILE B 118 -15.48 -18.16 -14.24
C ILE B 118 -15.83 -19.58 -14.69
N PHE B 119 -15.76 -20.51 -13.75
CA PHE B 119 -16.07 -21.91 -14.01
C PHE B 119 -17.57 -22.13 -14.19
N GLY B 120 -18.37 -21.25 -13.61
CA GLY B 120 -19.81 -21.37 -13.72
C GLY B 120 -20.48 -21.45 -12.37
N ASN B 121 -20.54 -20.33 -11.68
CA ASN B 121 -21.17 -20.26 -10.36
C ASN B 121 -21.96 -18.97 -10.22
N GLY B 122 -21.61 -17.99 -11.05
CA GLY B 122 -22.28 -16.70 -11.00
C GLY B 122 -21.73 -15.81 -9.90
N THR B 123 -21.94 -16.25 -8.67
CA THR B 123 -21.47 -15.50 -7.51
C THR B 123 -20.05 -15.93 -7.15
N TYR B 124 -19.13 -14.99 -7.10
CA TYR B 124 -17.75 -15.27 -6.76
C TYR B 124 -17.25 -14.29 -5.71
N HIS B 125 -16.23 -14.69 -4.96
CA HIS B 125 -15.64 -13.84 -3.93
C HIS B 125 -14.18 -14.22 -3.72
N PRO B 126 -13.33 -13.24 -3.35
CA PRO B 126 -11.91 -13.49 -3.12
C PRO B 126 -11.66 -14.44 -1.96
N GLN B 127 -11.01 -15.56 -2.24
CA GLN B 127 -10.71 -16.55 -1.22
C GLN B 127 -9.47 -16.14 -0.41
N THR B 128 -9.65 -15.16 0.46
CA THR B 128 -8.58 -14.67 1.31
C THR B 128 -9.15 -14.10 2.60
#